data_2N1I
#
_entry.id   2N1I
#
_entity_poly.entity_id   1
_entity_poly.type   'polypeptide(L)'
_entity_poly.pdbx_seq_one_letter_code
;GSGFPTSEDFTPKEGSPYEAPVYIPEDIPIPADFELRESSIPGAGLGVWAKRKMEAGERLGPCVVVPRAAAKETDFGWEQ
ILTDVEVSPQEGCITKISEDLGSEKFCVDANQAGAGSWLKYIRVACSCDDQNLTMCQISEQIYYKVIKDIEPGEELLVHV
KEGVYPLGTVPPGLDE
;
_entity_poly.pdbx_strand_id   A
#
# COMPACT_ATOMS: atom_id res chain seq x y z
N GLY A 1 -12.29 31.16 -10.22
CA GLY A 1 -11.65 30.50 -9.07
C GLY A 1 -11.97 29.02 -9.02
N SER A 2 -10.93 28.19 -9.03
CA SER A 2 -11.11 26.75 -9.02
C SER A 2 -11.60 26.27 -7.66
N GLY A 3 -12.62 25.44 -7.67
CA GLY A 3 -13.17 24.91 -6.44
C GLY A 3 -14.62 25.31 -6.25
N PHE A 4 -15.01 26.40 -6.91
CA PHE A 4 -16.37 26.90 -6.79
C PHE A 4 -16.82 27.52 -8.11
N PRO A 5 -18.08 27.31 -8.49
CA PRO A 5 -18.67 27.91 -9.70
C PRO A 5 -18.67 29.44 -9.61
N THR A 6 -17.64 30.05 -10.18
CA THR A 6 -17.44 31.48 -10.07
C THR A 6 -18.47 32.25 -10.90
N SER A 7 -18.52 31.96 -12.19
CA SER A 7 -19.46 32.62 -13.11
C SER A 7 -19.27 34.14 -13.07
N GLU A 8 -18.07 34.58 -13.41
CA GLU A 8 -17.77 36.00 -13.44
C GLU A 8 -17.00 36.33 -14.71
N ASP A 9 -17.64 37.11 -15.59
CA ASP A 9 -17.07 37.50 -16.88
C ASP A 9 -16.89 36.26 -17.76
N PHE A 10 -16.22 36.44 -18.90
CA PHE A 10 -16.06 35.35 -19.86
C PHE A 10 -14.72 34.67 -19.68
N THR A 11 -14.42 34.32 -18.46
CA THR A 11 -13.16 33.68 -18.11
C THR A 11 -13.24 32.17 -18.36
N PRO A 12 -12.46 31.66 -19.32
CA PRO A 12 -12.45 30.23 -19.65
C PRO A 12 -11.87 29.40 -18.52
N LYS A 13 -12.63 28.41 -18.08
CA LYS A 13 -12.18 27.49 -17.03
C LYS A 13 -11.18 26.49 -17.61
N GLU A 14 -9.97 26.97 -17.85
CA GLU A 14 -8.93 26.17 -18.48
C GLU A 14 -8.04 25.48 -17.46
N GLY A 15 -7.33 24.46 -17.90
CA GLY A 15 -6.35 23.80 -17.06
C GLY A 15 -6.95 22.75 -16.16
N SER A 16 -8.21 22.39 -16.42
CA SER A 16 -8.92 21.39 -15.62
C SER A 16 -8.99 21.82 -14.15
N PRO A 17 -9.85 22.79 -13.82
CA PRO A 17 -10.05 23.24 -12.45
C PRO A 17 -10.88 22.24 -11.66
N TYR A 18 -10.23 21.18 -11.24
CA TYR A 18 -10.90 20.10 -10.54
C TYR A 18 -10.40 20.00 -9.11
N GLU A 19 -11.30 19.66 -8.19
CA GLU A 19 -10.92 19.44 -6.81
C GLU A 19 -11.55 18.14 -6.31
N ALA A 20 -10.82 17.41 -5.49
CA ALA A 20 -11.27 16.12 -5.00
C ALA A 20 -12.15 16.28 -3.76
N PRO A 21 -13.40 15.80 -3.83
CA PRO A 21 -14.32 15.83 -2.70
C PRO A 21 -14.06 14.69 -1.71
N VAL A 22 -15.04 14.39 -0.87
CA VAL A 22 -14.91 13.30 0.09
C VAL A 22 -14.69 11.96 -0.62
N TYR A 23 -15.42 11.74 -1.71
CA TYR A 23 -15.24 10.55 -2.50
C TYR A 23 -14.30 10.84 -3.64
N ILE A 24 -13.09 10.29 -3.56
CA ILE A 24 -12.08 10.51 -4.57
C ILE A 24 -12.34 9.68 -5.82
N PRO A 25 -12.12 10.27 -7.02
CA PRO A 25 -12.37 9.61 -8.30
C PRO A 25 -11.33 8.55 -8.62
N GLU A 26 -10.31 8.43 -7.77
CA GLU A 26 -9.30 7.41 -7.90
C GLU A 26 -9.94 6.04 -7.76
N ASP A 27 -10.59 5.85 -6.62
CA ASP A 27 -11.30 4.62 -6.30
C ASP A 27 -10.37 3.42 -6.46
N ILE A 28 -9.44 3.30 -5.53
CA ILE A 28 -8.44 2.26 -5.56
C ILE A 28 -9.10 0.91 -5.29
N PRO A 29 -8.86 -0.10 -6.16
CA PRO A 29 -9.39 -1.44 -5.96
C PRO A 29 -8.84 -2.09 -4.70
N ILE A 30 -9.73 -2.58 -3.85
CA ILE A 30 -9.36 -3.22 -2.60
C ILE A 30 -10.06 -4.56 -2.47
N PRO A 31 -9.45 -5.51 -1.75
CA PRO A 31 -10.08 -6.81 -1.46
C PRO A 31 -11.37 -6.63 -0.67
N ALA A 32 -12.38 -7.42 -1.02
CA ALA A 32 -13.71 -7.26 -0.47
C ALA A 32 -13.78 -7.60 1.02
N ASP A 33 -12.70 -8.13 1.57
CA ASP A 33 -12.64 -8.48 2.98
C ASP A 33 -12.38 -7.26 3.86
N PHE A 34 -12.04 -6.13 3.22
CA PHE A 34 -11.64 -4.93 3.96
C PHE A 34 -12.25 -3.71 3.28
N GLU A 35 -12.58 -2.69 4.07
CA GLU A 35 -13.15 -1.48 3.50
C GLU A 35 -12.22 -0.30 3.70
N LEU A 36 -12.05 0.49 2.64
CA LEU A 36 -11.23 1.68 2.71
C LEU A 36 -12.15 2.88 2.83
N ARG A 37 -11.86 3.72 3.79
CA ARG A 37 -12.70 4.86 4.10
C ARG A 37 -11.92 5.86 4.94
N GLU A 38 -12.26 7.14 4.82
CA GLU A 38 -11.67 8.13 5.66
C GLU A 38 -12.42 8.17 6.98
N SER A 39 -11.76 7.74 8.03
CA SER A 39 -12.35 7.72 9.35
C SER A 39 -11.26 7.93 10.39
N SER A 40 -11.02 9.18 10.74
CA SER A 40 -9.95 9.51 11.67
C SER A 40 -10.28 9.00 13.07
N ILE A 41 -9.63 7.91 13.44
CA ILE A 41 -9.75 7.37 14.79
C ILE A 41 -8.60 7.89 15.64
N PRO A 42 -8.93 8.63 16.71
CA PRO A 42 -7.95 9.22 17.62
C PRO A 42 -6.93 8.22 18.14
N GLY A 43 -5.67 8.47 17.86
CA GLY A 43 -4.62 7.56 18.28
C GLY A 43 -4.02 6.80 17.12
N ALA A 44 -4.71 6.80 15.98
CA ALA A 44 -4.19 6.15 14.79
C ALA A 44 -4.38 7.02 13.55
N GLY A 45 -5.61 7.16 13.11
CA GLY A 45 -5.90 7.92 11.92
C GLY A 45 -6.84 7.19 10.99
N LEU A 46 -6.44 7.07 9.72
CA LEU A 46 -7.25 6.34 8.74
C LEU A 46 -6.73 4.92 8.57
N GLY A 47 -7.63 3.99 8.29
CA GLY A 47 -7.25 2.62 8.06
C GLY A 47 -8.30 1.88 7.27
N VAL A 48 -7.98 0.65 6.85
CA VAL A 48 -8.93 -0.17 6.13
C VAL A 48 -9.58 -1.17 7.08
N TRP A 49 -10.86 -0.98 7.33
CA TRP A 49 -11.57 -1.76 8.32
C TRP A 49 -11.98 -3.10 7.74
N ALA A 50 -11.59 -4.17 8.39
CA ALA A 50 -12.02 -5.49 7.98
C ALA A 50 -13.50 -5.65 8.27
N LYS A 51 -14.30 -5.80 7.22
CA LYS A 51 -15.73 -6.01 7.37
C LYS A 51 -16.00 -7.49 7.64
N ARG A 52 -14.97 -8.29 7.49
CA ARG A 52 -15.04 -9.71 7.71
C ARG A 52 -13.98 -10.12 8.72
N LYS A 53 -14.13 -11.29 9.29
CA LYS A 53 -13.24 -11.76 10.33
C LYS A 53 -12.09 -12.56 9.73
N MET A 54 -11.01 -12.66 10.48
CA MET A 54 -9.87 -13.47 10.07
C MET A 54 -9.39 -14.27 11.26
N GLU A 55 -8.78 -15.42 10.99
CA GLU A 55 -8.24 -16.26 12.06
C GLU A 55 -6.72 -16.30 11.98
N ALA A 56 -6.10 -16.42 13.16
CA ALA A 56 -4.65 -16.28 13.33
C ALA A 56 -3.86 -16.99 12.24
N GLY A 57 -3.01 -16.24 11.57
CA GLY A 57 -2.21 -16.78 10.49
C GLY A 57 -2.55 -16.11 9.18
N GLU A 58 -3.37 -15.08 9.27
CA GLU A 58 -3.84 -14.35 8.09
C GLU A 58 -2.82 -13.30 7.67
N ARG A 59 -2.89 -12.92 6.41
CA ARG A 59 -1.98 -11.93 5.84
C ARG A 59 -2.73 -11.07 4.84
N LEU A 60 -2.54 -9.76 4.91
CA LEU A 60 -3.22 -8.85 4.02
C LEU A 60 -2.43 -8.67 2.74
N GLY A 61 -3.13 -8.67 1.62
CA GLY A 61 -2.47 -8.50 0.34
C GLY A 61 -3.48 -8.33 -0.77
N PRO A 62 -3.02 -7.98 -1.98
CA PRO A 62 -1.63 -7.70 -2.26
C PRO A 62 -1.26 -6.24 -2.00
N CYS A 63 -0.02 -6.00 -1.60
CA CYS A 63 0.50 -4.65 -1.47
C CYS A 63 1.36 -4.35 -2.70
N VAL A 64 2.49 -5.02 -2.79
CA VAL A 64 3.36 -4.90 -3.94
C VAL A 64 3.90 -6.28 -4.32
N VAL A 65 3.99 -6.53 -5.62
CA VAL A 65 4.56 -7.78 -6.11
C VAL A 65 5.88 -7.49 -6.80
N VAL A 66 6.55 -6.46 -6.30
CA VAL A 66 7.80 -5.99 -6.87
C VAL A 66 8.96 -6.92 -6.49
N PRO A 67 9.62 -7.50 -7.50
CA PRO A 67 10.75 -8.42 -7.29
C PRO A 67 12.00 -7.72 -6.75
N ARG A 68 13.13 -8.41 -6.81
CA ARG A 68 14.38 -7.91 -6.29
C ARG A 68 14.81 -6.65 -7.04
N ALA A 69 15.07 -6.82 -8.32
CA ALA A 69 15.58 -5.75 -9.16
C ALA A 69 14.45 -4.86 -9.69
N ALA A 70 13.53 -4.49 -8.83
CA ALA A 70 12.38 -3.68 -9.24
C ALA A 70 12.53 -2.23 -8.81
N ALA A 71 13.78 -1.84 -8.55
CA ALA A 71 14.12 -0.46 -8.21
C ALA A 71 13.47 -0.02 -6.91
N LYS A 72 14.11 -0.35 -5.82
CA LYS A 72 13.64 0.03 -4.50
C LYS A 72 14.31 1.33 -4.07
N GLU A 73 13.63 2.13 -3.27
CA GLU A 73 14.15 3.44 -2.87
C GLU A 73 15.51 3.29 -2.20
N THR A 74 15.51 2.77 -0.98
CA THR A 74 16.74 2.50 -0.25
C THR A 74 16.45 1.48 0.84
N ASP A 75 15.55 1.85 1.74
CA ASP A 75 15.22 1.01 2.88
C ASP A 75 13.75 1.14 3.24
N PHE A 76 13.13 0.02 3.58
CA PHE A 76 11.73 -0.01 3.97
C PHE A 76 11.57 -0.79 5.26
N GLY A 77 12.70 -1.20 5.82
CA GLY A 77 12.69 -1.96 7.06
C GLY A 77 13.73 -3.05 7.07
N TRP A 78 14.88 -2.79 6.46
CA TRP A 78 15.99 -3.73 6.44
C TRP A 78 17.30 -2.97 6.29
N GLU A 79 17.66 -2.72 5.04
CA GLU A 79 18.86 -2.02 4.66
C GLU A 79 18.96 -2.02 3.13
N GLN A 80 18.77 -3.22 2.57
CA GLN A 80 18.76 -3.43 1.13
C GLN A 80 18.49 -4.91 0.82
N ILE A 81 17.22 -5.24 0.58
CA ILE A 81 16.87 -6.62 0.26
C ILE A 81 17.35 -7.03 -1.13
N LEU A 82 17.80 -6.05 -1.91
CA LEU A 82 18.35 -6.32 -3.24
C LEU A 82 19.82 -6.68 -3.13
N THR A 83 20.08 -7.72 -2.35
CA THR A 83 21.42 -8.16 -2.05
C THR A 83 21.69 -9.51 -2.71
N ASP A 84 20.98 -9.75 -3.80
CA ASP A 84 21.09 -11.00 -4.54
C ASP A 84 20.78 -10.76 -6.00
N VAL A 85 21.69 -11.19 -6.87
CA VAL A 85 21.51 -11.01 -8.30
C VAL A 85 20.27 -11.76 -8.79
N GLU A 86 19.29 -11.01 -9.25
CA GLU A 86 18.05 -11.59 -9.74
C GLU A 86 18.24 -12.09 -11.16
N VAL A 87 18.94 -13.21 -11.30
CA VAL A 87 19.17 -13.82 -12.60
C VAL A 87 17.89 -14.50 -13.09
N SER A 88 17.15 -15.09 -12.15
CA SER A 88 15.88 -15.74 -12.46
C SER A 88 16.02 -16.75 -13.59
N PRO A 89 16.52 -17.95 -13.28
CA PRO A 89 16.71 -19.02 -14.27
C PRO A 89 15.41 -19.38 -14.98
N GLN A 90 15.42 -19.36 -16.30
CA GLN A 90 14.24 -19.64 -17.10
C GLN A 90 14.05 -21.14 -17.29
N GLU A 91 14.45 -21.91 -16.29
CA GLU A 91 14.27 -23.34 -16.31
C GLU A 91 13.29 -23.78 -15.23
N GLY A 92 12.84 -22.81 -14.44
CA GLY A 92 11.91 -23.09 -13.37
C GLY A 92 11.04 -21.90 -13.06
N CYS A 93 11.64 -20.85 -12.50
CA CYS A 93 10.90 -19.65 -12.13
C CYS A 93 10.64 -18.77 -13.35
N ILE A 94 9.48 -18.96 -13.96
CA ILE A 94 9.10 -18.16 -15.12
C ILE A 94 7.75 -17.50 -14.88
N THR A 95 6.72 -18.32 -14.70
CA THR A 95 5.34 -17.88 -14.49
C THR A 95 4.94 -16.80 -15.49
N LYS A 96 4.68 -17.22 -16.73
CA LYS A 96 4.22 -16.30 -17.76
C LYS A 96 2.71 -16.17 -17.68
N ILE A 97 2.10 -17.10 -16.98
CA ILE A 97 0.67 -17.12 -16.76
C ILE A 97 0.34 -16.68 -15.34
N SER A 98 -0.93 -16.42 -15.08
CA SER A 98 -1.37 -16.01 -13.77
C SER A 98 -2.63 -16.79 -13.36
N GLU A 99 -2.54 -17.51 -12.26
CA GLU A 99 -3.67 -18.28 -11.77
C GLU A 99 -4.77 -17.33 -11.29
N ASP A 100 -5.92 -17.39 -11.96
CA ASP A 100 -7.03 -16.51 -11.64
C ASP A 100 -7.96 -17.17 -10.63
N LEU A 101 -8.44 -16.39 -9.69
CA LEU A 101 -9.31 -16.87 -8.63
C LEU A 101 -10.77 -16.71 -9.06
N GLY A 102 -11.15 -17.42 -10.11
CA GLY A 102 -12.48 -17.29 -10.66
C GLY A 102 -13.43 -18.38 -10.23
N SER A 103 -14.37 -18.72 -11.10
CA SER A 103 -15.46 -19.63 -10.75
C SER A 103 -15.13 -21.08 -11.12
N GLU A 104 -13.85 -21.43 -11.13
CA GLU A 104 -13.45 -22.81 -11.37
C GLU A 104 -13.45 -23.59 -10.07
N LYS A 105 -12.38 -23.44 -9.31
CA LYS A 105 -12.22 -24.13 -8.05
C LYS A 105 -11.45 -23.23 -7.08
N PHE A 106 -11.88 -21.99 -7.00
CA PHE A 106 -11.16 -20.98 -6.22
C PHE A 106 -12.12 -20.18 -5.34
N CYS A 107 -12.43 -20.73 -4.17
CA CYS A 107 -13.29 -20.06 -3.21
C CYS A 107 -12.45 -19.13 -2.34
N VAL A 108 -11.46 -18.50 -2.96
CA VAL A 108 -10.56 -17.58 -2.27
C VAL A 108 -10.59 -16.24 -2.96
N ASP A 109 -10.77 -15.17 -2.21
CA ASP A 109 -10.80 -13.83 -2.78
C ASP A 109 -9.44 -13.18 -2.64
N ALA A 110 -8.55 -13.52 -3.57
CA ALA A 110 -7.20 -12.99 -3.56
C ALA A 110 -6.67 -12.86 -4.98
N ASN A 111 -5.67 -12.00 -5.16
CA ASN A 111 -5.05 -11.79 -6.47
C ASN A 111 -6.10 -11.38 -7.50
N GLN A 112 -7.10 -10.65 -7.03
CA GLN A 112 -8.18 -10.18 -7.89
C GLN A 112 -8.20 -8.66 -7.90
N ALA A 113 -8.64 -8.08 -6.80
CA ALA A 113 -8.68 -6.64 -6.67
C ALA A 113 -7.76 -6.18 -5.55
N GLY A 114 -6.95 -5.18 -5.83
CA GLY A 114 -6.03 -4.67 -4.83
C GLY A 114 -4.79 -4.09 -5.47
N ALA A 115 -4.83 -2.78 -5.73
CA ALA A 115 -3.70 -2.08 -6.34
C ALA A 115 -2.46 -2.22 -5.46
N GLY A 116 -2.64 -2.00 -4.17
CA GLY A 116 -1.56 -2.18 -3.23
C GLY A 116 -1.42 -1.03 -2.26
N SER A 117 -1.75 0.16 -2.73
CA SER A 117 -1.65 1.37 -1.92
C SER A 117 -2.63 1.34 -0.74
N TRP A 118 -3.60 0.44 -0.80
CA TRP A 118 -4.61 0.34 0.25
C TRP A 118 -3.99 -0.10 1.58
N LEU A 119 -2.84 -0.76 1.51
CA LEU A 119 -2.21 -1.32 2.70
C LEU A 119 -1.32 -0.32 3.42
N LYS A 120 -0.97 0.77 2.78
CA LYS A 120 -0.11 1.77 3.43
C LYS A 120 -0.93 2.67 4.34
N TYR A 121 -2.24 2.47 4.36
CA TYR A 121 -3.14 3.27 5.17
C TYR A 121 -3.12 2.86 6.64
N ILE A 122 -3.02 1.55 6.89
CA ILE A 122 -3.08 1.04 8.26
C ILE A 122 -1.90 1.54 9.09
N ARG A 123 -2.19 2.03 10.29
CA ARG A 123 -1.18 2.64 11.14
C ARG A 123 -1.02 1.87 12.45
N VAL A 124 -0.23 2.42 13.36
CA VAL A 124 0.05 1.78 14.64
C VAL A 124 -1.20 1.84 15.53
N ALA A 125 -1.39 0.80 16.33
CA ALA A 125 -2.55 0.69 17.20
C ALA A 125 -2.61 1.84 18.21
N CYS A 126 -3.81 2.38 18.36
CA CYS A 126 -4.08 3.49 19.28
C CYS A 126 -3.68 3.13 20.71
N SER A 127 -3.85 1.87 21.07
CA SER A 127 -3.56 1.42 22.42
C SER A 127 -2.61 0.22 22.40
N CYS A 128 -1.73 0.17 23.39
CA CYS A 128 -0.72 -0.89 23.49
C CYS A 128 -1.37 -2.21 23.89
N ASP A 129 -2.64 -2.15 24.28
CA ASP A 129 -3.39 -3.35 24.62
C ASP A 129 -3.98 -3.99 23.37
N ASP A 130 -3.91 -3.23 22.27
CA ASP A 130 -4.51 -3.65 21.01
C ASP A 130 -3.45 -3.99 19.97
N GLN A 131 -2.22 -4.21 20.43
CA GLN A 131 -1.12 -4.54 19.53
C GLN A 131 -1.41 -5.84 18.80
N ASN A 132 -1.56 -5.76 17.49
CA ASN A 132 -1.81 -6.90 16.67
C ASN A 132 -1.32 -6.60 15.24
N LEU A 133 -0.19 -5.90 15.18
CA LEU A 133 0.33 -5.41 13.91
C LEU A 133 1.75 -5.91 13.68
N THR A 134 2.00 -6.47 12.51
CA THR A 134 3.35 -6.90 12.13
C THR A 134 3.57 -6.84 10.62
N MET A 135 4.72 -6.34 10.22
CA MET A 135 5.09 -6.29 8.81
C MET A 135 5.78 -7.58 8.39
N CYS A 136 5.38 -8.10 7.24
CA CYS A 136 5.99 -9.29 6.67
C CYS A 136 6.73 -8.94 5.39
N GLN A 137 7.96 -9.41 5.28
CA GLN A 137 8.78 -9.15 4.11
C GLN A 137 9.22 -10.48 3.50
N ILE A 138 8.61 -10.83 2.39
CA ILE A 138 8.90 -12.10 1.71
C ILE A 138 9.01 -11.89 0.22
N SER A 139 9.95 -12.61 -0.41
CA SER A 139 10.15 -12.54 -1.85
C SER A 139 10.45 -11.11 -2.31
N GLU A 140 11.01 -10.32 -1.41
CA GLU A 140 11.33 -8.91 -1.66
C GLU A 140 10.09 -8.06 -1.91
N GLN A 141 8.93 -8.60 -1.57
CA GLN A 141 7.68 -7.87 -1.71
C GLN A 141 7.05 -7.69 -0.33
N ILE A 142 6.15 -6.72 -0.22
CA ILE A 142 5.64 -6.30 1.09
C ILE A 142 4.25 -6.87 1.37
N TYR A 143 4.09 -7.41 2.58
CA TYR A 143 2.81 -7.94 3.04
C TYR A 143 2.60 -7.60 4.51
N TYR A 144 1.34 -7.45 4.90
CA TYR A 144 1.02 -7.23 6.31
C TYR A 144 0.54 -8.53 6.93
N LYS A 145 1.31 -9.04 7.87
CA LYS A 145 0.99 -10.31 8.52
C LYS A 145 0.31 -10.04 9.85
N VAL A 146 -0.84 -10.63 10.04
CA VAL A 146 -1.59 -10.42 11.25
C VAL A 146 -1.24 -11.50 12.27
N ILE A 147 -1.36 -11.13 13.52
CA ILE A 147 -0.84 -11.92 14.62
C ILE A 147 -1.87 -12.97 15.03
N LYS A 148 -3.04 -12.48 15.40
CA LYS A 148 -4.14 -13.36 15.76
C LYS A 148 -5.45 -12.85 15.15
N ASP A 149 -6.53 -13.58 15.41
CA ASP A 149 -7.82 -13.35 14.76
C ASP A 149 -8.25 -11.88 14.76
N ILE A 150 -8.77 -11.44 13.63
CA ILE A 150 -9.28 -10.09 13.51
C ILE A 150 -10.79 -10.09 13.57
N GLU A 151 -11.33 -9.19 14.37
CA GLU A 151 -12.77 -9.00 14.45
C GLU A 151 -13.18 -7.82 13.58
N PRO A 152 -14.30 -7.95 12.85
CA PRO A 152 -14.80 -6.88 11.98
C PRO A 152 -15.01 -5.58 12.75
N GLY A 153 -14.24 -4.55 12.40
CA GLY A 153 -14.36 -3.28 13.06
C GLY A 153 -13.07 -2.81 13.71
N GLU A 154 -11.97 -3.52 13.48
CA GLU A 154 -10.66 -3.07 13.97
C GLU A 154 -9.54 -3.40 12.98
N GLU A 155 -8.84 -2.38 12.55
CA GLU A 155 -7.70 -2.56 11.65
C GLU A 155 -6.38 -2.21 12.33
N LEU A 156 -5.68 -3.20 12.86
CA LEU A 156 -4.36 -2.93 13.39
C LEU A 156 -3.32 -3.70 12.58
N LEU A 157 -2.71 -3.02 11.62
CA LEU A 157 -1.64 -3.60 10.80
C LEU A 157 -0.62 -2.52 10.43
N VAL A 158 0.60 -2.63 10.89
CA VAL A 158 1.59 -1.60 10.62
C VAL A 158 3.00 -2.16 10.65
N HIS A 159 3.91 -1.45 9.99
CA HIS A 159 5.33 -1.68 10.18
C HIS A 159 5.79 -0.90 11.40
N VAL A 160 6.13 -1.60 12.47
CA VAL A 160 6.56 -0.96 13.70
C VAL A 160 7.81 -0.12 13.44
N LYS A 161 7.68 1.18 13.71
CA LYS A 161 8.75 2.11 13.42
C LYS A 161 8.92 3.10 14.57
N GLU A 162 10.17 3.40 14.91
CA GLU A 162 10.47 4.38 15.95
C GLU A 162 11.55 5.34 15.47
N GLY A 163 11.55 5.55 14.16
CA GLY A 163 12.48 6.45 13.53
C GLY A 163 12.05 6.67 12.11
N VAL A 164 12.25 5.66 11.27
CA VAL A 164 11.70 5.66 9.92
C VAL A 164 11.20 4.27 9.58
N TYR A 165 12.13 3.34 9.47
CA TYR A 165 11.82 1.96 9.14
C TYR A 165 12.64 0.94 9.97
N PRO A 166 13.99 1.01 9.92
CA PRO A 166 14.83 -0.13 10.34
C PRO A 166 14.71 -0.48 11.83
N LEU A 167 15.18 0.42 12.70
CA LEU A 167 15.27 0.14 14.13
C LEU A 167 13.90 -0.14 14.76
N GLY A 168 12.86 0.09 13.99
CA GLY A 168 11.51 -0.15 14.46
C GLY A 168 11.26 -1.58 14.86
N THR A 169 11.73 -2.53 14.05
CA THR A 169 11.52 -3.95 14.34
C THR A 169 12.71 -4.81 13.90
N VAL A 170 13.52 -4.30 12.97
CA VAL A 170 14.71 -5.04 12.55
C VAL A 170 15.95 -4.41 13.17
N PRO A 171 17.03 -5.19 13.30
CA PRO A 171 18.30 -4.69 13.83
C PRO A 171 18.99 -3.77 12.83
N PRO A 172 19.44 -2.58 13.27
CA PRO A 172 20.12 -1.61 12.40
C PRO A 172 21.51 -2.07 12.00
N GLY A 173 21.90 -3.21 12.52
CA GLY A 173 23.17 -3.79 12.18
C GLY A 173 23.02 -5.21 11.69
N LEU A 174 22.10 -5.40 10.75
CA LEU A 174 21.82 -6.71 10.19
C LEU A 174 23.03 -7.25 9.44
N ASP A 175 23.35 -8.53 9.70
CA ASP A 175 24.44 -9.23 9.03
C ASP A 175 25.80 -8.67 9.43
N GLU A 176 25.80 -7.86 10.50
CA GLU A 176 27.02 -7.23 11.01
C GLU A 176 27.71 -6.41 9.93
N GLY A 1 17.47 5.86 -5.65
CA GLY A 1 16.80 6.49 -6.81
C GLY A 1 17.33 7.88 -7.08
N SER A 2 18.61 7.96 -7.44
CA SER A 2 19.24 9.24 -7.71
C SER A 2 19.61 9.36 -9.18
N GLY A 3 18.60 9.46 -10.03
CA GLY A 3 18.84 9.70 -11.43
C GLY A 3 18.88 11.18 -11.72
N PHE A 4 17.88 11.89 -11.20
CA PHE A 4 17.83 13.33 -11.29
C PHE A 4 18.56 13.94 -10.10
N PRO A 5 19.58 14.77 -10.35
CA PRO A 5 20.35 15.42 -9.29
C PRO A 5 19.46 16.32 -8.42
N THR A 6 19.24 15.90 -7.18
CA THR A 6 18.40 16.66 -6.27
C THR A 6 19.25 17.57 -5.37
N SER A 7 20.52 17.69 -5.71
CA SER A 7 21.41 18.60 -5.01
C SER A 7 21.07 20.05 -5.36
N GLU A 8 20.22 20.65 -4.52
CA GLU A 8 19.75 22.02 -4.73
C GLU A 8 18.97 22.12 -6.04
N ASP A 9 18.05 21.18 -6.23
CA ASP A 9 17.23 21.14 -7.43
C ASP A 9 16.15 22.20 -7.37
N PHE A 10 15.81 22.77 -8.52
CA PHE A 10 14.77 23.76 -8.60
C PHE A 10 13.51 23.13 -9.20
N THR A 11 12.77 22.41 -8.39
CA THR A 11 11.57 21.74 -8.84
C THR A 11 10.32 22.45 -8.31
N PRO A 12 9.70 23.30 -9.15
CA PRO A 12 8.48 24.01 -8.80
C PRO A 12 7.25 23.14 -8.98
N LYS A 13 6.35 23.19 -8.01
CA LYS A 13 5.09 22.46 -8.11
C LYS A 13 4.09 23.28 -8.92
N GLU A 14 4.36 24.57 -9.07
CA GLU A 14 3.49 25.46 -9.83
C GLU A 14 3.43 25.03 -11.29
N GLY A 15 2.23 24.90 -11.81
CA GLY A 15 2.05 24.48 -13.18
C GLY A 15 1.25 23.20 -13.28
N SER A 16 1.19 22.47 -12.18
CA SER A 16 0.43 21.22 -12.15
C SER A 16 -0.42 21.16 -10.87
N PRO A 17 -1.40 22.08 -10.73
CA PRO A 17 -2.26 22.12 -9.56
C PRO A 17 -3.42 21.17 -9.69
N TYR A 18 -3.15 19.90 -9.44
CA TYR A 18 -4.16 18.87 -9.55
C TYR A 18 -4.79 18.61 -8.19
N GLU A 19 -5.85 19.34 -7.90
CA GLU A 19 -6.58 19.19 -6.65
C GLU A 19 -7.64 18.11 -6.78
N ALA A 20 -7.57 17.12 -5.90
CA ALA A 20 -8.56 16.06 -5.86
C ALA A 20 -9.68 16.43 -4.90
N PRO A 21 -10.92 16.55 -5.41
CA PRO A 21 -12.09 16.89 -4.59
C PRO A 21 -12.50 15.74 -3.67
N VAL A 22 -13.75 15.76 -3.20
CA VAL A 22 -14.26 14.74 -2.27
C VAL A 22 -14.05 13.32 -2.82
N TYR A 23 -14.10 13.17 -4.14
CA TYR A 23 -13.83 11.89 -4.77
C TYR A 23 -12.42 11.88 -5.34
N ILE A 24 -11.56 11.03 -4.78
CA ILE A 24 -10.19 10.93 -5.27
C ILE A 24 -10.12 9.99 -6.47
N PRO A 25 -9.32 10.36 -7.49
CA PRO A 25 -9.20 9.60 -8.73
C PRO A 25 -8.30 8.38 -8.59
N GLU A 26 -7.71 8.22 -7.40
CA GLU A 26 -6.83 7.10 -7.14
C GLU A 26 -7.66 5.83 -6.97
N ASP A 27 -8.44 5.80 -5.90
CA ASP A 27 -9.35 4.71 -5.59
C ASP A 27 -8.64 3.36 -5.69
N ILE A 28 -7.82 3.08 -4.69
CA ILE A 28 -7.00 1.88 -4.67
C ILE A 28 -7.86 0.65 -4.36
N PRO A 29 -7.94 -0.31 -5.30
CA PRO A 29 -8.77 -1.51 -5.14
C PRO A 29 -8.37 -2.34 -3.93
N ILE A 30 -9.38 -2.74 -3.16
CA ILE A 30 -9.18 -3.54 -1.95
C ILE A 30 -10.02 -4.80 -2.03
N PRO A 31 -9.53 -5.91 -1.46
CA PRO A 31 -10.30 -7.16 -1.35
C PRO A 31 -11.60 -6.95 -0.61
N ALA A 32 -12.62 -7.72 -1.00
CA ALA A 32 -13.99 -7.51 -0.54
C ALA A 32 -14.14 -7.56 0.97
N ASP A 33 -13.21 -8.22 1.65
CA ASP A 33 -13.34 -8.45 3.08
C ASP A 33 -12.71 -7.33 3.91
N PHE A 34 -12.30 -6.26 3.26
CA PHE A 34 -11.73 -5.11 3.96
C PHE A 34 -12.38 -3.85 3.43
N GLU A 35 -12.69 -2.92 4.31
CA GLU A 35 -13.37 -1.71 3.90
C GLU A 35 -12.49 -0.49 4.09
N LEU A 36 -12.21 0.21 2.99
CA LEU A 36 -11.41 1.43 3.05
C LEU A 36 -12.30 2.60 3.40
N ARG A 37 -11.87 3.39 4.37
CA ARG A 37 -12.67 4.50 4.84
C ARG A 37 -11.80 5.71 5.12
N GLU A 38 -12.13 6.83 4.49
CA GLU A 38 -11.42 8.06 4.77
C GLU A 38 -11.97 8.68 6.03
N SER A 39 -11.15 8.70 7.07
CA SER A 39 -11.52 9.26 8.36
C SER A 39 -10.31 9.17 9.29
N SER A 40 -9.93 10.28 9.88
CA SER A 40 -8.76 10.32 10.72
C SER A 40 -9.12 10.02 12.18
N ILE A 41 -8.78 8.82 12.63
CA ILE A 41 -8.95 8.45 14.03
C ILE A 41 -7.73 8.92 14.81
N PRO A 42 -7.94 9.75 15.85
CA PRO A 42 -6.86 10.39 16.61
C PRO A 42 -5.81 9.41 17.12
N GLY A 43 -4.58 9.61 16.67
CA GLY A 43 -3.48 8.74 17.08
C GLY A 43 -3.03 7.84 15.95
N ALA A 44 -3.94 7.51 15.04
CA ALA A 44 -3.60 6.66 13.91
C ALA A 44 -3.79 7.41 12.59
N GLY A 45 -5.00 7.87 12.37
CA GLY A 45 -5.30 8.59 11.15
C GLY A 45 -6.29 7.84 10.28
N LEU A 46 -6.05 7.85 8.99
CA LEU A 46 -6.86 7.09 8.04
C LEU A 46 -6.55 5.59 8.17
N GLY A 47 -7.48 4.75 7.70
CA GLY A 47 -7.25 3.31 7.76
C GLY A 47 -8.35 2.54 7.06
N VAL A 48 -8.22 1.22 7.02
CA VAL A 48 -9.27 0.36 6.49
C VAL A 48 -9.80 -0.52 7.62
N TRP A 49 -11.07 -0.85 7.55
CA TRP A 49 -11.70 -1.67 8.57
C TRP A 49 -12.23 -2.96 7.97
N ALA A 50 -11.73 -4.09 8.47
CA ALA A 50 -12.15 -5.39 7.98
C ALA A 50 -13.60 -5.67 8.34
N LYS A 51 -14.41 -5.99 7.33
CA LYS A 51 -15.81 -6.34 7.57
C LYS A 51 -15.92 -7.84 7.83
N ARG A 52 -14.81 -8.55 7.77
CA ARG A 52 -14.78 -9.95 8.13
C ARG A 52 -13.72 -10.19 9.20
N LYS A 53 -13.91 -11.21 10.01
CA LYS A 53 -12.95 -11.59 11.03
C LYS A 53 -11.77 -12.33 10.39
N MET A 54 -10.65 -12.36 11.10
CA MET A 54 -9.49 -13.10 10.64
C MET A 54 -8.91 -13.91 11.78
N GLU A 55 -8.26 -15.01 11.43
CA GLU A 55 -7.69 -15.91 12.42
C GLU A 55 -6.24 -16.24 12.05
N ALA A 56 -5.41 -16.38 13.09
CA ALA A 56 -3.95 -16.49 12.96
C ALA A 56 -3.50 -17.27 11.74
N GLY A 57 -2.73 -16.62 10.88
CA GLY A 57 -2.24 -17.25 9.68
C GLY A 57 -2.77 -16.56 8.44
N GLU A 58 -3.43 -15.44 8.66
CA GLU A 58 -4.01 -14.66 7.58
C GLU A 58 -2.96 -13.73 6.96
N ARG A 59 -3.26 -13.22 5.77
CA ARG A 59 -2.33 -12.34 5.06
C ARG A 59 -3.09 -11.28 4.29
N LEU A 60 -2.67 -10.02 4.44
CA LEU A 60 -3.25 -8.94 3.66
C LEU A 60 -2.38 -8.66 2.46
N GLY A 61 -3.00 -8.44 1.31
CA GLY A 61 -2.26 -8.11 0.12
C GLY A 61 -1.73 -9.34 -0.60
N PRO A 62 -0.39 -9.49 -0.73
CA PRO A 62 0.60 -8.60 -0.10
C PRO A 62 0.61 -7.18 -0.67
N CYS A 63 1.30 -6.28 0.01
CA CYS A 63 1.37 -4.88 -0.40
C CYS A 63 2.17 -4.76 -1.69
N VAL A 64 3.25 -5.53 -1.77
CA VAL A 64 4.04 -5.57 -2.98
C VAL A 64 4.10 -7.00 -3.47
N VAL A 65 3.80 -7.19 -4.73
CA VAL A 65 3.83 -8.52 -5.34
C VAL A 65 4.96 -8.61 -6.35
N VAL A 66 5.05 -9.73 -7.06
CA VAL A 66 6.10 -9.93 -8.06
C VAL A 66 6.07 -8.82 -9.13
N PRO A 67 4.93 -8.58 -9.81
CA PRO A 67 4.82 -7.50 -10.79
C PRO A 67 4.83 -6.11 -10.13
N ARG A 68 5.61 -5.20 -10.70
CA ARG A 68 5.75 -3.83 -10.20
C ARG A 68 6.47 -3.82 -8.85
N ALA A 69 6.66 -2.62 -8.30
CA ALA A 69 7.35 -2.47 -7.02
C ALA A 69 7.01 -1.12 -6.40
N ALA A 70 6.95 -1.09 -5.08
CA ALA A 70 6.68 0.15 -4.36
C ALA A 70 7.95 0.99 -4.23
N ALA A 71 8.34 1.58 -5.35
CA ALA A 71 9.52 2.44 -5.40
C ALA A 71 9.25 3.74 -4.67
N LYS A 72 10.33 4.38 -4.25
CA LYS A 72 10.27 5.66 -3.55
C LYS A 72 9.94 6.79 -4.49
N GLU A 73 8.82 6.65 -5.13
CA GLU A 73 8.30 7.65 -6.05
C GLU A 73 8.05 8.96 -5.30
N THR A 74 7.43 8.85 -4.13
CA THR A 74 7.11 10.01 -3.33
C THR A 74 7.29 9.70 -1.84
N ASP A 75 6.49 8.75 -1.35
CA ASP A 75 6.52 8.39 0.07
C ASP A 75 6.77 6.91 0.23
N PHE A 76 6.75 6.46 1.47
CA PHE A 76 6.89 5.05 1.79
C PHE A 76 6.16 4.74 3.09
N GLY A 77 5.50 3.59 3.14
CA GLY A 77 4.74 3.22 4.31
C GLY A 77 5.48 2.23 5.21
N TRP A 78 6.76 2.02 4.94
CA TRP A 78 7.55 1.09 5.75
C TRP A 78 8.97 1.63 5.96
N GLU A 79 9.83 1.48 4.95
CA GLU A 79 11.23 1.87 5.07
C GLU A 79 11.94 1.89 3.71
N GLN A 80 12.08 0.72 3.08
CA GLN A 80 12.92 0.57 1.91
C GLN A 80 12.79 -0.85 1.35
N ILE A 81 13.25 -1.05 0.12
CA ILE A 81 13.34 -2.39 -0.43
C ILE A 81 14.78 -2.67 -0.85
N LEU A 82 15.65 -1.72 -0.55
CA LEU A 82 17.06 -1.87 -0.83
C LEU A 82 17.76 -2.36 0.42
N THR A 83 18.90 -3.03 0.23
CA THR A 83 19.71 -3.61 1.31
C THR A 83 18.82 -4.31 2.36
N ASP A 84 17.84 -5.06 1.89
CA ASP A 84 16.95 -5.77 2.80
C ASP A 84 17.15 -7.27 2.67
N VAL A 85 17.52 -7.88 3.78
CA VAL A 85 17.78 -9.31 3.83
C VAL A 85 16.50 -10.11 4.06
N GLU A 86 16.32 -11.15 3.25
CA GLU A 86 15.19 -12.06 3.40
C GLU A 86 15.25 -12.78 4.75
N VAL A 87 14.13 -12.78 5.46
CA VAL A 87 14.05 -13.38 6.78
C VAL A 87 13.70 -14.87 6.66
N SER A 88 13.02 -15.22 5.58
CA SER A 88 12.65 -16.60 5.33
C SER A 88 13.31 -17.08 4.04
N PRO A 89 14.56 -17.57 4.13
CA PRO A 89 15.36 -17.98 2.96
C PRO A 89 14.60 -18.92 2.04
N GLN A 90 14.38 -18.50 0.80
CA GLN A 90 13.63 -19.29 -0.16
C GLN A 90 14.53 -20.34 -0.80
N GLU A 91 14.68 -21.47 -0.12
CA GLU A 91 15.48 -22.58 -0.63
C GLU A 91 14.56 -23.63 -1.24
N GLY A 92 13.42 -23.82 -0.62
CA GLY A 92 12.43 -24.74 -1.11
C GLY A 92 11.03 -24.25 -0.83
N CYS A 93 10.04 -24.86 -1.46
CA CYS A 93 8.64 -24.47 -1.27
C CYS A 93 8.46 -23.00 -1.66
N ILE A 94 9.12 -22.62 -2.76
CA ILE A 94 9.11 -21.24 -3.21
C ILE A 94 7.86 -20.95 -4.04
N THR A 95 7.32 -22.01 -4.63
CA THR A 95 6.11 -21.89 -5.43
C THR A 95 4.90 -21.58 -4.54
N LYS A 96 4.33 -20.41 -4.73
CA LYS A 96 3.15 -20.00 -3.97
C LYS A 96 1.96 -20.01 -4.92
N ILE A 97 2.07 -19.15 -5.93
CA ILE A 97 1.05 -19.02 -6.97
C ILE A 97 -0.29 -18.57 -6.37
N SER A 98 -1.28 -18.38 -7.22
CA SER A 98 -2.59 -17.92 -6.76
C SER A 98 -3.70 -18.74 -7.40
N GLU A 99 -3.67 -20.05 -7.17
CA GLU A 99 -4.68 -20.95 -7.72
C GLU A 99 -5.09 -21.99 -6.68
N ASP A 100 -6.33 -22.45 -6.80
CA ASP A 100 -6.90 -23.46 -5.90
C ASP A 100 -6.93 -22.98 -4.47
N LEU A 101 -7.64 -21.91 -4.27
CA LEU A 101 -7.82 -21.30 -2.95
C LEU A 101 -9.28 -20.98 -2.73
N GLY A 102 -10.12 -21.67 -3.48
CA GLY A 102 -11.54 -21.40 -3.47
C GLY A 102 -12.10 -21.36 -4.87
N SER A 103 -12.61 -22.49 -5.33
CA SER A 103 -13.12 -22.61 -6.68
C SER A 103 -14.36 -21.72 -6.86
N GLU A 104 -15.08 -21.53 -5.78
CA GLU A 104 -16.26 -20.69 -5.78
C GLU A 104 -16.02 -19.43 -4.97
N LYS A 105 -15.90 -19.60 -3.67
CA LYS A 105 -15.76 -18.49 -2.76
C LYS A 105 -14.42 -18.53 -2.03
N PHE A 106 -13.88 -17.36 -1.74
CA PHE A 106 -12.62 -17.24 -1.04
C PHE A 106 -12.49 -15.86 -0.39
N CYS A 107 -11.75 -15.81 0.71
CA CYS A 107 -11.56 -14.55 1.44
C CYS A 107 -10.14 -14.03 1.27
N VAL A 108 -9.21 -14.94 1.00
CA VAL A 108 -7.82 -14.56 0.79
C VAL A 108 -7.68 -13.82 -0.54
N ASP A 109 -6.80 -12.83 -0.58
CA ASP A 109 -6.63 -12.05 -1.79
C ASP A 109 -5.65 -12.72 -2.73
N ALA A 110 -6.00 -12.70 -4.01
CA ALA A 110 -5.22 -13.36 -5.05
C ALA A 110 -5.78 -13.02 -6.41
N ASN A 111 -7.05 -13.36 -6.61
CA ASN A 111 -7.73 -13.07 -7.87
C ASN A 111 -8.36 -11.68 -7.83
N GLN A 112 -8.73 -11.23 -6.65
CA GLN A 112 -9.25 -9.89 -6.46
C GLN A 112 -8.13 -8.88 -6.71
N ALA A 113 -6.99 -9.13 -6.08
CA ALA A 113 -5.76 -8.40 -6.35
C ALA A 113 -5.85 -6.95 -5.90
N GLY A 114 -5.58 -6.71 -4.63
CA GLY A 114 -5.45 -5.36 -4.15
C GLY A 114 -4.22 -4.71 -4.73
N ALA A 115 -4.29 -3.41 -4.98
CA ALA A 115 -3.18 -2.71 -5.64
C ALA A 115 -2.01 -2.47 -4.68
N GLY A 116 -2.09 -3.06 -3.49
CA GLY A 116 -1.00 -3.00 -2.54
C GLY A 116 -0.94 -1.70 -1.77
N SER A 117 -1.02 -0.58 -2.48
CA SER A 117 -0.89 0.74 -1.89
C SER A 117 -1.97 0.99 -0.83
N TRP A 118 -3.08 0.26 -0.93
CA TRP A 118 -4.19 0.42 0.02
C TRP A 118 -3.79 0.02 1.44
N LEU A 119 -2.70 -0.73 1.54
CA LEU A 119 -2.25 -1.25 2.83
C LEU A 119 -1.50 -0.20 3.63
N LYS A 120 -1.10 0.91 3.01
CA LYS A 120 -0.42 1.96 3.75
C LYS A 120 -1.41 2.66 4.69
N TYR A 121 -2.69 2.40 4.48
CA TYR A 121 -3.74 3.00 5.26
C TYR A 121 -3.72 2.50 6.70
N ILE A 122 -3.41 1.23 6.90
CA ILE A 122 -3.39 0.68 8.25
C ILE A 122 -2.22 1.27 9.04
N ARG A 123 -2.54 1.86 10.18
CA ARG A 123 -1.53 2.52 11.00
C ARG A 123 -1.31 1.77 12.31
N VAL A 124 -0.64 2.40 13.25
CA VAL A 124 -0.31 1.77 14.52
C VAL A 124 -1.56 1.66 15.41
N ALA A 125 -1.56 0.65 16.28
CA ALA A 125 -2.69 0.42 17.17
C ALA A 125 -2.86 1.57 18.15
N CYS A 126 -4.08 2.02 18.31
CA CYS A 126 -4.41 3.14 19.17
C CYS A 126 -4.44 2.69 20.63
N SER A 127 -4.43 1.39 20.84
CA SER A 127 -4.39 0.82 22.18
C SER A 127 -3.21 -0.15 22.28
N CYS A 128 -2.54 -0.13 23.43
CA CYS A 128 -1.34 -0.96 23.63
C CYS A 128 -1.72 -2.39 23.95
N ASP A 129 -2.96 -2.60 24.38
CA ASP A 129 -3.46 -3.96 24.61
C ASP A 129 -4.09 -4.50 23.33
N ASP A 130 -4.02 -3.70 22.28
CA ASP A 130 -4.63 -4.05 21.00
C ASP A 130 -3.56 -4.33 19.95
N GLN A 131 -2.33 -4.54 20.42
CA GLN A 131 -1.20 -4.81 19.53
C GLN A 131 -1.44 -6.08 18.72
N ASN A 132 -1.53 -5.92 17.41
CA ASN A 132 -1.78 -7.03 16.51
C ASN A 132 -1.19 -6.71 15.13
N LEU A 133 -0.10 -5.98 15.14
CA LEU A 133 0.48 -5.46 13.91
C LEU A 133 1.92 -5.94 13.74
N THR A 134 2.18 -6.65 12.66
CA THR A 134 3.52 -7.11 12.37
C THR A 134 3.82 -7.06 10.88
N MET A 135 4.85 -6.33 10.53
CA MET A 135 5.27 -6.22 9.15
C MET A 135 6.31 -7.26 8.83
N CYS A 136 6.09 -8.02 7.78
CA CYS A 136 7.02 -9.03 7.34
C CYS A 136 7.36 -8.81 5.87
N GLN A 137 8.44 -9.40 5.41
CA GLN A 137 8.81 -9.32 4.01
C GLN A 137 9.21 -10.67 3.48
N ILE A 138 8.91 -10.90 2.20
CA ILE A 138 9.30 -12.12 1.52
C ILE A 138 9.81 -11.79 0.13
N SER A 139 10.95 -12.36 -0.25
CA SER A 139 11.53 -12.14 -1.58
C SER A 139 11.74 -10.64 -1.84
N GLU A 140 11.96 -9.89 -0.75
CA GLU A 140 12.16 -8.44 -0.81
C GLU A 140 10.89 -7.70 -1.25
N GLN A 141 9.73 -8.32 -1.04
CA GLN A 141 8.46 -7.65 -1.26
C GLN A 141 7.69 -7.58 0.06
N ILE A 142 6.80 -6.60 0.18
CA ILE A 142 6.15 -6.30 1.45
C ILE A 142 4.98 -7.24 1.73
N TYR A 143 5.02 -7.87 2.89
CA TYR A 143 4.05 -8.89 3.27
C TYR A 143 3.34 -8.49 4.57
N TYR A 144 2.02 -8.49 4.56
CA TYR A 144 1.26 -8.13 5.75
C TYR A 144 0.79 -9.38 6.47
N LYS A 145 1.32 -9.59 7.66
CA LYS A 145 1.00 -10.77 8.44
C LYS A 145 0.28 -10.35 9.72
N VAL A 146 -0.90 -10.90 9.91
CA VAL A 146 -1.69 -10.60 11.09
C VAL A 146 -1.47 -11.68 12.13
N ILE A 147 -1.65 -11.27 13.37
CA ILE A 147 -1.22 -12.06 14.51
C ILE A 147 -2.31 -12.97 15.03
N LYS A 148 -3.43 -12.37 15.39
CA LYS A 148 -4.52 -13.10 16.03
C LYS A 148 -5.88 -12.62 15.54
N ASP A 149 -6.93 -13.21 16.10
CA ASP A 149 -8.32 -12.93 15.71
C ASP A 149 -8.61 -11.44 15.58
N ILE A 150 -8.93 -11.02 14.36
CA ILE A 150 -9.44 -9.68 14.12
C ILE A 150 -10.94 -9.67 14.27
N GLU A 151 -11.44 -8.66 14.96
CA GLU A 151 -12.88 -8.48 15.09
C GLU A 151 -13.35 -7.43 14.09
N PRO A 152 -14.41 -7.74 13.32
CA PRO A 152 -14.91 -6.86 12.26
C PRO A 152 -15.07 -5.42 12.74
N GLY A 153 -14.33 -4.52 12.11
CA GLY A 153 -14.38 -3.13 12.48
C GLY A 153 -13.03 -2.57 12.90
N GLU A 154 -12.04 -3.44 13.06
CA GLU A 154 -10.70 -2.98 13.46
C GLU A 154 -9.60 -3.71 12.70
N GLU A 155 -8.79 -2.95 11.98
CA GLU A 155 -7.57 -3.47 11.39
C GLU A 155 -6.35 -2.90 12.08
N LEU A 156 -5.47 -3.75 12.57
CA LEU A 156 -4.23 -3.29 13.14
C LEU A 156 -3.06 -3.92 12.40
N LEU A 157 -2.47 -3.18 11.46
CA LEU A 157 -1.34 -3.64 10.67
C LEU A 157 -0.40 -2.47 10.38
N VAL A 158 0.82 -2.51 10.89
CA VAL A 158 1.75 -1.41 10.67
C VAL A 158 3.20 -1.90 10.73
N HIS A 159 4.09 -1.12 10.12
CA HIS A 159 5.52 -1.37 10.21
C HIS A 159 6.14 -0.46 11.27
N VAL A 160 6.57 -1.05 12.36
CA VAL A 160 7.35 -0.33 13.36
C VAL A 160 8.69 -1.01 13.55
N LYS A 161 9.69 -0.52 12.83
CA LYS A 161 11.04 -1.06 12.91
C LYS A 161 12.02 0.03 12.52
N GLU A 162 13.25 -0.10 13.02
CA GLU A 162 14.34 0.85 12.77
C GLU A 162 13.86 2.29 12.69
N GLY A 163 13.82 2.97 13.83
CA GLY A 163 13.29 4.32 13.90
C GLY A 163 14.22 5.35 13.29
N VAL A 164 14.81 5.00 12.18
CA VAL A 164 15.72 5.88 11.46
C VAL A 164 15.07 6.37 10.17
N TYR A 165 14.83 5.43 9.26
CA TYR A 165 14.32 5.73 7.93
C TYR A 165 12.93 6.39 7.98
N PRO A 166 11.92 5.74 8.62
CA PRO A 166 10.56 6.28 8.68
C PRO A 166 10.49 7.67 9.32
N LEU A 167 11.22 7.85 10.41
CA LEU A 167 11.21 9.12 11.12
C LEU A 167 12.02 10.17 10.37
N GLY A 168 13.08 9.71 9.70
CA GLY A 168 13.94 10.61 8.95
C GLY A 168 15.05 11.16 9.82
N THR A 169 15.35 10.47 10.89
CA THR A 169 16.33 10.91 11.86
C THR A 169 17.74 10.51 11.46
N VAL A 170 18.10 10.81 10.22
CA VAL A 170 19.41 10.48 9.69
C VAL A 170 20.45 11.51 10.16
N PRO A 171 21.42 11.08 10.97
CA PRO A 171 22.47 11.96 11.49
C PRO A 171 23.38 12.49 10.38
N PRO A 172 23.61 13.81 10.34
CA PRO A 172 24.44 14.45 9.33
C PRO A 172 25.93 14.38 9.65
N GLY A 173 26.43 13.17 9.86
CA GLY A 173 27.84 12.98 10.18
C GLY A 173 28.28 11.55 9.99
N LEU A 174 29.58 11.33 10.09
CA LEU A 174 30.17 10.01 9.92
C LEU A 174 31.34 9.83 10.88
N ASP A 175 31.34 8.72 11.61
CA ASP A 175 32.40 8.44 12.57
C ASP A 175 33.22 7.24 12.12
N GLU A 176 32.54 6.19 11.71
CA GLU A 176 33.20 4.97 11.29
C GLU A 176 32.59 4.46 10.00
N GLY A 1 -46.20 -12.26 -13.28
CA GLY A 1 -45.81 -11.19 -14.23
C GLY A 1 -45.27 -11.76 -15.53
N SER A 2 -45.52 -11.06 -16.62
CA SER A 2 -45.03 -11.49 -17.92
C SER A 2 -43.60 -10.99 -18.16
N GLY A 3 -43.33 -9.76 -17.73
CA GLY A 3 -42.00 -9.20 -17.86
C GLY A 3 -41.43 -8.80 -16.51
N PHE A 4 -40.14 -9.00 -16.33
CA PHE A 4 -39.50 -8.72 -15.06
C PHE A 4 -38.96 -7.29 -15.02
N PRO A 5 -39.34 -6.52 -14.00
CA PRO A 5 -38.85 -5.16 -13.81
C PRO A 5 -37.41 -5.12 -13.33
N THR A 6 -36.54 -4.54 -14.14
CA THR A 6 -35.13 -4.42 -13.81
C THR A 6 -34.60 -3.09 -14.32
N SER A 7 -33.68 -2.49 -13.57
CA SER A 7 -33.13 -1.19 -13.94
C SER A 7 -31.74 -1.01 -13.35
N GLU A 8 -30.80 -1.83 -13.80
CA GLU A 8 -29.43 -1.74 -13.35
C GLU A 8 -28.79 -0.43 -13.81
N ASP A 9 -28.06 0.21 -12.93
CA ASP A 9 -27.32 1.41 -13.28
C ASP A 9 -26.00 1.05 -13.95
N PHE A 10 -26.04 0.89 -15.26
CA PHE A 10 -24.83 0.59 -16.02
C PHE A 10 -24.41 1.81 -16.81
N THR A 11 -23.09 1.99 -16.96
CA THR A 11 -22.51 3.12 -17.66
C THR A 11 -23.14 4.46 -17.24
N PRO A 12 -22.75 4.97 -16.06
CA PRO A 12 -23.23 6.26 -15.56
C PRO A 12 -22.68 7.40 -16.39
N LYS A 13 -23.40 7.71 -17.46
CA LYS A 13 -22.96 8.70 -18.43
C LYS A 13 -23.59 10.06 -18.15
N GLU A 14 -23.59 10.44 -16.88
CA GLU A 14 -24.13 11.73 -16.47
C GLU A 14 -23.11 12.82 -16.78
N GLY A 15 -23.30 13.50 -17.90
CA GLY A 15 -22.41 14.57 -18.29
C GLY A 15 -22.65 15.83 -17.48
N SER A 16 -22.22 15.81 -16.23
CA SER A 16 -22.38 16.94 -15.35
C SER A 16 -21.20 17.02 -14.38
N PRO A 17 -20.68 18.23 -14.13
CA PRO A 17 -19.54 18.42 -13.21
C PRO A 17 -19.90 18.01 -11.79
N TYR A 18 -19.43 16.84 -11.38
CA TYR A 18 -19.75 16.31 -10.07
C TYR A 18 -18.64 16.61 -9.08
N GLU A 19 -18.99 17.32 -8.01
CA GLU A 19 -18.04 17.62 -6.95
C GLU A 19 -18.19 16.59 -5.84
N ALA A 20 -17.08 16.18 -5.26
CA ALA A 20 -17.08 15.25 -4.14
C ALA A 20 -17.39 15.97 -2.84
N PRO A 21 -18.59 15.70 -2.27
CA PRO A 21 -19.01 16.29 -1.00
C PRO A 21 -18.09 15.91 0.15
N VAL A 22 -18.20 14.68 0.60
CA VAL A 22 -17.30 14.17 1.62
C VAL A 22 -16.56 12.92 1.11
N TYR A 23 -17.22 12.15 0.27
CA TYR A 23 -16.64 10.93 -0.27
C TYR A 23 -16.08 11.19 -1.66
N ILE A 24 -14.81 10.88 -1.85
CA ILE A 24 -14.14 11.07 -3.13
C ILE A 24 -14.52 9.98 -4.13
N PRO A 25 -14.48 10.28 -5.43
CA PRO A 25 -14.86 9.34 -6.48
C PRO A 25 -13.66 8.52 -6.99
N GLU A 26 -12.67 8.35 -6.14
CA GLU A 26 -11.48 7.58 -6.49
C GLU A 26 -11.80 6.11 -6.48
N ASP A 27 -12.20 5.60 -5.32
CA ASP A 27 -12.61 4.21 -5.17
C ASP A 27 -11.46 3.28 -5.46
N ILE A 28 -10.46 3.31 -4.59
CA ILE A 28 -9.29 2.45 -4.71
C ILE A 28 -9.69 1.01 -4.42
N PRO A 29 -9.44 0.09 -5.37
CA PRO A 29 -9.80 -1.32 -5.23
C PRO A 29 -9.27 -1.96 -3.95
N ILE A 30 -10.18 -2.40 -3.10
CA ILE A 30 -9.82 -3.11 -1.88
C ILE A 30 -10.60 -4.42 -1.80
N PRO A 31 -10.00 -5.47 -1.23
CA PRO A 31 -10.65 -6.76 -1.04
C PRO A 31 -11.98 -6.63 -0.30
N ALA A 32 -12.93 -7.50 -0.63
CA ALA A 32 -14.28 -7.40 -0.13
C ALA A 32 -14.38 -7.73 1.37
N ASP A 33 -13.26 -8.06 2.00
CA ASP A 33 -13.25 -8.37 3.41
C ASP A 33 -12.63 -7.23 4.23
N PHE A 34 -12.30 -6.14 3.54
CA PHE A 34 -11.79 -4.94 4.20
C PHE A 34 -12.46 -3.71 3.62
N GLU A 35 -12.83 -2.77 4.45
CA GLU A 35 -13.48 -1.57 3.96
C GLU A 35 -12.57 -0.36 4.08
N LEU A 36 -12.35 0.31 2.97
CA LEU A 36 -11.56 1.53 2.98
C LEU A 36 -12.45 2.71 3.26
N ARG A 37 -12.05 3.50 4.23
CA ARG A 37 -12.81 4.67 4.63
C ARG A 37 -11.87 5.75 5.11
N GLU A 38 -11.88 6.89 4.43
CA GLU A 38 -11.07 8.02 4.84
C GLU A 38 -11.69 8.68 6.07
N SER A 39 -10.99 8.57 7.19
CA SER A 39 -11.42 9.14 8.45
C SER A 39 -10.30 8.98 9.45
N SER A 40 -9.99 10.04 10.18
CA SER A 40 -8.87 10.01 11.11
C SER A 40 -9.32 9.48 12.48
N ILE A 41 -8.93 8.24 12.76
CA ILE A 41 -9.17 7.68 14.09
C ILE A 41 -8.02 8.07 15.02
N PRO A 42 -8.36 8.73 16.16
CA PRO A 42 -7.37 9.22 17.12
C PRO A 42 -6.29 8.20 17.46
N GLY A 43 -5.05 8.55 17.18
CA GLY A 43 -3.94 7.67 17.45
C GLY A 43 -3.34 7.09 16.18
N ALA A 44 -4.16 6.94 15.15
CA ALA A 44 -3.69 6.39 13.90
C ALA A 44 -3.97 7.32 12.73
N GLY A 45 -5.25 7.52 12.43
CA GLY A 45 -5.62 8.31 11.29
C GLY A 45 -6.52 7.53 10.36
N LEU A 46 -6.22 7.56 9.06
CA LEU A 46 -6.96 6.76 8.09
C LEU A 46 -6.60 5.28 8.22
N GLY A 47 -7.47 4.41 7.72
CA GLY A 47 -7.19 2.98 7.74
C GLY A 47 -8.27 2.18 7.03
N VAL A 48 -8.05 0.87 6.90
CA VAL A 48 -9.08 0.01 6.33
C VAL A 48 -9.71 -0.83 7.44
N TRP A 49 -11.02 -0.84 7.48
CA TRP A 49 -11.75 -1.50 8.53
C TRP A 49 -12.17 -2.89 8.07
N ALA A 50 -11.64 -3.92 8.73
CA ALA A 50 -12.00 -5.29 8.40
C ALA A 50 -13.48 -5.52 8.71
N LYS A 51 -14.26 -5.77 7.66
CA LYS A 51 -15.68 -6.04 7.81
C LYS A 51 -15.91 -7.51 8.14
N ARG A 52 -14.86 -8.29 8.04
CA ARG A 52 -14.94 -9.72 8.28
C ARG A 52 -13.91 -10.12 9.33
N LYS A 53 -14.18 -11.23 9.99
CA LYS A 53 -13.29 -11.75 11.03
C LYS A 53 -12.15 -12.53 10.38
N MET A 54 -11.04 -12.63 11.06
CA MET A 54 -9.91 -13.42 10.57
C MET A 54 -9.32 -14.25 11.69
N GLU A 55 -8.71 -15.36 11.32
CA GLU A 55 -8.05 -16.24 12.28
C GLU A 55 -6.56 -16.30 11.97
N ALA A 56 -5.76 -16.31 13.04
CA ALA A 56 -4.31 -16.14 12.97
C ALA A 56 -3.65 -16.93 11.85
N GLY A 57 -2.80 -16.26 11.08
CA GLY A 57 -2.09 -16.90 9.99
C GLY A 57 -2.43 -16.28 8.64
N GLU A 58 -3.17 -15.18 8.67
CA GLU A 58 -3.58 -14.50 7.46
C GLU A 58 -2.51 -13.52 6.98
N ARG A 59 -2.67 -13.04 5.77
CA ARG A 59 -1.71 -12.14 5.15
C ARG A 59 -2.42 -11.10 4.31
N LEU A 60 -2.01 -9.85 4.43
CA LEU A 60 -2.51 -8.82 3.54
C LEU A 60 -1.42 -8.48 2.53
N GLY A 61 -1.78 -8.42 1.26
CA GLY A 61 -0.80 -8.12 0.24
C GLY A 61 -1.43 -7.87 -1.11
N PRO A 62 -0.65 -7.31 -2.06
CA PRO A 62 0.73 -6.90 -1.82
C PRO A 62 0.81 -5.51 -1.19
N CYS A 63 1.75 -5.32 -0.27
CA CYS A 63 1.92 -4.04 0.39
C CYS A 63 2.86 -3.13 -0.39
N VAL A 64 3.39 -3.67 -1.48
CA VAL A 64 4.30 -2.90 -2.33
C VAL A 64 3.54 -2.25 -3.46
N VAL A 65 3.72 -0.94 -3.60
CA VAL A 65 3.12 -0.19 -4.69
C VAL A 65 3.87 -0.50 -5.98
N VAL A 66 3.13 -0.62 -7.08
CA VAL A 66 3.70 -0.91 -8.39
C VAL A 66 4.95 -0.07 -8.68
N PRO A 67 6.12 -0.73 -8.76
CA PRO A 67 7.42 -0.05 -8.93
C PRO A 67 7.54 0.70 -10.24
N ARG A 68 8.58 1.55 -10.31
CA ARG A 68 8.89 2.35 -11.49
C ARG A 68 7.91 3.50 -11.64
N ALA A 69 8.39 4.61 -12.19
CA ALA A 69 7.59 5.81 -12.43
C ALA A 69 7.24 6.55 -11.13
N ALA A 70 6.72 5.83 -10.15
CA ALA A 70 6.32 6.41 -8.89
C ALA A 70 7.53 6.85 -8.07
N ALA A 71 8.26 5.88 -7.52
CA ALA A 71 9.42 6.14 -6.67
C ALA A 71 9.05 7.02 -5.49
N LYS A 72 8.74 6.38 -4.37
CA LYS A 72 8.32 7.09 -3.17
C LYS A 72 9.43 8.01 -2.65
N GLU A 73 9.01 9.15 -2.13
CA GLU A 73 9.92 10.15 -1.61
C GLU A 73 9.29 10.75 -0.35
N THR A 74 8.04 11.17 -0.48
CA THR A 74 7.31 11.73 0.64
C THR A 74 6.79 10.61 1.53
N ASP A 75 6.00 9.73 0.95
CA ASP A 75 5.34 8.66 1.68
C ASP A 75 6.19 7.41 1.71
N PHE A 76 6.47 6.91 2.90
CA PHE A 76 7.24 5.69 3.07
C PHE A 76 6.48 4.68 3.92
N GLY A 77 7.16 3.61 4.30
CA GLY A 77 6.55 2.56 5.09
C GLY A 77 7.53 1.45 5.37
N TRP A 78 8.34 1.13 4.37
CA TRP A 78 9.40 0.15 4.52
C TRP A 78 10.72 0.76 4.07
N GLU A 79 10.74 1.23 2.82
CA GLU A 79 11.90 1.93 2.26
C GLU A 79 11.64 2.37 0.82
N GLN A 80 11.57 1.40 -0.08
CA GLN A 80 11.41 1.69 -1.51
C GLN A 80 11.23 0.37 -2.26
N ILE A 81 10.69 0.43 -3.47
CA ILE A 81 10.49 -0.76 -4.28
C ILE A 81 11.60 -0.93 -5.31
N LEU A 82 12.83 -0.65 -4.90
CA LEU A 82 13.98 -0.84 -5.78
C LEU A 82 14.48 -2.27 -5.70
N THR A 83 13.57 -3.18 -6.01
CA THR A 83 13.84 -4.60 -5.94
C THR A 83 12.99 -5.33 -6.98
N ASP A 84 12.67 -4.62 -8.05
CA ASP A 84 11.82 -5.16 -9.09
C ASP A 84 12.65 -5.71 -10.24
N VAL A 85 13.00 -6.99 -10.12
CA VAL A 85 13.76 -7.68 -11.16
C VAL A 85 13.04 -7.60 -12.50
N GLU A 86 13.80 -7.34 -13.56
CA GLU A 86 13.24 -7.22 -14.89
C GLU A 86 13.01 -8.60 -15.48
N VAL A 87 11.88 -9.21 -15.12
CA VAL A 87 11.53 -10.53 -15.60
C VAL A 87 11.15 -10.48 -17.09
N SER A 88 10.60 -9.36 -17.51
CA SER A 88 10.23 -9.15 -18.90
C SER A 88 11.24 -8.21 -19.56
N PRO A 89 12.16 -8.75 -20.39
CA PRO A 89 13.21 -7.97 -21.06
C PRO A 89 12.69 -6.63 -21.60
N GLN A 90 13.25 -5.54 -21.09
CA GLN A 90 12.79 -4.19 -21.45
C GLN A 90 13.35 -3.75 -22.80
N GLU A 91 13.25 -4.64 -23.78
CA GLU A 91 13.83 -4.40 -25.08
C GLU A 91 12.72 -4.21 -26.12
N GLY A 92 12.09 -3.06 -26.08
CA GLY A 92 11.02 -2.77 -27.03
C GLY A 92 9.91 -1.95 -26.40
N CYS A 93 8.79 -1.83 -27.10
CA CYS A 93 7.66 -1.08 -26.62
C CYS A 93 6.87 -1.91 -25.61
N ILE A 94 7.04 -1.59 -24.33
CA ILE A 94 6.36 -2.29 -23.26
C ILE A 94 5.66 -1.28 -22.39
N THR A 95 4.39 -1.51 -22.12
CA THR A 95 3.59 -0.58 -21.36
C THR A 95 4.16 -0.41 -19.95
N LYS A 96 4.62 0.80 -19.67
CA LYS A 96 5.13 1.16 -18.36
C LYS A 96 4.40 2.40 -17.86
N ILE A 97 3.58 2.96 -18.73
CA ILE A 97 2.91 4.20 -18.44
C ILE A 97 1.43 3.98 -18.17
N SER A 98 0.83 4.94 -17.49
CA SER A 98 -0.60 4.94 -17.26
C SER A 98 -1.17 6.24 -17.80
N GLU A 99 -2.33 6.17 -18.43
CA GLU A 99 -2.92 7.34 -19.04
C GLU A 99 -3.90 8.01 -18.09
N ASP A 100 -3.95 9.34 -18.16
CA ASP A 100 -4.90 10.11 -17.36
C ASP A 100 -6.25 10.12 -18.05
N LEU A 101 -7.02 9.09 -17.81
CA LEU A 101 -8.30 8.90 -18.48
C LEU A 101 -9.45 9.54 -17.68
N GLY A 102 -9.25 10.79 -17.29
CA GLY A 102 -10.27 11.51 -16.53
C GLY A 102 -11.58 11.65 -17.27
N SER A 103 -11.51 11.60 -18.59
CA SER A 103 -12.71 11.63 -19.43
C SER A 103 -12.50 10.83 -20.71
N GLU A 104 -11.58 9.87 -20.64
CA GLU A 104 -11.24 9.05 -21.80
C GLU A 104 -12.04 7.77 -21.79
N LYS A 105 -11.62 6.83 -20.95
CA LYS A 105 -12.32 5.58 -20.77
C LYS A 105 -12.21 5.17 -19.31
N PHE A 106 -13.13 4.34 -18.84
CA PHE A 106 -13.15 3.98 -17.43
C PHE A 106 -13.31 2.48 -17.24
N CYS A 107 -12.70 1.71 -18.10
CA CYS A 107 -12.74 0.25 -17.99
C CYS A 107 -11.37 -0.36 -18.23
N VAL A 108 -10.82 -0.14 -19.42
CA VAL A 108 -9.54 -0.74 -19.79
C VAL A 108 -8.37 0.07 -19.24
N ASP A 109 -7.52 -0.63 -18.50
CA ASP A 109 -6.28 -0.08 -17.94
C ASP A 109 -6.51 1.26 -17.23
N ALA A 110 -7.23 1.21 -16.12
CA ALA A 110 -7.50 2.41 -15.35
C ALA A 110 -6.36 2.68 -14.36
N ASN A 111 -6.30 3.89 -13.85
CA ASN A 111 -5.27 4.27 -12.88
C ASN A 111 -5.86 4.35 -11.47
N GLN A 112 -6.62 3.34 -11.11
CA GLN A 112 -7.28 3.30 -9.81
C GLN A 112 -6.28 2.99 -8.70
N ALA A 113 -5.16 2.37 -9.11
CA ALA A 113 -4.14 1.90 -8.19
C ALA A 113 -4.66 0.72 -7.38
N GLY A 114 -3.87 0.25 -6.42
CA GLY A 114 -4.30 -0.86 -5.60
C GLY A 114 -3.20 -1.40 -4.75
N ALA A 115 -2.35 -2.24 -5.33
CA ALA A 115 -1.25 -2.88 -4.62
C ALA A 115 -0.44 -1.87 -3.83
N GLY A 116 -0.39 -2.04 -2.51
CA GLY A 116 0.33 -1.13 -1.65
C GLY A 116 -0.47 0.11 -1.32
N SER A 117 -1.14 0.67 -2.32
CA SER A 117 -1.89 1.91 -2.17
C SER A 117 -2.98 1.79 -1.11
N TRP A 118 -3.66 0.65 -1.05
CA TRP A 118 -4.74 0.47 -0.09
C TRP A 118 -4.19 -0.01 1.26
N LEU A 119 -3.02 -0.61 1.24
CA LEU A 119 -2.45 -1.21 2.45
C LEU A 119 -1.64 -0.19 3.25
N LYS A 120 -1.30 0.94 2.65
CA LYS A 120 -0.60 1.99 3.38
C LYS A 120 -1.55 2.73 4.31
N TYR A 121 -2.83 2.37 4.25
CA TYR A 121 -3.84 3.00 5.08
C TYR A 121 -3.78 2.50 6.51
N ILE A 122 -3.51 1.21 6.71
CA ILE A 122 -3.45 0.67 8.05
C ILE A 122 -2.25 1.24 8.80
N ARG A 123 -2.50 1.74 10.00
CA ARG A 123 -1.48 2.46 10.75
C ARG A 123 -1.29 1.88 12.15
N VAL A 124 -0.64 2.67 13.00
CA VAL A 124 -0.32 2.25 14.36
C VAL A 124 -1.58 1.97 15.18
N ALA A 125 -1.48 1.01 16.09
CA ALA A 125 -2.59 0.65 16.96
C ALA A 125 -2.96 1.79 17.90
N CYS A 126 -4.26 2.02 18.03
CA CYS A 126 -4.78 3.07 18.90
C CYS A 126 -4.56 2.72 20.37
N SER A 127 -4.32 1.44 20.65
CA SER A 127 -4.08 0.98 22.01
C SER A 127 -3.08 -0.18 21.99
N CYS A 128 -2.28 -0.28 23.04
CA CYS A 128 -1.23 -1.30 23.12
C CYS A 128 -1.82 -2.67 23.46
N ASP A 129 -3.06 -2.69 23.90
CA ASP A 129 -3.78 -3.94 24.11
C ASP A 129 -4.17 -4.55 22.77
N ASP A 130 -4.29 -3.68 21.77
CA ASP A 130 -4.73 -4.10 20.44
C ASP A 130 -3.54 -4.42 19.55
N GLN A 131 -2.37 -4.64 20.14
CA GLN A 131 -1.19 -5.00 19.37
C GLN A 131 -1.48 -6.24 18.52
N ASN A 132 -1.48 -6.04 17.22
CA ASN A 132 -1.75 -7.10 16.28
C ASN A 132 -1.21 -6.67 14.92
N LEU A 133 -0.11 -5.95 14.96
CA LEU A 133 0.43 -5.33 13.76
C LEU A 133 1.87 -5.76 13.55
N THR A 134 2.14 -6.41 12.43
CA THR A 134 3.49 -6.84 12.09
C THR A 134 3.69 -6.89 10.58
N MET A 135 4.76 -6.26 10.11
CA MET A 135 5.12 -6.30 8.70
C MET A 135 6.05 -7.48 8.43
N CYS A 136 5.82 -8.18 7.34
CA CYS A 136 6.64 -9.31 6.95
C CYS A 136 7.36 -9.01 5.63
N GLN A 137 8.66 -9.27 5.61
CA GLN A 137 9.46 -9.06 4.40
C GLN A 137 9.86 -10.42 3.82
N ILE A 138 9.21 -10.80 2.74
CA ILE A 138 9.40 -12.11 2.12
C ILE A 138 9.32 -12.00 0.60
N SER A 139 10.14 -12.79 -0.09
CA SER A 139 10.17 -12.78 -1.56
C SER A 139 10.58 -11.39 -2.06
N GLU A 140 11.35 -10.69 -1.24
CA GLU A 140 11.83 -9.34 -1.54
C GLU A 140 10.66 -8.38 -1.79
N GLN A 141 9.55 -8.62 -1.10
CA GLN A 141 8.42 -7.73 -1.15
C GLN A 141 7.74 -7.69 0.22
N ILE A 142 6.87 -6.72 0.41
CA ILE A 142 6.27 -6.49 1.71
C ILE A 142 4.86 -7.06 1.79
N TYR A 143 4.61 -7.77 2.88
CA TYR A 143 3.28 -8.27 3.21
C TYR A 143 2.97 -7.95 4.66
N TYR A 144 1.69 -7.89 5.00
CA TYR A 144 1.32 -7.72 6.39
C TYR A 144 0.92 -9.06 6.98
N LYS A 145 1.64 -9.47 8.00
CA LYS A 145 1.34 -10.72 8.68
C LYS A 145 0.55 -10.40 9.93
N VAL A 146 -0.66 -10.90 9.97
CA VAL A 146 -1.52 -10.65 11.11
C VAL A 146 -1.31 -11.71 12.17
N ILE A 147 -1.53 -11.30 13.39
CA ILE A 147 -1.05 -12.05 14.55
C ILE A 147 -2.11 -12.95 15.12
N LYS A 148 -3.25 -12.36 15.40
CA LYS A 148 -4.34 -13.08 16.06
C LYS A 148 -5.68 -12.78 15.42
N ASP A 149 -6.70 -13.48 15.88
CA ASP A 149 -8.06 -13.36 15.37
C ASP A 149 -8.54 -11.91 15.31
N ILE A 150 -8.86 -11.45 14.11
CA ILE A 150 -9.37 -10.10 13.91
C ILE A 150 -10.88 -10.07 14.09
N GLU A 151 -11.36 -9.07 14.81
CA GLU A 151 -12.79 -8.84 14.97
C GLU A 151 -13.23 -7.71 14.05
N PRO A 152 -14.35 -7.89 13.34
CA PRO A 152 -14.87 -6.90 12.39
C PRO A 152 -14.97 -5.50 13.00
N GLY A 153 -14.16 -4.58 12.49
CA GLY A 153 -14.18 -3.22 12.99
C GLY A 153 -12.84 -2.74 13.53
N GLU A 154 -11.88 -3.65 13.68
CA GLU A 154 -10.56 -3.26 14.18
C GLU A 154 -9.52 -3.30 13.06
N GLU A 155 -8.81 -2.18 12.91
CA GLU A 155 -7.74 -2.07 11.93
C GLU A 155 -6.36 -2.01 12.60
N LEU A 156 -5.70 -3.16 12.75
CA LEU A 156 -4.35 -3.13 13.28
C LEU A 156 -3.37 -3.83 12.33
N LEU A 157 -2.70 -3.05 11.49
CA LEU A 157 -1.59 -3.54 10.66
C LEU A 157 -0.57 -2.41 10.45
N VAL A 158 0.61 -2.54 11.02
CA VAL A 158 1.63 -1.49 10.90
C VAL A 158 3.03 -2.07 11.13
N HIS A 159 4.05 -1.37 10.67
CA HIS A 159 5.42 -1.70 11.04
C HIS A 159 5.96 -0.61 11.97
N VAL A 160 6.18 -0.96 13.24
CA VAL A 160 6.77 -0.05 14.19
C VAL A 160 8.06 -0.63 14.75
N LYS A 161 9.18 -0.18 14.21
CA LYS A 161 10.49 -0.60 14.68
C LYS A 161 11.44 0.59 14.68
N GLU A 162 12.13 0.79 15.78
CA GLU A 162 13.00 1.94 15.93
C GLU A 162 14.34 1.69 15.23
N GLY A 163 14.31 1.76 13.91
CA GLY A 163 15.51 1.55 13.14
C GLY A 163 15.20 0.98 11.77
N VAL A 164 14.47 1.75 10.98
CA VAL A 164 14.09 1.30 9.64
C VAL A 164 15.03 1.88 8.59
N TYR A 165 14.91 3.18 8.34
CA TYR A 165 15.79 3.85 7.39
C TYR A 165 17.22 4.02 7.95
N PRO A 166 17.38 4.58 9.18
CA PRO A 166 18.71 4.75 9.79
C PRO A 166 19.45 3.43 9.97
N LEU A 167 18.73 2.40 10.40
CA LEU A 167 19.31 1.08 10.59
C LEU A 167 18.95 0.16 9.43
N GLY A 168 17.87 -0.60 9.61
CA GLY A 168 17.44 -1.53 8.58
C GLY A 168 18.55 -2.46 8.12
N THR A 169 18.93 -2.32 6.86
CA THR A 169 20.01 -3.11 6.30
C THR A 169 20.93 -2.23 5.45
N VAL A 170 21.06 -0.97 5.84
CA VAL A 170 21.88 -0.03 5.10
C VAL A 170 23.37 -0.32 5.32
N PRO A 171 24.19 -0.25 4.26
CA PRO A 171 25.63 -0.52 4.33
C PRO A 171 26.37 0.50 5.19
N PRO A 172 27.20 0.04 6.14
CA PRO A 172 28.00 0.91 7.00
C PRO A 172 29.22 1.47 6.28
N GLY A 173 28.97 2.18 5.20
CA GLY A 173 30.05 2.79 4.44
C GLY A 173 29.57 4.03 3.71
N LEU A 174 30.49 4.96 3.49
CA LEU A 174 30.15 6.21 2.84
C LEU A 174 31.26 6.63 1.88
N ASP A 175 30.89 6.89 0.63
CA ASP A 175 31.84 7.32 -0.38
C ASP A 175 31.46 8.68 -0.91
N GLU A 176 30.23 8.78 -1.39
CA GLU A 176 29.74 10.00 -2.00
C GLU A 176 28.38 10.35 -1.43
N GLY A 1 12.13 34.89 17.33
CA GLY A 1 13.08 35.38 18.36
C GLY A 1 12.84 36.83 18.70
N SER A 2 13.86 37.66 18.51
CA SER A 2 13.76 39.08 18.79
C SER A 2 12.88 39.75 17.74
N GLY A 3 12.89 39.21 16.53
CA GLY A 3 12.03 39.70 15.48
C GLY A 3 10.72 38.95 15.44
N PHE A 4 9.74 39.51 14.77
CA PHE A 4 8.43 38.88 14.69
C PHE A 4 8.19 38.34 13.29
N PRO A 5 8.39 37.02 13.10
CA PRO A 5 8.19 36.37 11.80
C PRO A 5 6.74 36.42 11.34
N THR A 6 6.50 37.17 10.27
CA THR A 6 5.17 37.28 9.70
C THR A 6 4.97 36.23 8.62
N SER A 7 3.76 35.67 8.57
CA SER A 7 3.44 34.61 7.61
C SER A 7 4.38 33.42 7.81
N GLU A 8 4.41 32.93 9.04
CA GLU A 8 5.30 31.84 9.46
C GLU A 8 5.14 30.62 8.55
N ASP A 9 6.09 30.46 7.63
CA ASP A 9 6.08 29.36 6.67
C ASP A 9 4.75 29.26 5.95
N PHE A 10 4.27 30.40 5.46
CA PHE A 10 3.01 30.46 4.72
C PHE A 10 1.85 30.02 5.61
N THR A 11 1.62 30.75 6.68
CA THR A 11 0.54 30.46 7.62
C THR A 11 -0.83 30.52 6.93
N PRO A 12 -1.18 31.62 6.23
CA PRO A 12 -2.41 31.69 5.47
C PRO A 12 -2.34 30.81 4.23
N LYS A 13 -2.99 29.66 4.31
CA LYS A 13 -2.97 28.69 3.23
C LYS A 13 -3.88 29.14 2.09
N GLU A 14 -3.41 30.11 1.33
CA GLU A 14 -4.14 30.60 0.16
C GLU A 14 -4.31 29.48 -0.85
N GLY A 15 -5.51 29.35 -1.39
CA GLY A 15 -5.80 28.28 -2.31
C GLY A 15 -6.60 27.18 -1.65
N SER A 16 -7.47 26.54 -2.42
CA SER A 16 -8.33 25.50 -1.88
C SER A 16 -8.09 24.19 -2.61
N PRO A 17 -7.88 23.09 -1.86
CA PRO A 17 -7.64 21.76 -2.45
C PRO A 17 -8.87 21.19 -3.15
N TYR A 18 -8.62 20.40 -4.18
CA TYR A 18 -9.70 19.77 -4.95
C TYR A 18 -10.44 18.74 -4.09
N GLU A 19 -11.75 18.85 -4.05
CA GLU A 19 -12.57 17.91 -3.29
C GLU A 19 -13.23 16.91 -4.24
N ALA A 20 -13.39 15.69 -3.76
CA ALA A 20 -13.99 14.63 -4.54
C ALA A 20 -15.49 14.85 -4.68
N PRO A 21 -16.03 14.64 -5.90
CA PRO A 21 -17.46 14.71 -6.15
C PRO A 21 -18.18 13.46 -5.67
N VAL A 22 -19.38 13.21 -6.21
CA VAL A 22 -20.16 12.05 -5.83
C VAL A 22 -19.36 10.76 -6.06
N TYR A 23 -18.58 10.72 -7.13
CA TYR A 23 -17.69 9.59 -7.37
C TYR A 23 -16.26 9.98 -7.02
N ILE A 24 -15.61 9.11 -6.26
CA ILE A 24 -14.25 9.37 -5.79
C ILE A 24 -13.21 9.11 -6.88
N PRO A 25 -12.18 9.97 -6.95
CA PRO A 25 -11.13 9.86 -7.97
C PRO A 25 -9.97 8.96 -7.55
N GLU A 26 -10.17 8.20 -6.48
CA GLU A 26 -9.15 7.30 -5.98
C GLU A 26 -9.22 5.98 -6.73
N ASP A 27 -10.30 5.25 -6.50
CA ASP A 27 -10.53 3.95 -7.13
C ASP A 27 -9.38 2.99 -6.84
N ILE A 28 -9.28 2.63 -5.58
CA ILE A 28 -8.26 1.70 -5.12
C ILE A 28 -8.91 0.34 -4.83
N PRO A 29 -8.64 -0.66 -5.68
CA PRO A 29 -9.19 -2.00 -5.53
C PRO A 29 -8.76 -2.66 -4.21
N ILE A 30 -9.74 -2.99 -3.39
CA ILE A 30 -9.48 -3.64 -2.13
C ILE A 30 -10.32 -4.91 -2.02
N PRO A 31 -9.77 -5.97 -1.41
CA PRO A 31 -10.51 -7.22 -1.16
C PRO A 31 -11.77 -6.96 -0.35
N ALA A 32 -12.82 -7.72 -0.65
CA ALA A 32 -14.15 -7.51 -0.07
C ALA A 32 -14.15 -7.64 1.45
N ASP A 33 -13.07 -8.16 2.01
CA ASP A 33 -12.96 -8.34 3.45
C ASP A 33 -12.56 -7.03 4.13
N PHE A 34 -12.16 -6.05 3.33
CA PHE A 34 -11.79 -4.73 3.83
C PHE A 34 -12.45 -3.67 2.97
N GLU A 35 -12.47 -2.43 3.44
CA GLU A 35 -12.97 -1.34 2.63
C GLU A 35 -12.38 -0.02 3.10
N LEU A 36 -12.16 0.89 2.15
CA LEU A 36 -11.53 2.16 2.44
C LEU A 36 -12.56 3.21 2.76
N ARG A 37 -12.33 3.94 3.84
CA ARG A 37 -13.24 4.97 4.29
C ARG A 37 -12.45 6.13 4.88
N GLU A 38 -12.88 7.33 4.58
CA GLU A 38 -12.26 8.50 5.19
C GLU A 38 -12.87 8.72 6.57
N SER A 39 -12.05 8.54 7.59
CA SER A 39 -12.49 8.67 8.96
C SER A 39 -11.28 8.67 9.89
N SER A 40 -10.75 9.86 10.15
CA SER A 40 -9.59 9.99 11.01
C SER A 40 -9.95 9.67 12.46
N ILE A 41 -9.53 8.50 12.91
CA ILE A 41 -9.72 8.13 14.30
C ILE A 41 -8.56 8.70 15.13
N PRO A 42 -8.89 9.50 16.17
CA PRO A 42 -7.89 10.21 16.98
C PRO A 42 -6.83 9.29 17.55
N GLY A 43 -5.59 9.55 17.19
CA GLY A 43 -4.50 8.73 17.67
C GLY A 43 -3.99 7.78 16.61
N ALA A 44 -4.73 7.66 15.51
CA ALA A 44 -4.34 6.77 14.43
C ALA A 44 -4.47 7.45 13.07
N GLY A 45 -5.69 7.82 12.69
CA GLY A 45 -5.90 8.51 11.44
C GLY A 45 -6.84 7.77 10.50
N LEU A 46 -6.59 7.88 9.21
CA LEU A 46 -7.37 7.17 8.19
C LEU A 46 -7.05 5.69 8.20
N GLY A 47 -7.95 4.87 7.66
CA GLY A 47 -7.71 3.44 7.61
C GLY A 47 -8.71 2.71 6.74
N VAL A 48 -8.51 1.41 6.57
CA VAL A 48 -9.47 0.58 5.86
C VAL A 48 -10.14 -0.38 6.84
N TRP A 49 -11.43 -0.21 7.04
CA TRP A 49 -12.11 -0.90 8.12
C TRP A 49 -12.44 -2.33 7.72
N ALA A 50 -11.61 -3.25 8.19
CA ALA A 50 -11.80 -4.67 7.96
C ALA A 50 -13.08 -5.16 8.60
N LYS A 51 -13.98 -5.70 7.78
CA LYS A 51 -15.25 -6.20 8.27
C LYS A 51 -15.19 -7.71 8.37
N ARG A 52 -13.97 -8.23 8.30
CA ARG A 52 -13.73 -9.65 8.39
C ARG A 52 -12.72 -9.92 9.48
N LYS A 53 -12.73 -11.13 10.03
CA LYS A 53 -11.74 -11.53 11.00
C LYS A 53 -10.47 -12.01 10.32
N MET A 54 -9.40 -11.30 10.55
CA MET A 54 -8.09 -11.74 10.10
C MET A 54 -7.49 -12.64 11.15
N GLU A 55 -7.00 -13.80 10.74
CA GLU A 55 -6.53 -14.79 11.68
C GLU A 55 -5.03 -15.05 11.53
N ALA A 56 -4.50 -15.87 12.42
CA ALA A 56 -3.07 -16.16 12.46
C ALA A 56 -2.51 -16.62 11.11
N GLY A 57 -1.47 -15.94 10.66
CA GLY A 57 -0.69 -16.43 9.53
C GLY A 57 -1.08 -15.82 8.20
N GLU A 58 -2.25 -15.20 8.13
CA GLU A 58 -2.74 -14.69 6.86
C GLU A 58 -2.04 -13.40 6.46
N ARG A 59 -2.11 -13.08 5.18
CA ARG A 59 -1.46 -11.90 4.63
C ARG A 59 -2.49 -10.94 4.08
N LEU A 60 -2.26 -9.65 4.27
CA LEU A 60 -3.06 -8.65 3.61
C LEU A 60 -2.38 -8.25 2.30
N GLY A 61 -3.16 -8.14 1.24
CA GLY A 61 -2.62 -7.72 -0.03
C GLY A 61 -3.36 -8.31 -1.20
N PRO A 62 -2.68 -8.58 -2.32
CA PRO A 62 -1.23 -8.40 -2.43
C PRO A 62 -0.81 -6.93 -2.56
N CYS A 63 0.21 -6.55 -1.80
CA CYS A 63 0.74 -5.20 -1.86
C CYS A 63 1.56 -5.02 -3.13
N VAL A 64 2.68 -5.73 -3.20
CA VAL A 64 3.52 -5.72 -4.37
C VAL A 64 3.84 -7.16 -4.77
N VAL A 65 3.91 -7.40 -6.07
CA VAL A 65 4.19 -8.73 -6.57
C VAL A 65 5.69 -8.93 -6.79
N VAL A 66 6.04 -9.92 -7.60
CA VAL A 66 7.43 -10.19 -7.95
C VAL A 66 8.23 -8.90 -8.19
N PRO A 67 9.40 -8.77 -7.54
CA PRO A 67 10.20 -7.56 -7.55
C PRO A 67 10.73 -7.19 -8.94
N ARG A 68 9.98 -6.37 -9.65
CA ARG A 68 10.38 -5.88 -10.96
C ARG A 68 10.41 -4.36 -10.97
N ALA A 69 9.43 -3.75 -10.33
CA ALA A 69 9.33 -2.30 -10.28
C ALA A 69 8.58 -1.85 -9.03
N ALA A 70 9.26 -1.90 -7.89
CA ALA A 70 8.68 -1.44 -6.64
C ALA A 70 9.06 0.01 -6.40
N ALA A 71 8.13 0.78 -5.85
CA ALA A 71 8.36 2.21 -5.64
C ALA A 71 8.02 2.62 -4.21
N LYS A 72 8.92 3.40 -3.63
CA LYS A 72 8.69 3.96 -2.30
C LYS A 72 8.09 5.35 -2.43
N GLU A 73 7.24 5.71 -1.49
CA GLU A 73 6.61 7.01 -1.50
C GLU A 73 6.82 7.71 -0.16
N THR A 74 5.98 7.38 0.82
CA THR A 74 6.13 7.91 2.15
C THR A 74 6.18 6.76 3.16
N ASP A 75 5.14 5.96 3.15
CA ASP A 75 5.09 4.76 3.98
C ASP A 75 6.06 3.73 3.45
N PHE A 76 6.79 3.08 4.34
CA PHE A 76 7.79 2.11 3.93
C PHE A 76 7.68 0.83 4.73
N GLY A 77 7.73 -0.29 4.02
CA GLY A 77 7.69 -1.59 4.67
C GLY A 77 9.07 -2.19 4.83
N TRP A 78 10.08 -1.38 4.54
CA TRP A 78 11.47 -1.78 4.70
C TRP A 78 12.39 -0.56 4.82
N GLU A 79 13.03 -0.21 3.71
CA GLU A 79 13.95 0.91 3.69
C GLU A 79 14.02 1.51 2.29
N GLN A 80 14.31 0.66 1.31
CA GLN A 80 14.50 1.11 -0.06
C GLN A 80 14.48 -0.10 -1.00
N ILE A 81 14.52 0.15 -2.30
CA ILE A 81 14.44 -0.93 -3.28
C ILE A 81 15.54 -0.81 -4.33
N LEU A 82 16.77 -0.70 -3.87
CA LEU A 82 17.91 -0.63 -4.76
C LEU A 82 18.40 -2.02 -5.08
N THR A 83 17.50 -2.80 -5.63
CA THR A 83 17.76 -4.20 -5.92
C THR A 83 17.23 -4.56 -7.30
N ASP A 84 17.34 -3.62 -8.22
CA ASP A 84 16.91 -3.83 -9.60
C ASP A 84 17.66 -5.00 -10.22
N VAL A 85 16.90 -5.93 -10.77
CA VAL A 85 17.46 -7.17 -11.30
C VAL A 85 18.50 -6.87 -12.38
N GLU A 86 19.63 -7.57 -12.30
CA GLU A 86 20.72 -7.36 -13.23
C GLU A 86 21.13 -8.68 -13.89
N VAL A 87 20.53 -9.77 -13.44
CA VAL A 87 20.88 -11.11 -13.93
C VAL A 87 19.97 -11.55 -15.08
N SER A 88 19.16 -10.65 -15.59
CA SER A 88 18.26 -10.98 -16.69
C SER A 88 17.95 -9.74 -17.53
N PRO A 89 18.92 -9.30 -18.34
CA PRO A 89 18.75 -8.13 -19.21
C PRO A 89 17.84 -8.42 -20.40
N GLN A 90 16.56 -8.56 -20.10
CA GLN A 90 15.55 -8.85 -21.12
C GLN A 90 14.42 -7.82 -21.05
N GLU A 91 14.72 -6.67 -20.47
CA GLU A 91 13.71 -5.63 -20.32
C GLU A 91 13.32 -5.09 -21.68
N GLY A 92 12.04 -5.19 -21.98
CA GLY A 92 11.56 -4.89 -23.31
C GLY A 92 10.96 -6.11 -23.96
N CYS A 93 11.28 -7.28 -23.40
CA CYS A 93 10.74 -8.54 -23.86
C CYS A 93 10.22 -9.35 -22.68
N ILE A 94 9.68 -8.64 -21.71
CA ILE A 94 9.09 -9.27 -20.53
C ILE A 94 7.57 -9.27 -20.67
N THR A 95 7.02 -8.09 -20.94
CA THR A 95 5.60 -7.94 -21.17
C THR A 95 5.26 -8.27 -22.62
N LYS A 96 5.90 -9.30 -23.14
CA LYS A 96 5.70 -9.73 -24.53
C LYS A 96 4.48 -10.63 -24.61
N ILE A 97 4.07 -11.13 -23.45
CA ILE A 97 2.95 -12.02 -23.36
C ILE A 97 1.65 -11.26 -23.17
N SER A 98 0.54 -11.95 -23.36
CA SER A 98 -0.77 -11.35 -23.19
C SER A 98 -1.65 -12.26 -22.36
N GLU A 99 -1.60 -12.07 -21.05
CA GLU A 99 -2.43 -12.86 -20.15
C GLU A 99 -3.81 -12.25 -20.06
N ASP A 100 -4.82 -13.08 -19.84
CA ASP A 100 -6.19 -12.60 -19.77
C ASP A 100 -6.52 -12.21 -18.34
N LEU A 101 -6.47 -10.92 -18.07
CA LEU A 101 -6.83 -10.39 -16.77
C LEU A 101 -8.22 -9.76 -16.83
N GLY A 102 -9.14 -10.43 -17.51
CA GLY A 102 -10.49 -9.92 -17.65
C GLY A 102 -11.37 -10.31 -16.48
N SER A 103 -10.74 -10.69 -15.38
CA SER A 103 -11.43 -11.01 -14.14
C SER A 103 -12.31 -12.26 -14.27
N GLU A 104 -11.95 -13.17 -15.16
CA GLU A 104 -12.67 -14.43 -15.29
C GLU A 104 -12.28 -15.37 -14.18
N LYS A 105 -11.13 -16.01 -14.34
CA LYS A 105 -10.63 -16.92 -13.33
C LYS A 105 -9.19 -16.58 -12.97
N PHE A 106 -8.84 -15.32 -13.20
CA PHE A 106 -7.52 -14.81 -12.83
C PHE A 106 -7.67 -13.72 -11.78
N CYS A 107 -8.74 -13.85 -10.98
CA CYS A 107 -9.08 -12.87 -9.94
C CYS A 107 -9.64 -11.59 -10.56
N VAL A 108 -10.70 -11.09 -9.96
CA VAL A 108 -11.30 -9.83 -10.38
C VAL A 108 -10.42 -8.68 -9.90
N ASP A 109 -10.03 -7.80 -10.81
CA ASP A 109 -9.08 -6.73 -10.51
C ASP A 109 -7.76 -7.33 -10.05
N ALA A 110 -7.10 -8.03 -10.96
CA ALA A 110 -5.89 -8.77 -10.65
C ALA A 110 -4.70 -7.82 -10.43
N ASN A 111 -4.41 -6.99 -11.43
CA ASN A 111 -3.27 -6.09 -11.36
C ASN A 111 -3.74 -4.64 -11.43
N GLN A 112 -4.67 -4.28 -10.56
CA GLN A 112 -5.23 -2.93 -10.54
C GLN A 112 -4.84 -2.19 -9.27
N ALA A 113 -4.41 -2.95 -8.27
CA ALA A 113 -3.94 -2.38 -7.03
C ALA A 113 -2.52 -2.86 -6.72
N GLY A 114 -1.75 -3.07 -7.77
CA GLY A 114 -0.41 -3.61 -7.61
C GLY A 114 0.58 -2.57 -7.14
N ALA A 115 0.42 -2.13 -5.91
CA ALA A 115 1.27 -1.11 -5.31
C ALA A 115 1.17 -1.15 -3.79
N GLY A 116 -0.04 -1.37 -3.29
CA GLY A 116 -0.25 -1.40 -1.85
C GLY A 116 -0.85 -0.11 -1.34
N SER A 117 -1.46 0.62 -2.26
CA SER A 117 -2.03 1.94 -1.97
C SER A 117 -3.01 1.90 -0.80
N TRP A 118 -3.75 0.81 -0.68
CA TRP A 118 -4.76 0.69 0.37
C TRP A 118 -4.14 0.22 1.68
N LEU A 119 -2.94 -0.35 1.60
CA LEU A 119 -2.29 -0.93 2.76
C LEU A 119 -1.50 0.12 3.54
N LYS A 120 -1.26 1.27 2.92
CA LYS A 120 -0.61 2.36 3.62
C LYS A 120 -1.59 3.01 4.60
N TYR A 121 -2.85 2.62 4.47
CA TYR A 121 -3.90 3.16 5.30
C TYR A 121 -3.93 2.52 6.67
N ILE A 122 -3.52 1.25 6.78
CA ILE A 122 -3.59 0.55 8.04
C ILE A 122 -2.85 1.32 9.14
N ARG A 123 -3.51 1.52 10.25
CA ARG A 123 -2.93 2.27 11.34
C ARG A 123 -2.26 1.37 12.35
N VAL A 124 -1.15 1.85 12.90
CA VAL A 124 -0.42 1.12 13.92
C VAL A 124 -1.13 1.28 15.25
N ALA A 125 -0.95 0.31 16.14
CA ALA A 125 -1.70 0.23 17.40
C ALA A 125 -1.71 1.57 18.14
N CYS A 126 -2.88 2.17 18.20
CA CYS A 126 -3.08 3.42 18.93
C CYS A 126 -2.87 3.17 20.42
N SER A 127 -3.26 1.99 20.86
CA SER A 127 -3.06 1.58 22.24
C SER A 127 -2.43 0.19 22.26
N CYS A 128 -1.68 -0.10 23.32
CA CYS A 128 -0.95 -1.36 23.42
C CYS A 128 -1.88 -2.54 23.66
N ASP A 129 -3.16 -2.26 23.86
CA ASP A 129 -4.16 -3.31 24.01
C ASP A 129 -4.75 -3.69 22.66
N ASP A 130 -4.25 -3.07 21.59
CA ASP A 130 -4.75 -3.32 20.24
C ASP A 130 -3.72 -4.05 19.40
N GLN A 131 -2.72 -4.62 20.06
CA GLN A 131 -1.60 -5.24 19.36
C GLN A 131 -2.04 -6.44 18.52
N ASN A 132 -1.89 -6.30 17.22
CA ASN A 132 -2.16 -7.38 16.28
C ASN A 132 -1.47 -7.06 14.95
N LEU A 133 -0.33 -6.38 15.04
CA LEU A 133 0.33 -5.87 13.86
C LEU A 133 1.73 -6.47 13.72
N THR A 134 1.99 -7.12 12.59
CA THR A 134 3.30 -7.65 12.28
C THR A 134 3.54 -7.65 10.76
N MET A 135 4.71 -7.22 10.35
CA MET A 135 5.06 -7.19 8.94
C MET A 135 6.35 -7.96 8.70
N CYS A 136 6.37 -8.77 7.67
CA CYS A 136 7.56 -9.53 7.33
C CYS A 136 8.08 -9.08 5.97
N GLN A 137 9.38 -9.22 5.77
CA GLN A 137 9.99 -8.86 4.50
C GLN A 137 10.57 -10.11 3.85
N ILE A 138 9.88 -10.60 2.82
CA ILE A 138 10.26 -11.85 2.15
C ILE A 138 10.18 -11.68 0.64
N SER A 139 11.10 -12.33 -0.07
CA SER A 139 11.11 -12.34 -1.53
C SER A 139 11.17 -10.92 -2.10
N GLU A 140 11.81 -10.03 -1.34
CA GLU A 140 12.02 -8.63 -1.76
C GLU A 140 10.68 -7.90 -1.89
N GLN A 141 9.63 -8.46 -1.30
CA GLN A 141 8.32 -7.82 -1.30
C GLN A 141 7.81 -7.66 0.13
N ILE A 142 6.76 -6.87 0.27
CA ILE A 142 6.21 -6.56 1.59
C ILE A 142 5.12 -7.58 1.98
N TYR A 143 5.24 -8.13 3.17
CA TYR A 143 4.30 -9.15 3.63
C TYR A 143 3.63 -8.70 4.94
N TYR A 144 2.30 -8.64 4.92
CA TYR A 144 1.53 -8.29 6.11
C TYR A 144 1.01 -9.56 6.76
N LYS A 145 1.49 -9.86 7.95
CA LYS A 145 1.09 -11.10 8.62
C LYS A 145 0.21 -10.78 9.81
N VAL A 146 -0.97 -11.36 9.84
CA VAL A 146 -1.88 -11.14 10.95
C VAL A 146 -1.71 -12.23 12.00
N ILE A 147 -2.01 -11.83 13.21
CA ILE A 147 -1.63 -12.57 14.41
C ILE A 147 -2.78 -13.38 14.98
N LYS A 148 -3.86 -12.67 15.26
CA LYS A 148 -5.02 -13.27 15.89
C LYS A 148 -6.30 -12.70 15.29
N ASP A 149 -7.41 -13.40 15.51
CA ASP A 149 -8.68 -13.04 14.88
C ASP A 149 -9.12 -11.63 15.23
N ILE A 150 -9.11 -10.77 14.22
CA ILE A 150 -9.58 -9.41 14.36
C ILE A 150 -11.09 -9.38 14.56
N GLU A 151 -11.53 -8.41 15.35
CA GLU A 151 -12.94 -8.15 15.50
C GLU A 151 -13.35 -7.07 14.50
N PRO A 152 -14.26 -7.42 13.56
CA PRO A 152 -14.65 -6.54 12.45
C PRO A 152 -14.87 -5.08 12.87
N GLY A 153 -14.13 -4.19 12.23
CA GLY A 153 -14.25 -2.78 12.54
C GLY A 153 -12.95 -2.15 13.00
N GLU A 154 -11.90 -2.95 13.12
CA GLU A 154 -10.60 -2.44 13.53
C GLU A 154 -9.48 -3.06 12.69
N GLU A 155 -8.67 -2.21 12.08
CA GLU A 155 -7.56 -2.68 11.26
C GLU A 155 -6.21 -2.38 11.92
N LEU A 156 -5.53 -3.41 12.42
CA LEU A 156 -4.20 -3.21 12.95
C LEU A 156 -3.21 -4.13 12.22
N LEU A 157 -2.51 -3.59 11.23
CA LEU A 157 -1.44 -4.30 10.52
C LEU A 157 -0.39 -3.28 10.05
N VAL A 158 0.72 -3.20 10.77
CA VAL A 158 1.78 -2.24 10.47
C VAL A 158 3.09 -2.75 11.07
N HIS A 159 4.20 -2.29 10.54
CA HIS A 159 5.46 -2.40 11.26
C HIS A 159 6.20 -1.09 11.14
N VAL A 160 6.31 -0.37 12.25
CA VAL A 160 7.01 0.90 12.25
C VAL A 160 8.49 0.67 12.52
N LYS A 161 9.27 0.70 11.46
CA LYS A 161 10.69 0.45 11.56
C LYS A 161 11.42 1.71 11.95
N GLU A 162 12.11 1.64 13.07
CA GLU A 162 12.85 2.78 13.58
C GLU A 162 14.34 2.58 13.35
N GLY A 163 14.85 1.51 13.89
CA GLY A 163 16.27 1.21 13.77
C GLY A 163 16.60 0.56 12.44
N VAL A 164 15.97 1.06 11.39
CA VAL A 164 16.17 0.50 10.05
C VAL A 164 16.41 1.63 9.06
N TYR A 165 15.36 2.39 8.79
CA TYR A 165 15.40 3.45 7.80
C TYR A 165 15.66 4.82 8.43
N PRO A 166 14.80 5.31 9.37
CA PRO A 166 14.98 6.64 9.96
C PRO A 166 16.20 6.71 10.89
N LEU A 167 16.33 5.73 11.78
CA LEU A 167 17.48 5.67 12.68
C LEU A 167 18.58 4.81 12.06
N GLY A 168 18.46 4.58 10.76
CA GLY A 168 19.42 3.75 10.07
C GLY A 168 20.22 4.55 9.08
N THR A 169 21.42 4.07 8.78
CA THR A 169 22.32 4.76 7.87
C THR A 169 22.14 4.27 6.44
N VAL A 170 20.88 4.18 6.02
CA VAL A 170 20.55 3.70 4.69
C VAL A 170 21.15 4.62 3.62
N PRO A 171 21.66 4.03 2.52
CA PRO A 171 22.27 4.79 1.44
C PRO A 171 21.24 5.57 0.61
N PRO A 172 21.26 6.91 0.72
CA PRO A 172 20.34 7.76 -0.02
C PRO A 172 20.95 8.24 -1.34
N GLY A 173 22.15 7.78 -1.60
CA GLY A 173 22.88 8.17 -2.79
C GLY A 173 24.34 8.40 -2.49
N LEU A 174 25.00 9.15 -3.37
CA LEU A 174 26.42 9.52 -3.21
C LEU A 174 27.35 8.33 -3.34
N ASP A 175 28.26 8.41 -4.30
CA ASP A 175 29.28 7.38 -4.48
C ASP A 175 30.62 7.87 -3.95
N GLU A 176 30.93 9.10 -4.28
CA GLU A 176 32.16 9.74 -3.84
C GLU A 176 31.85 11.13 -3.31
N GLY A 1 -40.07 8.89 2.59
CA GLY A 1 -40.96 10.05 2.82
C GLY A 1 -40.58 11.24 1.97
N SER A 2 -40.64 12.43 2.54
CA SER A 2 -40.30 13.65 1.83
C SER A 2 -38.81 13.69 1.49
N GLY A 3 -38.45 14.48 0.50
CA GLY A 3 -37.07 14.57 0.09
C GLY A 3 -36.75 13.52 -0.97
N PHE A 4 -37.19 13.79 -2.20
CA PHE A 4 -36.95 12.87 -3.30
C PHE A 4 -35.75 13.32 -4.13
N PRO A 5 -34.64 12.58 -4.05
CA PRO A 5 -33.43 12.87 -4.82
C PRO A 5 -33.63 12.57 -6.30
N THR A 6 -33.84 13.60 -7.10
CA THR A 6 -33.99 13.45 -8.53
C THR A 6 -32.63 13.20 -9.17
N SER A 7 -32.24 11.93 -9.22
CA SER A 7 -30.97 11.55 -9.80
C SER A 7 -31.07 11.55 -11.32
N GLU A 8 -31.03 12.74 -11.89
CA GLU A 8 -31.14 12.92 -13.32
C GLU A 8 -30.02 13.85 -13.79
N ASP A 9 -28.79 13.36 -13.67
CA ASP A 9 -27.61 14.14 -14.00
C ASP A 9 -26.55 13.25 -14.64
N PHE A 10 -25.97 13.72 -15.73
CA PHE A 10 -24.98 12.94 -16.47
C PHE A 10 -23.57 13.33 -16.06
N THR A 11 -22.63 12.41 -16.18
CA THR A 11 -21.23 12.69 -15.93
C THR A 11 -20.50 12.96 -17.24
N PRO A 12 -20.12 14.22 -17.50
CA PRO A 12 -19.49 14.62 -18.75
C PRO A 12 -18.08 14.08 -18.91
N LYS A 13 -17.97 12.96 -19.61
CA LYS A 13 -16.69 12.33 -19.89
C LYS A 13 -16.06 12.94 -21.13
N GLU A 14 -15.98 14.26 -21.15
CA GLU A 14 -15.44 14.99 -22.29
C GLU A 14 -14.29 15.89 -21.85
N GLY A 15 -13.50 15.40 -20.91
CA GLY A 15 -12.41 16.20 -20.37
C GLY A 15 -12.94 17.35 -19.55
N SER A 16 -14.05 17.12 -18.87
CA SER A 16 -14.69 18.15 -18.08
C SER A 16 -14.46 17.88 -16.59
N PRO A 17 -14.10 18.93 -15.83
CA PRO A 17 -13.84 18.80 -14.39
C PRO A 17 -15.12 18.65 -13.59
N TYR A 18 -15.56 17.41 -13.45
CA TYR A 18 -16.78 17.11 -12.73
C TYR A 18 -16.46 16.53 -11.35
N GLU A 19 -16.67 17.33 -10.32
CA GLU A 19 -16.45 16.87 -8.95
C GLU A 19 -17.76 16.32 -8.38
N ALA A 20 -17.84 15.00 -8.29
CA ALA A 20 -18.99 14.36 -7.67
C ALA A 20 -18.95 14.57 -6.16
N PRO A 21 -20.12 14.73 -5.53
CA PRO A 21 -20.24 14.98 -4.09
C PRO A 21 -19.28 14.16 -3.23
N VAL A 22 -19.54 12.86 -3.15
CA VAL A 22 -18.74 11.98 -2.32
C VAL A 22 -17.90 11.01 -3.16
N TYR A 23 -18.41 10.65 -4.32
CA TYR A 23 -17.75 9.68 -5.17
C TYR A 23 -16.51 10.27 -5.83
N ILE A 24 -15.35 9.88 -5.36
CA ILE A 24 -14.09 10.27 -5.96
C ILE A 24 -13.79 9.43 -7.21
N PRO A 25 -13.23 10.07 -8.25
CA PRO A 25 -12.94 9.39 -9.52
C PRO A 25 -11.67 8.54 -9.48
N GLU A 26 -11.07 8.44 -8.30
CA GLU A 26 -9.88 7.63 -8.10
C GLU A 26 -10.20 6.17 -8.34
N ASP A 27 -11.11 5.65 -7.52
CA ASP A 27 -11.56 4.26 -7.60
C ASP A 27 -10.41 3.29 -7.33
N ILE A 28 -10.11 3.13 -6.05
CA ILE A 28 -9.03 2.25 -5.63
C ILE A 28 -9.52 0.82 -5.50
N PRO A 29 -8.86 -0.13 -6.18
CA PRO A 29 -9.23 -1.54 -6.12
C PRO A 29 -8.75 -2.21 -4.83
N ILE A 30 -9.69 -2.65 -4.02
CA ILE A 30 -9.37 -3.34 -2.78
C ILE A 30 -10.21 -4.61 -2.67
N PRO A 31 -9.66 -5.67 -2.06
CA PRO A 31 -10.38 -6.93 -1.83
C PRO A 31 -11.66 -6.70 -1.05
N ALA A 32 -12.73 -7.38 -1.47
CA ALA A 32 -14.06 -7.16 -0.93
C ALA A 32 -14.17 -7.56 0.55
N ASP A 33 -13.16 -8.26 1.05
CA ASP A 33 -13.14 -8.67 2.45
C ASP A 33 -12.60 -7.57 3.36
N PHE A 34 -12.08 -6.50 2.76
CA PHE A 34 -11.71 -5.30 3.50
C PHE A 34 -12.52 -4.14 2.97
N GLU A 35 -12.62 -3.06 3.72
CA GLU A 35 -13.37 -1.91 3.25
C GLU A 35 -12.61 -0.62 3.45
N LEU A 36 -12.34 0.06 2.36
CA LEU A 36 -11.66 1.35 2.43
C LEU A 36 -12.68 2.43 2.70
N ARG A 37 -12.43 3.21 3.73
CA ARG A 37 -13.39 4.20 4.18
C ARG A 37 -12.68 5.40 4.77
N GLU A 38 -13.30 6.57 4.64
CA GLU A 38 -12.79 7.76 5.30
C GLU A 38 -13.27 7.75 6.74
N SER A 39 -12.34 7.59 7.67
CA SER A 39 -12.66 7.50 9.07
C SER A 39 -11.53 8.07 9.90
N SER A 40 -11.49 9.38 10.02
CA SER A 40 -10.44 10.05 10.75
C SER A 40 -10.48 9.70 12.23
N ILE A 41 -9.57 8.84 12.66
CA ILE A 41 -9.47 8.47 14.07
C ILE A 41 -8.25 9.15 14.70
N PRO A 42 -8.48 10.01 15.70
CA PRO A 42 -7.42 10.79 16.35
C PRO A 42 -6.30 9.92 16.89
N GLY A 43 -5.09 10.20 16.42
CA GLY A 43 -3.93 9.44 16.85
C GLY A 43 -3.42 8.53 15.76
N ALA A 44 -4.25 8.30 14.75
CA ALA A 44 -3.88 7.41 13.66
C ALA A 44 -4.16 8.06 12.30
N GLY A 45 -5.42 8.40 12.06
CA GLY A 45 -5.79 9.02 10.82
C GLY A 45 -6.85 8.23 10.08
N LEU A 46 -6.58 7.93 8.81
CA LEU A 46 -7.48 7.11 8.01
C LEU A 46 -7.12 5.63 8.14
N GLY A 47 -8.06 4.76 7.81
CA GLY A 47 -7.81 3.33 7.85
C GLY A 47 -8.84 2.57 7.04
N VAL A 48 -8.63 1.27 6.87
CA VAL A 48 -9.61 0.43 6.19
C VAL A 48 -10.15 -0.61 7.17
N TRP A 49 -11.47 -0.73 7.21
CA TRP A 49 -12.11 -1.58 8.18
C TRP A 49 -12.46 -2.92 7.57
N ALA A 50 -11.73 -3.97 7.96
CA ALA A 50 -12.03 -5.30 7.50
C ALA A 50 -13.41 -5.74 8.00
N LYS A 51 -14.33 -5.98 7.07
CA LYS A 51 -15.70 -6.34 7.43
C LYS A 51 -15.78 -7.81 7.81
N ARG A 52 -14.65 -8.49 7.69
CA ARG A 52 -14.53 -9.86 8.09
C ARG A 52 -13.33 -9.99 9.03
N LYS A 53 -13.35 -11.01 9.87
CA LYS A 53 -12.24 -11.27 10.75
C LYS A 53 -11.16 -12.04 10.01
N MET A 54 -9.94 -11.94 10.48
CA MET A 54 -8.84 -12.66 9.90
C MET A 54 -8.10 -13.45 10.97
N GLU A 55 -7.49 -14.55 10.56
CA GLU A 55 -6.91 -15.51 11.49
C GLU A 55 -5.38 -15.41 11.52
N ALA A 56 -4.80 -16.17 12.45
CA ALA A 56 -3.36 -16.16 12.67
C ALA A 56 -2.58 -16.63 11.44
N GLY A 57 -1.61 -15.81 11.03
CA GLY A 57 -0.67 -16.23 10.01
C GLY A 57 -1.09 -15.84 8.60
N GLU A 58 -2.21 -15.17 8.47
CA GLU A 58 -2.67 -14.75 7.15
C GLU A 58 -2.08 -13.40 6.77
N ARG A 59 -2.22 -13.04 5.49
CA ARG A 59 -1.60 -11.84 4.96
C ARG A 59 -2.60 -10.94 4.26
N LEU A 60 -2.54 -9.64 4.56
CA LEU A 60 -3.35 -8.66 3.85
C LEU A 60 -2.59 -8.22 2.61
N GLY A 61 -3.31 -8.00 1.51
CA GLY A 61 -2.67 -7.52 0.31
C GLY A 61 -2.78 -8.50 -0.84
N PRO A 62 -1.65 -8.86 -1.50
CA PRO A 62 -0.30 -8.39 -1.14
C PRO A 62 -0.10 -6.90 -1.40
N CYS A 63 0.68 -6.27 -0.54
CA CYS A 63 0.91 -4.83 -0.60
C CYS A 63 1.82 -4.48 -1.78
N VAL A 64 2.66 -5.43 -2.17
CA VAL A 64 3.60 -5.22 -3.26
C VAL A 64 3.66 -6.46 -4.15
N VAL A 65 3.54 -6.24 -5.45
CA VAL A 65 3.68 -7.31 -6.43
C VAL A 65 5.10 -7.85 -6.41
N VAL A 66 5.23 -9.17 -6.40
CA VAL A 66 6.54 -9.83 -6.30
C VAL A 66 7.48 -9.39 -7.41
N PRO A 67 8.57 -8.69 -7.06
CA PRO A 67 9.58 -8.26 -8.02
C PRO A 67 10.38 -9.45 -8.53
N ARG A 68 10.78 -9.39 -9.80
CA ARG A 68 11.45 -10.51 -10.46
C ARG A 68 12.86 -10.70 -9.92
N ALA A 69 13.51 -9.59 -9.60
CA ALA A 69 14.87 -9.62 -9.05
C ALA A 69 15.20 -8.31 -8.37
N ALA A 70 14.65 -8.10 -7.18
CA ALA A 70 14.84 -6.85 -6.46
C ALA A 70 15.91 -6.98 -5.40
N ALA A 71 16.46 -5.85 -4.99
CA ALA A 71 17.45 -5.79 -3.92
C ALA A 71 17.28 -4.51 -3.13
N LYS A 72 16.53 -4.61 -2.03
CA LYS A 72 16.23 -3.46 -1.18
C LYS A 72 17.50 -2.74 -0.73
N GLU A 73 17.45 -1.42 -0.90
CA GLU A 73 18.58 -0.55 -0.58
C GLU A 73 18.73 -0.42 0.93
N THR A 74 17.77 0.21 1.56
CA THR A 74 17.77 0.39 3.00
C THR A 74 17.22 -0.84 3.70
N ASP A 75 15.90 -0.97 3.68
CA ASP A 75 15.20 -2.06 4.35
C ASP A 75 13.71 -1.89 4.11
N PHE A 76 13.23 -0.72 4.50
CA PHE A 76 11.85 -0.33 4.32
C PHE A 76 11.80 1.19 4.23
N GLY A 77 10.74 1.75 3.67
CA GLY A 77 10.63 3.19 3.56
C GLY A 77 11.67 3.77 2.63
N TRP A 78 11.92 3.07 1.54
CA TRP A 78 12.91 3.50 0.55
C TRP A 78 12.30 4.42 -0.50
N GLU A 79 11.90 3.86 -1.63
CA GLU A 79 11.25 4.59 -2.69
C GLU A 79 10.53 3.59 -3.61
N GLN A 80 11.25 2.52 -3.96
CA GLN A 80 10.74 1.47 -4.82
C GLN A 80 11.85 0.46 -5.09
N ILE A 81 11.55 -0.83 -4.94
CA ILE A 81 12.55 -1.85 -5.24
C ILE A 81 12.17 -2.63 -6.49
N LEU A 82 11.02 -2.28 -7.07
CA LEU A 82 10.56 -2.94 -8.28
C LEU A 82 11.23 -2.32 -9.50
N THR A 83 12.54 -2.46 -9.53
CA THR A 83 13.37 -1.87 -10.56
C THR A 83 14.27 -2.92 -11.20
N ASP A 84 13.79 -4.15 -11.22
CA ASP A 84 14.57 -5.27 -11.74
C ASP A 84 14.67 -5.21 -13.25
N VAL A 85 15.89 -5.27 -13.75
CA VAL A 85 16.15 -5.26 -15.18
C VAL A 85 15.64 -6.54 -15.84
N GLU A 86 15.03 -6.38 -16.99
CA GLU A 86 14.45 -7.49 -17.73
C GLU A 86 15.53 -8.38 -18.33
N VAL A 87 15.55 -9.64 -17.92
CA VAL A 87 16.44 -10.62 -18.50
C VAL A 87 15.85 -11.10 -19.84
N SER A 88 14.55 -10.93 -19.95
CA SER A 88 13.83 -11.19 -21.19
C SER A 88 12.69 -10.17 -21.31
N PRO A 89 12.96 -9.06 -22.02
CA PRO A 89 12.05 -7.91 -22.16
C PRO A 89 10.57 -8.28 -22.20
N GLN A 90 9.81 -7.69 -21.30
CA GLN A 90 8.36 -7.84 -21.25
C GLN A 90 7.72 -6.58 -21.79
N GLU A 91 8.56 -5.57 -22.04
CA GLU A 91 8.12 -4.29 -22.58
C GLU A 91 7.16 -4.50 -23.75
N GLY A 92 5.96 -3.95 -23.61
CA GLY A 92 4.92 -4.16 -24.59
C GLY A 92 3.60 -4.46 -23.94
N CYS A 93 3.64 -5.27 -22.88
CA CYS A 93 2.42 -5.62 -22.16
C CYS A 93 2.31 -4.81 -20.88
N ILE A 94 2.83 -3.60 -20.91
CA ILE A 94 2.78 -2.70 -19.77
C ILE A 94 1.87 -1.52 -20.09
N THR A 95 2.28 -0.70 -21.04
CA THR A 95 1.47 0.40 -21.51
C THR A 95 0.55 -0.06 -22.64
N LYS A 96 -0.05 -1.24 -22.44
CA LYS A 96 -0.93 -1.85 -23.42
C LYS A 96 -2.30 -1.18 -23.39
N ILE A 97 -2.52 -0.41 -22.33
CA ILE A 97 -3.76 0.30 -22.13
C ILE A 97 -3.56 1.79 -22.31
N SER A 98 -4.65 2.51 -22.52
CA SER A 98 -4.57 3.94 -22.75
C SER A 98 -5.02 4.70 -21.50
N GLU A 99 -4.38 4.40 -20.39
CA GLU A 99 -4.59 5.15 -19.16
C GLU A 99 -3.54 6.23 -19.08
N ASP A 100 -3.54 7.08 -20.09
CA ASP A 100 -2.51 8.09 -20.27
C ASP A 100 -2.87 9.37 -19.53
N LEU A 101 -2.60 9.36 -18.24
CA LEU A 101 -2.90 10.49 -17.39
C LEU A 101 -1.73 11.46 -17.28
N GLY A 102 -0.72 11.23 -18.11
CA GLY A 102 0.50 12.01 -18.03
C GLY A 102 0.52 13.15 -19.03
N SER A 103 -0.62 13.43 -19.63
CA SER A 103 -0.73 14.49 -20.62
C SER A 103 -1.03 15.83 -19.95
N GLU A 104 -1.88 15.79 -18.93
CA GLU A 104 -2.29 17.02 -18.25
C GLU A 104 -1.71 17.07 -16.83
N LYS A 105 -2.34 16.36 -15.91
CA LYS A 105 -1.92 16.36 -14.53
C LYS A 105 -1.96 14.94 -13.95
N PHE A 106 -0.90 14.57 -13.25
CA PHE A 106 -0.80 13.22 -12.71
C PHE A 106 0.03 13.20 -11.44
N CYS A 107 -0.03 12.08 -10.75
CA CYS A 107 0.78 11.86 -9.56
C CYS A 107 1.40 10.47 -9.65
N VAL A 108 2.72 10.42 -9.58
CA VAL A 108 3.43 9.15 -9.71
C VAL A 108 3.18 8.29 -8.49
N ASP A 109 2.79 7.04 -8.72
CA ASP A 109 2.48 6.10 -7.66
C ASP A 109 1.33 6.59 -6.80
N ALA A 110 0.23 6.92 -7.46
CA ALA A 110 -0.97 7.37 -6.79
C ALA A 110 -2.12 6.41 -7.10
N ASN A 111 -2.46 6.31 -8.38
CA ASN A 111 -3.50 5.38 -8.81
C ASN A 111 -2.90 3.99 -8.94
N GLN A 112 -1.61 3.94 -9.23
CA GLN A 112 -0.88 2.67 -9.28
C GLN A 112 -0.71 2.12 -7.88
N ALA A 113 -0.81 3.01 -6.90
CA ALA A 113 -0.73 2.62 -5.50
C ALA A 113 -2.13 2.30 -4.97
N GLY A 114 -2.76 1.30 -5.57
CA GLY A 114 -4.09 0.92 -5.15
C GLY A 114 -4.17 -0.56 -4.83
N ALA A 115 -3.90 -1.39 -5.83
CA ALA A 115 -3.91 -2.84 -5.65
C ALA A 115 -2.85 -3.28 -4.65
N GLY A 116 -3.28 -3.54 -3.43
CA GLY A 116 -2.36 -3.96 -2.38
C GLY A 116 -1.83 -2.78 -1.60
N SER A 117 -1.57 -1.68 -2.29
CA SER A 117 -1.00 -0.49 -1.69
C SER A 117 -2.00 0.19 -0.73
N TRP A 118 -3.27 -0.18 -0.81
CA TRP A 118 -4.30 0.34 0.10
C TRP A 118 -3.92 0.09 1.56
N LEU A 119 -2.99 -0.82 1.78
CA LEU A 119 -2.51 -1.12 3.11
C LEU A 119 -1.79 0.07 3.74
N LYS A 120 -1.48 1.08 2.93
CA LYS A 120 -0.87 2.32 3.44
C LYS A 120 -1.84 3.03 4.39
N TYR A 121 -3.09 2.58 4.41
CA TYR A 121 -4.09 3.17 5.28
C TYR A 121 -3.93 2.66 6.71
N ILE A 122 -3.57 1.39 6.88
CA ILE A 122 -3.52 0.80 8.23
C ILE A 122 -2.54 1.57 9.11
N ARG A 123 -2.93 1.81 10.35
CA ARG A 123 -2.14 2.62 11.24
C ARG A 123 -1.55 1.82 12.41
N VAL A 124 -0.85 2.54 13.29
CA VAL A 124 -0.21 1.95 14.46
C VAL A 124 -1.25 1.65 15.55
N ALA A 125 -0.91 0.75 16.46
CA ALA A 125 -1.79 0.37 17.56
C ALA A 125 -2.22 1.57 18.37
N CYS A 126 -3.52 1.88 18.31
CA CYS A 126 -4.09 2.95 19.12
C CYS A 126 -4.14 2.52 20.58
N SER A 127 -4.09 1.22 20.81
CA SER A 127 -4.09 0.66 22.15
C SER A 127 -2.90 -0.27 22.30
N CYS A 128 -2.26 -0.21 23.46
CA CYS A 128 -0.97 -0.85 23.68
C CYS A 128 -1.08 -2.37 23.85
N ASP A 129 -2.16 -2.85 24.43
CA ASP A 129 -2.31 -4.30 24.64
C ASP A 129 -2.97 -4.95 23.43
N ASP A 130 -3.51 -4.12 22.57
CA ASP A 130 -4.24 -4.59 21.38
C ASP A 130 -3.30 -4.92 20.23
N GLN A 131 -2.03 -5.15 20.54
CA GLN A 131 -1.02 -5.41 19.51
C GLN A 131 -1.46 -6.54 18.60
N ASN A 132 -1.71 -6.20 17.35
CA ASN A 132 -2.02 -7.18 16.33
C ASN A 132 -1.32 -6.79 15.03
N LEU A 133 -0.25 -6.02 15.17
CA LEU A 133 0.39 -5.44 14.01
C LEU A 133 1.73 -6.10 13.77
N THR A 134 1.88 -6.76 12.63
CA THR A 134 3.13 -7.38 12.25
C THR A 134 3.29 -7.37 10.73
N MET A 135 4.47 -7.01 10.27
CA MET A 135 4.77 -6.99 8.86
C MET A 135 6.05 -7.76 8.59
N CYS A 136 6.04 -8.55 7.54
CA CYS A 136 7.18 -9.37 7.19
C CYS A 136 7.74 -8.90 5.85
N GLN A 137 9.00 -9.23 5.61
CA GLN A 137 9.66 -8.83 4.38
C GLN A 137 10.18 -10.08 3.67
N ILE A 138 9.50 -10.48 2.62
CA ILE A 138 9.82 -11.71 1.91
C ILE A 138 9.86 -11.49 0.41
N SER A 139 10.82 -12.11 -0.26
CA SER A 139 10.94 -12.05 -1.72
C SER A 139 10.98 -10.61 -2.23
N GLU A 140 11.44 -9.70 -1.37
CA GLU A 140 11.52 -8.28 -1.67
C GLU A 140 10.14 -7.66 -1.90
N GLN A 141 9.11 -8.27 -1.33
CA GLN A 141 7.77 -7.70 -1.35
C GLN A 141 7.34 -7.41 0.08
N ILE A 142 6.38 -6.50 0.24
CA ILE A 142 5.89 -6.13 1.56
C ILE A 142 4.73 -7.04 1.97
N TYR A 143 4.93 -7.71 3.10
CA TYR A 143 3.99 -8.72 3.56
C TYR A 143 3.32 -8.29 4.87
N TYR A 144 1.99 -8.21 4.86
CA TYR A 144 1.25 -7.85 6.06
C TYR A 144 0.70 -9.11 6.70
N LYS A 145 1.20 -9.45 7.87
CA LYS A 145 0.85 -10.72 8.49
C LYS A 145 0.10 -10.48 9.79
N VAL A 146 -1.10 -11.04 9.88
CA VAL A 146 -1.89 -10.92 11.09
C VAL A 146 -1.59 -12.08 12.02
N ILE A 147 -1.71 -11.81 13.30
CA ILE A 147 -1.22 -12.72 14.33
C ILE A 147 -2.35 -13.51 14.97
N LYS A 148 -3.53 -12.90 15.02
CA LYS A 148 -4.66 -13.52 15.68
C LYS A 148 -5.99 -13.06 15.06
N ASP A 149 -7.08 -13.58 15.63
CA ASP A 149 -8.41 -13.28 15.15
C ASP A 149 -8.91 -11.96 15.72
N ILE A 150 -9.42 -11.11 14.85
CA ILE A 150 -9.81 -9.76 15.25
C ILE A 150 -11.29 -9.50 14.96
N GLU A 151 -11.86 -8.58 15.71
CA GLU A 151 -13.24 -8.18 15.51
C GLU A 151 -13.34 -7.23 14.32
N PRO A 152 -14.12 -7.61 13.31
CA PRO A 152 -14.29 -6.80 12.09
C PRO A 152 -14.66 -5.35 12.40
N GLY A 153 -13.87 -4.43 11.90
CA GLY A 153 -14.12 -3.02 12.16
C GLY A 153 -12.95 -2.32 12.82
N GLU A 154 -11.88 -3.06 13.09
CA GLU A 154 -10.66 -2.46 13.63
C GLU A 154 -9.42 -3.03 12.94
N GLU A 155 -8.62 -2.14 12.37
CA GLU A 155 -7.43 -2.54 11.65
C GLU A 155 -6.16 -2.17 12.41
N LEU A 156 -5.39 -3.17 12.81
CA LEU A 156 -4.07 -2.91 13.39
C LEU A 156 -3.01 -3.71 12.65
N LEU A 157 -2.30 -3.05 11.73
CA LEU A 157 -1.21 -3.64 10.94
C LEU A 157 -0.15 -2.59 10.63
N VAL A 158 1.04 -2.71 11.19
CA VAL A 158 2.09 -1.75 10.93
C VAL A 158 3.47 -2.36 11.16
N HIS A 159 4.48 -1.76 10.54
CA HIS A 159 5.86 -2.11 10.82
C HIS A 159 6.54 -0.91 11.47
N VAL A 160 6.86 -1.03 12.75
CA VAL A 160 7.52 0.04 13.47
C VAL A 160 8.99 -0.29 13.67
N LYS A 161 9.83 0.23 12.78
CA LYS A 161 11.26 0.03 12.90
C LYS A 161 11.78 0.72 14.15
N GLU A 162 12.85 0.15 14.71
CA GLU A 162 13.39 0.58 16.00
C GLU A 162 13.85 2.04 15.99
N GLY A 163 12.90 2.92 16.18
CA GLY A 163 13.18 4.34 16.31
C GLY A 163 13.79 4.93 15.05
N VAL A 164 13.40 4.41 13.90
CA VAL A 164 13.97 4.87 12.65
C VAL A 164 13.11 5.97 12.03
N TYR A 165 12.07 5.58 11.32
CA TYR A 165 11.20 6.54 10.65
C TYR A 165 10.14 7.13 11.58
N PRO A 166 9.39 6.29 12.33
CA PRO A 166 8.29 6.79 13.19
C PRO A 166 8.77 7.78 14.25
N LEU A 167 9.88 7.47 14.89
CA LEU A 167 10.41 8.34 15.95
C LEU A 167 11.42 9.34 15.39
N GLY A 168 12.11 8.94 14.34
CA GLY A 168 13.08 9.80 13.70
C GLY A 168 14.36 9.96 14.50
N THR A 169 14.66 8.96 15.33
CA THR A 169 15.80 9.04 16.21
C THR A 169 17.01 8.31 15.61
N VAL A 170 17.38 8.70 14.41
CA VAL A 170 18.52 8.12 13.73
C VAL A 170 19.58 9.19 13.40
N PRO A 171 20.71 9.18 14.13
CA PRO A 171 21.81 10.11 13.87
C PRO A 171 22.56 9.77 12.59
N PRO A 172 22.53 10.68 11.60
CA PRO A 172 23.15 10.46 10.29
C PRO A 172 24.64 10.76 10.30
N GLY A 173 25.40 9.96 11.03
CA GLY A 173 26.82 10.19 11.13
C GLY A 173 27.15 11.21 12.21
N LEU A 174 26.54 11.04 13.37
CA LEU A 174 26.74 11.95 14.48
C LEU A 174 26.69 11.18 15.80
N ASP A 175 27.77 11.25 16.55
CA ASP A 175 27.86 10.58 17.84
C ASP A 175 28.51 11.50 18.86
N GLU A 176 29.50 12.25 18.41
CA GLU A 176 30.23 13.15 19.27
C GLU A 176 30.31 14.54 18.63
N GLY A 1 -5.07 -2.47 -41.65
CA GLY A 1 -4.36 -1.17 -41.76
C GLY A 1 -3.91 -0.67 -40.41
N SER A 2 -3.53 0.60 -40.35
CA SER A 2 -3.11 1.20 -39.09
C SER A 2 -4.29 1.92 -38.43
N GLY A 3 -5.11 2.57 -39.24
CA GLY A 3 -6.24 3.30 -38.73
C GLY A 3 -7.51 2.48 -38.78
N PHE A 4 -8.34 2.61 -37.73
CA PHE A 4 -9.59 1.86 -37.63
C PHE A 4 -9.33 0.36 -37.81
N PRO A 5 -8.64 -0.27 -36.85
CA PRO A 5 -8.27 -1.69 -36.92
C PRO A 5 -9.45 -2.61 -36.63
N THR A 6 -9.16 -3.79 -36.09
CA THR A 6 -10.18 -4.78 -35.79
C THR A 6 -11.20 -4.24 -34.78
N SER A 7 -10.70 -3.53 -33.78
CA SER A 7 -11.56 -2.95 -32.76
C SER A 7 -11.30 -1.46 -32.64
N GLU A 8 -12.20 -0.66 -33.18
CA GLU A 8 -12.10 0.78 -33.07
C GLU A 8 -13.40 1.36 -32.52
N ASP A 9 -13.31 2.50 -31.85
CA ASP A 9 -14.48 3.14 -31.26
C ASP A 9 -14.18 4.59 -30.99
N PHE A 10 -15.21 5.31 -30.54
CA PHE A 10 -15.04 6.69 -30.09
C PHE A 10 -15.98 6.92 -28.93
N THR A 11 -15.94 6.00 -27.98
CA THR A 11 -16.78 6.07 -26.79
C THR A 11 -16.41 7.29 -25.95
N PRO A 12 -17.42 8.05 -25.50
CA PRO A 12 -17.20 9.26 -24.71
C PRO A 12 -16.46 9.00 -23.40
N LYS A 13 -15.18 9.30 -23.40
CA LYS A 13 -14.37 9.15 -22.20
C LYS A 13 -14.43 10.43 -21.39
N GLU A 14 -14.92 11.48 -22.02
CA GLU A 14 -15.13 12.76 -21.36
C GLU A 14 -16.25 12.65 -20.35
N GLY A 15 -16.00 13.09 -19.13
CA GLY A 15 -17.01 13.01 -18.10
C GLY A 15 -16.93 11.71 -17.34
N SER A 16 -16.17 10.75 -17.86
CA SER A 16 -16.00 9.47 -17.19
C SER A 16 -15.20 9.67 -15.88
N PRO A 17 -14.01 10.32 -15.94
CA PRO A 17 -13.35 10.77 -14.72
C PRO A 17 -13.96 12.07 -14.24
N TYR A 18 -15.19 11.97 -13.81
CA TYR A 18 -16.00 13.13 -13.46
C TYR A 18 -15.53 13.72 -12.14
N GLU A 19 -15.31 15.03 -12.11
CA GLU A 19 -14.94 15.72 -10.89
C GLU A 19 -16.15 15.79 -9.96
N ALA A 20 -16.35 14.73 -9.21
CA ALA A 20 -17.47 14.63 -8.30
C ALA A 20 -17.16 15.30 -6.97
N PRO A 21 -18.13 16.02 -6.39
CA PRO A 21 -17.95 16.77 -5.14
C PRO A 21 -17.24 15.97 -4.04
N VAL A 22 -17.97 15.04 -3.43
CA VAL A 22 -17.45 14.27 -2.31
C VAL A 22 -16.64 13.06 -2.80
N TYR A 23 -17.02 12.51 -3.94
CA TYR A 23 -16.36 11.33 -4.48
C TYR A 23 -14.98 11.69 -5.03
N ILE A 24 -13.95 11.08 -4.45
CA ILE A 24 -12.59 11.32 -4.89
C ILE A 24 -12.25 10.48 -6.13
N PRO A 25 -11.39 11.01 -7.01
CA PRO A 25 -11.02 10.35 -8.27
C PRO A 25 -9.85 9.38 -8.10
N GLU A 26 -9.71 8.83 -6.91
CA GLU A 26 -8.65 7.87 -6.63
C GLU A 26 -9.20 6.46 -6.76
N ASP A 27 -10.03 6.08 -5.77
CA ASP A 27 -10.68 4.77 -5.73
C ASP A 27 -9.66 3.65 -5.95
N ILE A 28 -8.81 3.44 -4.96
CA ILE A 28 -7.79 2.40 -5.01
C ILE A 28 -8.42 1.03 -4.77
N PRO A 29 -8.14 0.06 -5.66
CA PRO A 29 -8.69 -1.29 -5.56
C PRO A 29 -8.30 -1.99 -4.26
N ILE A 30 -9.29 -2.40 -3.50
CA ILE A 30 -9.07 -3.11 -2.24
C ILE A 30 -9.87 -4.42 -2.23
N PRO A 31 -9.35 -5.45 -1.54
CA PRO A 31 -10.03 -6.74 -1.42
C PRO A 31 -11.40 -6.60 -0.74
N ALA A 32 -12.36 -7.38 -1.20
CA ALA A 32 -13.75 -7.26 -0.74
C ALA A 32 -13.91 -7.69 0.71
N ASP A 33 -12.85 -8.19 1.31
CA ASP A 33 -12.89 -8.61 2.71
C ASP A 33 -12.57 -7.44 3.64
N PHE A 34 -12.22 -6.30 3.05
CA PHE A 34 -11.83 -5.12 3.83
C PHE A 34 -12.46 -3.88 3.21
N GLU A 35 -12.78 -2.90 4.02
CA GLU A 35 -13.42 -1.68 3.52
C GLU A 35 -12.54 -0.48 3.78
N LEU A 36 -12.19 0.25 2.73
CA LEU A 36 -11.39 1.46 2.90
C LEU A 36 -12.31 2.62 3.15
N ARG A 37 -12.06 3.30 4.25
CA ARG A 37 -12.91 4.40 4.67
C ARG A 37 -12.06 5.48 5.31
N GLU A 38 -12.20 6.69 4.83
CA GLU A 38 -11.48 7.82 5.40
C GLU A 38 -12.03 8.10 6.79
N SER A 39 -11.20 7.83 7.80
CA SER A 39 -11.59 8.04 9.19
C SER A 39 -10.34 8.17 10.04
N SER A 40 -10.14 9.33 10.63
CA SER A 40 -8.94 9.59 11.41
C SER A 40 -9.17 9.21 12.87
N ILE A 41 -8.59 8.09 13.27
CA ILE A 41 -8.60 7.70 14.67
C ILE A 41 -7.35 8.26 15.35
N PRO A 42 -7.53 9.13 16.36
CA PRO A 42 -6.42 9.83 17.03
C PRO A 42 -5.36 8.87 17.57
N GLY A 43 -4.14 9.04 17.10
CA GLY A 43 -3.05 8.19 17.54
C GLY A 43 -2.60 7.24 16.45
N ALA A 44 -3.48 6.95 15.50
CA ALA A 44 -3.13 6.06 14.41
C ALA A 44 -3.31 6.75 13.05
N GLY A 45 -4.55 7.11 12.75
CA GLY A 45 -4.84 7.76 11.50
C GLY A 45 -5.96 7.07 10.75
N LEU A 46 -5.77 6.85 9.46
CA LEU A 46 -6.76 6.13 8.64
C LEU A 46 -6.48 4.63 8.66
N GLY A 47 -7.50 3.85 8.33
CA GLY A 47 -7.32 2.42 8.27
C GLY A 47 -8.36 1.75 7.39
N VAL A 48 -8.11 0.50 7.00
CA VAL A 48 -9.09 -0.25 6.23
C VAL A 48 -9.86 -1.21 7.13
N TRP A 49 -11.15 -0.99 7.22
CA TRP A 49 -11.98 -1.70 8.17
C TRP A 49 -12.40 -3.05 7.61
N ALA A 50 -11.86 -4.12 8.19
CA ALA A 50 -12.24 -5.46 7.80
C ALA A 50 -13.73 -5.68 8.07
N LYS A 51 -14.51 -5.88 7.01
CA LYS A 51 -15.94 -6.14 7.16
C LYS A 51 -16.17 -7.61 7.49
N ARG A 52 -15.09 -8.37 7.44
CA ARG A 52 -15.12 -9.79 7.71
C ARG A 52 -14.05 -10.13 8.73
N LYS A 53 -14.17 -11.27 9.37
CA LYS A 53 -13.23 -11.66 10.39
C LYS A 53 -12.12 -12.51 9.78
N MET A 54 -10.99 -12.57 10.46
CA MET A 54 -9.85 -13.33 9.99
C MET A 54 -9.32 -14.18 11.12
N GLU A 55 -8.69 -15.29 10.79
CA GLU A 55 -8.20 -16.22 11.80
C GLU A 55 -6.69 -16.13 11.93
N ALA A 56 -6.23 -16.15 13.19
CA ALA A 56 -4.83 -15.93 13.56
C ALA A 56 -3.86 -16.57 12.58
N GLY A 57 -3.09 -15.71 11.92
CA GLY A 57 -2.16 -16.17 10.92
C GLY A 57 -2.52 -15.65 9.56
N GLU A 58 -3.49 -14.75 9.54
CA GLU A 58 -3.99 -14.17 8.31
C GLU A 58 -3.00 -13.15 7.76
N ARG A 59 -3.19 -12.77 6.51
CA ARG A 59 -2.28 -11.89 5.83
C ARG A 59 -3.01 -10.96 4.87
N LEU A 60 -2.65 -9.68 4.90
CA LEU A 60 -3.19 -8.72 3.95
C LEU A 60 -2.20 -8.53 2.82
N GLY A 61 -2.68 -8.52 1.59
CA GLY A 61 -1.82 -8.33 0.46
C GLY A 61 -2.58 -8.00 -0.80
N PRO A 62 -1.89 -7.55 -1.85
CA PRO A 62 -0.45 -7.30 -1.82
C PRO A 62 -0.10 -5.98 -1.13
N CYS A 63 1.12 -5.88 -0.61
CA CYS A 63 1.58 -4.65 0.01
C CYS A 63 2.66 -4.02 -0.85
N VAL A 64 2.90 -4.62 -2.00
CA VAL A 64 3.90 -4.13 -2.94
C VAL A 64 3.34 -3.02 -3.80
N VAL A 65 4.23 -2.18 -4.33
CA VAL A 65 3.82 -1.09 -5.21
C VAL A 65 4.55 -1.16 -6.55
N VAL A 66 3.97 -1.91 -7.49
CA VAL A 66 4.54 -2.07 -8.81
C VAL A 66 4.66 -0.71 -9.54
N PRO A 67 3.59 0.08 -9.63
CA PRO A 67 3.66 1.43 -10.20
C PRO A 67 4.36 2.41 -9.27
N ARG A 68 5.68 2.28 -9.19
CA ARG A 68 6.48 3.15 -8.36
C ARG A 68 6.43 4.58 -8.87
N ALA A 69 6.39 4.72 -10.19
CA ALA A 69 6.25 6.02 -10.86
C ALA A 69 7.23 7.04 -10.30
N ALA A 70 8.49 6.92 -10.70
CA ALA A 70 9.57 7.75 -10.19
C ALA A 70 9.83 7.44 -8.71
N ALA A 71 10.92 6.71 -8.46
CA ALA A 71 11.29 6.29 -7.11
C ALA A 71 11.32 7.47 -6.16
N LYS A 72 10.59 7.35 -5.06
CA LYS A 72 10.48 8.42 -4.09
C LYS A 72 11.80 8.60 -3.33
N GLU A 73 11.89 9.71 -2.61
CA GLU A 73 13.12 10.09 -1.91
C GLU A 73 13.67 8.95 -1.06
N THR A 74 12.85 8.42 -0.17
CA THR A 74 13.24 7.28 0.62
C THR A 74 12.18 6.18 0.55
N ASP A 75 11.19 6.22 1.44
CA ASP A 75 10.09 5.28 1.42
C ASP A 75 9.09 5.61 2.52
N PHE A 76 7.87 5.14 2.33
CA PHE A 76 6.80 5.32 3.31
C PHE A 76 6.25 3.95 3.68
N GLY A 77 6.69 2.94 2.95
CA GLY A 77 6.17 1.61 3.11
C GLY A 77 6.89 0.81 4.16
N TRP A 78 8.14 0.46 3.89
CA TRP A 78 8.86 -0.45 4.77
C TRP A 78 10.33 -0.07 4.97
N GLU A 79 10.99 0.47 3.95
CA GLU A 79 12.36 0.97 4.11
C GLU A 79 12.87 1.61 2.82
N GLN A 80 12.47 1.04 1.69
CA GLN A 80 12.95 1.45 0.39
C GLN A 80 12.28 0.62 -0.69
N ILE A 81 11.22 1.14 -1.28
CA ILE A 81 10.45 0.39 -2.26
C ILE A 81 11.17 0.32 -3.60
N LEU A 82 12.26 1.08 -3.72
CA LEU A 82 13.08 1.05 -4.92
C LEU A 82 14.14 -0.03 -4.78
N THR A 83 13.67 -1.27 -4.76
CA THR A 83 14.53 -2.43 -4.64
C THR A 83 14.48 -3.24 -5.93
N ASP A 84 14.12 -2.56 -7.00
CA ASP A 84 13.91 -3.20 -8.29
C ASP A 84 14.10 -2.19 -9.42
N VAL A 85 14.97 -2.51 -10.35
CA VAL A 85 15.17 -1.66 -11.51
C VAL A 85 14.09 -1.92 -12.56
N GLU A 86 13.56 -0.86 -13.14
CA GLU A 86 12.51 -0.98 -14.15
C GLU A 86 13.10 -1.41 -15.49
N VAL A 87 13.25 -2.71 -15.66
CA VAL A 87 13.66 -3.26 -16.94
C VAL A 87 12.46 -3.27 -17.89
N SER A 88 11.27 -3.26 -17.31
CA SER A 88 10.02 -3.15 -18.05
C SER A 88 9.93 -4.23 -19.13
N PRO A 89 9.38 -5.41 -18.80
CA PRO A 89 9.21 -6.52 -19.74
C PRO A 89 8.19 -6.19 -20.81
N GLN A 90 8.61 -5.40 -21.78
CA GLN A 90 7.73 -4.93 -22.84
C GLN A 90 8.51 -4.69 -24.12
N GLU A 91 9.31 -5.69 -24.50
CA GLU A 91 10.14 -5.60 -25.70
C GLU A 91 9.27 -5.50 -26.94
N GLY A 92 9.42 -4.41 -27.67
CA GLY A 92 8.61 -4.18 -28.86
C GLY A 92 7.24 -3.66 -28.51
N CYS A 93 6.49 -4.46 -27.76
CA CYS A 93 5.15 -4.08 -27.34
C CYS A 93 5.20 -3.31 -26.03
N ILE A 94 5.36 -2.00 -26.12
CA ILE A 94 5.42 -1.14 -24.94
C ILE A 94 4.09 -1.15 -24.22
N THR A 95 3.01 -1.17 -24.99
CA THR A 95 1.68 -1.25 -24.42
C THR A 95 0.93 -2.46 -24.96
N LYS A 96 0.67 -3.41 -24.08
CA LYS A 96 -0.03 -4.63 -24.44
C LYS A 96 -1.50 -4.52 -24.07
N ILE A 97 -1.80 -3.49 -23.30
CA ILE A 97 -3.12 -3.29 -22.77
C ILE A 97 -4.02 -2.54 -23.75
N SER A 98 -5.32 -2.71 -23.57
CA SER A 98 -6.29 -2.00 -24.38
C SER A 98 -7.35 -1.40 -23.45
N GLU A 99 -6.96 -0.39 -22.69
CA GLU A 99 -7.83 0.19 -21.70
C GLU A 99 -7.72 1.71 -21.67
N ASP A 100 -8.76 2.36 -21.18
CA ASP A 100 -8.82 3.80 -21.07
C ASP A 100 -9.41 4.18 -19.72
N LEU A 101 -8.81 5.15 -19.04
CA LEU A 101 -9.24 5.52 -17.71
C LEU A 101 -9.02 7.01 -17.45
N GLY A 102 -9.29 7.82 -18.48
CA GLY A 102 -9.12 9.24 -18.35
C GLY A 102 -9.77 9.99 -19.50
N SER A 103 -9.09 11.02 -19.99
CA SER A 103 -9.56 11.79 -21.12
C SER A 103 -8.38 12.26 -21.96
N GLU A 104 -7.38 12.80 -21.30
CA GLU A 104 -6.16 13.26 -21.96
C GLU A 104 -5.05 12.25 -21.75
N LYS A 105 -4.63 12.12 -20.50
CA LYS A 105 -3.57 11.20 -20.14
C LYS A 105 -4.11 10.14 -19.19
N PHE A 106 -3.71 8.90 -19.41
CA PHE A 106 -4.15 7.80 -18.56
C PHE A 106 -3.13 6.68 -18.57
N CYS A 107 -1.88 7.06 -18.82
CA CYS A 107 -0.78 6.11 -18.84
C CYS A 107 -0.15 5.97 -17.45
N VAL A 108 -0.49 6.89 -16.57
CA VAL A 108 0.01 6.86 -15.20
C VAL A 108 -1.05 6.25 -14.28
N ASP A 109 -0.61 5.42 -13.34
CA ASP A 109 -1.52 4.73 -12.43
C ASP A 109 -2.00 5.67 -11.32
N ALA A 110 -2.61 6.76 -11.73
CA ALA A 110 -3.10 7.77 -10.80
C ALA A 110 -4.33 7.26 -10.07
N ASN A 111 -5.36 6.92 -10.83
CA ASN A 111 -6.60 6.41 -10.26
C ASN A 111 -6.54 4.89 -10.13
N GLN A 112 -5.35 4.39 -9.84
CA GLN A 112 -5.14 2.96 -9.67
C GLN A 112 -4.21 2.71 -8.49
N ALA A 113 -2.97 3.20 -8.58
CA ALA A 113 -1.98 3.06 -7.52
C ALA A 113 -1.71 1.58 -7.21
N GLY A 114 -1.65 0.77 -8.27
CA GLY A 114 -1.34 -0.63 -8.10
C GLY A 114 -2.41 -1.39 -7.36
N ALA A 115 -2.00 -2.31 -6.51
CA ALA A 115 -2.92 -3.08 -5.69
C ALA A 115 -2.40 -3.21 -4.28
N GLY A 116 -1.38 -2.41 -3.95
CA GLY A 116 -0.76 -2.49 -2.63
C GLY A 116 -0.75 -1.16 -1.90
N SER A 117 -1.28 -0.13 -2.53
CA SER A 117 -1.28 1.20 -1.94
C SER A 117 -2.30 1.29 -0.81
N TRP A 118 -3.20 0.33 -0.75
CA TRP A 118 -4.26 0.33 0.25
C TRP A 118 -3.73 0.01 1.64
N LEU A 119 -2.59 -0.67 1.70
CA LEU A 119 -2.05 -1.14 2.97
C LEU A 119 -1.20 -0.08 3.66
N LYS A 120 -0.80 0.95 2.94
CA LYS A 120 0.02 2.00 3.54
C LYS A 120 -0.87 2.95 4.35
N TYR A 121 -2.18 2.73 4.30
CA TYR A 121 -3.11 3.56 5.04
C TYR A 121 -3.15 3.17 6.51
N ILE A 122 -3.03 1.88 6.78
CA ILE A 122 -3.01 1.40 8.16
C ILE A 122 -1.69 1.79 8.82
N ARG A 123 -1.79 2.55 9.91
CA ARG A 123 -0.60 3.13 10.53
C ARG A 123 -0.35 2.54 11.92
N VAL A 124 0.57 3.17 12.65
CA VAL A 124 1.01 2.66 13.96
C VAL A 124 -0.14 2.63 14.96
N ALA A 125 -0.15 1.59 15.77
CA ALA A 125 -1.21 1.36 16.76
C ALA A 125 -1.31 2.51 17.75
N CYS A 126 -2.53 2.75 18.21
CA CYS A 126 -2.79 3.80 19.18
C CYS A 126 -2.58 3.28 20.60
N SER A 127 -2.40 1.97 20.71
CA SER A 127 -2.22 1.33 22.01
C SER A 127 -1.23 0.18 21.93
N CYS A 128 -0.48 0.01 23.01
CA CYS A 128 0.47 -1.10 23.13
C CYS A 128 -0.24 -2.35 23.58
N ASP A 129 -1.45 -2.19 24.10
CA ASP A 129 -2.27 -3.32 24.54
C ASP A 129 -2.98 -3.93 23.35
N ASP A 130 -3.19 -3.12 22.33
CA ASP A 130 -3.92 -3.56 21.13
C ASP A 130 -2.97 -4.00 20.02
N GLN A 131 -1.72 -4.30 20.38
CA GLN A 131 -0.74 -4.73 19.38
C GLN A 131 -1.20 -5.98 18.64
N ASN A 132 -1.45 -5.81 17.36
CA ASN A 132 -1.70 -6.91 16.45
C ASN A 132 -1.26 -6.51 15.05
N LEU A 133 -0.28 -5.63 14.99
CA LEU A 133 0.20 -5.05 13.74
C LEU A 133 1.62 -5.57 13.47
N THR A 134 1.82 -6.27 12.35
CA THR A 134 3.13 -6.83 12.07
C THR A 134 3.41 -6.95 10.57
N MET A 135 4.68 -6.80 10.21
CA MET A 135 5.15 -6.88 8.83
C MET A 135 5.69 -8.26 8.50
N CYS A 136 5.49 -8.70 7.26
CA CYS A 136 6.05 -9.94 6.77
C CYS A 136 6.76 -9.72 5.43
N GLN A 137 7.98 -10.22 5.32
CA GLN A 137 8.76 -10.08 4.09
C GLN A 137 9.16 -11.46 3.58
N ILE A 138 8.49 -11.90 2.52
CA ILE A 138 8.74 -13.21 1.94
C ILE A 138 8.65 -13.16 0.43
N SER A 139 9.49 -13.93 -0.25
CA SER A 139 9.45 -14.07 -1.70
C SER A 139 9.70 -12.73 -2.40
N GLU A 140 10.58 -11.93 -1.81
CA GLU A 140 10.99 -10.63 -2.38
C GLU A 140 9.82 -9.63 -2.38
N GLN A 141 8.69 -10.03 -1.82
CA GLN A 141 7.51 -9.19 -1.82
C GLN A 141 7.05 -8.90 -0.40
N ILE A 142 6.21 -7.90 -0.26
CA ILE A 142 5.81 -7.42 1.04
C ILE A 142 4.38 -7.83 1.37
N TYR A 143 4.15 -8.29 2.59
CA TYR A 143 2.83 -8.67 3.07
C TYR A 143 2.60 -8.19 4.49
N TYR A 144 1.33 -8.03 4.85
CA TYR A 144 0.95 -7.68 6.19
C TYR A 144 0.47 -8.91 6.95
N LYS A 145 1.22 -9.30 7.97
CA LYS A 145 0.90 -10.50 8.72
C LYS A 145 0.24 -10.15 10.04
N VAL A 146 -0.95 -10.71 10.25
CA VAL A 146 -1.70 -10.44 11.46
C VAL A 146 -1.53 -11.60 12.44
N ILE A 147 -1.67 -11.26 13.72
CA ILE A 147 -1.31 -12.16 14.81
C ILE A 147 -2.48 -13.00 15.29
N LYS A 148 -3.65 -12.38 15.38
CA LYS A 148 -4.80 -13.05 15.99
C LYS A 148 -6.08 -12.83 15.19
N ASP A 149 -7.08 -13.66 15.50
CA ASP A 149 -8.40 -13.58 14.90
C ASP A 149 -8.92 -12.13 14.95
N ILE A 150 -9.04 -11.52 13.79
CA ILE A 150 -9.46 -10.13 13.71
C ILE A 150 -10.98 -10.02 13.76
N GLU A 151 -11.47 -9.17 14.64
CA GLU A 151 -12.89 -8.88 14.72
C GLU A 151 -13.26 -7.84 13.69
N PRO A 152 -14.38 -8.02 12.97
CA PRO A 152 -14.82 -7.10 11.93
C PRO A 152 -15.01 -5.68 12.47
N GLY A 153 -14.17 -4.77 12.02
CA GLY A 153 -14.28 -3.40 12.47
C GLY A 153 -13.02 -2.86 13.12
N GLU A 154 -12.01 -3.72 13.31
CA GLU A 154 -10.74 -3.23 13.83
C GLU A 154 -9.64 -3.33 12.78
N GLU A 155 -9.04 -2.19 12.48
CA GLU A 155 -7.92 -2.13 11.53
C GLU A 155 -6.61 -1.79 12.23
N LEU A 156 -5.85 -2.81 12.61
CA LEU A 156 -4.53 -2.56 13.18
C LEU A 156 -3.47 -3.32 12.38
N LEU A 157 -2.79 -2.62 11.48
CA LEU A 157 -1.73 -3.20 10.66
C LEU A 157 -0.65 -2.16 10.35
N VAL A 158 0.58 -2.38 10.78
CA VAL A 158 1.64 -1.42 10.51
C VAL A 158 3.01 -2.09 10.48
N HIS A 159 3.96 -1.44 9.82
CA HIS A 159 5.36 -1.74 9.98
C HIS A 159 6.04 -0.53 10.58
N VAL A 160 6.48 -0.66 11.82
CA VAL A 160 7.13 0.45 12.51
C VAL A 160 8.55 0.60 12.00
N LYS A 161 8.72 1.56 11.10
CA LYS A 161 10.01 1.81 10.48
C LYS A 161 10.90 2.62 11.41
N GLU A 162 12.04 2.05 11.74
CA GLU A 162 12.92 2.58 12.77
C GLU A 162 14.05 3.40 12.18
N GLY A 163 14.04 3.57 10.87
CA GLY A 163 15.06 4.38 10.23
C GLY A 163 14.81 4.56 8.75
N VAL A 164 13.64 5.08 8.41
CA VAL A 164 13.32 5.32 7.01
C VAL A 164 12.93 6.77 6.80
N TYR A 165 11.72 7.13 7.17
CA TYR A 165 11.29 8.52 7.13
C TYR A 165 11.31 9.12 8.54
N PRO A 166 10.58 8.55 9.53
CA PRO A 166 10.45 9.17 10.85
C PRO A 166 11.78 9.28 11.59
N LEU A 167 12.53 8.18 11.60
CA LEU A 167 13.84 8.17 12.21
C LEU A 167 14.91 8.09 11.13
N GLY A 168 14.50 8.39 9.90
CA GLY A 168 15.38 8.19 8.77
C GLY A 168 16.16 9.43 8.40
N THR A 169 16.32 9.64 7.09
CA THR A 169 17.13 10.73 6.58
C THR A 169 16.25 11.89 6.14
N VAL A 170 15.52 12.45 7.10
CA VAL A 170 14.68 13.61 6.85
C VAL A 170 15.16 14.80 7.67
N PRO A 171 14.92 16.04 7.18
CA PRO A 171 15.24 17.25 7.91
C PRO A 171 14.06 17.78 8.73
N PRO A 172 14.02 17.47 10.04
CA PRO A 172 12.92 17.87 10.91
C PRO A 172 13.11 19.25 11.52
N GLY A 173 14.11 19.97 11.02
CA GLY A 173 14.38 21.31 11.49
C GLY A 173 14.76 22.21 10.34
N LEU A 174 14.06 22.06 9.23
CA LEU A 174 14.36 22.82 8.03
C LEU A 174 13.59 24.13 8.03
N ASP A 175 14.32 25.22 7.83
CA ASP A 175 13.70 26.53 7.73
C ASP A 175 14.09 27.18 6.41
N GLU A 176 15.38 27.18 6.13
CA GLU A 176 15.90 27.67 4.87
C GLU A 176 16.09 26.50 3.90
N GLY A 1 6.97 27.53 -51.92
CA GLY A 1 5.90 27.59 -52.95
C GLY A 1 4.65 26.89 -52.47
N SER A 2 4.15 25.97 -53.29
CA SER A 2 2.95 25.22 -52.96
C SER A 2 3.25 24.15 -51.92
N GLY A 3 2.57 24.22 -50.78
CA GLY A 3 2.77 23.23 -49.75
C GLY A 3 3.47 23.80 -48.53
N PHE A 4 2.73 23.90 -47.43
CA PHE A 4 3.28 24.38 -46.18
C PHE A 4 3.18 23.29 -45.12
N PRO A 5 4.28 22.59 -44.85
CA PRO A 5 4.31 21.54 -43.82
C PRO A 5 4.39 22.13 -42.41
N THR A 6 4.60 23.44 -42.35
CA THR A 6 4.70 24.15 -41.09
C THR A 6 4.16 25.57 -41.24
N SER A 7 3.27 25.96 -40.34
CA SER A 7 2.70 27.30 -40.37
C SER A 7 2.54 27.85 -38.96
N GLU A 8 3.68 28.03 -38.28
CA GLU A 8 3.72 28.56 -36.92
C GLU A 8 2.94 27.65 -35.96
N ASP A 9 3.54 26.51 -35.65
CA ASP A 9 2.89 25.52 -34.79
C ASP A 9 2.74 26.07 -33.37
N PHE A 10 1.53 25.97 -32.84
CA PHE A 10 1.28 26.35 -31.47
C PHE A 10 1.28 25.11 -30.58
N THR A 11 2.13 25.10 -29.57
CA THR A 11 2.21 23.98 -28.67
C THR A 11 1.33 24.20 -27.43
N PRO A 12 0.27 23.39 -27.29
CA PRO A 12 -0.66 23.51 -26.17
C PRO A 12 -0.02 23.15 -24.83
N LYS A 13 -0.30 23.98 -23.83
CA LYS A 13 0.30 23.82 -22.51
C LYS A 13 -0.42 22.72 -21.72
N GLU A 14 0.25 22.22 -20.70
CA GLU A 14 -0.33 21.22 -19.82
C GLU A 14 -0.29 21.72 -18.38
N GLY A 15 -0.66 22.98 -18.19
CA GLY A 15 -0.59 23.58 -16.88
C GLY A 15 -1.92 24.13 -16.41
N SER A 16 -2.86 23.22 -16.16
CA SER A 16 -4.15 23.61 -15.63
C SER A 16 -4.38 22.90 -14.30
N PRO A 17 -4.54 23.66 -13.21
CA PRO A 17 -4.82 23.11 -11.88
C PRO A 17 -6.16 22.36 -11.84
N TYR A 18 -6.09 21.05 -11.70
CA TYR A 18 -7.29 20.23 -11.61
C TYR A 18 -7.35 19.57 -10.23
N GLU A 19 -8.19 20.11 -9.37
CA GLU A 19 -8.37 19.58 -8.03
C GLU A 19 -9.07 18.23 -8.09
N ALA A 20 -8.71 17.33 -7.18
CA ALA A 20 -9.29 16.00 -7.14
C ALA A 20 -10.76 16.05 -6.74
N PRO A 21 -11.66 15.65 -7.63
CA PRO A 21 -13.10 15.70 -7.40
C PRO A 21 -13.61 14.46 -6.65
N VAL A 22 -14.90 14.18 -6.80
CA VAL A 22 -15.51 13.03 -6.16
C VAL A 22 -14.90 11.72 -6.66
N TYR A 23 -14.67 11.64 -7.97
CA TYR A 23 -14.05 10.47 -8.54
C TYR A 23 -12.56 10.71 -8.74
N ILE A 24 -11.75 10.08 -7.92
CA ILE A 24 -10.31 10.12 -8.09
C ILE A 24 -9.88 9.02 -9.06
N PRO A 25 -8.93 9.32 -9.96
CA PRO A 25 -8.53 8.41 -11.03
C PRO A 25 -7.62 7.26 -10.57
N GLU A 26 -7.68 6.96 -9.27
CA GLU A 26 -6.92 5.86 -8.74
C GLU A 26 -7.81 4.63 -8.58
N ASP A 27 -8.74 4.73 -7.64
CA ASP A 27 -9.67 3.64 -7.32
C ASP A 27 -8.92 2.40 -6.89
N ILE A 28 -8.67 2.31 -5.59
CA ILE A 28 -7.91 1.19 -5.05
C ILE A 28 -8.80 -0.03 -4.89
N PRO A 29 -8.43 -1.15 -5.52
CA PRO A 29 -9.15 -2.41 -5.37
C PRO A 29 -8.79 -3.11 -4.06
N ILE A 30 -9.77 -3.24 -3.18
CA ILE A 30 -9.56 -3.87 -1.90
C ILE A 30 -10.33 -5.18 -1.81
N PRO A 31 -9.89 -6.12 -0.96
CA PRO A 31 -10.57 -7.40 -0.76
C PRO A 31 -11.96 -7.21 -0.18
N ALA A 32 -12.83 -8.18 -0.44
CA ALA A 32 -14.25 -8.10 -0.09
C ALA A 32 -14.46 -8.06 1.43
N ASP A 33 -13.41 -8.32 2.20
CA ASP A 33 -13.55 -8.31 3.65
C ASP A 33 -12.95 -7.06 4.26
N PHE A 34 -12.56 -6.11 3.42
CA PHE A 34 -12.00 -4.87 3.92
C PHE A 34 -12.66 -3.71 3.20
N GLU A 35 -13.01 -2.67 3.96
CA GLU A 35 -13.65 -1.53 3.36
C GLU A 35 -12.92 -0.25 3.73
N LEU A 36 -12.49 0.48 2.72
CA LEU A 36 -11.83 1.75 2.93
C LEU A 36 -12.87 2.83 3.01
N ARG A 37 -12.82 3.58 4.09
CA ARG A 37 -13.82 4.57 4.39
C ARG A 37 -13.32 5.49 5.48
N GLU A 38 -13.47 6.78 5.29
CA GLU A 38 -13.01 7.77 6.24
C GLU A 38 -13.77 7.63 7.55
N SER A 39 -13.06 7.20 8.58
CA SER A 39 -13.63 7.02 9.90
C SER A 39 -12.54 7.31 10.94
N SER A 40 -12.49 8.54 11.40
CA SER A 40 -11.44 8.99 12.29
C SER A 40 -11.62 8.39 13.67
N ILE A 41 -10.80 7.40 13.99
CA ILE A 41 -10.77 6.80 15.31
C ILE A 41 -9.53 7.28 16.06
N PRO A 42 -9.73 8.03 17.15
CA PRO A 42 -8.64 8.60 17.96
C PRO A 42 -7.64 7.53 18.41
N GLY A 43 -6.39 7.72 18.02
CA GLY A 43 -5.36 6.79 18.41
C GLY A 43 -4.88 5.93 17.26
N ALA A 44 -5.61 5.96 16.15
CA ALA A 44 -5.25 5.16 15.00
C ALA A 44 -5.30 5.99 13.72
N GLY A 45 -6.51 6.33 13.28
CA GLY A 45 -6.66 7.08 12.05
C GLY A 45 -7.59 6.40 11.06
N LEU A 46 -7.35 6.61 9.77
CA LEU A 46 -8.20 6.05 8.72
C LEU A 46 -7.54 4.86 8.03
N GLY A 47 -8.22 3.73 8.06
CA GLY A 47 -7.71 2.54 7.39
C GLY A 47 -8.78 1.79 6.65
N VAL A 48 -8.58 0.49 6.47
CA VAL A 48 -9.58 -0.36 5.83
C VAL A 48 -10.17 -1.33 6.84
N TRP A 49 -11.43 -1.14 7.15
CA TRP A 49 -12.07 -1.87 8.21
C TRP A 49 -12.52 -3.25 7.73
N ALA A 50 -11.95 -4.28 8.36
CA ALA A 50 -12.31 -5.65 8.05
C ALA A 50 -13.75 -5.93 8.44
N LYS A 51 -14.59 -6.27 7.46
CA LYS A 51 -16.00 -6.53 7.73
C LYS A 51 -16.19 -8.00 8.07
N ARG A 52 -15.11 -8.75 7.99
CA ARG A 52 -15.10 -10.15 8.37
C ARG A 52 -13.99 -10.37 9.39
N LYS A 53 -14.11 -11.42 10.19
CA LYS A 53 -13.07 -11.72 11.15
C LYS A 53 -11.97 -12.53 10.49
N MET A 54 -10.80 -12.52 11.10
CA MET A 54 -9.68 -13.30 10.62
C MET A 54 -9.11 -14.13 11.74
N GLU A 55 -8.49 -15.24 11.36
CA GLU A 55 -7.95 -16.19 12.32
C GLU A 55 -6.45 -16.34 12.11
N ALA A 56 -5.72 -16.40 13.22
CA ALA A 56 -4.25 -16.33 13.25
C ALA A 56 -3.59 -17.08 12.10
N GLY A 57 -2.79 -16.36 11.33
CA GLY A 57 -2.10 -16.94 10.19
C GLY A 57 -2.54 -16.30 8.89
N GLU A 58 -3.34 -15.25 9.02
CA GLU A 58 -3.92 -14.55 7.89
C GLU A 58 -2.95 -13.48 7.35
N ARG A 59 -3.27 -12.95 6.18
CA ARG A 59 -2.45 -11.92 5.57
C ARG A 59 -3.32 -10.90 4.85
N LEU A 60 -2.73 -9.76 4.55
CA LEU A 60 -3.38 -8.77 3.69
C LEU A 60 -2.52 -8.57 2.45
N GLY A 61 -3.16 -8.45 1.29
CA GLY A 61 -2.45 -8.14 0.08
C GLY A 61 -1.91 -9.37 -0.63
N PRO A 62 -0.57 -9.52 -0.74
CA PRO A 62 0.40 -8.62 -0.11
C PRO A 62 0.48 -7.25 -0.81
N CYS A 63 1.15 -6.30 -0.16
CA CYS A 63 1.25 -4.95 -0.70
C CYS A 63 2.07 -4.95 -1.98
N VAL A 64 3.09 -5.79 -2.03
CA VAL A 64 3.89 -5.94 -3.22
C VAL A 64 3.82 -7.39 -3.67
N VAL A 65 3.38 -7.59 -4.91
CA VAL A 65 3.27 -8.94 -5.47
C VAL A 65 4.47 -9.24 -6.36
N VAL A 66 4.33 -10.26 -7.20
CA VAL A 66 5.38 -10.61 -8.15
C VAL A 66 5.69 -9.41 -9.06
N PRO A 67 6.98 -9.21 -9.38
CA PRO A 67 7.45 -8.09 -10.20
C PRO A 67 6.72 -7.99 -11.54
N ARG A 68 5.76 -7.08 -11.62
CA ARG A 68 5.03 -6.82 -12.85
C ARG A 68 5.67 -5.65 -13.59
N ALA A 69 6.17 -4.71 -12.80
CA ALA A 69 6.83 -3.52 -13.33
C ALA A 69 7.72 -2.90 -12.25
N ALA A 70 8.67 -2.09 -12.68
CA ALA A 70 9.60 -1.44 -11.75
C ALA A 70 8.93 -0.25 -11.06
N ALA A 71 8.15 -0.55 -10.03
CA ALA A 71 7.48 0.48 -9.24
C ALA A 71 7.34 0.04 -7.80
N LYS A 72 7.74 0.91 -6.89
CA LYS A 72 7.68 0.60 -5.47
C LYS A 72 6.38 1.14 -4.86
N GLU A 73 5.97 0.52 -3.76
CA GLU A 73 4.77 0.96 -3.05
C GLU A 73 5.11 2.10 -2.09
N THR A 74 5.81 1.78 -1.01
CA THR A 74 6.25 2.80 -0.07
C THR A 74 7.72 2.59 0.32
N ASP A 75 7.94 1.90 1.43
CA ASP A 75 9.28 1.69 1.97
C ASP A 75 9.18 0.69 3.12
N PHE A 76 9.96 0.93 4.18
CA PHE A 76 9.88 0.19 5.45
C PHE A 76 10.51 -1.19 5.36
N GLY A 77 10.22 -1.88 4.27
CA GLY A 77 10.71 -3.23 4.09
C GLY A 77 12.18 -3.29 3.78
N TRP A 78 12.68 -2.31 3.04
CA TRP A 78 14.09 -2.28 2.68
C TRP A 78 14.61 -0.85 2.51
N GLU A 79 14.76 -0.42 1.27
CA GLU A 79 15.27 0.90 0.96
C GLU A 79 14.94 1.26 -0.48
N GLN A 80 15.03 0.26 -1.36
CA GLN A 80 14.89 0.48 -2.80
C GLN A 80 15.07 -0.85 -3.54
N ILE A 81 14.30 -1.07 -4.59
CA ILE A 81 14.48 -2.25 -5.43
C ILE A 81 14.82 -1.82 -6.85
N LEU A 82 14.61 -0.55 -7.15
CA LEU A 82 14.93 -0.01 -8.46
C LEU A 82 16.39 0.36 -8.53
N THR A 83 17.23 -0.66 -8.66
CA THR A 83 18.66 -0.48 -8.79
C THR A 83 19.15 -1.25 -10.01
N ASP A 84 18.61 -0.89 -11.16
CA ASP A 84 18.90 -1.59 -12.42
C ASP A 84 18.33 -2.99 -12.36
N VAL A 85 17.01 -3.07 -12.42
CA VAL A 85 16.30 -4.33 -12.35
C VAL A 85 16.50 -5.11 -13.64
N GLU A 86 17.24 -6.21 -13.54
CA GLU A 86 17.43 -7.10 -14.66
C GLU A 86 16.11 -7.81 -14.99
N VAL A 87 15.83 -8.01 -16.28
CA VAL A 87 14.56 -8.59 -16.72
C VAL A 87 14.16 -9.77 -15.86
N SER A 88 15.08 -10.73 -15.72
CA SER A 88 14.85 -11.92 -14.90
C SER A 88 13.58 -12.65 -15.34
N PRO A 89 13.69 -13.49 -16.38
CA PRO A 89 12.55 -14.21 -16.96
C PRO A 89 11.67 -14.86 -15.89
N GLN A 90 10.40 -14.48 -15.89
CA GLN A 90 9.44 -14.98 -14.92
C GLN A 90 9.31 -16.49 -15.05
N GLU A 91 9.56 -17.17 -13.95
CA GLU A 91 9.52 -18.61 -13.93
C GLU A 91 8.20 -19.08 -13.33
N GLY A 92 7.65 -20.14 -13.89
CA GLY A 92 6.38 -20.65 -13.41
C GLY A 92 5.21 -20.01 -14.11
N CYS A 93 5.09 -18.69 -13.99
CA CYS A 93 4.00 -17.95 -14.61
C CYS A 93 4.28 -17.68 -16.09
N ILE A 94 4.32 -18.75 -16.87
CA ILE A 94 4.53 -18.64 -18.31
C ILE A 94 3.21 -18.48 -19.03
N THR A 95 2.32 -19.45 -18.82
CA THR A 95 1.00 -19.41 -19.38
C THR A 95 0.11 -18.47 -18.58
N LYS A 96 0.05 -17.21 -19.01
CA LYS A 96 -0.76 -16.22 -18.34
C LYS A 96 -1.87 -15.73 -19.28
N ILE A 97 -1.49 -15.51 -20.54
CA ILE A 97 -2.45 -15.17 -21.60
C ILE A 97 -3.22 -13.88 -21.26
N SER A 98 -4.12 -13.49 -22.14
CA SER A 98 -4.98 -12.35 -21.90
C SER A 98 -6.31 -12.82 -21.34
N GLU A 99 -6.28 -13.33 -20.12
CA GLU A 99 -7.47 -13.84 -19.46
C GLU A 99 -8.54 -12.77 -19.32
N ASP A 100 -9.59 -12.89 -20.11
CA ASP A 100 -10.72 -12.00 -19.97
C ASP A 100 -11.60 -12.48 -18.83
N LEU A 101 -11.99 -11.55 -17.97
CA LEU A 101 -12.78 -11.90 -16.80
C LEU A 101 -14.19 -11.35 -16.91
N GLY A 102 -14.62 -11.13 -18.15
CA GLY A 102 -15.94 -10.59 -18.38
C GLY A 102 -15.88 -9.10 -18.64
N SER A 103 -15.42 -8.73 -19.82
CA SER A 103 -15.28 -7.32 -20.21
C SER A 103 -16.66 -6.73 -20.56
N GLU A 104 -17.67 -7.16 -19.83
CA GLU A 104 -19.02 -6.64 -19.98
C GLU A 104 -19.08 -5.26 -19.35
N LYS A 105 -18.81 -5.23 -18.05
CA LYS A 105 -18.77 -3.99 -17.30
C LYS A 105 -17.54 -3.96 -16.41
N PHE A 106 -16.56 -4.79 -16.75
CA PHE A 106 -15.33 -4.89 -15.99
C PHE A 106 -14.11 -4.74 -16.88
N CYS A 107 -13.71 -3.50 -17.08
CA CYS A 107 -12.53 -3.17 -17.86
C CYS A 107 -11.55 -2.41 -16.96
N VAL A 108 -11.50 -2.82 -15.71
CA VAL A 108 -10.68 -2.17 -14.71
C VAL A 108 -9.87 -3.20 -13.93
N ASP A 109 -8.60 -2.90 -13.70
CA ASP A 109 -7.71 -3.79 -12.96
C ASP A 109 -8.00 -3.74 -11.47
N ALA A 110 -8.74 -4.72 -11.00
CA ALA A 110 -9.16 -4.77 -9.61
C ALA A 110 -8.78 -6.10 -8.97
N ASN A 111 -9.14 -7.19 -9.63
CA ASN A 111 -8.93 -8.53 -9.07
C ASN A 111 -7.71 -9.19 -9.71
N GLN A 112 -6.89 -8.41 -10.40
CA GLN A 112 -5.67 -8.93 -11.00
C GLN A 112 -4.45 -8.41 -10.26
N ALA A 113 -4.02 -7.20 -10.58
CA ALA A 113 -2.87 -6.60 -9.94
C ALA A 113 -3.28 -5.85 -8.68
N GLY A 114 -3.63 -6.61 -7.64
CA GLY A 114 -4.04 -6.01 -6.38
C GLY A 114 -2.86 -5.47 -5.60
N ALA A 115 -2.48 -4.24 -5.90
CA ALA A 115 -1.38 -3.58 -5.21
C ALA A 115 -1.83 -3.13 -3.82
N GLY A 116 -0.86 -2.89 -2.94
CA GLY A 116 -1.16 -2.54 -1.57
C GLY A 116 -1.38 -1.06 -1.39
N SER A 117 -2.02 -0.43 -2.36
CA SER A 117 -2.32 0.99 -2.29
C SER A 117 -3.24 1.27 -1.10
N TRP A 118 -4.02 0.26 -0.74
CA TRP A 118 -4.94 0.35 0.38
C TRP A 118 -4.24 0.03 1.70
N LEU A 119 -3.09 -0.63 1.61
CA LEU A 119 -2.40 -1.11 2.78
C LEU A 119 -1.56 -0.02 3.43
N LYS A 120 -1.32 1.06 2.71
CA LYS A 120 -0.62 2.20 3.28
C LYS A 120 -1.55 2.96 4.23
N TYR A 121 -2.81 2.58 4.23
CA TYR A 121 -3.80 3.25 5.05
C TYR A 121 -3.85 2.66 6.46
N ILE A 122 -3.55 1.37 6.59
CA ILE A 122 -3.70 0.67 7.87
C ILE A 122 -3.01 1.43 9.00
N ARG A 123 -3.68 1.49 10.15
CA ARG A 123 -3.19 2.28 11.26
C ARG A 123 -2.33 1.46 12.21
N VAL A 124 -1.70 2.16 13.15
CA VAL A 124 -0.95 1.52 14.22
C VAL A 124 -1.89 1.27 15.40
N ALA A 125 -1.51 0.37 16.31
CA ALA A 125 -2.34 0.01 17.47
C ALA A 125 -2.88 1.25 18.18
N CYS A 126 -4.20 1.30 18.34
CA CYS A 126 -4.84 2.44 18.99
C CYS A 126 -4.65 2.36 20.50
N SER A 127 -4.23 1.21 20.99
CA SER A 127 -3.99 1.00 22.41
C SER A 127 -2.85 0.00 22.61
N CYS A 128 -2.31 -0.04 23.82
CA CYS A 128 -1.19 -0.94 24.12
C CYS A 128 -1.67 -2.39 24.23
N ASP A 129 -2.95 -2.56 24.53
CA ASP A 129 -3.56 -3.89 24.56
C ASP A 129 -4.09 -4.26 23.18
N ASP A 130 -3.82 -3.39 22.22
CA ASP A 130 -4.37 -3.53 20.88
C ASP A 130 -3.26 -3.92 19.89
N GLN A 131 -2.13 -4.35 20.42
CA GLN A 131 -0.99 -4.73 19.59
C GLN A 131 -1.31 -5.99 18.79
N ASN A 132 -1.38 -5.85 17.48
CA ASN A 132 -1.65 -6.96 16.60
C ASN A 132 -1.13 -6.63 15.20
N LEU A 133 -0.01 -5.93 15.14
CA LEU A 133 0.51 -5.45 13.87
C LEU A 133 1.93 -5.96 13.62
N THR A 134 2.11 -6.61 12.48
CA THR A 134 3.44 -7.04 12.06
C THR A 134 3.54 -7.07 10.55
N MET A 135 4.48 -6.32 10.02
CA MET A 135 4.78 -6.38 8.59
C MET A 135 5.98 -7.29 8.37
N CYS A 136 5.86 -8.19 7.42
CA CYS A 136 6.94 -9.12 7.14
C CYS A 136 7.52 -8.81 5.76
N GLN A 137 8.83 -8.74 5.69
CA GLN A 137 9.49 -8.42 4.44
C GLN A 137 10.18 -9.65 3.89
N ILE A 138 9.58 -10.23 2.86
CA ILE A 138 10.06 -11.47 2.26
C ILE A 138 10.11 -11.33 0.75
N SER A 139 11.13 -11.93 0.13
CA SER A 139 11.27 -11.93 -1.32
C SER A 139 11.22 -10.52 -1.90
N GLU A 140 11.79 -9.56 -1.16
CA GLU A 140 11.87 -8.16 -1.59
C GLU A 140 10.49 -7.51 -1.69
N GLN A 141 9.45 -8.20 -1.24
CA GLN A 141 8.10 -7.68 -1.31
C GLN A 141 7.54 -7.43 0.08
N ILE A 142 6.58 -6.53 0.17
CA ILE A 142 5.98 -6.15 1.44
C ILE A 142 4.80 -7.09 1.76
N TYR A 143 4.97 -7.89 2.79
CA TYR A 143 3.97 -8.88 3.17
C TYR A 143 3.31 -8.49 4.49
N TYR A 144 1.99 -8.61 4.55
CA TYR A 144 1.26 -8.28 5.77
C TYR A 144 0.87 -9.54 6.50
N LYS A 145 1.42 -9.73 7.69
CA LYS A 145 1.11 -10.91 8.47
C LYS A 145 0.42 -10.51 9.77
N VAL A 146 -0.80 -10.98 9.93
CA VAL A 146 -1.57 -10.67 11.11
C VAL A 146 -1.32 -11.71 12.19
N ILE A 147 -1.47 -11.28 13.41
CA ILE A 147 -1.02 -12.03 14.58
C ILE A 147 -2.09 -12.97 15.08
N LYS A 148 -3.23 -12.41 15.42
CA LYS A 148 -4.33 -13.18 15.98
C LYS A 148 -5.67 -12.69 15.45
N ASP A 149 -6.74 -13.32 15.93
CA ASP A 149 -8.10 -13.06 15.48
C ASP A 149 -8.44 -11.57 15.46
N ILE A 150 -8.91 -11.11 14.30
CA ILE A 150 -9.32 -9.73 14.13
C ILE A 150 -10.83 -9.60 14.31
N GLU A 151 -11.24 -8.54 15.00
CA GLU A 151 -12.65 -8.23 15.16
C GLU A 151 -13.12 -7.38 13.97
N PRO A 152 -14.26 -7.73 13.37
CA PRO A 152 -14.83 -6.94 12.27
C PRO A 152 -15.01 -5.48 12.67
N GLY A 153 -14.26 -4.60 12.04
CA GLY A 153 -14.35 -3.19 12.34
C GLY A 153 -13.04 -2.59 12.80
N GLU A 154 -12.06 -3.42 13.13
CA GLU A 154 -10.76 -2.91 13.57
C GLU A 154 -9.60 -3.49 12.75
N GLU A 155 -8.83 -2.61 12.14
CA GLU A 155 -7.64 -3.01 11.40
C GLU A 155 -6.36 -2.54 12.09
N LEU A 156 -5.54 -3.48 12.55
CA LEU A 156 -4.23 -3.12 13.06
C LEU A 156 -3.15 -3.89 12.30
N LEU A 157 -2.51 -3.24 11.33
CA LEU A 157 -1.42 -3.84 10.56
C LEU A 157 -0.39 -2.78 10.17
N VAL A 158 0.80 -2.86 10.72
CA VAL A 158 1.84 -1.87 10.44
C VAL A 158 3.21 -2.48 10.67
N HIS A 159 4.24 -1.87 10.09
CA HIS A 159 5.59 -2.24 10.43
C HIS A 159 6.02 -1.35 11.57
N VAL A 160 6.13 -1.92 12.74
CA VAL A 160 6.57 -1.18 13.91
C VAL A 160 8.06 -0.92 13.83
N LYS A 161 8.43 0.34 13.94
CA LYS A 161 9.83 0.71 13.81
C LYS A 161 10.59 0.41 15.09
N GLU A 162 11.67 -0.33 14.95
CA GLU A 162 12.49 -0.75 16.08
C GLU A 162 13.87 -0.13 16.00
N GLY A 163 14.00 0.87 15.14
CA GLY A 163 15.27 1.54 14.94
C GLY A 163 16.28 0.67 14.22
N VAL A 164 15.77 -0.25 13.42
CA VAL A 164 16.63 -1.19 12.70
C VAL A 164 16.83 -0.73 11.25
N TYR A 165 15.77 -0.85 10.47
CA TYR A 165 15.82 -0.47 9.05
C TYR A 165 16.16 1.00 8.85
N PRO A 166 15.41 1.95 9.48
CA PRO A 166 15.64 3.40 9.31
C PRO A 166 17.08 3.81 9.61
N LEU A 167 17.64 3.26 10.67
CA LEU A 167 19.00 3.61 11.08
C LEU A 167 20.05 2.79 10.35
N GLY A 168 19.60 1.77 9.64
CA GLY A 168 20.49 0.93 8.88
C GLY A 168 21.41 0.10 9.75
N THR A 169 20.86 -0.47 10.82
CA THR A 169 21.65 -1.24 11.77
C THR A 169 21.86 -2.67 11.27
N VAL A 170 21.32 -2.97 10.10
CA VAL A 170 21.48 -4.27 9.49
C VAL A 170 22.83 -4.36 8.77
N PRO A 171 23.52 -5.51 8.87
CA PRO A 171 24.79 -5.73 8.18
C PRO A 171 24.60 -5.82 6.67
N PRO A 172 25.16 -4.87 5.91
CA PRO A 172 25.05 -4.86 4.45
C PRO A 172 25.83 -6.01 3.82
N GLY A 173 25.15 -7.10 3.53
CA GLY A 173 25.80 -8.26 2.96
C GLY A 173 26.40 -9.14 4.04
N LEU A 174 27.71 -9.30 4.00
CA LEU A 174 28.41 -10.09 5.00
C LEU A 174 29.89 -9.74 5.03
N ASP A 175 30.37 -9.32 6.19
CA ASP A 175 31.78 -8.99 6.37
C ASP A 175 32.34 -9.73 7.57
N GLU A 176 31.47 -10.42 8.30
CA GLU A 176 31.88 -11.18 9.46
C GLU A 176 32.30 -12.58 9.05
N GLY A 1 0.37 38.55 17.17
CA GLY A 1 -0.34 38.75 15.87
C GLY A 1 0.09 40.05 15.20
N SER A 2 0.55 39.93 13.97
CA SER A 2 0.96 41.09 13.20
C SER A 2 0.50 40.93 11.76
N GLY A 3 -0.21 41.93 11.25
CA GLY A 3 -0.75 41.85 9.91
C GLY A 3 -2.15 41.27 9.92
N PHE A 4 -2.30 40.14 10.64
CA PHE A 4 -3.58 39.46 10.79
C PHE A 4 -4.14 39.03 9.44
N PRO A 5 -3.73 37.84 8.97
CA PRO A 5 -4.14 37.30 7.66
C PRO A 5 -5.66 37.23 7.52
N THR A 6 -6.22 38.24 6.88
CA THR A 6 -7.66 38.30 6.67
C THR A 6 -7.98 38.18 5.18
N SER A 7 -9.00 37.38 4.86
CA SER A 7 -9.38 37.12 3.48
C SER A 7 -8.26 36.38 2.76
N GLU A 8 -7.96 35.18 3.25
CA GLU A 8 -6.90 34.35 2.67
C GLU A 8 -7.46 33.45 1.58
N ASP A 9 -8.60 33.81 1.04
CA ASP A 9 -9.26 33.02 0.02
C ASP A 9 -8.97 33.59 -1.36
N PHE A 10 -7.99 33.01 -2.04
CA PHE A 10 -7.61 33.46 -3.36
C PHE A 10 -8.14 32.50 -4.42
N THR A 11 -8.64 33.05 -5.50
CA THR A 11 -9.22 32.26 -6.57
C THR A 11 -8.19 32.02 -7.67
N PRO A 12 -7.79 30.76 -7.90
CA PRO A 12 -6.88 30.42 -8.99
C PRO A 12 -7.55 30.56 -10.35
N LYS A 13 -7.38 31.74 -10.93
CA LYS A 13 -7.98 32.05 -12.21
C LYS A 13 -7.12 31.51 -13.35
N GLU A 14 -5.81 31.59 -13.16
CA GLU A 14 -4.87 31.09 -14.14
C GLU A 14 -4.53 29.63 -13.86
N GLY A 15 -3.93 28.98 -14.85
CA GLY A 15 -3.60 27.58 -14.71
C GLY A 15 -4.84 26.71 -14.83
N SER A 16 -5.06 25.87 -13.82
CA SER A 16 -6.20 24.98 -13.80
C SER A 16 -6.61 24.65 -12.37
N PRO A 17 -7.61 25.36 -11.83
CA PRO A 17 -8.13 25.10 -10.48
C PRO A 17 -8.77 23.72 -10.38
N TYR A 18 -8.00 22.77 -9.88
CA TYR A 18 -8.43 21.38 -9.84
C TYR A 18 -9.22 21.09 -8.58
N GLU A 19 -10.38 20.46 -8.76
CA GLU A 19 -11.22 20.08 -7.66
C GLU A 19 -11.65 18.63 -7.82
N ALA A 20 -11.82 17.93 -6.71
CA ALA A 20 -12.23 16.53 -6.73
C ALA A 20 -13.74 16.42 -6.96
N PRO A 21 -14.15 15.90 -8.12
CA PRO A 21 -15.55 15.76 -8.46
C PRO A 21 -16.19 14.53 -7.78
N VAL A 22 -17.28 14.04 -8.36
CA VAL A 22 -17.97 12.88 -7.80
C VAL A 22 -17.04 11.66 -7.78
N TYR A 23 -16.14 11.59 -8.74
CA TYR A 23 -15.16 10.51 -8.79
C TYR A 23 -13.76 11.07 -8.53
N ILE A 24 -13.12 10.57 -7.49
CA ILE A 24 -11.75 10.94 -7.20
C ILE A 24 -10.79 10.22 -8.15
N PRO A 25 -9.64 10.84 -8.47
CA PRO A 25 -8.78 10.37 -9.57
C PRO A 25 -7.94 9.14 -9.23
N GLU A 26 -8.25 8.48 -8.13
CA GLU A 26 -7.51 7.30 -7.72
C GLU A 26 -8.45 6.10 -7.55
N ASP A 27 -9.05 6.03 -6.37
CA ASP A 27 -9.94 4.93 -5.99
C ASP A 27 -9.16 3.62 -5.91
N ILE A 28 -8.47 3.44 -4.80
CA ILE A 28 -7.65 2.26 -4.59
C ILE A 28 -8.52 1.04 -4.33
N PRO A 29 -8.35 -0.02 -5.13
CA PRO A 29 -9.12 -1.27 -4.96
C PRO A 29 -8.68 -2.04 -3.72
N ILE A 30 -9.63 -2.33 -2.85
CA ILE A 30 -9.34 -3.04 -1.63
C ILE A 30 -10.09 -4.37 -1.58
N PRO A 31 -9.45 -5.40 -1.00
CA PRO A 31 -10.07 -6.73 -0.81
C PRO A 31 -11.38 -6.65 -0.05
N ALA A 32 -12.30 -7.56 -0.39
CA ALA A 32 -13.65 -7.55 0.18
C ALA A 32 -13.64 -7.86 1.68
N ASP A 33 -12.50 -8.32 2.18
CA ASP A 33 -12.35 -8.58 3.60
C ASP A 33 -12.22 -7.26 4.37
N PHE A 34 -11.77 -6.22 3.66
CA PHE A 34 -11.54 -4.91 4.26
C PHE A 34 -12.34 -3.85 3.53
N GLU A 35 -12.26 -2.63 4.00
CA GLU A 35 -12.95 -1.53 3.33
C GLU A 35 -12.28 -0.21 3.66
N LEU A 36 -11.88 0.52 2.63
CA LEU A 36 -11.27 1.82 2.83
C LEU A 36 -12.35 2.87 2.97
N ARG A 37 -12.28 3.60 4.07
CA ARG A 37 -13.29 4.56 4.42
C ARG A 37 -12.66 5.72 5.16
N GLU A 38 -13.09 6.93 4.85
CA GLU A 38 -12.55 8.09 5.51
C GLU A 38 -13.24 8.29 6.85
N SER A 39 -12.50 8.08 7.92
CA SER A 39 -13.00 8.27 9.28
C SER A 39 -11.84 8.68 10.18
N SER A 40 -11.82 9.94 10.56
CA SER A 40 -10.69 10.48 11.32
C SER A 40 -10.75 10.04 12.77
N ILE A 41 -9.92 9.07 13.13
CA ILE A 41 -9.78 8.64 14.51
C ILE A 41 -8.44 9.13 15.06
N PRO A 42 -8.49 10.03 16.06
CA PRO A 42 -7.29 10.63 16.65
C PRO A 42 -6.36 9.60 17.27
N GLY A 43 -5.12 9.58 16.79
CA GLY A 43 -4.14 8.67 17.35
C GLY A 43 -3.80 7.53 16.40
N ALA A 44 -4.56 7.39 15.32
CA ALA A 44 -4.31 6.34 14.35
C ALA A 44 -4.29 6.89 12.92
N GLY A 45 -5.47 7.26 12.43
CA GLY A 45 -5.57 7.75 11.08
C GLY A 45 -6.68 7.08 10.30
N LEU A 46 -6.62 7.16 8.98
CA LEU A 46 -7.62 6.53 8.13
C LEU A 46 -7.13 5.16 7.69
N GLY A 47 -7.85 4.12 8.10
CA GLY A 47 -7.43 2.76 7.78
C GLY A 47 -8.44 2.02 6.94
N VAL A 48 -8.14 0.76 6.62
CA VAL A 48 -9.08 -0.09 5.92
C VAL A 48 -9.74 -1.04 6.91
N TRP A 49 -11.03 -0.85 7.11
CA TRP A 49 -11.76 -1.50 8.18
C TRP A 49 -12.16 -2.92 7.78
N ALA A 50 -11.56 -3.90 8.43
CA ALA A 50 -11.92 -5.30 8.20
C ALA A 50 -13.34 -5.55 8.68
N LYS A 51 -14.23 -5.86 7.76
CA LYS A 51 -15.62 -6.12 8.12
C LYS A 51 -15.84 -7.60 8.30
N ARG A 52 -14.76 -8.35 8.13
CA ARG A 52 -14.79 -9.79 8.30
C ARG A 52 -13.72 -10.18 9.31
N LYS A 53 -13.94 -11.32 9.96
CA LYS A 53 -13.00 -11.81 10.96
C LYS A 53 -11.92 -12.64 10.27
N MET A 54 -10.76 -12.71 10.90
CA MET A 54 -9.64 -13.43 10.31
C MET A 54 -9.02 -14.38 11.31
N GLU A 55 -8.50 -15.49 10.81
CA GLU A 55 -7.86 -16.49 11.65
C GLU A 55 -6.36 -16.48 11.39
N ALA A 56 -5.58 -16.68 12.45
CA ALA A 56 -4.13 -16.60 12.40
C ALA A 56 -3.54 -17.36 11.21
N GLY A 57 -2.67 -16.69 10.48
CA GLY A 57 -2.06 -17.26 9.30
C GLY A 57 -2.45 -16.49 8.05
N GLU A 58 -3.11 -15.37 8.26
CA GLU A 58 -3.63 -14.54 7.19
C GLU A 58 -2.52 -13.68 6.56
N ARG A 59 -2.79 -13.17 5.37
CA ARG A 59 -1.85 -12.33 4.66
C ARG A 59 -2.57 -11.27 3.83
N LEU A 60 -2.17 -10.01 4.00
CA LEU A 60 -2.71 -8.93 3.18
C LEU A 60 -1.65 -8.52 2.16
N GLY A 61 -2.09 -8.08 0.98
CA GLY A 61 -1.15 -7.64 -0.02
C GLY A 61 -1.41 -8.28 -1.37
N PRO A 62 -0.38 -8.46 -2.21
CA PRO A 62 1.00 -8.07 -1.90
C PRO A 62 1.27 -6.59 -2.15
N CYS A 63 2.07 -5.98 -1.27
CA CYS A 63 2.43 -4.59 -1.42
C CYS A 63 3.41 -4.43 -2.58
N VAL A 64 4.16 -5.48 -2.83
CA VAL A 64 5.07 -5.53 -3.96
C VAL A 64 4.70 -6.71 -4.85
N VAL A 65 4.30 -6.41 -6.07
CA VAL A 65 3.88 -7.45 -7.00
C VAL A 65 5.05 -7.95 -7.84
N VAL A 66 4.75 -8.74 -8.87
CA VAL A 66 5.79 -9.39 -9.66
C VAL A 66 6.74 -8.41 -10.42
N PRO A 67 6.26 -7.27 -10.99
CA PRO A 67 7.14 -6.32 -11.68
C PRO A 67 8.33 -5.89 -10.81
N ARG A 68 9.50 -5.77 -11.45
CA ARG A 68 10.75 -5.48 -10.76
C ARG A 68 10.75 -4.07 -10.19
N ALA A 69 10.02 -3.18 -10.83
CA ALA A 69 9.86 -1.82 -10.35
C ALA A 69 9.04 -1.80 -9.06
N ALA A 70 9.68 -2.20 -7.98
CA ALA A 70 9.04 -2.30 -6.68
C ALA A 70 8.56 -0.93 -6.21
N ALA A 71 9.48 -0.13 -5.68
CA ALA A 71 9.17 1.20 -5.14
C ALA A 71 8.26 1.11 -3.92
N LYS A 72 8.57 1.92 -2.93
CA LYS A 72 7.78 1.95 -1.70
C LYS A 72 6.39 2.50 -1.99
N GLU A 73 5.39 1.88 -1.37
CA GLU A 73 4.02 2.38 -1.45
C GLU A 73 3.91 3.68 -0.69
N THR A 74 4.42 3.67 0.53
CA THR A 74 4.53 4.86 1.36
C THR A 74 5.51 4.57 2.49
N ASP A 75 5.21 3.55 3.27
CA ASP A 75 6.04 3.14 4.38
C ASP A 75 7.09 2.14 3.94
N PHE A 76 7.94 1.75 4.89
CA PHE A 76 8.99 0.78 4.64
C PHE A 76 8.97 -0.27 5.75
N GLY A 77 9.51 -1.45 5.46
CA GLY A 77 9.48 -2.51 6.45
C GLY A 77 10.70 -3.42 6.39
N TRP A 78 11.81 -2.90 5.88
CA TRP A 78 13.04 -3.67 5.85
C TRP A 78 14.29 -2.79 5.82
N GLU A 79 14.99 -2.80 4.70
CA GLU A 79 16.29 -2.13 4.62
C GLU A 79 16.49 -1.45 3.27
N GLN A 80 16.40 -2.20 2.19
CA GLN A 80 16.73 -1.68 0.87
C GLN A 80 16.36 -2.68 -0.22
N ILE A 81 15.86 -2.19 -1.34
CA ILE A 81 15.58 -3.03 -2.50
C ILE A 81 16.26 -2.46 -3.75
N LEU A 82 17.18 -1.54 -3.52
CA LEU A 82 17.88 -0.87 -4.60
C LEU A 82 19.02 -1.73 -5.11
N THR A 83 18.65 -2.80 -5.79
CA THR A 83 19.61 -3.74 -6.33
C THR A 83 19.78 -3.50 -7.83
N ASP A 84 19.84 -2.23 -8.22
CA ASP A 84 19.94 -1.85 -9.62
C ASP A 84 18.72 -2.35 -10.39
N VAL A 85 17.58 -1.78 -10.06
CA VAL A 85 16.31 -2.16 -10.65
C VAL A 85 16.34 -1.99 -12.17
N GLU A 86 15.91 -3.02 -12.88
CA GLU A 86 15.85 -2.98 -14.32
C GLU A 86 14.53 -2.37 -14.79
N VAL A 87 14.56 -1.69 -15.93
CA VAL A 87 13.36 -1.08 -16.47
C VAL A 87 12.72 -2.00 -17.50
N SER A 88 13.24 -3.23 -17.56
CA SER A 88 12.78 -4.26 -18.49
C SER A 88 13.21 -3.96 -19.92
N PRO A 89 13.55 -5.01 -20.68
CA PRO A 89 13.96 -4.87 -22.07
C PRO A 89 12.79 -4.49 -22.98
N GLN A 90 12.55 -3.19 -23.11
CA GLN A 90 11.46 -2.68 -23.94
C GLN A 90 11.93 -2.60 -25.40
N GLU A 91 12.73 -3.57 -25.80
CA GLU A 91 13.30 -3.63 -27.13
C GLU A 91 12.34 -4.29 -28.11
N GLY A 92 11.24 -4.82 -27.56
CA GLY A 92 10.24 -5.47 -28.38
C GLY A 92 8.92 -5.55 -27.67
N CYS A 93 7.94 -6.15 -28.33
CA CYS A 93 6.62 -6.31 -27.74
C CYS A 93 6.64 -7.38 -26.64
N ILE A 94 6.08 -7.04 -25.50
CA ILE A 94 6.04 -7.96 -24.37
C ILE A 94 4.64 -8.56 -24.29
N THR A 95 4.31 -9.29 -25.35
CA THR A 95 2.98 -9.82 -25.56
C THR A 95 2.68 -11.03 -24.68
N LYS A 96 3.04 -10.95 -23.41
CA LYS A 96 2.64 -11.97 -22.45
C LYS A 96 1.48 -11.44 -21.62
N ILE A 97 1.31 -10.13 -21.67
CA ILE A 97 0.22 -9.45 -21.01
C ILE A 97 -0.56 -8.62 -22.01
N SER A 98 -1.76 -8.22 -21.66
CA SER A 98 -2.56 -7.36 -22.52
C SER A 98 -3.46 -6.47 -21.67
N GLU A 99 -2.83 -5.54 -20.97
CA GLU A 99 -3.53 -4.62 -20.10
C GLU A 99 -3.07 -3.20 -20.36
N ASP A 100 -3.55 -2.64 -21.47
CA ASP A 100 -3.19 -1.30 -21.88
C ASP A 100 -4.04 -0.28 -21.14
N LEU A 101 -3.47 0.28 -20.08
CA LEU A 101 -4.20 1.25 -19.26
C LEU A 101 -4.12 2.64 -19.87
N GLY A 102 -4.58 2.76 -21.11
CA GLY A 102 -4.57 4.04 -21.78
C GLY A 102 -5.12 3.98 -23.19
N SER A 103 -6.06 3.07 -23.42
CA SER A 103 -6.66 2.92 -24.73
C SER A 103 -8.14 3.28 -24.69
N GLU A 104 -8.89 2.59 -23.85
CA GLU A 104 -10.31 2.86 -23.69
C GLU A 104 -10.59 3.67 -22.42
N LYS A 105 -11.10 2.99 -21.41
CA LYS A 105 -11.49 3.66 -20.18
C LYS A 105 -10.70 3.15 -18.99
N PHE A 106 -9.54 2.60 -19.25
CA PHE A 106 -8.67 2.11 -18.20
C PHE A 106 -7.47 3.03 -18.06
N CYS A 107 -7.62 4.24 -18.57
CA CYS A 107 -6.57 5.24 -18.52
C CYS A 107 -6.36 5.74 -17.09
N VAL A 108 -7.43 5.70 -16.31
CA VAL A 108 -7.35 6.01 -14.89
C VAL A 108 -6.63 4.87 -14.18
N ASP A 109 -5.56 5.21 -13.45
CA ASP A 109 -4.74 4.21 -12.81
C ASP A 109 -5.37 3.73 -11.51
N ALA A 110 -6.30 2.83 -11.65
CA ALA A 110 -6.90 2.14 -10.52
C ALA A 110 -6.62 0.65 -10.64
N ASN A 111 -6.36 0.24 -11.86
CA ASN A 111 -6.07 -1.16 -12.18
C ASN A 111 -4.70 -1.57 -11.68
N GLN A 112 -3.72 -0.69 -11.78
CA GLN A 112 -2.37 -1.00 -11.37
C GLN A 112 -2.10 -0.47 -9.96
N ALA A 113 -2.59 0.73 -9.70
CA ALA A 113 -2.49 1.34 -8.38
C ALA A 113 -3.32 0.58 -7.37
N GLY A 114 -2.66 -0.26 -6.59
CA GLY A 114 -3.32 -1.06 -5.59
C GLY A 114 -2.33 -1.66 -4.63
N ALA A 115 -1.92 -2.90 -4.93
CA ALA A 115 -0.84 -3.59 -4.21
C ALA A 115 -0.89 -3.39 -2.68
N GLY A 116 -0.19 -2.38 -2.19
CA GLY A 116 -0.16 -2.11 -0.77
C GLY A 116 -0.42 -0.66 -0.46
N SER A 117 -0.92 0.07 -1.44
CA SER A 117 -1.25 1.49 -1.26
C SER A 117 -2.45 1.62 -0.34
N TRP A 118 -3.25 0.57 -0.28
CA TRP A 118 -4.39 0.54 0.64
C TRP A 118 -3.93 0.05 2.01
N LEU A 119 -2.76 -0.59 2.03
CA LEU A 119 -2.23 -1.18 3.25
C LEU A 119 -1.48 -0.16 4.08
N LYS A 120 -1.07 0.94 3.45
CA LYS A 120 -0.40 1.99 4.19
C LYS A 120 -1.42 2.81 4.98
N TYR A 121 -2.70 2.50 4.77
CA TYR A 121 -3.76 3.17 5.48
C TYR A 121 -3.86 2.64 6.91
N ILE A 122 -3.64 1.34 7.08
CA ILE A 122 -3.60 0.76 8.41
C ILE A 122 -2.35 1.26 9.14
N ARG A 123 -2.55 1.94 10.26
CA ARG A 123 -1.44 2.55 10.98
C ARG A 123 -1.21 1.84 12.31
N VAL A 124 -0.32 2.39 13.12
CA VAL A 124 0.04 1.79 14.40
C VAL A 124 -1.14 1.83 15.39
N ALA A 125 -1.20 0.83 16.26
CA ALA A 125 -2.26 0.73 17.26
C ALA A 125 -2.34 1.98 18.13
N CYS A 126 -3.53 2.57 18.20
CA CYS A 126 -3.75 3.77 18.99
C CYS A 126 -3.73 3.45 20.48
N SER A 127 -3.88 2.17 20.81
CA SER A 127 -3.83 1.71 22.19
C SER A 127 -2.80 0.60 22.33
N CYS A 128 -2.21 0.49 23.52
CA CYS A 128 -1.10 -0.42 23.74
C CYS A 128 -1.55 -1.87 23.92
N ASP A 129 -2.81 -2.07 24.24
CA ASP A 129 -3.36 -3.43 24.37
C ASP A 129 -3.89 -3.90 23.02
N ASP A 130 -3.84 -3.02 22.04
CA ASP A 130 -4.41 -3.26 20.72
C ASP A 130 -3.36 -3.80 19.76
N GLN A 131 -2.25 -4.29 20.28
CA GLN A 131 -1.17 -4.77 19.42
C GLN A 131 -1.57 -6.03 18.69
N ASN A 132 -1.70 -5.90 17.37
CA ASN A 132 -1.90 -7.04 16.49
C ASN A 132 -1.41 -6.69 15.10
N LEU A 133 -0.34 -5.90 15.05
CA LEU A 133 0.15 -5.34 13.80
C LEU A 133 1.56 -5.83 13.49
N THR A 134 1.71 -6.49 12.35
CA THR A 134 3.00 -6.98 11.91
C THR A 134 3.11 -6.97 10.38
N MET A 135 4.26 -6.59 9.88
CA MET A 135 4.53 -6.66 8.45
C MET A 135 5.34 -7.92 8.15
N CYS A 136 5.17 -8.46 6.97
CA CYS A 136 5.87 -9.68 6.58
C CYS A 136 6.86 -9.38 5.47
N GLN A 137 8.08 -9.86 5.65
CA GLN A 137 9.13 -9.63 4.68
C GLN A 137 9.64 -10.96 4.16
N ILE A 138 9.25 -11.26 2.93
CA ILE A 138 9.63 -12.52 2.29
C ILE A 138 9.95 -12.29 0.82
N SER A 139 11.07 -12.83 0.36
CA SER A 139 11.49 -12.70 -1.03
C SER A 139 11.64 -11.23 -1.43
N GLU A 140 12.00 -10.40 -0.44
CA GLU A 140 12.25 -8.97 -0.62
C GLU A 140 11.00 -8.21 -1.07
N GLN A 141 9.85 -8.85 -1.00
CA GLN A 141 8.60 -8.19 -1.30
C GLN A 141 7.77 -8.06 -0.03
N ILE A 142 7.12 -6.93 0.13
CA ILE A 142 6.43 -6.60 1.37
C ILE A 142 5.02 -7.20 1.41
N TYR A 143 4.72 -7.84 2.53
CA TYR A 143 3.39 -8.35 2.80
C TYR A 143 2.93 -7.87 4.18
N TYR A 144 1.65 -8.00 4.43
CA TYR A 144 1.10 -7.66 5.75
C TYR A 144 0.56 -8.92 6.40
N LYS A 145 1.00 -9.20 7.62
CA LYS A 145 0.62 -10.42 8.31
C LYS A 145 0.03 -10.11 9.67
N VAL A 146 -1.22 -10.51 9.85
CA VAL A 146 -1.88 -10.31 11.13
C VAL A 146 -1.55 -11.47 12.05
N ILE A 147 -1.60 -11.19 13.33
CA ILE A 147 -1.10 -12.11 14.36
C ILE A 147 -2.16 -13.13 14.72
N LYS A 148 -3.36 -12.65 14.98
CA LYS A 148 -4.43 -13.49 15.45
C LYS A 148 -5.79 -12.94 15.06
N ASP A 149 -6.83 -13.64 15.48
CA ASP A 149 -8.22 -13.32 15.16
C ASP A 149 -8.53 -11.82 15.23
N ILE A 150 -9.03 -11.30 14.13
CA ILE A 150 -9.47 -9.92 14.07
C ILE A 150 -10.99 -9.84 14.18
N GLU A 151 -11.47 -8.94 15.02
CA GLU A 151 -12.90 -8.73 15.16
C GLU A 151 -13.35 -7.65 14.18
N PRO A 152 -14.39 -7.94 13.38
CA PRO A 152 -14.89 -7.01 12.36
C PRO A 152 -15.08 -5.59 12.90
N GLY A 153 -14.33 -4.65 12.34
CA GLY A 153 -14.41 -3.27 12.76
C GLY A 153 -13.09 -2.69 13.21
N GLU A 154 -12.10 -3.54 13.50
CA GLU A 154 -10.80 -3.05 13.95
C GLU A 154 -9.71 -3.29 12.90
N GLU A 155 -9.06 -2.21 12.49
CA GLU A 155 -7.96 -2.31 11.53
C GLU A 155 -6.61 -1.97 12.17
N LEU A 156 -5.87 -2.98 12.61
CA LEU A 156 -4.54 -2.72 13.14
C LEU A 156 -3.50 -3.53 12.37
N LEU A 157 -2.83 -2.89 11.43
CA LEU A 157 -1.77 -3.53 10.65
C LEU A 157 -0.68 -2.52 10.30
N VAL A 158 0.52 -2.72 10.83
CA VAL A 158 1.63 -1.82 10.57
C VAL A 158 2.95 -2.57 10.76
N HIS A 159 4.02 -2.08 10.16
CA HIS A 159 5.35 -2.53 10.52
C HIS A 159 5.83 -1.73 11.71
N VAL A 160 5.93 -2.38 12.87
CA VAL A 160 6.32 -1.69 14.08
C VAL A 160 7.81 -1.34 14.01
N LYS A 161 8.12 -0.07 14.17
CA LYS A 161 9.49 0.39 14.09
C LYS A 161 9.74 1.52 15.08
N GLU A 162 10.81 1.40 15.83
CA GLU A 162 11.23 2.45 16.75
C GLU A 162 12.69 2.77 16.55
N GLY A 163 13.34 2.03 15.65
CA GLY A 163 14.75 2.25 15.40
C GLY A 163 15.21 1.62 14.11
N VAL A 164 14.64 2.04 13.00
CA VAL A 164 15.05 1.54 11.70
C VAL A 164 15.69 2.65 10.88
N TYR A 165 14.86 3.55 10.37
CA TYR A 165 15.36 4.68 9.60
C TYR A 165 15.71 5.87 10.52
N PRO A 166 14.75 6.39 11.32
CA PRO A 166 14.99 7.57 12.16
C PRO A 166 16.15 7.36 13.14
N LEU A 167 16.10 6.26 13.90
CA LEU A 167 17.17 5.95 14.83
C LEU A 167 18.07 4.87 14.26
N GLY A 168 18.37 4.99 12.99
CA GLY A 168 19.24 4.05 12.32
C GLY A 168 20.53 4.69 11.88
N THR A 169 21.27 4.01 11.01
CA THR A 169 22.53 4.52 10.52
C THR A 169 22.33 5.38 9.27
N VAL A 170 21.46 6.37 9.39
CA VAL A 170 21.17 7.27 8.28
C VAL A 170 21.93 8.58 8.45
N PRO A 171 22.16 9.32 7.36
CA PRO A 171 22.84 10.61 7.39
C PRO A 171 22.11 11.61 8.28
N PRO A 172 22.86 12.40 9.07
CA PRO A 172 22.30 13.44 9.94
C PRO A 172 21.59 14.52 9.14
N GLY A 173 20.28 14.42 9.06
CA GLY A 173 19.49 15.34 8.28
C GLY A 173 18.51 14.61 7.40
N LEU A 174 18.62 14.79 6.10
CA LEU A 174 17.76 14.08 5.16
C LEU A 174 18.49 13.89 3.84
N ASP A 175 18.61 12.64 3.41
CA ASP A 175 19.28 12.32 2.17
C ASP A 175 18.30 12.37 1.00
N GLU A 176 17.08 11.91 1.24
CA GLU A 176 16.05 11.92 0.22
C GLU A 176 14.73 12.43 0.81
N GLY A 1 6.89 38.07 4.16
CA GLY A 1 6.78 39.49 4.59
C GLY A 1 8.12 40.11 4.84
N SER A 2 8.59 40.90 3.87
CA SER A 2 9.88 41.57 3.99
C SER A 2 9.96 42.74 3.03
N GLY A 3 10.77 43.74 3.40
CA GLY A 3 10.93 44.92 2.56
C GLY A 3 9.70 45.80 2.57
N PHE A 4 9.28 46.22 1.39
CA PHE A 4 8.08 47.03 1.24
C PHE A 4 7.25 46.49 0.07
N PRO A 5 6.06 45.94 0.36
CA PRO A 5 5.17 45.39 -0.67
C PRO A 5 4.47 46.47 -1.48
N THR A 6 5.25 47.34 -2.11
CA THR A 6 4.71 48.39 -2.95
C THR A 6 4.08 47.78 -4.21
N SER A 7 4.76 46.80 -4.77
CA SER A 7 4.23 46.06 -5.90
C SER A 7 3.65 44.75 -5.41
N GLU A 8 2.57 44.83 -4.66
CA GLU A 8 1.95 43.65 -4.09
C GLU A 8 0.83 43.15 -5.00
N ASP A 9 1.21 42.40 -6.02
CA ASP A 9 0.26 41.84 -6.97
C ASP A 9 -0.09 40.43 -6.58
N PHE A 10 -1.33 40.22 -6.18
CA PHE A 10 -1.79 38.89 -5.81
C PHE A 10 -1.95 38.03 -7.06
N THR A 11 -0.91 37.27 -7.36
CA THR A 11 -0.89 36.42 -8.53
C THR A 11 -1.03 34.94 -8.15
N PRO A 12 -2.27 34.42 -8.12
CA PRO A 12 -2.54 33.05 -7.75
C PRO A 12 -2.11 32.07 -8.82
N LYS A 13 -1.30 31.10 -8.45
CA LYS A 13 -0.85 30.06 -9.37
C LYS A 13 -1.87 28.93 -9.41
N GLU A 14 -3.13 29.31 -9.58
CA GLU A 14 -4.23 28.35 -9.57
C GLU A 14 -5.04 28.50 -10.83
N GLY A 15 -5.32 27.38 -11.48
CA GLY A 15 -6.14 27.41 -12.68
C GLY A 15 -7.50 26.79 -12.45
N SER A 16 -7.76 25.69 -13.11
CA SER A 16 -9.00 24.94 -12.91
C SER A 16 -8.69 23.62 -12.22
N PRO A 17 -8.74 23.62 -10.87
CA PRO A 17 -8.41 22.45 -10.07
C PRO A 17 -9.47 21.37 -10.14
N TYR A 18 -9.24 20.38 -10.98
CA TYR A 18 -10.17 19.28 -11.14
C TYR A 18 -9.92 18.24 -10.05
N GLU A 19 -10.60 18.41 -8.92
CA GLU A 19 -10.45 17.50 -7.80
C GLU A 19 -11.74 16.74 -7.56
N ALA A 20 -11.62 15.54 -7.02
CA ALA A 20 -12.75 14.70 -6.73
C ALA A 20 -13.38 15.08 -5.39
N PRO A 21 -14.69 15.43 -5.40
CA PRO A 21 -15.47 15.72 -4.19
C PRO A 21 -15.40 14.60 -3.16
N VAL A 22 -16.02 13.48 -3.47
CA VAL A 22 -16.03 12.33 -2.57
C VAL A 22 -15.50 11.08 -3.26
N TYR A 23 -15.93 10.85 -4.49
CA TYR A 23 -15.52 9.67 -5.24
C TYR A 23 -14.28 9.99 -6.07
N ILE A 24 -13.15 9.44 -5.67
CA ILE A 24 -11.90 9.67 -6.40
C ILE A 24 -11.81 8.78 -7.63
N PRO A 25 -11.39 9.36 -8.77
CA PRO A 25 -11.26 8.63 -10.03
C PRO A 25 -9.99 7.79 -10.08
N GLU A 26 -9.23 7.82 -8.99
CA GLU A 26 -8.04 6.99 -8.86
C GLU A 26 -8.45 5.54 -8.73
N ASP A 27 -9.24 5.28 -7.68
CA ASP A 27 -9.84 3.96 -7.43
C ASP A 27 -8.79 2.90 -7.15
N ILE A 28 -8.62 2.61 -5.87
CA ILE A 28 -7.66 1.61 -5.43
C ILE A 28 -8.37 0.26 -5.27
N PRO A 29 -7.96 -0.76 -6.05
CA PRO A 29 -8.53 -2.10 -5.93
C PRO A 29 -8.27 -2.70 -4.55
N ILE A 30 -9.34 -2.96 -3.83
CA ILE A 30 -9.25 -3.50 -2.47
C ILE A 30 -10.09 -4.77 -2.34
N PRO A 31 -9.57 -5.77 -1.61
CA PRO A 31 -10.32 -7.00 -1.33
C PRO A 31 -11.61 -6.71 -0.58
N ALA A 32 -12.69 -7.39 -0.97
CA ALA A 32 -14.01 -7.19 -0.38
C ALA A 32 -14.04 -7.67 1.07
N ASP A 33 -12.93 -8.26 1.51
CA ASP A 33 -12.79 -8.71 2.89
C ASP A 33 -12.65 -7.50 3.81
N PHE A 34 -12.21 -6.39 3.23
CA PHE A 34 -12.02 -5.14 3.95
C PHE A 34 -12.75 -4.03 3.21
N GLU A 35 -12.75 -2.82 3.76
CA GLU A 35 -13.40 -1.72 3.08
C GLU A 35 -12.64 -0.42 3.32
N LEU A 36 -12.39 0.31 2.25
CA LEU A 36 -11.66 1.56 2.34
C LEU A 36 -12.63 2.71 2.48
N ARG A 37 -12.37 3.55 3.46
CA ARG A 37 -13.23 4.67 3.78
C ARG A 37 -12.40 5.82 4.34
N GLU A 38 -12.85 7.04 4.13
CA GLU A 38 -12.26 8.17 4.81
C GLU A 38 -12.86 8.28 6.20
N SER A 39 -12.05 7.97 7.20
CA SER A 39 -12.50 7.96 8.57
C SER A 39 -11.31 8.07 9.50
N SER A 40 -10.84 9.29 9.70
CA SER A 40 -9.69 9.52 10.55
C SER A 40 -10.03 9.22 12.02
N ILE A 41 -9.53 8.09 12.49
CA ILE A 41 -9.71 7.72 13.89
C ILE A 41 -8.65 8.45 14.73
N PRO A 42 -9.11 9.22 15.74
CA PRO A 42 -8.23 10.04 16.59
C PRO A 42 -7.05 9.26 17.14
N GLY A 43 -5.85 9.66 16.74
CA GLY A 43 -4.65 9.03 17.25
C GLY A 43 -3.96 8.15 16.22
N ALA A 44 -4.67 7.83 15.15
CA ALA A 44 -4.11 6.99 14.10
C ALA A 44 -4.27 7.62 12.73
N GLY A 45 -5.50 7.95 12.38
CA GLY A 45 -5.76 8.60 11.11
C GLY A 45 -6.70 7.79 10.24
N LEU A 46 -6.50 7.86 8.93
CA LEU A 46 -7.31 7.10 7.99
C LEU A 46 -6.99 5.61 8.08
N GLY A 47 -7.91 4.77 7.62
CA GLY A 47 -7.69 3.33 7.66
C GLY A 47 -8.74 2.58 6.87
N VAL A 48 -8.53 1.28 6.71
CA VAL A 48 -9.51 0.44 6.02
C VAL A 48 -10.22 -0.47 7.02
N TRP A 49 -11.53 -0.33 7.10
CA TRP A 49 -12.30 -1.04 8.10
C TRP A 49 -12.60 -2.45 7.67
N ALA A 50 -11.92 -3.41 8.29
CA ALA A 50 -12.19 -4.81 8.02
C ALA A 50 -13.55 -5.19 8.55
N LYS A 51 -14.45 -5.57 7.64
CA LYS A 51 -15.79 -5.99 8.03
C LYS A 51 -15.78 -7.48 8.36
N ARG A 52 -14.63 -8.09 8.13
CA ARG A 52 -14.44 -9.50 8.38
C ARG A 52 -13.19 -9.70 9.23
N LYS A 53 -13.10 -10.84 9.89
CA LYS A 53 -11.97 -11.11 10.76
C LYS A 53 -10.81 -11.69 9.98
N MET A 54 -9.62 -11.22 10.27
CA MET A 54 -8.40 -11.80 9.73
C MET A 54 -7.85 -12.80 10.71
N GLU A 55 -7.81 -14.06 10.31
CA GLU A 55 -7.49 -15.14 11.24
C GLU A 55 -5.99 -15.23 11.52
N ALA A 56 -5.63 -16.09 12.45
CA ALA A 56 -4.25 -16.26 12.87
C ALA A 56 -3.37 -16.76 11.73
N GLY A 57 -2.37 -15.95 11.36
CA GLY A 57 -1.40 -16.38 10.39
C GLY A 57 -1.73 -15.94 8.97
N GLU A 58 -2.84 -15.23 8.82
CA GLU A 58 -3.24 -14.78 7.49
C GLU A 58 -2.43 -13.54 7.10
N ARG A 59 -2.49 -13.14 5.85
CA ARG A 59 -1.61 -12.10 5.35
C ARG A 59 -2.29 -11.23 4.29
N LEU A 60 -2.19 -9.90 4.48
CA LEU A 60 -2.68 -8.95 3.49
C LEU A 60 -1.58 -8.67 2.47
N GLY A 61 -1.93 -8.56 1.21
CA GLY A 61 -0.94 -8.25 0.21
C GLY A 61 -1.49 -8.28 -1.20
N PRO A 62 -0.68 -7.87 -2.19
CA PRO A 62 0.67 -7.36 -1.95
C PRO A 62 0.68 -5.89 -1.53
N CYS A 63 1.70 -5.50 -0.77
CA CYS A 63 1.80 -4.13 -0.29
C CYS A 63 2.71 -3.30 -1.22
N VAL A 64 3.24 -3.94 -2.24
CA VAL A 64 4.14 -3.28 -3.16
C VAL A 64 3.59 -3.31 -4.58
N VAL A 65 3.64 -2.16 -5.24
CA VAL A 65 3.20 -2.05 -6.63
C VAL A 65 4.41 -2.33 -7.54
N VAL A 66 4.20 -2.28 -8.85
CA VAL A 66 5.30 -2.48 -9.80
C VAL A 66 6.48 -1.55 -9.50
N PRO A 67 6.25 -0.21 -9.35
CA PRO A 67 7.29 0.70 -8.88
C PRO A 67 7.69 0.41 -7.43
N ARG A 68 8.67 -0.45 -7.27
CA ARG A 68 9.13 -0.85 -5.94
C ARG A 68 10.13 0.17 -5.41
N ALA A 69 11.00 0.66 -6.29
CA ALA A 69 11.97 1.71 -5.94
C ALA A 69 12.73 1.35 -4.66
N ALA A 70 13.21 0.13 -4.59
CA ALA A 70 13.87 -0.38 -3.40
C ALA A 70 15.39 -0.29 -3.53
N ALA A 71 16.03 0.14 -2.45
CA ALA A 71 17.48 0.29 -2.41
C ALA A 71 17.98 0.28 -0.98
N LYS A 72 18.27 -0.91 -0.49
CA LYS A 72 18.74 -1.08 0.87
C LYS A 72 20.26 -1.15 0.92
N GLU A 73 20.81 -0.84 2.08
CA GLU A 73 22.24 -1.02 2.32
C GLU A 73 22.45 -2.32 3.06
N THR A 74 21.46 -2.72 3.83
CA THR A 74 21.45 -3.99 4.54
C THR A 74 20.01 -4.44 4.78
N ASP A 75 19.35 -3.79 5.74
CA ASP A 75 17.95 -4.06 6.07
C ASP A 75 17.50 -3.12 7.18
N PHE A 76 17.96 -3.38 8.41
CA PHE A 76 17.60 -2.57 9.58
C PHE A 76 16.11 -2.62 9.87
N GLY A 77 15.47 -3.62 9.31
CA GLY A 77 14.04 -3.77 9.43
C GLY A 77 13.34 -3.07 8.29
N TRP A 78 13.78 -3.36 7.06
CA TRP A 78 13.26 -2.78 5.86
C TRP A 78 13.69 -1.33 5.71
N GLU A 79 14.16 -1.08 4.51
CA GLU A 79 14.60 0.23 4.05
C GLU A 79 13.48 1.27 4.09
N GLN A 80 12.24 0.78 4.01
CA GLN A 80 11.03 1.59 4.19
C GLN A 80 10.87 2.65 3.10
N ILE A 81 11.27 2.34 1.88
CA ILE A 81 11.13 3.28 0.76
C ILE A 81 9.65 3.56 0.46
N LEU A 82 8.78 2.61 0.77
CA LEU A 82 7.35 2.81 0.61
C LEU A 82 6.72 3.18 1.94
N THR A 83 6.82 4.44 2.32
CA THR A 83 6.24 4.94 3.55
C THR A 83 5.45 6.22 3.30
N ASP A 84 4.66 6.20 2.24
CA ASP A 84 3.83 7.33 1.82
C ASP A 84 4.69 8.48 1.32
N VAL A 85 4.69 8.65 0.01
CA VAL A 85 5.43 9.73 -0.64
C VAL A 85 5.08 11.09 -0.06
N GLU A 86 6.12 11.86 0.27
CA GLU A 86 5.95 13.18 0.84
C GLU A 86 5.83 14.23 -0.26
N VAL A 87 5.96 15.50 0.10
CA VAL A 87 5.90 16.59 -0.87
C VAL A 87 7.02 16.42 -1.90
N SER A 88 8.19 16.02 -1.43
CA SER A 88 9.33 15.80 -2.30
C SER A 88 9.55 14.31 -2.52
N PRO A 89 9.25 13.82 -3.73
CA PRO A 89 9.44 12.42 -4.10
C PRO A 89 10.89 12.12 -4.46
N GLN A 90 11.23 10.84 -4.47
CA GLN A 90 12.58 10.42 -4.84
C GLN A 90 12.58 9.82 -6.24
N GLU A 91 11.74 10.39 -7.11
CA GLU A 91 11.61 9.90 -8.47
C GLU A 91 12.72 10.42 -9.36
N GLY A 92 13.62 9.53 -9.74
CA GLY A 92 14.69 9.90 -10.65
C GLY A 92 14.89 8.86 -11.73
N CYS A 93 15.78 7.93 -11.49
CA CYS A 93 16.09 6.89 -12.46
C CYS A 93 15.18 5.68 -12.30
N ILE A 94 13.89 5.95 -12.14
CA ILE A 94 12.91 4.88 -12.01
C ILE A 94 12.42 4.46 -13.40
N THR A 95 12.80 5.25 -14.40
CA THR A 95 12.45 4.94 -15.77
C THR A 95 13.55 5.43 -16.70
N LYS A 96 13.76 4.70 -17.79
CA LYS A 96 14.74 5.09 -18.79
C LYS A 96 14.03 5.44 -20.09
N ILE A 97 12.71 5.28 -20.08
CA ILE A 97 11.90 5.56 -21.25
C ILE A 97 10.96 6.73 -20.97
N SER A 98 10.38 7.29 -22.01
CA SER A 98 9.44 8.37 -21.85
C SER A 98 8.01 7.82 -21.78
N GLU A 99 7.78 6.97 -20.79
CA GLU A 99 6.46 6.40 -20.56
C GLU A 99 5.49 7.49 -20.11
N ASP A 100 4.24 7.37 -20.50
CA ASP A 100 3.26 8.39 -20.18
C ASP A 100 2.03 7.78 -19.54
N LEU A 101 1.71 8.23 -18.33
CA LEU A 101 0.58 7.71 -17.59
C LEU A 101 -0.67 8.53 -17.88
N GLY A 102 -0.76 9.06 -19.08
CA GLY A 102 -1.93 9.81 -19.48
C GLY A 102 -2.71 9.11 -20.57
N SER A 103 -2.88 7.79 -20.41
CA SER A 103 -3.64 6.97 -21.34
C SER A 103 -2.94 6.89 -22.71
N GLU A 104 -1.68 7.28 -22.76
CA GLU A 104 -0.91 7.20 -24.00
C GLU A 104 -0.13 5.91 -24.07
N LYS A 105 1.11 5.95 -23.61
CA LYS A 105 1.98 4.79 -23.63
C LYS A 105 2.43 4.44 -22.23
N PHE A 106 1.80 3.44 -21.65
CA PHE A 106 2.13 2.98 -20.32
C PHE A 106 2.24 1.47 -20.29
N CYS A 107 2.71 0.92 -19.18
CA CYS A 107 2.89 -0.51 -19.04
C CYS A 107 2.13 -1.03 -17.82
N VAL A 108 0.97 -1.64 -18.08
CA VAL A 108 0.10 -2.24 -17.04
C VAL A 108 -0.17 -1.30 -15.88
N ASP A 109 -0.80 -1.83 -14.86
CA ASP A 109 -1.05 -1.08 -13.63
C ASP A 109 0.26 -0.90 -12.85
N ALA A 110 1.14 -0.09 -13.39
CA ALA A 110 2.43 0.16 -12.76
C ALA A 110 2.43 1.50 -12.04
N ASN A 111 2.69 2.57 -12.78
CA ASN A 111 2.79 3.91 -12.20
C ASN A 111 1.43 4.60 -12.20
N GLN A 112 0.39 3.83 -11.89
CA GLN A 112 -0.96 4.36 -11.83
C GLN A 112 -1.55 4.14 -10.44
N ALA A 113 -2.03 2.93 -10.21
CA ALA A 113 -2.62 2.57 -8.93
C ALA A 113 -2.72 1.05 -8.81
N GLY A 114 -3.05 0.57 -7.62
CA GLY A 114 -3.20 -0.85 -7.42
C GLY A 114 -3.00 -1.27 -5.98
N ALA A 115 -2.72 -2.54 -5.79
CA ALA A 115 -2.48 -3.10 -4.47
C ALA A 115 -1.33 -2.40 -3.77
N GLY A 116 -1.43 -2.27 -2.45
CA GLY A 116 -0.40 -1.59 -1.69
C GLY A 116 -0.80 -0.18 -1.33
N SER A 117 -1.42 0.51 -2.28
CA SER A 117 -1.87 1.88 -2.05
C SER A 117 -2.95 1.90 -0.96
N TRP A 118 -3.67 0.79 -0.83
CA TRP A 118 -4.70 0.67 0.19
C TRP A 118 -4.10 0.20 1.52
N LEU A 119 -2.94 -0.44 1.46
CA LEU A 119 -2.34 -1.02 2.66
C LEU A 119 -1.58 0.01 3.47
N LYS A 120 -1.31 1.17 2.87
CA LYS A 120 -0.70 2.28 3.61
C LYS A 120 -1.73 2.92 4.52
N TYR A 121 -2.97 2.45 4.42
CA TYR A 121 -4.06 2.96 5.24
C TYR A 121 -3.99 2.43 6.66
N ILE A 122 -3.49 1.20 6.83
CA ILE A 122 -3.48 0.60 8.15
C ILE A 122 -2.60 1.41 9.10
N ARG A 123 -3.08 1.65 10.30
CA ARG A 123 -2.36 2.44 11.28
C ARG A 123 -1.85 1.59 12.43
N VAL A 124 -0.84 2.12 13.14
CA VAL A 124 -0.31 1.47 14.33
C VAL A 124 -1.36 1.48 15.43
N ALA A 125 -1.37 0.44 16.27
CA ALA A 125 -2.37 0.30 17.33
C ALA A 125 -2.42 1.52 18.23
N CYS A 126 -3.63 1.87 18.64
CA CYS A 126 -3.87 3.01 19.50
C CYS A 126 -3.84 2.58 20.97
N SER A 127 -3.68 1.29 21.19
CA SER A 127 -3.65 0.74 22.53
C SER A 127 -2.61 -0.37 22.65
N CYS A 128 -1.99 -0.47 23.82
CA CYS A 128 -0.88 -1.39 24.05
C CYS A 128 -1.35 -2.84 24.12
N ASP A 129 -2.57 -3.03 24.60
CA ASP A 129 -3.16 -4.37 24.69
C ASP A 129 -3.78 -4.76 23.37
N ASP A 130 -3.64 -3.89 22.39
CA ASP A 130 -4.30 -4.06 21.11
C ASP A 130 -3.29 -4.41 20.02
N GLN A 131 -2.10 -4.84 20.45
CA GLN A 131 -1.06 -5.22 19.50
C GLN A 131 -1.49 -6.44 18.70
N ASN A 132 -1.67 -6.23 17.40
CA ASN A 132 -1.98 -7.30 16.48
C ASN A 132 -1.37 -6.96 15.13
N LEU A 133 -0.24 -6.27 15.18
CA LEU A 133 0.37 -5.74 13.97
C LEU A 133 1.74 -6.36 13.74
N THR A 134 1.91 -6.99 12.59
CA THR A 134 3.21 -7.51 12.18
C THR A 134 3.35 -7.46 10.67
N MET A 135 4.50 -7.03 10.20
CA MET A 135 4.79 -7.03 8.78
C MET A 135 5.77 -8.15 8.45
N CYS A 136 5.56 -8.79 7.32
CA CYS A 136 6.44 -9.84 6.88
C CYS A 136 7.20 -9.38 5.65
N GLN A 137 8.51 -9.59 5.67
CA GLN A 137 9.35 -9.15 4.57
C GLN A 137 10.03 -10.36 3.96
N ILE A 138 9.53 -10.78 2.80
CA ILE A 138 10.06 -11.95 2.12
C ILE A 138 10.15 -11.66 0.63
N SER A 139 11.19 -12.21 -0.01
CA SER A 139 11.35 -12.10 -1.46
C SER A 139 11.46 -10.65 -1.90
N GLU A 140 12.04 -9.81 -1.03
CA GLU A 140 12.23 -8.38 -1.30
C GLU A 140 10.91 -7.66 -1.55
N GLN A 141 9.82 -8.22 -1.03
CA GLN A 141 8.51 -7.58 -1.14
C GLN A 141 7.84 -7.52 0.23
N ILE A 142 6.85 -6.65 0.37
CA ILE A 142 6.20 -6.42 1.65
C ILE A 142 4.83 -7.08 1.75
N TYR A 143 4.62 -7.79 2.85
CA TYR A 143 3.34 -8.40 3.15
C TYR A 143 2.95 -8.11 4.60
N TYR A 144 1.66 -7.99 4.88
CA TYR A 144 1.20 -7.75 6.23
C TYR A 144 0.68 -9.05 6.84
N LYS A 145 1.35 -9.55 7.86
CA LYS A 145 0.96 -10.82 8.45
C LYS A 145 0.14 -10.58 9.71
N VAL A 146 -1.07 -11.11 9.73
CA VAL A 146 -1.96 -10.94 10.86
C VAL A 146 -1.73 -12.07 11.86
N ILE A 147 -1.99 -11.72 13.10
CA ILE A 147 -1.57 -12.51 14.24
C ILE A 147 -2.69 -13.42 14.70
N LYS A 148 -3.83 -12.82 14.97
CA LYS A 148 -5.02 -13.54 15.38
C LYS A 148 -6.25 -12.82 14.85
N ASP A 149 -7.42 -13.42 15.06
CA ASP A 149 -8.66 -12.94 14.47
C ASP A 149 -8.98 -11.50 14.87
N ILE A 150 -8.97 -10.62 13.88
CA ILE A 150 -9.33 -9.22 14.07
C ILE A 150 -10.81 -9.08 14.38
N GLU A 151 -11.13 -8.18 15.30
CA GLU A 151 -12.51 -7.81 15.54
C GLU A 151 -12.93 -6.75 14.54
N PRO A 152 -13.94 -7.05 13.70
CA PRO A 152 -14.44 -6.10 12.69
C PRO A 152 -14.66 -4.70 13.26
N GLY A 153 -13.98 -3.72 12.68
CA GLY A 153 -14.08 -2.36 13.17
C GLY A 153 -12.72 -1.79 13.56
N GLU A 154 -11.72 -2.66 13.64
CA GLU A 154 -10.35 -2.22 13.97
C GLU A 154 -9.34 -2.86 13.03
N GLU A 155 -8.54 -2.03 12.38
CA GLU A 155 -7.50 -2.51 11.48
C GLU A 155 -6.12 -2.27 12.08
N LEU A 156 -5.46 -3.33 12.52
CA LEU A 156 -4.11 -3.18 13.05
C LEU A 156 -3.13 -4.08 12.29
N LEU A 157 -2.40 -3.50 11.33
CA LEU A 157 -1.35 -4.20 10.59
C LEU A 157 -0.26 -3.19 10.22
N VAL A 158 0.87 -3.26 10.91
CA VAL A 158 2.02 -2.38 10.69
C VAL A 158 3.27 -3.10 11.17
N HIS A 159 4.44 -2.71 10.69
CA HIS A 159 5.67 -3.26 11.22
C HIS A 159 6.04 -2.46 12.45
N VAL A 160 5.89 -3.09 13.60
CA VAL A 160 6.14 -2.42 14.86
C VAL A 160 7.63 -2.48 15.21
N LYS A 161 8.35 -1.44 14.84
CA LYS A 161 9.78 -1.39 15.04
C LYS A 161 10.14 -0.74 16.35
N GLU A 162 10.91 -1.45 17.14
CA GLU A 162 11.35 -0.97 18.44
C GLU A 162 12.85 -1.21 18.59
N GLY A 163 13.53 -1.26 17.45
CA GLY A 163 14.93 -1.60 17.44
C GLY A 163 15.16 -3.02 16.95
N VAL A 164 15.48 -3.13 15.68
CA VAL A 164 15.68 -4.44 15.05
C VAL A 164 17.16 -4.78 15.00
N TYR A 165 17.90 -3.97 14.28
CA TYR A 165 19.35 -4.11 14.14
C TYR A 165 20.05 -4.05 15.51
N PRO A 166 19.81 -3.00 16.33
CA PRO A 166 20.44 -2.88 17.66
C PRO A 166 20.06 -4.02 18.59
N LEU A 167 18.79 -4.40 18.60
CA LEU A 167 18.30 -5.46 19.47
C LEU A 167 18.40 -6.81 18.79
N GLY A 168 19.36 -6.94 17.91
CA GLY A 168 19.57 -8.17 17.19
C GLY A 168 21.03 -8.36 16.85
N THR A 169 21.38 -9.54 16.37
CA THR A 169 22.76 -9.83 16.04
C THR A 169 22.96 -9.81 14.52
N VAL A 170 22.01 -9.20 13.83
CA VAL A 170 22.08 -9.07 12.37
C VAL A 170 23.30 -8.26 11.95
N PRO A 171 24.15 -8.82 11.06
CA PRO A 171 25.31 -8.13 10.54
C PRO A 171 24.94 -7.00 9.58
N PRO A 172 25.82 -5.99 9.43
CA PRO A 172 25.61 -4.88 8.50
C PRO A 172 25.87 -5.30 7.05
N GLY A 173 25.27 -6.42 6.68
CA GLY A 173 25.51 -7.00 5.39
C GLY A 173 26.03 -8.41 5.51
N LEU A 174 27.33 -8.56 5.38
CA LEU A 174 27.97 -9.86 5.54
C LEU A 174 29.40 -9.67 6.03
N ASP A 175 29.71 -10.25 7.16
CA ASP A 175 31.03 -10.08 7.78
C ASP A 175 31.81 -11.39 7.74
N GLU A 176 31.32 -12.38 8.49
CA GLU A 176 31.95 -13.70 8.58
C GLU A 176 33.39 -13.59 9.09
N GLY A 1 -6.87 -6.28 -32.62
CA GLY A 1 -6.78 -5.14 -31.67
C GLY A 1 -7.92 -4.16 -31.86
N SER A 2 -9.13 -4.60 -31.58
CA SER A 2 -10.31 -3.77 -31.76
C SER A 2 -11.24 -3.89 -30.55
N GLY A 3 -10.66 -3.80 -29.35
CA GLY A 3 -11.45 -3.89 -28.14
C GLY A 3 -11.39 -2.61 -27.34
N PHE A 4 -10.78 -1.58 -27.91
CA PHE A 4 -10.64 -0.31 -27.21
C PHE A 4 -11.67 0.69 -27.71
N PRO A 5 -12.25 1.49 -26.80
CA PRO A 5 -13.21 2.54 -27.18
C PRO A 5 -12.54 3.66 -27.96
N THR A 6 -12.67 3.60 -29.27
CA THR A 6 -12.06 4.59 -30.15
C THR A 6 -12.67 5.97 -29.92
N SER A 7 -11.86 6.88 -29.39
CA SER A 7 -12.28 8.24 -29.13
C SER A 7 -11.07 9.15 -29.18
N GLU A 8 -10.24 8.95 -30.19
CA GLU A 8 -8.96 9.64 -30.31
C GLU A 8 -9.13 10.98 -31.03
N ASP A 9 -9.83 11.90 -30.40
CA ASP A 9 -10.01 13.23 -30.94
C ASP A 9 -9.17 14.23 -30.15
N PHE A 10 -8.56 15.16 -30.85
CA PHE A 10 -7.67 16.14 -30.22
C PHE A 10 -8.44 16.99 -29.23
N THR A 11 -8.17 16.78 -27.95
CA THR A 11 -8.87 17.46 -26.89
C THR A 11 -7.96 18.47 -26.20
N PRO A 12 -8.32 19.76 -26.26
CA PRO A 12 -7.61 20.82 -25.55
C PRO A 12 -7.67 20.60 -24.05
N LYS A 13 -6.58 20.95 -23.37
CA LYS A 13 -6.46 20.70 -21.95
C LYS A 13 -7.08 21.83 -21.11
N GLU A 14 -8.21 22.31 -21.56
CA GLU A 14 -8.96 23.31 -20.81
C GLU A 14 -10.06 22.63 -20.00
N GLY A 15 -9.96 22.72 -18.68
CA GLY A 15 -10.89 22.03 -17.82
C GLY A 15 -10.41 20.64 -17.47
N SER A 16 -9.30 20.24 -18.06
CA SER A 16 -8.73 18.91 -17.83
C SER A 16 -8.24 18.73 -16.38
N PRO A 17 -7.50 19.71 -15.80
CA PRO A 17 -7.08 19.62 -14.39
C PRO A 17 -8.26 19.47 -13.43
N TYR A 18 -8.52 18.24 -13.03
CA TYR A 18 -9.68 17.93 -12.20
C TYR A 18 -9.30 17.82 -10.73
N GLU A 19 -10.01 18.58 -9.91
CA GLU A 19 -9.84 18.50 -8.47
C GLU A 19 -10.90 17.57 -7.89
N ALA A 20 -10.48 16.70 -6.97
CA ALA A 20 -11.38 15.72 -6.37
C ALA A 20 -12.14 16.33 -5.20
N PRO A 21 -13.47 16.48 -5.35
CA PRO A 21 -14.34 17.04 -4.31
C PRO A 21 -14.35 16.19 -3.05
N VAL A 22 -15.05 15.07 -3.09
CA VAL A 22 -15.09 14.15 -1.96
C VAL A 22 -14.57 12.77 -2.37
N TYR A 23 -14.82 12.41 -3.62
CA TYR A 23 -14.41 11.11 -4.13
C TYR A 23 -13.21 11.28 -5.06
N ILE A 24 -12.11 10.64 -4.72
CA ILE A 24 -10.91 10.73 -5.54
C ILE A 24 -11.01 9.81 -6.75
N PRO A 25 -10.57 10.28 -7.93
CA PRO A 25 -10.70 9.53 -9.18
C PRO A 25 -9.67 8.42 -9.32
N GLU A 26 -8.79 8.31 -8.34
CA GLU A 26 -7.77 7.27 -8.34
C GLU A 26 -8.42 5.93 -8.03
N ASP A 27 -8.99 5.85 -6.84
CA ASP A 27 -9.73 4.68 -6.37
C ASP A 27 -8.87 3.42 -6.43
N ILE A 28 -8.07 3.23 -5.39
CA ILE A 28 -7.15 2.10 -5.30
C ILE A 28 -7.94 0.79 -5.14
N PRO A 29 -7.57 -0.23 -5.93
CA PRO A 29 -8.25 -1.54 -5.89
C PRO A 29 -8.04 -2.26 -4.56
N ILE A 30 -9.14 -2.56 -3.89
CA ILE A 30 -9.09 -3.28 -2.62
C ILE A 30 -9.87 -4.59 -2.74
N PRO A 31 -9.51 -5.60 -1.93
CA PRO A 31 -10.28 -6.84 -1.84
C PRO A 31 -11.65 -6.59 -1.23
N ALA A 32 -12.62 -7.40 -1.62
CA ALA A 32 -14.01 -7.21 -1.24
C ALA A 32 -14.26 -7.53 0.23
N ASP A 33 -13.20 -7.76 1.00
CA ASP A 33 -13.35 -8.09 2.40
C ASP A 33 -12.80 -6.97 3.29
N PHE A 34 -12.31 -5.91 2.66
CA PHE A 34 -11.77 -4.77 3.38
C PHE A 34 -12.27 -3.51 2.71
N GLU A 35 -12.68 -2.53 3.50
CA GLU A 35 -13.21 -1.32 2.92
C GLU A 35 -12.46 -0.10 3.40
N LEU A 36 -12.04 0.74 2.47
CA LEU A 36 -11.32 1.96 2.81
C LEU A 36 -12.32 3.04 3.15
N ARG A 37 -12.08 3.69 4.27
CA ARG A 37 -12.98 4.70 4.77
C ARG A 37 -12.18 5.81 5.44
N GLU A 38 -12.41 7.05 5.02
CA GLU A 38 -11.69 8.17 5.61
C GLU A 38 -12.32 8.55 6.93
N SER A 39 -11.59 8.32 8.01
CA SER A 39 -12.05 8.66 9.35
C SER A 39 -10.85 8.68 10.30
N SER A 40 -10.30 9.85 10.55
CA SER A 40 -9.12 9.96 11.40
C SER A 40 -9.48 9.62 12.85
N ILE A 41 -9.09 8.43 13.28
CA ILE A 41 -9.27 8.01 14.65
C ILE A 41 -8.07 8.47 15.48
N PRO A 42 -8.33 9.27 16.52
CA PRO A 42 -7.28 9.83 17.38
C PRO A 42 -6.30 8.78 17.89
N GLY A 43 -5.03 8.95 17.53
CA GLY A 43 -4.02 8.01 17.94
C GLY A 43 -3.50 7.17 16.78
N ALA A 44 -4.28 7.08 15.71
CA ALA A 44 -3.86 6.31 14.55
C ALA A 44 -4.06 7.10 13.26
N GLY A 45 -5.31 7.26 12.85
CA GLY A 45 -5.60 7.98 11.63
C GLY A 45 -6.57 7.23 10.74
N LEU A 46 -6.23 7.10 9.46
CA LEU A 46 -7.07 6.39 8.50
C LEU A 46 -6.57 4.97 8.28
N GLY A 47 -7.45 4.10 7.81
CA GLY A 47 -7.06 2.75 7.49
C GLY A 47 -8.12 2.05 6.66
N VAL A 48 -7.89 0.79 6.29
CA VAL A 48 -8.90 0.02 5.59
C VAL A 48 -9.56 -0.95 6.57
N TRP A 49 -10.85 -0.80 6.73
CA TRP A 49 -11.58 -1.51 7.77
C TRP A 49 -11.96 -2.90 7.31
N ALA A 50 -11.38 -3.91 7.97
CA ALA A 50 -11.78 -5.28 7.73
C ALA A 50 -13.15 -5.53 8.35
N LYS A 51 -14.13 -5.81 7.53
CA LYS A 51 -15.48 -5.99 8.01
C LYS A 51 -15.74 -7.46 8.30
N ARG A 52 -14.70 -8.26 8.12
CA ARG A 52 -14.71 -9.65 8.50
C ARG A 52 -13.51 -9.90 9.41
N LYS A 53 -13.54 -10.99 10.16
CA LYS A 53 -12.49 -11.31 11.10
C LYS A 53 -11.21 -11.70 10.38
N MET A 54 -10.09 -11.53 11.06
CA MET A 54 -8.81 -12.03 10.58
C MET A 54 -8.26 -13.00 11.60
N GLU A 55 -7.51 -13.99 11.16
CA GLU A 55 -7.08 -15.06 12.04
C GLU A 55 -5.56 -15.16 12.15
N ALA A 56 -5.11 -16.03 13.04
CA ALA A 56 -3.70 -16.21 13.33
C ALA A 56 -2.95 -16.80 12.14
N GLY A 57 -2.03 -16.02 11.59
CA GLY A 57 -1.13 -16.53 10.59
C GLY A 57 -1.56 -16.20 9.17
N GLU A 58 -2.65 -15.46 9.02
CA GLU A 58 -3.11 -15.09 7.68
C GLU A 58 -2.41 -13.83 7.21
N ARG A 59 -2.52 -13.55 5.93
CA ARG A 59 -1.91 -12.38 5.34
C ARG A 59 -2.94 -11.59 4.56
N LEU A 60 -2.83 -10.27 4.59
CA LEU A 60 -3.67 -9.44 3.75
C LEU A 60 -2.98 -9.28 2.41
N GLY A 61 -3.67 -9.59 1.34
CA GLY A 61 -3.03 -9.63 0.04
C GLY A 61 -3.91 -9.08 -1.06
N PRO A 62 -3.30 -8.63 -2.17
CA PRO A 62 -1.84 -8.62 -2.32
C PRO A 62 -1.18 -7.49 -1.54
N CYS A 63 0.08 -7.68 -1.18
CA CYS A 63 0.80 -6.71 -0.37
C CYS A 63 1.56 -5.73 -1.26
N VAL A 64 1.83 -6.15 -2.49
CA VAL A 64 2.48 -5.29 -3.47
C VAL A 64 1.84 -5.49 -4.84
N VAL A 65 2.30 -4.71 -5.81
CA VAL A 65 1.85 -4.87 -7.19
C VAL A 65 2.28 -6.22 -7.76
N VAL A 66 1.94 -6.45 -9.01
CA VAL A 66 2.36 -7.65 -9.71
C VAL A 66 3.84 -7.58 -10.05
N PRO A 67 4.50 -8.73 -10.26
CA PRO A 67 5.90 -8.78 -10.66
C PRO A 67 6.16 -8.05 -11.98
N ARG A 68 7.43 -7.83 -12.30
CA ARG A 68 7.84 -7.03 -13.45
C ARG A 68 7.52 -5.56 -13.20
N ALA A 69 7.68 -4.73 -14.24
CA ALA A 69 7.36 -3.30 -14.15
C ALA A 69 8.17 -2.63 -13.04
N ALA A 70 7.71 -1.46 -12.62
CA ALA A 70 8.34 -0.74 -11.53
C ALA A 70 7.33 0.18 -10.84
N ALA A 71 6.69 -0.31 -9.80
CA ALA A 71 5.71 0.47 -9.06
C ALA A 71 5.77 0.16 -7.59
N LYS A 72 6.10 1.17 -6.79
CA LYS A 72 6.15 1.04 -5.35
C LYS A 72 4.78 1.34 -4.73
N GLU A 73 4.43 0.60 -3.69
CA GLU A 73 3.18 0.82 -2.97
C GLU A 73 3.21 2.18 -2.30
N THR A 74 4.37 2.54 -1.77
CA THR A 74 4.61 3.88 -1.26
C THR A 74 6.08 4.24 -1.44
N ASP A 75 6.86 4.17 -0.35
CA ASP A 75 8.29 4.45 -0.40
C ASP A 75 8.98 3.83 0.80
N PHE A 76 8.38 2.78 1.32
CA PHE A 76 8.86 2.19 2.56
C PHE A 76 8.76 0.66 2.52
N GLY A 77 9.58 0.02 3.33
CA GLY A 77 9.55 -1.42 3.44
C GLY A 77 10.89 -2.01 3.05
N TRP A 78 11.48 -1.43 2.03
CA TRP A 78 12.78 -1.85 1.55
C TRP A 78 13.54 -0.66 0.94
N GLU A 79 13.75 -0.70 -0.36
CA GLU A 79 14.49 0.35 -1.05
C GLU A 79 13.99 0.53 -2.48
N GLN A 80 14.08 -0.53 -3.29
CA GLN A 80 13.70 -0.47 -4.70
C GLN A 80 13.23 -1.84 -5.17
N ILE A 81 12.20 -1.85 -6.01
CA ILE A 81 11.72 -3.09 -6.60
C ILE A 81 11.71 -3.03 -8.13
N LEU A 82 12.48 -2.11 -8.68
CA LEU A 82 12.63 -2.02 -10.13
C LEU A 82 13.81 -2.88 -10.57
N THR A 83 13.77 -4.10 -10.10
CA THR A 83 14.88 -5.03 -10.26
C THR A 83 14.68 -5.92 -11.48
N ASP A 84 13.92 -5.40 -12.44
CA ASP A 84 13.77 -6.05 -13.73
C ASP A 84 15.05 -5.85 -14.51
N VAL A 85 15.56 -6.93 -15.10
CA VAL A 85 16.85 -6.89 -15.78
C VAL A 85 16.73 -6.16 -17.11
N GLU A 86 16.85 -4.85 -17.04
CA GLU A 86 16.69 -4.01 -18.22
C GLU A 86 18.06 -3.54 -18.71
N VAL A 87 19.10 -4.00 -18.03
CA VAL A 87 20.47 -3.67 -18.40
C VAL A 87 20.96 -4.56 -19.54
N SER A 88 20.15 -5.56 -19.89
CA SER A 88 20.46 -6.45 -20.98
C SER A 88 19.99 -5.84 -22.30
N PRO A 89 20.75 -6.06 -23.39
CA PRO A 89 20.37 -5.59 -24.73
C PRO A 89 19.01 -6.09 -25.16
N GLN A 90 18.03 -5.18 -25.18
CA GLN A 90 16.67 -5.51 -25.58
C GLN A 90 16.42 -5.01 -26.99
N GLU A 91 17.44 -5.15 -27.84
CA GLU A 91 17.41 -4.58 -29.19
C GLU A 91 16.58 -5.46 -30.11
N GLY A 92 16.67 -6.77 -29.91
CA GLY A 92 15.93 -7.70 -30.75
C GLY A 92 14.59 -8.07 -30.14
N CYS A 93 13.77 -8.75 -30.93
CA CYS A 93 12.45 -9.16 -30.48
C CYS A 93 12.53 -10.40 -29.57
N ILE A 94 13.28 -10.26 -28.50
CA ILE A 94 13.44 -11.35 -27.54
C ILE A 94 12.26 -11.37 -26.58
N THR A 95 11.90 -10.21 -26.08
CA THR A 95 10.82 -10.07 -25.14
C THR A 95 9.47 -10.00 -25.85
N LYS A 96 8.51 -10.76 -25.34
CA LYS A 96 7.16 -10.75 -25.91
C LYS A 96 6.22 -9.97 -25.00
N ILE A 97 6.75 -9.51 -23.88
CA ILE A 97 5.98 -8.76 -22.92
C ILE A 97 5.85 -7.30 -23.33
N SER A 98 4.67 -6.74 -23.08
CA SER A 98 4.36 -5.36 -23.42
C SER A 98 3.00 -5.00 -22.84
N GLU A 99 2.83 -5.35 -21.58
CA GLU A 99 1.54 -5.27 -20.93
C GLU A 99 1.17 -3.82 -20.62
N ASP A 100 0.23 -3.28 -21.40
CA ASP A 100 -0.19 -1.89 -21.24
C ASP A 100 -1.02 -1.71 -19.98
N LEU A 101 -0.62 -0.76 -19.16
CA LEU A 101 -1.37 -0.39 -17.98
C LEU A 101 -1.57 1.12 -17.94
N GLY A 102 -1.67 1.70 -19.13
CA GLY A 102 -1.76 3.14 -19.25
C GLY A 102 -0.81 3.66 -20.30
N SER A 103 -1.31 3.86 -21.51
CA SER A 103 -0.48 4.30 -22.63
C SER A 103 0.07 5.70 -22.39
N GLU A 104 -0.73 6.55 -21.76
CA GLU A 104 -0.33 7.93 -21.49
C GLU A 104 -0.01 8.11 -20.02
N LYS A 105 -1.04 8.09 -19.20
CA LYS A 105 -0.90 8.36 -17.78
C LYS A 105 -1.58 7.27 -16.95
N PHE A 106 -0.96 6.90 -15.85
CA PHE A 106 -1.52 5.92 -14.93
C PHE A 106 -1.10 6.23 -13.50
N CYS A 107 -2.08 6.34 -12.60
CA CYS A 107 -1.81 6.61 -11.20
C CYS A 107 -1.50 5.32 -10.45
N VAL A 108 -0.42 4.67 -10.89
CA VAL A 108 -0.01 3.36 -10.38
C VAL A 108 -1.07 2.31 -10.68
N ASP A 109 -0.73 1.42 -11.61
CA ASP A 109 -1.66 0.42 -12.16
C ASP A 109 -2.86 1.11 -12.82
N ALA A 110 -3.66 0.31 -13.52
CA ALA A 110 -4.82 0.80 -14.25
C ALA A 110 -5.56 -0.35 -14.91
N ASN A 111 -4.81 -1.27 -15.51
CA ASN A 111 -5.40 -2.36 -16.27
C ASN A 111 -5.10 -3.72 -15.62
N GLN A 112 -4.75 -3.70 -14.34
CA GLN A 112 -4.43 -4.93 -13.64
C GLN A 112 -5.24 -5.04 -12.35
N ALA A 113 -5.23 -3.97 -11.57
CA ALA A 113 -5.96 -3.93 -10.29
C ALA A 113 -5.41 -4.98 -9.34
N GLY A 114 -4.10 -4.94 -9.14
CA GLY A 114 -3.45 -5.85 -8.22
C GLY A 114 -2.27 -5.19 -7.53
N ALA A 115 -2.54 -4.53 -6.42
CA ALA A 115 -1.52 -3.79 -5.69
C ALA A 115 -1.73 -3.89 -4.19
N GLY A 116 -0.76 -3.43 -3.43
CA GLY A 116 -0.87 -3.45 -1.99
C GLY A 116 -0.87 -2.05 -1.41
N SER A 117 -1.07 -1.08 -2.30
CA SER A 117 -1.12 0.33 -1.90
C SER A 117 -2.31 0.59 -0.98
N TRP A 118 -3.26 -0.32 -0.97
CA TRP A 118 -4.42 -0.21 -0.09
C TRP A 118 -4.02 -0.54 1.35
N LEU A 119 -2.92 -1.27 1.48
CA LEU A 119 -2.47 -1.74 2.79
C LEU A 119 -1.61 -0.72 3.50
N LYS A 120 -1.05 0.23 2.75
CA LYS A 120 -0.17 1.23 3.36
C LYS A 120 -1.00 2.22 4.18
N TYR A 121 -2.32 2.07 4.12
CA TYR A 121 -3.22 2.93 4.86
C TYR A 121 -3.33 2.51 6.32
N ILE A 122 -3.32 1.21 6.60
CA ILE A 122 -3.44 0.73 7.98
C ILE A 122 -2.25 1.21 8.81
N ARG A 123 -2.56 1.77 9.98
CA ARG A 123 -1.53 2.38 10.81
C ARG A 123 -1.35 1.63 12.13
N VAL A 124 -0.56 2.21 13.04
CA VAL A 124 -0.27 1.56 14.31
C VAL A 124 -1.47 1.68 15.25
N ALA A 125 -1.73 0.62 16.00
CA ALA A 125 -2.89 0.55 16.89
C ALA A 125 -2.85 1.62 17.96
N CYS A 126 -4.01 2.21 18.21
CA CYS A 126 -4.17 3.25 19.22
C CYS A 126 -4.10 2.64 20.63
N SER A 127 -4.06 1.31 20.69
CA SER A 127 -3.97 0.60 21.96
C SER A 127 -2.78 -0.36 21.94
N CYS A 128 -2.08 -0.43 23.07
CA CYS A 128 -0.91 -1.29 23.19
C CYS A 128 -1.32 -2.68 23.65
N ASP A 129 -2.51 -2.79 24.21
CA ASP A 129 -3.03 -4.08 24.67
C ASP A 129 -3.68 -4.83 23.52
N ASP A 130 -3.94 -4.11 22.45
CA ASP A 130 -4.63 -4.69 21.31
C ASP A 130 -3.69 -4.83 20.11
N GLN A 131 -2.39 -4.77 20.38
CA GLN A 131 -1.39 -4.92 19.33
C GLN A 131 -1.60 -6.22 18.54
N ASN A 132 -1.92 -6.07 17.27
CA ASN A 132 -2.16 -7.21 16.40
C ASN A 132 -1.64 -6.89 15.00
N LEU A 133 -0.58 -6.10 14.97
CA LEU A 133 -0.05 -5.58 13.72
C LEU A 133 1.35 -6.11 13.47
N THR A 134 1.57 -6.74 12.33
CA THR A 134 2.90 -7.17 11.95
C THR A 134 3.10 -7.09 10.43
N MET A 135 4.10 -6.32 10.02
CA MET A 135 4.49 -6.25 8.63
C MET A 135 5.88 -6.85 8.46
N CYS A 136 6.01 -7.76 7.51
CA CYS A 136 7.29 -8.38 7.24
C CYS A 136 7.74 -8.02 5.84
N GLN A 137 9.01 -8.25 5.55
CA GLN A 137 9.55 -7.95 4.23
C GLN A 137 10.30 -9.17 3.71
N ILE A 138 9.69 -9.87 2.77
CA ILE A 138 10.23 -11.12 2.25
C ILE A 138 10.11 -11.16 0.74
N SER A 139 11.09 -11.76 0.09
CA SER A 139 11.09 -11.93 -1.36
C SER A 139 11.06 -10.58 -2.06
N GLU A 140 11.74 -9.60 -1.44
CA GLU A 140 11.82 -8.24 -1.97
C GLU A 140 10.44 -7.60 -2.15
N GLN A 141 9.50 -8.01 -1.32
CA GLN A 141 8.17 -7.42 -1.34
C GLN A 141 7.65 -7.25 0.08
N ILE A 142 6.58 -6.49 0.21
CA ILE A 142 5.97 -6.22 1.50
C ILE A 142 5.06 -7.39 1.86
N TYR A 143 4.87 -7.63 3.15
CA TYR A 143 4.02 -8.73 3.59
C TYR A 143 3.25 -8.32 4.85
N TYR A 144 1.92 -8.34 4.77
CA TYR A 144 1.07 -8.03 5.92
C TYR A 144 0.55 -9.31 6.54
N LYS A 145 0.98 -9.59 7.76
CA LYS A 145 0.64 -10.84 8.41
C LYS A 145 -0.14 -10.58 9.69
N VAL A 146 -1.29 -11.24 9.83
CA VAL A 146 -2.12 -11.05 11.00
C VAL A 146 -1.82 -12.10 12.06
N ILE A 147 -2.03 -11.72 13.29
CA ILE A 147 -1.50 -12.41 14.45
C ILE A 147 -2.53 -13.33 15.10
N LYS A 148 -3.73 -12.81 15.24
CA LYS A 148 -4.79 -13.50 15.95
C LYS A 148 -6.15 -13.01 15.47
N ASP A 149 -7.22 -13.53 16.06
CA ASP A 149 -8.57 -13.14 15.67
C ASP A 149 -8.79 -11.65 15.84
N ILE A 150 -9.19 -11.00 14.75
CA ILE A 150 -9.45 -9.57 14.79
C ILE A 150 -10.95 -9.32 14.71
N GLU A 151 -11.41 -8.40 15.53
CA GLU A 151 -12.82 -8.04 15.56
C GLU A 151 -13.14 -7.06 14.44
N PRO A 152 -14.09 -7.41 13.56
CA PRO A 152 -14.54 -6.52 12.49
C PRO A 152 -14.92 -5.14 13.03
N GLY A 153 -14.24 -4.12 12.54
CA GLY A 153 -14.47 -2.78 13.04
C GLY A 153 -13.21 -2.15 13.58
N GLU A 154 -12.15 -2.92 13.70
CA GLU A 154 -10.85 -2.38 14.04
C GLU A 154 -9.78 -2.93 13.10
N GLU A 155 -9.07 -2.02 12.45
CA GLU A 155 -8.03 -2.38 11.50
C GLU A 155 -6.65 -2.06 12.04
N LEU A 156 -5.98 -3.04 12.61
CA LEU A 156 -4.63 -2.82 13.09
C LEU A 156 -3.65 -3.68 12.31
N LEU A 157 -2.98 -3.07 11.33
CA LEU A 157 -1.94 -3.73 10.54
C LEU A 157 -0.86 -2.71 10.18
N VAL A 158 0.34 -2.87 10.71
CA VAL A 158 1.39 -1.89 10.47
C VAL A 158 2.76 -2.52 10.63
N HIS A 159 3.77 -1.88 10.05
CA HIS A 159 5.15 -2.19 10.35
C HIS A 159 5.52 -1.52 11.66
N VAL A 160 6.09 -2.28 12.58
CA VAL A 160 6.60 -1.70 13.83
C VAL A 160 7.80 -0.81 13.51
N LYS A 161 7.52 0.48 13.35
CA LYS A 161 8.52 1.43 12.91
C LYS A 161 9.31 1.97 14.10
N GLU A 162 10.63 1.86 14.00
CA GLU A 162 11.52 2.36 15.02
C GLU A 162 12.88 2.68 14.38
N GLY A 163 13.97 2.51 15.10
CA GLY A 163 15.27 2.95 14.63
C GLY A 163 15.92 1.96 13.68
N VAL A 164 15.14 1.41 12.76
CA VAL A 164 15.66 0.48 11.77
C VAL A 164 15.69 1.12 10.39
N TYR A 165 14.54 1.13 9.72
CA TYR A 165 14.45 1.65 8.36
C TYR A 165 14.00 3.12 8.31
N PRO A 166 12.91 3.52 9.00
CA PRO A 166 12.39 4.89 8.91
C PRO A 166 13.41 5.93 9.38
N LEU A 167 14.06 5.66 10.51
CA LEU A 167 15.07 6.57 11.04
C LEU A 167 16.43 6.27 10.44
N GLY A 168 16.61 5.02 10.00
CA GLY A 168 17.85 4.60 9.39
C GLY A 168 19.00 4.53 10.37
N THR A 169 18.68 4.51 11.65
CA THR A 169 19.69 4.52 12.70
C THR A 169 20.15 3.11 13.05
N VAL A 170 20.48 2.33 12.02
CA VAL A 170 20.93 0.97 12.20
C VAL A 170 22.44 0.92 12.47
N PRO A 171 22.84 0.44 13.66
CA PRO A 171 24.25 0.31 14.02
C PRO A 171 24.85 -0.97 13.42
N PRO A 172 26.00 -0.84 12.74
CA PRO A 172 26.67 -1.98 12.11
C PRO A 172 27.22 -2.97 13.14
N GLY A 173 26.44 -4.00 13.42
CA GLY A 173 26.84 -5.00 14.38
C GLY A 173 26.42 -4.64 15.79
N LEU A 174 26.47 -5.62 16.69
CA LEU A 174 26.14 -5.39 18.07
C LEU A 174 27.37 -5.61 18.94
N ASP A 175 27.73 -4.60 19.72
CA ASP A 175 28.96 -4.64 20.49
C ASP A 175 28.68 -4.96 21.95
N GLU A 176 27.45 -4.71 22.38
CA GLU A 176 27.04 -5.04 23.74
C GLU A 176 26.46 -6.44 23.77
N GLY A 1 -10.42 12.33 -41.08
CA GLY A 1 -10.76 10.90 -41.27
C GLY A 1 -10.52 10.45 -42.69
N SER A 2 -10.14 9.19 -42.85
CA SER A 2 -9.85 8.63 -44.17
C SER A 2 -11.12 8.57 -45.02
N GLY A 3 -11.17 9.42 -46.05
CA GLY A 3 -12.32 9.48 -46.91
C GLY A 3 -12.46 10.85 -47.54
N PHE A 4 -12.24 11.88 -46.73
CA PHE A 4 -12.31 13.25 -47.20
C PHE A 4 -10.95 13.94 -46.99
N PRO A 5 -10.21 14.19 -48.09
CA PRO A 5 -8.87 14.78 -48.00
C PRO A 5 -8.91 16.18 -47.42
N THR A 6 -8.12 16.39 -46.37
CA THR A 6 -8.10 17.65 -45.62
C THR A 6 -9.52 18.12 -45.30
N SER A 7 -10.19 17.37 -44.42
CA SER A 7 -11.53 17.72 -44.00
C SER A 7 -11.53 19.08 -43.29
N GLU A 8 -12.57 19.88 -43.53
CA GLU A 8 -12.67 21.19 -42.92
C GLU A 8 -13.65 21.17 -41.77
N ASP A 9 -13.94 19.98 -41.28
CA ASP A 9 -14.91 19.79 -40.21
C ASP A 9 -14.25 19.87 -38.84
N PHE A 10 -13.49 20.93 -38.63
CA PHE A 10 -12.78 21.15 -37.38
C PHE A 10 -13.76 21.47 -36.27
N THR A 11 -13.92 20.54 -35.36
CA THR A 11 -14.80 20.73 -34.22
C THR A 11 -13.99 20.77 -32.93
N PRO A 12 -13.89 21.96 -32.30
CA PRO A 12 -13.12 22.15 -31.07
C PRO A 12 -13.69 21.32 -29.92
N LYS A 13 -12.88 20.39 -29.43
CA LYS A 13 -13.28 19.55 -28.31
C LYS A 13 -12.38 19.87 -27.12
N GLU A 14 -12.37 21.14 -26.74
CA GLU A 14 -11.46 21.64 -25.73
C GLU A 14 -12.20 21.97 -24.44
N GLY A 15 -12.08 21.11 -23.44
CA GLY A 15 -12.72 21.35 -22.18
C GLY A 15 -12.90 20.08 -21.36
N SER A 16 -11.79 19.48 -20.96
CA SER A 16 -11.82 18.25 -20.18
C SER A 16 -10.97 18.38 -18.92
N PRO A 17 -11.56 18.91 -17.83
CA PRO A 17 -10.87 19.08 -16.56
C PRO A 17 -10.93 17.83 -15.69
N TYR A 18 -9.97 17.71 -14.79
CA TYR A 18 -9.96 16.62 -13.83
C TYR A 18 -10.98 16.90 -12.72
N GLU A 19 -12.22 16.51 -12.97
CA GLU A 19 -13.28 16.72 -12.00
C GLU A 19 -13.26 15.61 -10.95
N ALA A 20 -13.10 16.00 -9.69
CA ALA A 20 -13.05 15.04 -8.60
C ALA A 20 -14.30 15.15 -7.74
N PRO A 21 -15.32 14.31 -8.04
CA PRO A 21 -16.55 14.27 -7.26
C PRO A 21 -16.47 13.22 -6.14
N VAL A 22 -17.63 12.75 -5.69
CA VAL A 22 -17.69 11.74 -4.65
C VAL A 22 -16.95 10.46 -5.10
N TYR A 23 -16.98 10.20 -6.40
CA TYR A 23 -16.25 9.07 -6.96
C TYR A 23 -15.10 9.58 -7.82
N ILE A 24 -13.89 9.44 -7.30
CA ILE A 24 -12.70 9.92 -8.00
C ILE A 24 -12.28 8.95 -9.09
N PRO A 25 -11.57 9.45 -10.12
CA PRO A 25 -11.10 8.62 -11.23
C PRO A 25 -9.73 8.00 -10.97
N GLU A 26 -9.29 8.01 -9.71
CA GLU A 26 -8.07 7.33 -9.33
C GLU A 26 -8.28 5.83 -9.42
N ASP A 27 -9.26 5.36 -8.67
CA ASP A 27 -9.69 3.97 -8.70
C ASP A 27 -8.60 3.04 -8.17
N ILE A 28 -8.58 2.90 -6.86
CA ILE A 28 -7.67 1.99 -6.20
C ILE A 28 -8.28 0.59 -6.13
N PRO A 29 -7.63 -0.41 -6.73
CA PRO A 29 -8.07 -1.80 -6.63
C PRO A 29 -7.99 -2.32 -5.20
N ILE A 30 -9.13 -2.67 -4.64
CA ILE A 30 -9.18 -3.15 -3.26
C ILE A 30 -10.02 -4.43 -3.18
N PRO A 31 -9.66 -5.34 -2.26
CA PRO A 31 -10.48 -6.51 -1.96
C PRO A 31 -11.69 -6.12 -1.12
N ALA A 32 -12.86 -6.60 -1.51
CA ALA A 32 -14.11 -6.25 -0.84
C ALA A 32 -14.16 -6.80 0.58
N ASP A 33 -13.19 -7.64 0.92
CA ASP A 33 -13.10 -8.23 2.25
C ASP A 33 -12.69 -7.17 3.27
N PHE A 34 -12.10 -6.08 2.78
CA PHE A 34 -11.69 -4.97 3.63
C PHE A 34 -12.35 -3.69 3.16
N GLU A 35 -12.63 -2.78 4.07
CA GLU A 35 -13.30 -1.54 3.71
C GLU A 35 -12.34 -0.37 3.84
N LEU A 36 -12.07 0.29 2.72
CA LEU A 36 -11.20 1.46 2.73
C LEU A 36 -12.00 2.68 3.11
N ARG A 37 -11.50 3.44 4.06
CA ARG A 37 -12.21 4.60 4.57
C ARG A 37 -11.26 5.73 4.92
N GLU A 38 -11.49 6.89 4.33
CA GLU A 38 -10.76 8.09 4.72
C GLU A 38 -11.40 8.70 5.95
N SER A 39 -10.68 8.67 7.06
CA SER A 39 -11.19 9.16 8.33
C SER A 39 -10.04 9.19 9.34
N SER A 40 -10.11 10.12 10.28
CA SER A 40 -9.09 10.23 11.31
C SER A 40 -9.57 9.60 12.61
N ILE A 41 -9.05 8.42 12.92
CA ILE A 41 -9.36 7.77 14.19
C ILE A 41 -8.22 8.04 15.19
N PRO A 42 -8.56 8.63 16.35
CA PRO A 42 -7.56 9.04 17.35
C PRO A 42 -6.71 7.88 17.85
N GLY A 43 -5.41 8.01 17.65
CA GLY A 43 -4.48 6.97 18.07
C GLY A 43 -3.90 6.23 16.90
N ALA A 44 -4.52 6.38 15.73
CA ALA A 44 -4.02 5.71 14.53
C ALA A 44 -3.96 6.68 13.35
N GLY A 45 -5.10 7.23 12.98
CA GLY A 45 -5.18 8.09 11.82
C GLY A 45 -6.17 7.56 10.81
N LEU A 46 -5.74 7.38 9.58
CA LEU A 46 -6.56 6.74 8.56
C LEU A 46 -6.35 5.24 8.58
N GLY A 47 -7.27 4.48 8.01
CA GLY A 47 -7.10 3.04 7.96
C GLY A 47 -8.24 2.34 7.24
N VAL A 48 -8.06 1.06 6.97
CA VAL A 48 -9.12 0.25 6.38
C VAL A 48 -9.71 -0.65 7.45
N TRP A 49 -10.98 -0.96 7.34
CA TRP A 49 -11.65 -1.77 8.34
C TRP A 49 -12.17 -3.07 7.73
N ALA A 50 -11.69 -4.19 8.23
CA ALA A 50 -12.18 -5.49 7.78
C ALA A 50 -13.60 -5.73 8.28
N LYS A 51 -14.51 -5.97 7.35
CA LYS A 51 -15.92 -6.17 7.71
C LYS A 51 -16.18 -7.66 7.95
N ARG A 52 -15.10 -8.42 8.03
CA ARG A 52 -15.17 -9.84 8.32
C ARG A 52 -14.07 -10.17 9.32
N LYS A 53 -14.23 -11.29 10.02
CA LYS A 53 -13.27 -11.70 11.02
C LYS A 53 -12.13 -12.48 10.37
N MET A 54 -10.99 -12.49 11.03
CA MET A 54 -9.85 -13.25 10.56
C MET A 54 -9.28 -14.05 11.73
N GLU A 55 -8.64 -15.16 11.43
CA GLU A 55 -8.08 -16.00 12.47
C GLU A 55 -6.57 -16.15 12.30
N ALA A 56 -5.88 -16.20 13.45
CA ALA A 56 -4.41 -16.18 13.51
C ALA A 56 -3.73 -16.91 12.36
N GLY A 57 -2.97 -16.16 11.58
CA GLY A 57 -2.28 -16.73 10.43
C GLY A 57 -2.75 -16.12 9.13
N GLU A 58 -3.57 -15.08 9.25
CA GLU A 58 -4.11 -14.40 8.10
C GLU A 58 -3.09 -13.42 7.52
N ARG A 59 -3.31 -13.01 6.28
CA ARG A 59 -2.42 -12.09 5.60
C ARG A 59 -3.21 -11.11 4.75
N LEU A 60 -2.72 -9.88 4.67
CA LEU A 60 -3.32 -8.90 3.77
C LEU A 60 -2.40 -8.67 2.58
N GLY A 61 -2.97 -8.32 1.44
CA GLY A 61 -2.16 -7.94 0.31
C GLY A 61 -2.21 -8.94 -0.82
N PRO A 62 -1.08 -9.16 -1.53
CA PRO A 62 0.22 -8.52 -1.23
C PRO A 62 0.19 -6.99 -1.42
N CYS A 63 1.21 -6.32 -0.90
CA CYS A 63 1.28 -4.87 -0.96
C CYS A 63 1.93 -4.41 -2.26
N VAL A 64 3.15 -4.85 -2.49
CA VAL A 64 3.86 -4.50 -3.71
C VAL A 64 4.12 -5.73 -4.56
N VAL A 65 3.81 -5.63 -5.84
CA VAL A 65 3.97 -6.75 -6.75
C VAL A 65 5.00 -6.40 -7.82
N VAL A 66 6.01 -5.67 -7.40
CA VAL A 66 7.07 -5.24 -8.29
C VAL A 66 8.20 -6.27 -8.33
N PRO A 67 8.44 -6.87 -9.51
CA PRO A 67 9.52 -7.83 -9.70
C PRO A 67 10.83 -7.16 -10.07
N ARG A 68 11.74 -7.08 -9.11
CA ARG A 68 13.06 -6.46 -9.29
C ARG A 68 12.96 -4.94 -9.36
N ALA A 69 13.97 -4.28 -8.81
CA ALA A 69 13.99 -2.83 -8.67
C ALA A 69 12.74 -2.36 -7.93
N ALA A 70 12.62 -2.78 -6.68
CA ALA A 70 11.46 -2.45 -5.86
C ALA A 70 11.29 -0.95 -5.71
N ALA A 71 10.19 -0.44 -6.26
CA ALA A 71 9.89 0.98 -6.20
C ALA A 71 8.43 1.20 -5.84
N LYS A 72 8.20 1.92 -4.77
CA LYS A 72 6.85 2.22 -4.30
C LYS A 72 6.23 3.30 -5.17
N GLU A 73 4.92 3.48 -5.04
CA GLU A 73 4.22 4.51 -5.80
C GLU A 73 4.79 5.88 -5.48
N THR A 74 4.45 6.39 -4.29
CA THR A 74 4.99 7.65 -3.79
C THR A 74 4.86 7.70 -2.28
N ASP A 75 3.63 7.53 -1.82
CA ASP A 75 3.35 7.49 -0.38
C ASP A 75 3.83 6.17 0.22
N PHE A 76 4.02 6.17 1.53
CA PHE A 76 4.47 4.97 2.21
C PHE A 76 3.77 4.83 3.56
N GLY A 77 3.40 3.59 3.88
CA GLY A 77 2.76 3.32 5.15
C GLY A 77 3.78 3.02 6.24
N TRP A 78 5.03 2.86 5.84
CA TRP A 78 6.09 2.55 6.78
C TRP A 78 7.28 3.49 6.57
N GLU A 79 8.08 3.21 5.55
CA GLU A 79 9.25 4.02 5.25
C GLU A 79 9.84 3.68 3.88
N GLN A 80 10.49 2.52 3.77
CA GLN A 80 11.19 2.15 2.54
C GLN A 80 11.66 0.69 2.62
N ILE A 81 11.95 0.09 1.47
CA ILE A 81 12.43 -1.29 1.42
C ILE A 81 13.74 -1.40 0.64
N LEU A 82 14.69 -0.53 0.93
CA LEU A 82 15.98 -0.58 0.24
C LEU A 82 16.88 -1.64 0.84
N THR A 83 16.34 -2.84 0.90
CA THR A 83 17.05 -4.00 1.41
C THR A 83 17.66 -4.76 0.25
N ASP A 84 17.94 -4.03 -0.81
CA ASP A 84 18.43 -4.60 -2.04
C ASP A 84 19.62 -3.78 -2.55
N VAL A 85 20.81 -4.26 -2.27
CA VAL A 85 22.02 -3.60 -2.72
C VAL A 85 22.26 -3.89 -4.20
N GLU A 86 22.08 -2.87 -5.03
CA GLU A 86 22.25 -3.03 -6.47
C GLU A 86 23.73 -3.10 -6.83
N VAL A 87 24.32 -4.25 -6.61
CA VAL A 87 25.72 -4.46 -6.89
C VAL A 87 25.93 -5.70 -7.76
N SER A 88 24.83 -6.31 -8.17
CA SER A 88 24.88 -7.55 -8.93
C SER A 88 24.06 -7.44 -10.22
N PRO A 89 24.72 -7.16 -11.35
CA PRO A 89 24.07 -7.10 -12.65
C PRO A 89 23.85 -8.49 -13.24
N GLN A 90 22.84 -9.18 -12.73
CA GLN A 90 22.52 -10.51 -13.19
C GLN A 90 21.01 -10.70 -13.34
N GLU A 91 20.33 -9.61 -13.66
CA GLU A 91 18.89 -9.64 -13.83
C GLU A 91 18.53 -9.82 -15.30
N GLY A 92 17.25 -10.04 -15.56
CA GLY A 92 16.78 -10.25 -16.92
C GLY A 92 15.54 -11.11 -16.95
N CYS A 93 15.73 -12.41 -16.84
CA CYS A 93 14.62 -13.35 -16.86
C CYS A 93 14.43 -14.00 -15.50
N ILE A 94 14.46 -13.18 -14.45
CA ILE A 94 14.26 -13.68 -13.09
C ILE A 94 12.79 -13.97 -12.85
N THR A 95 11.92 -13.12 -13.39
CA THR A 95 10.48 -13.30 -13.25
C THR A 95 9.96 -14.30 -14.29
N LYS A 96 10.55 -15.50 -14.27
CA LYS A 96 10.17 -16.56 -15.19
C LYS A 96 9.07 -17.42 -14.57
N ILE A 97 8.91 -17.28 -13.27
CA ILE A 97 7.89 -18.03 -12.54
C ILE A 97 6.64 -17.19 -12.35
N SER A 98 5.51 -17.86 -12.18
CA SER A 98 4.25 -17.15 -12.00
C SER A 98 3.43 -17.78 -10.87
N GLU A 99 2.58 -16.98 -10.24
CA GLU A 99 1.71 -17.46 -9.17
C GLU A 99 0.35 -17.87 -9.74
N ASP A 100 0.28 -19.10 -10.23
CA ASP A 100 -0.97 -19.61 -10.79
C ASP A 100 -1.88 -20.12 -9.69
N LEU A 101 -2.56 -19.19 -9.05
CA LEU A 101 -3.50 -19.53 -7.97
C LEU A 101 -4.85 -19.94 -8.55
N GLY A 102 -4.82 -20.92 -9.44
CA GLY A 102 -6.01 -21.41 -10.08
C GLY A 102 -5.69 -22.53 -11.05
N SER A 103 -6.49 -23.58 -11.04
CA SER A 103 -6.26 -24.72 -11.92
C SER A 103 -6.69 -24.41 -13.35
N GLU A 104 -7.49 -23.35 -13.50
CA GLU A 104 -7.91 -22.88 -14.80
C GLU A 104 -7.31 -21.52 -15.07
N LYS A 105 -7.75 -20.54 -14.28
CA LYS A 105 -7.24 -19.19 -14.37
C LYS A 105 -7.23 -18.57 -12.97
N PHE A 106 -6.62 -17.40 -12.85
CA PHE A 106 -6.53 -16.73 -11.56
C PHE A 106 -6.93 -15.26 -11.68
N CYS A 107 -7.78 -14.99 -12.66
CA CYS A 107 -8.25 -13.64 -12.90
C CYS A 107 -9.28 -13.24 -11.86
N VAL A 108 -8.81 -12.66 -10.76
CA VAL A 108 -9.68 -12.21 -9.69
C VAL A 108 -8.94 -11.21 -8.81
N ASP A 109 -9.62 -10.13 -8.44
CA ASP A 109 -9.03 -9.11 -7.59
C ASP A 109 -8.97 -9.57 -6.14
N ALA A 110 -8.19 -10.60 -5.92
CA ALA A 110 -7.94 -11.13 -4.59
C ALA A 110 -6.47 -10.99 -4.24
N ASN A 111 -5.63 -11.76 -4.92
CA ASN A 111 -4.18 -11.64 -4.77
C ASN A 111 -3.62 -10.70 -5.82
N GLN A 112 -4.45 -10.42 -6.83
CA GLN A 112 -4.08 -9.50 -7.90
C GLN A 112 -4.35 -8.06 -7.48
N ALA A 113 -5.19 -7.90 -6.46
CA ALA A 113 -5.53 -6.58 -5.94
C ALA A 113 -4.42 -6.05 -5.03
N GLY A 114 -3.19 -6.37 -5.39
CA GLY A 114 -2.05 -5.90 -4.62
C GLY A 114 -1.59 -4.54 -5.08
N ALA A 115 -2.51 -3.58 -5.07
CA ALA A 115 -2.21 -2.23 -5.49
C ALA A 115 -1.28 -1.54 -4.50
N GLY A 116 -1.40 -1.93 -3.22
CA GLY A 116 -0.58 -1.34 -2.18
C GLY A 116 -1.15 -0.05 -1.65
N SER A 117 -1.79 0.71 -2.54
CA SER A 117 -2.37 1.99 -2.19
C SER A 117 -3.39 1.86 -1.06
N TRP A 118 -4.05 0.70 -0.98
CA TRP A 118 -5.05 0.49 0.05
C TRP A 118 -4.42 0.01 1.36
N LEU A 119 -3.24 -0.60 1.26
CA LEU A 119 -2.56 -1.14 2.43
C LEU A 119 -1.72 -0.09 3.14
N LYS A 120 -1.46 1.03 2.46
CA LYS A 120 -0.72 2.12 3.08
C LYS A 120 -1.60 2.88 4.06
N TYR A 121 -2.86 2.48 4.15
CA TYR A 121 -3.82 3.13 5.03
C TYR A 121 -3.69 2.65 6.47
N ILE A 122 -3.41 1.36 6.67
CA ILE A 122 -3.41 0.81 8.03
C ILE A 122 -2.31 1.44 8.87
N ARG A 123 -2.62 1.70 10.13
CA ARG A 123 -1.70 2.38 11.03
C ARG A 123 -1.43 1.55 12.28
N VAL A 124 -0.79 2.19 13.26
CA VAL A 124 -0.42 1.52 14.50
C VAL A 124 -1.66 1.20 15.33
N ALA A 125 -1.53 0.20 16.21
CA ALA A 125 -2.61 -0.19 17.10
C ALA A 125 -3.07 1.00 17.93
N CYS A 126 -4.38 1.18 17.99
CA CYS A 126 -4.98 2.34 18.62
C CYS A 126 -4.84 2.26 20.14
N SER A 127 -4.62 1.05 20.65
CA SER A 127 -4.43 0.86 22.09
C SER A 127 -3.19 0.02 22.37
N CYS A 128 -2.65 0.15 23.57
CA CYS A 128 -1.44 -0.56 23.97
C CYS A 128 -1.59 -2.07 23.88
N ASP A 129 -2.60 -2.60 24.57
CA ASP A 129 -2.79 -4.04 24.68
C ASP A 129 -3.37 -4.63 23.40
N ASP A 130 -3.61 -3.77 22.42
CA ASP A 130 -4.20 -4.19 21.16
C ASP A 130 -3.14 -4.46 20.11
N GLN A 131 -1.89 -4.62 20.55
CA GLN A 131 -0.81 -4.98 19.63
C GLN A 131 -1.16 -6.26 18.90
N ASN A 132 -1.35 -6.15 17.60
CA ASN A 132 -1.69 -7.28 16.77
C ASN A 132 -1.34 -6.93 15.34
N LEU A 133 -0.17 -6.34 15.18
CA LEU A 133 0.26 -5.87 13.89
C LEU A 133 1.74 -6.08 13.67
N THR A 134 2.07 -6.70 12.55
CA THR A 134 3.44 -6.96 12.18
C THR A 134 3.58 -6.98 10.66
N MET A 135 4.43 -6.10 10.14
CA MET A 135 4.66 -6.03 8.71
C MET A 135 6.04 -6.54 8.39
N CYS A 136 6.11 -7.61 7.61
CA CYS A 136 7.37 -8.25 7.29
C CYS A 136 7.67 -8.09 5.81
N GLN A 137 8.90 -8.37 5.41
CA GLN A 137 9.26 -8.33 4.00
C GLN A 137 9.84 -9.67 3.56
N ILE A 138 9.38 -10.14 2.42
CA ILE A 138 9.82 -11.41 1.88
C ILE A 138 9.79 -11.37 0.36
N SER A 139 10.80 -11.98 -0.27
CA SER A 139 10.87 -12.06 -1.72
C SER A 139 10.78 -10.67 -2.35
N GLU A 140 11.43 -9.70 -1.69
CA GLU A 140 11.52 -8.32 -2.17
C GLU A 140 10.19 -7.57 -2.03
N GLN A 141 9.14 -8.23 -1.55
CA GLN A 141 7.86 -7.58 -1.40
C GLN A 141 7.42 -7.53 0.06
N ILE A 142 6.58 -6.54 0.36
CA ILE A 142 6.06 -6.38 1.70
C ILE A 142 4.88 -7.30 1.96
N TYR A 143 4.98 -8.01 3.07
CA TYR A 143 3.97 -8.99 3.46
C TYR A 143 3.29 -8.54 4.75
N TYR A 144 1.97 -8.57 4.76
CA TYR A 144 1.22 -8.18 5.95
C TYR A 144 0.82 -9.42 6.71
N LYS A 145 1.41 -9.58 7.89
CA LYS A 145 1.15 -10.75 8.71
C LYS A 145 0.40 -10.33 9.95
N VAL A 146 -0.79 -10.88 10.14
CA VAL A 146 -1.54 -10.60 11.33
C VAL A 146 -1.26 -11.68 12.35
N ILE A 147 -1.37 -11.29 13.60
CA ILE A 147 -0.87 -12.09 14.70
C ILE A 147 -1.92 -13.08 15.17
N LYS A 148 -3.08 -12.55 15.52
CA LYS A 148 -4.20 -13.38 15.94
C LYS A 148 -5.54 -12.82 15.49
N ASP A 149 -6.61 -13.52 15.86
CA ASP A 149 -7.97 -13.25 15.38
C ASP A 149 -8.36 -11.77 15.43
N ILE A 150 -8.84 -11.27 14.31
CA ILE A 150 -9.33 -9.90 14.21
C ILE A 150 -10.84 -9.85 14.42
N GLU A 151 -11.30 -8.87 15.19
CA GLU A 151 -12.72 -8.60 15.33
C GLU A 151 -13.15 -7.60 14.26
N PRO A 152 -14.14 -7.98 13.44
CA PRO A 152 -14.61 -7.17 12.31
C PRO A 152 -14.84 -5.71 12.70
N GLY A 153 -14.17 -4.81 12.00
CA GLY A 153 -14.30 -3.40 12.29
C GLY A 153 -12.97 -2.75 12.63
N GLU A 154 -11.98 -3.55 12.99
CA GLU A 154 -10.68 -2.99 13.36
C GLU A 154 -9.53 -3.72 12.68
N GLU A 155 -8.75 -2.98 11.91
CA GLU A 155 -7.52 -3.51 11.34
C GLU A 155 -6.32 -2.86 12.01
N LEU A 156 -5.50 -3.65 12.66
CA LEU A 156 -4.24 -3.14 13.15
C LEU A 156 -3.12 -3.79 12.38
N LEU A 157 -2.57 -3.08 11.41
CA LEU A 157 -1.46 -3.56 10.61
C LEU A 157 -0.50 -2.42 10.28
N VAL A 158 0.71 -2.46 10.81
CA VAL A 158 1.70 -1.44 10.50
C VAL A 158 3.10 -2.01 10.62
N HIS A 159 4.04 -1.34 9.98
CA HIS A 159 5.44 -1.65 10.14
C HIS A 159 6.01 -0.67 11.14
N VAL A 160 6.37 -1.16 12.30
CA VAL A 160 7.02 -0.32 13.28
C VAL A 160 8.40 0.07 12.76
N LYS A 161 8.54 1.36 12.43
CA LYS A 161 9.75 1.86 11.81
C LYS A 161 10.99 1.46 12.58
N GLU A 162 11.90 0.81 11.88
CA GLU A 162 13.09 0.26 12.50
C GLU A 162 14.33 1.02 12.04
N GLY A 163 14.11 1.99 11.17
CA GLY A 163 15.18 2.83 10.73
C GLY A 163 15.71 2.44 9.37
N VAL A 164 14.88 2.63 8.37
CA VAL A 164 15.26 2.38 6.99
C VAL A 164 15.38 3.70 6.25
N TYR A 165 14.26 4.39 6.16
CA TYR A 165 14.21 5.68 5.47
C TYR A 165 14.47 6.86 6.41
N PRO A 166 13.60 7.11 7.42
CA PRO A 166 13.71 8.30 8.27
C PRO A 166 15.00 8.34 9.10
N LEU A 167 15.29 7.25 9.79
CA LEU A 167 16.47 7.19 10.66
C LEU A 167 17.75 7.08 9.83
N GLY A 168 17.71 6.25 8.80
CA GLY A 168 18.88 6.03 7.98
C GLY A 168 19.50 4.67 8.23
N THR A 169 20.82 4.64 8.36
CA THR A 169 21.57 3.40 8.65
C THR A 169 21.20 2.30 7.67
N VAL A 170 21.14 2.66 6.39
CA VAL A 170 20.67 1.74 5.37
C VAL A 170 21.66 0.59 5.16
N PRO A 171 21.17 -0.58 4.70
CA PRO A 171 22.05 -1.73 4.42
C PRO A 171 23.26 -1.38 3.54
N PRO A 172 23.08 -0.72 2.35
CA PRO A 172 24.21 -0.31 1.51
C PRO A 172 24.92 0.94 2.05
N GLY A 173 24.83 1.15 3.36
CA GLY A 173 25.47 2.29 3.97
C GLY A 173 26.77 1.91 4.65
N LEU A 174 27.68 2.85 4.76
CA LEU A 174 28.99 2.59 5.35
C LEU A 174 29.53 3.83 6.02
N ASP A 175 29.94 3.70 7.28
CA ASP A 175 30.60 4.77 7.99
C ASP A 175 31.86 4.25 8.66
N GLU A 176 32.19 2.99 8.37
CA GLU A 176 33.33 2.31 8.99
C GLU A 176 33.18 2.27 10.50
N GLY A 1 35.55 49.43 -1.51
CA GLY A 1 34.07 49.31 -1.60
C GLY A 1 33.63 47.88 -1.76
N SER A 2 32.85 47.39 -0.81
CA SER A 2 32.35 46.03 -0.86
C SER A 2 30.84 46.02 -0.57
N GLY A 3 30.16 47.05 -1.05
CA GLY A 3 28.74 47.20 -0.78
C GLY A 3 27.91 46.34 -1.69
N PHE A 4 28.07 45.03 -1.58
CA PHE A 4 27.31 44.09 -2.37
C PHE A 4 26.20 43.47 -1.50
N PRO A 5 24.97 43.41 -2.03
CA PRO A 5 23.85 42.77 -1.34
C PRO A 5 24.07 41.28 -1.17
N THR A 6 24.81 40.90 -0.14
CA THR A 6 25.11 39.51 0.13
C THR A 6 23.90 38.77 0.67
N SER A 7 22.93 39.54 1.16
CA SER A 7 21.69 38.98 1.71
C SER A 7 20.75 38.55 0.58
N GLU A 8 21.23 37.67 -0.28
CA GLU A 8 20.43 37.18 -1.40
C GLU A 8 19.51 36.05 -0.96
N ASP A 9 18.40 36.42 -0.35
CA ASP A 9 17.42 35.43 0.07
C ASP A 9 16.81 34.74 -1.13
N PHE A 10 16.71 33.42 -1.05
CA PHE A 10 16.09 32.65 -2.10
C PHE A 10 14.86 31.94 -1.57
N THR A 11 13.70 32.52 -1.81
CA THR A 11 12.45 31.91 -1.40
C THR A 11 12.01 30.90 -2.45
N PRO A 12 11.91 29.62 -2.09
CA PRO A 12 11.46 28.57 -3.00
C PRO A 12 10.03 28.83 -3.45
N LYS A 13 9.85 28.97 -4.75
CA LYS A 13 8.55 29.30 -5.30
C LYS A 13 7.68 28.05 -5.41
N GLU A 14 7.33 27.50 -4.26
CA GLU A 14 6.42 26.37 -4.20
C GLU A 14 5.00 26.86 -4.39
N GLY A 15 4.42 26.53 -5.54
CA GLY A 15 3.06 26.93 -5.82
C GLY A 15 2.08 26.40 -4.82
N SER A 16 0.97 27.09 -4.65
CA SER A 16 -0.06 26.69 -3.70
C SER A 16 -0.77 25.43 -4.20
N PRO A 17 -0.61 24.32 -3.49
CA PRO A 17 -1.18 23.04 -3.88
C PRO A 17 -2.63 22.89 -3.42
N TYR A 18 -3.45 22.27 -4.24
CA TYR A 18 -4.83 22.01 -3.86
C TYR A 18 -4.90 20.73 -3.03
N GLU A 19 -5.55 20.83 -1.88
CA GLU A 19 -5.69 19.69 -1.00
C GLU A 19 -7.03 19.01 -1.24
N ALA A 20 -7.01 17.68 -1.28
CA ALA A 20 -8.23 16.91 -1.42
C ALA A 20 -9.13 17.13 -0.20
N PRO A 21 -10.34 17.67 -0.42
CA PRO A 21 -11.30 17.95 0.66
C PRO A 21 -11.80 16.68 1.35
N VAL A 22 -12.77 16.02 0.75
CA VAL A 22 -13.31 14.80 1.30
C VAL A 22 -12.87 13.60 0.46
N TYR A 23 -12.87 13.79 -0.86
CA TYR A 23 -12.44 12.74 -1.76
C TYR A 23 -10.92 12.83 -1.97
N ILE A 24 -10.22 11.79 -1.61
CA ILE A 24 -8.79 11.74 -1.81
C ILE A 24 -8.45 11.21 -3.20
N PRO A 25 -7.30 11.62 -3.77
CA PRO A 25 -6.91 11.25 -5.14
C PRO A 25 -6.15 9.94 -5.20
N GLU A 26 -6.28 9.13 -4.16
CA GLU A 26 -5.62 7.84 -4.12
C GLU A 26 -6.53 6.78 -4.74
N ASP A 27 -7.62 6.48 -4.04
CA ASP A 27 -8.64 5.56 -4.53
C ASP A 27 -8.04 4.21 -4.93
N ILE A 28 -7.76 3.38 -3.94
CA ILE A 28 -7.13 2.09 -4.17
C ILE A 28 -8.14 0.97 -3.95
N PRO A 29 -8.20 -0.01 -4.88
CA PRO A 29 -9.10 -1.16 -4.75
C PRO A 29 -8.65 -2.13 -3.66
N ILE A 30 -9.55 -2.42 -2.73
CA ILE A 30 -9.22 -3.26 -1.59
C ILE A 30 -9.96 -4.60 -1.67
N PRO A 31 -9.45 -5.63 -0.94
CA PRO A 31 -10.07 -6.96 -0.91
C PRO A 31 -11.46 -6.95 -0.27
N ALA A 32 -12.21 -8.02 -0.52
CA ALA A 32 -13.62 -8.08 -0.16
C ALA A 32 -13.86 -8.15 1.35
N ASP A 33 -12.81 -8.24 2.14
CA ASP A 33 -12.98 -8.30 3.59
C ASP A 33 -12.47 -7.05 4.28
N PHE A 34 -12.00 -6.09 3.51
CA PHE A 34 -11.55 -4.82 4.05
C PHE A 34 -12.23 -3.70 3.32
N GLU A 35 -12.62 -2.66 4.02
CA GLU A 35 -13.26 -1.54 3.39
C GLU A 35 -12.50 -0.28 3.67
N LEU A 36 -12.14 0.43 2.61
CA LEU A 36 -11.37 1.64 2.75
C LEU A 36 -12.29 2.80 3.05
N ARG A 37 -11.98 3.51 4.10
CA ARG A 37 -12.83 4.59 4.58
C ARG A 37 -11.98 5.61 5.32
N GLU A 38 -12.12 6.87 4.95
CA GLU A 38 -11.44 7.92 5.69
C GLU A 38 -12.27 8.27 6.92
N SER A 39 -11.72 7.95 8.08
CA SER A 39 -12.40 8.19 9.34
C SER A 39 -11.38 8.09 10.46
N SER A 40 -10.80 9.23 10.81
CA SER A 40 -9.69 9.29 11.75
C SER A 40 -10.03 8.61 13.08
N ILE A 41 -9.47 7.43 13.27
CA ILE A 41 -9.58 6.70 14.53
C ILE A 41 -8.40 7.07 15.43
N PRO A 42 -8.70 7.58 16.65
CA PRO A 42 -7.68 8.06 17.59
C PRO A 42 -6.50 7.10 17.76
N GLY A 43 -5.32 7.56 17.38
CA GLY A 43 -4.13 6.75 17.50
C GLY A 43 -3.60 6.27 16.16
N ALA A 44 -4.49 6.15 15.19
CA ALA A 44 -4.09 5.70 13.86
C ALA A 44 -4.50 6.70 12.80
N GLY A 45 -5.80 6.91 12.67
CA GLY A 45 -6.31 7.82 11.66
C GLY A 45 -7.14 7.12 10.62
N LEU A 46 -6.63 7.11 9.40
CA LEU A 46 -7.27 6.40 8.30
C LEU A 46 -6.90 4.90 8.35
N GLY A 47 -7.71 4.07 7.71
CA GLY A 47 -7.43 2.66 7.66
C GLY A 47 -8.42 1.90 6.79
N VAL A 48 -8.25 0.58 6.72
CA VAL A 48 -9.19 -0.26 6.00
C VAL A 48 -9.87 -1.22 6.97
N TRP A 49 -11.17 -1.05 7.12
CA TRP A 49 -11.93 -1.73 8.14
C TRP A 49 -12.32 -3.14 7.69
N ALA A 50 -11.87 -4.14 8.44
CA ALA A 50 -12.23 -5.52 8.15
C ALA A 50 -13.71 -5.74 8.38
N LYS A 51 -14.42 -6.18 7.34
CA LYS A 51 -15.86 -6.41 7.43
C LYS A 51 -16.14 -7.84 7.86
N ARG A 52 -15.09 -8.65 7.88
CA ARG A 52 -15.16 -10.03 8.32
C ARG A 52 -13.99 -10.31 9.23
N LYS A 53 -14.13 -11.33 10.07
CA LYS A 53 -13.06 -11.69 10.98
C LYS A 53 -12.00 -12.50 10.26
N MET A 54 -10.82 -12.54 10.83
CA MET A 54 -9.73 -13.33 10.29
C MET A 54 -9.14 -14.20 11.36
N GLU A 55 -8.77 -15.41 11.01
CA GLU A 55 -8.18 -16.34 11.96
C GLU A 55 -6.69 -16.45 11.71
N ALA A 56 -5.93 -16.52 12.81
CA ALA A 56 -4.47 -16.49 12.78
C ALA A 56 -3.89 -17.32 11.65
N GLY A 57 -3.02 -16.70 10.86
CA GLY A 57 -2.43 -17.36 9.72
C GLY A 57 -2.79 -16.66 8.43
N GLU A 58 -3.42 -15.50 8.56
CA GLU A 58 -3.85 -14.72 7.41
C GLU A 58 -2.72 -13.80 6.92
N ARG A 59 -2.87 -13.29 5.70
CA ARG A 59 -1.90 -12.40 5.11
C ARG A 59 -2.61 -11.37 4.23
N LEU A 60 -2.24 -10.10 4.34
CA LEU A 60 -2.83 -9.07 3.51
C LEU A 60 -1.89 -8.72 2.36
N GLY A 61 -2.47 -8.44 1.20
CA GLY A 61 -1.67 -8.02 0.06
C GLY A 61 -1.89 -8.90 -1.15
N PRO A 62 -0.82 -9.29 -1.86
CA PRO A 62 0.56 -8.94 -1.49
C PRO A 62 0.91 -7.49 -1.80
N CYS A 63 1.80 -6.92 -1.00
CA CYS A 63 2.25 -5.57 -1.22
C CYS A 63 3.55 -5.62 -2.02
N VAL A 64 3.79 -4.57 -2.78
CA VAL A 64 4.87 -4.57 -3.77
C VAL A 64 4.61 -5.70 -4.77
N VAL A 65 3.79 -5.40 -5.77
CA VAL A 65 3.35 -6.39 -6.74
C VAL A 65 4.48 -6.79 -7.69
N VAL A 66 4.12 -7.48 -8.78
CA VAL A 66 5.08 -7.96 -9.76
C VAL A 66 6.07 -6.86 -10.15
N PRO A 67 7.37 -7.07 -9.82
CA PRO A 67 8.42 -6.09 -10.09
C PRO A 67 8.62 -5.81 -11.57
N ARG A 68 7.87 -4.85 -12.09
CA ARG A 68 8.08 -4.37 -13.46
C ARG A 68 8.88 -3.08 -13.40
N ALA A 69 8.66 -2.32 -12.34
CA ALA A 69 9.39 -1.10 -12.08
C ALA A 69 9.46 -0.85 -10.58
N ALA A 70 8.29 -0.86 -9.94
CA ALA A 70 8.18 -0.71 -8.48
C ALA A 70 8.99 0.47 -7.96
N ALA A 71 8.69 1.64 -8.51
CA ALA A 71 9.39 2.86 -8.14
C ALA A 71 8.41 3.91 -7.67
N LYS A 72 8.14 3.90 -6.38
CA LYS A 72 7.26 4.87 -5.77
C LYS A 72 8.06 6.07 -5.29
N GLU A 73 7.35 7.11 -4.84
CA GLU A 73 7.99 8.32 -4.36
C GLU A 73 8.90 8.04 -3.18
N THR A 74 8.31 7.72 -2.04
CA THR A 74 9.05 7.32 -0.86
C THR A 74 8.22 6.34 -0.04
N ASP A 75 7.15 6.85 0.57
CA ASP A 75 6.23 6.04 1.37
C ASP A 75 6.92 5.47 2.62
N PHE A 76 6.12 5.02 3.56
CA PHE A 76 6.64 4.53 4.83
C PHE A 76 6.38 3.04 4.97
N GLY A 77 7.44 2.28 5.14
CA GLY A 77 7.33 0.84 5.27
C GLY A 77 8.67 0.20 5.57
N TRP A 78 9.66 0.58 4.77
CA TRP A 78 11.02 0.12 4.97
C TRP A 78 12.02 1.28 4.80
N GLU A 79 12.79 1.24 3.72
CA GLU A 79 13.74 2.30 3.39
C GLU A 79 14.19 2.17 1.94
N GLN A 80 14.47 0.92 1.54
CA GLN A 80 14.98 0.66 0.19
C GLN A 80 14.42 -0.67 -0.32
N ILE A 81 14.26 -0.78 -1.63
CA ILE A 81 13.87 -2.04 -2.25
C ILE A 81 15.02 -2.66 -3.01
N LEU A 82 16.02 -1.85 -3.35
CA LEU A 82 17.17 -2.32 -4.09
C LEU A 82 18.24 -2.90 -3.15
N THR A 83 17.87 -3.99 -2.50
CA THR A 83 18.77 -4.68 -1.59
C THR A 83 19.53 -5.78 -2.32
N ASP A 84 19.88 -5.50 -3.58
CA ASP A 84 20.53 -6.47 -4.45
C ASP A 84 19.62 -7.69 -4.61
N VAL A 85 18.49 -7.48 -5.25
CA VAL A 85 17.52 -8.53 -5.48
C VAL A 85 18.09 -9.64 -6.38
N GLU A 86 18.37 -10.78 -5.78
CA GLU A 86 18.87 -11.92 -6.51
C GLU A 86 18.29 -13.20 -5.92
N VAL A 87 17.05 -13.49 -6.28
CA VAL A 87 16.42 -14.72 -5.83
C VAL A 87 16.75 -15.84 -6.81
N SER A 88 17.23 -15.42 -7.98
CA SER A 88 17.67 -16.32 -9.02
C SER A 88 18.29 -15.49 -10.14
N PRO A 89 19.44 -15.91 -10.69
CA PRO A 89 20.09 -15.21 -11.80
C PRO A 89 19.27 -15.27 -13.08
N GLN A 90 18.22 -14.44 -13.14
CA GLN A 90 17.31 -14.43 -14.27
C GLN A 90 17.75 -13.43 -15.32
N GLU A 91 19.00 -13.56 -15.75
CA GLU A 91 19.54 -12.68 -16.77
C GLU A 91 19.04 -13.07 -18.15
N GLY A 92 17.85 -12.60 -18.49
CA GLY A 92 17.26 -12.91 -19.76
C GLY A 92 15.78 -13.19 -19.65
N CYS A 93 15.41 -13.94 -18.63
CA CYS A 93 14.01 -14.28 -18.41
C CYS A 93 13.65 -14.12 -16.93
N ILE A 94 13.33 -12.88 -16.56
CA ILE A 94 12.88 -12.60 -15.19
C ILE A 94 11.55 -13.31 -14.93
N THR A 95 10.72 -13.39 -15.95
CA THR A 95 9.47 -14.12 -15.87
C THR A 95 9.01 -14.52 -17.27
N LYS A 96 8.62 -15.78 -17.43
CA LYS A 96 8.18 -16.29 -18.72
C LYS A 96 6.66 -16.20 -18.79
N ILE A 97 6.06 -15.97 -17.65
CA ILE A 97 4.61 -15.85 -17.55
C ILE A 97 4.22 -14.41 -17.25
N SER A 98 2.94 -14.12 -17.37
CA SER A 98 2.46 -12.77 -17.16
C SER A 98 1.29 -12.76 -16.20
N GLU A 99 1.45 -12.05 -15.09
CA GLU A 99 0.36 -11.83 -14.15
C GLU A 99 -0.55 -10.76 -14.70
N ASP A 100 -1.51 -11.16 -15.51
CA ASP A 100 -2.38 -10.24 -16.22
C ASP A 100 -3.81 -10.78 -16.21
N LEU A 101 -4.77 -9.89 -16.04
CA LEU A 101 -6.17 -10.30 -15.94
C LEU A 101 -6.97 -9.90 -17.17
N GLY A 102 -6.25 -9.53 -18.22
CA GLY A 102 -6.90 -9.09 -19.43
C GLY A 102 -6.18 -7.93 -20.08
N SER A 103 -6.16 -7.92 -21.39
CA SER A 103 -5.46 -6.88 -22.15
C SER A 103 -6.34 -5.66 -22.33
N GLU A 104 -7.56 -5.74 -21.83
CA GLU A 104 -8.54 -4.66 -22.02
C GLU A 104 -8.52 -3.67 -20.87
N LYS A 105 -9.23 -4.03 -19.81
CA LYS A 105 -9.43 -3.12 -18.69
C LYS A 105 -8.78 -3.66 -17.42
N PHE A 106 -8.69 -2.79 -16.41
CA PHE A 106 -8.18 -3.13 -15.09
C PHE A 106 -6.71 -3.56 -15.18
N CYS A 107 -5.96 -2.92 -16.07
CA CYS A 107 -4.56 -3.27 -16.26
C CYS A 107 -3.68 -2.55 -15.24
N VAL A 108 -4.18 -1.43 -14.73
CA VAL A 108 -3.45 -0.66 -13.74
C VAL A 108 -4.34 -0.42 -12.52
N ASP A 109 -3.79 -0.71 -11.34
CA ASP A 109 -4.51 -0.53 -10.07
C ASP A 109 -5.75 -1.40 -10.01
N ALA A 110 -5.54 -2.71 -9.87
CA ALA A 110 -6.64 -3.65 -9.77
C ALA A 110 -6.26 -4.85 -8.90
N ASN A 111 -5.84 -5.94 -9.54
CA ASN A 111 -5.48 -7.16 -8.80
C ASN A 111 -4.04 -7.58 -9.08
N GLN A 112 -3.56 -7.31 -10.29
CA GLN A 112 -2.21 -7.69 -10.68
C GLN A 112 -1.24 -6.69 -10.11
N ALA A 113 -1.61 -5.43 -10.28
CA ALA A 113 -0.88 -4.32 -9.74
C ALA A 113 -1.79 -3.49 -8.85
N GLY A 114 -1.23 -2.98 -7.75
CA GLY A 114 -2.03 -2.19 -6.81
C GLY A 114 -2.74 -3.07 -5.80
N ALA A 115 -2.37 -4.34 -5.77
CA ALA A 115 -3.05 -5.31 -4.91
C ALA A 115 -2.64 -5.17 -3.44
N GLY A 116 -1.65 -4.32 -3.18
CA GLY A 116 -1.21 -4.10 -1.83
C GLY A 116 -0.89 -2.66 -1.53
N SER A 117 -1.40 -1.76 -2.36
CA SER A 117 -1.15 -0.34 -2.19
C SER A 117 -2.06 0.23 -1.10
N TRP A 118 -3.23 -0.39 -0.95
CA TRP A 118 -4.22 0.01 0.05
C TRP A 118 -3.70 -0.18 1.47
N LEU A 119 -2.66 -0.99 1.57
CA LEU A 119 -2.09 -1.37 2.86
C LEU A 119 -1.40 -0.19 3.55
N LYS A 120 -1.17 0.88 2.80
CA LYS A 120 -0.54 2.09 3.37
C LYS A 120 -1.49 2.79 4.33
N TYR A 121 -2.76 2.41 4.31
CA TYR A 121 -3.77 3.05 5.13
C TYR A 121 -3.71 2.56 6.58
N ILE A 122 -3.45 1.27 6.77
CA ILE A 122 -3.38 0.73 8.12
C ILE A 122 -2.14 1.24 8.83
N ARG A 123 -2.33 1.83 10.00
CA ARG A 123 -1.23 2.43 10.73
C ARG A 123 -1.01 1.76 12.08
N VAL A 124 -0.30 2.44 12.97
CA VAL A 124 0.09 1.88 14.26
C VAL A 124 -1.11 1.75 15.20
N ALA A 125 -1.00 0.87 16.19
CA ALA A 125 -2.07 0.57 17.13
C ALA A 125 -2.53 1.81 17.87
N CYS A 126 -3.79 1.78 18.29
CA CYS A 126 -4.39 2.90 18.98
C CYS A 126 -4.10 2.83 20.48
N SER A 127 -3.56 1.69 20.92
CA SER A 127 -3.20 1.50 22.33
C SER A 127 -2.07 0.47 22.45
N CYS A 128 -1.52 0.34 23.66
CA CYS A 128 -0.45 -0.62 23.90
C CYS A 128 -0.97 -2.06 23.88
N ASP A 129 -2.12 -2.26 24.51
CA ASP A 129 -2.75 -3.58 24.58
C ASP A 129 -3.46 -3.89 23.27
N ASP A 130 -3.31 -2.98 22.31
CA ASP A 130 -3.99 -3.08 21.03
C ASP A 130 -3.04 -3.58 19.95
N GLN A 131 -1.92 -4.16 20.38
CA GLN A 131 -0.93 -4.68 19.44
C GLN A 131 -1.49 -5.88 18.68
N ASN A 132 -1.66 -5.70 17.38
CA ASN A 132 -2.04 -6.78 16.49
C ASN A 132 -1.48 -6.47 15.10
N LEU A 133 -0.32 -5.83 15.09
CA LEU A 133 0.25 -5.32 13.85
C LEU A 133 1.65 -5.87 13.63
N THR A 134 1.85 -6.52 12.49
CA THR A 134 3.16 -7.03 12.13
C THR A 134 3.33 -7.07 10.61
N MET A 135 4.41 -6.47 10.13
CA MET A 135 4.73 -6.52 8.72
C MET A 135 6.00 -7.30 8.49
N CYS A 136 5.99 -8.15 7.49
CA CYS A 136 7.13 -8.99 7.16
C CYS A 136 7.72 -8.60 5.80
N GLN A 137 9.04 -8.55 5.74
CA GLN A 137 9.73 -8.22 4.50
C GLN A 137 10.40 -9.48 3.96
N ILE A 138 9.81 -10.06 2.93
CA ILE A 138 10.29 -11.30 2.36
C ILE A 138 10.16 -11.28 0.84
N SER A 139 11.12 -11.91 0.16
CA SER A 139 11.12 -11.98 -1.30
C SER A 139 11.29 -10.61 -1.92
N GLU A 140 11.93 -9.70 -1.16
CA GLU A 140 12.15 -8.32 -1.57
C GLU A 140 10.83 -7.58 -1.78
N GLN A 141 9.77 -8.10 -1.19
CA GLN A 141 8.46 -7.48 -1.26
C GLN A 141 7.85 -7.41 0.14
N ILE A 142 6.78 -6.64 0.28
CA ILE A 142 6.16 -6.41 1.57
C ILE A 142 4.93 -7.30 1.78
N TYR A 143 4.87 -7.93 2.94
CA TYR A 143 3.70 -8.72 3.32
C TYR A 143 3.16 -8.26 4.66
N TYR A 144 1.84 -8.16 4.75
CA TYR A 144 1.18 -7.77 5.98
C TYR A 144 0.62 -9.00 6.68
N LYS A 145 1.12 -9.28 7.87
CA LYS A 145 0.73 -10.48 8.58
C LYS A 145 -0.07 -10.12 9.82
N VAL A 146 -1.30 -10.59 9.89
CA VAL A 146 -2.13 -10.37 11.04
C VAL A 146 -1.89 -11.47 12.06
N ILE A 147 -2.12 -11.14 13.31
CA ILE A 147 -1.66 -11.95 14.43
C ILE A 147 -2.74 -12.89 14.92
N LYS A 148 -3.87 -12.32 15.29
CA LYS A 148 -4.95 -13.11 15.91
C LYS A 148 -6.31 -12.76 15.31
N ASP A 149 -7.33 -13.48 15.76
CA ASP A 149 -8.70 -13.28 15.27
C ASP A 149 -9.11 -11.83 15.32
N ILE A 150 -9.30 -11.26 14.15
CA ILE A 150 -9.66 -9.86 13.99
C ILE A 150 -11.15 -9.66 14.22
N GLU A 151 -11.48 -8.62 14.97
CA GLU A 151 -12.86 -8.23 15.13
C GLU A 151 -13.26 -7.27 14.02
N PRO A 152 -14.34 -7.56 13.30
CA PRO A 152 -14.82 -6.67 12.24
C PRO A 152 -15.00 -5.26 12.74
N GLY A 153 -14.16 -4.35 12.27
CA GLY A 153 -14.21 -2.99 12.74
C GLY A 153 -12.90 -2.51 13.34
N GLU A 154 -11.93 -3.41 13.49
CA GLU A 154 -10.60 -2.99 13.96
C GLU A 154 -9.56 -3.22 12.87
N GLU A 155 -8.89 -2.15 12.47
CA GLU A 155 -7.78 -2.25 11.53
C GLU A 155 -6.45 -1.91 12.19
N LEU A 156 -5.72 -2.92 12.64
CA LEU A 156 -4.38 -2.69 13.17
C LEU A 156 -3.38 -3.51 12.39
N LEU A 157 -2.69 -2.86 11.45
CA LEU A 157 -1.64 -3.49 10.65
C LEU A 157 -0.55 -2.47 10.32
N VAL A 158 0.64 -2.66 10.86
CA VAL A 158 1.74 -1.73 10.64
C VAL A 158 3.07 -2.43 10.80
N HIS A 159 4.12 -1.86 10.25
CA HIS A 159 5.45 -2.33 10.50
C HIS A 159 6.02 -1.53 11.66
N VAL A 160 6.19 -2.16 12.79
CA VAL A 160 6.78 -1.51 13.94
C VAL A 160 8.28 -1.35 13.71
N LYS A 161 8.76 -0.13 13.90
CA LYS A 161 10.13 0.21 13.51
C LYS A 161 10.91 0.76 14.68
N GLU A 162 12.23 0.79 14.52
CA GLU A 162 13.12 1.33 15.53
C GLU A 162 13.36 2.80 15.29
N GLY A 163 12.52 3.39 14.45
CA GLY A 163 12.67 4.79 14.11
C GLY A 163 13.52 4.99 12.87
N VAL A 164 12.92 4.77 11.71
CA VAL A 164 13.65 4.84 10.45
C VAL A 164 13.76 6.27 9.95
N TYR A 165 12.64 6.80 9.47
CA TYR A 165 12.60 8.16 8.95
C TYR A 165 12.69 9.21 10.08
N PRO A 166 11.82 9.13 11.11
CA PRO A 166 11.81 10.14 12.19
C PRO A 166 13.08 10.16 13.03
N LEU A 167 13.43 9.02 13.62
CA LEU A 167 14.58 8.95 14.52
C LEU A 167 15.88 8.99 13.74
N GLY A 168 16.19 7.91 13.04
CA GLY A 168 17.40 7.86 12.25
C GLY A 168 17.86 6.44 11.98
N THR A 169 18.68 6.29 10.95
CA THR A 169 19.22 5.00 10.54
C THR A 169 20.03 5.15 9.26
N VAL A 170 19.71 6.19 8.49
CA VAL A 170 20.42 6.48 7.26
C VAL A 170 21.61 7.38 7.54
N PRO A 171 22.68 7.28 6.74
CA PRO A 171 23.89 8.09 6.90
C PRO A 171 23.60 9.59 6.84
N PRO A 172 23.75 10.29 7.99
CA PRO A 172 23.44 11.72 8.09
C PRO A 172 24.57 12.60 7.55
N GLY A 173 25.05 12.24 6.38
CA GLY A 173 26.11 13.01 5.75
C GLY A 173 25.67 13.57 4.41
N LEU A 174 26.29 14.67 4.00
CA LEU A 174 25.93 15.31 2.75
C LEU A 174 26.33 14.45 1.56
N ASP A 175 25.39 14.17 0.69
CA ASP A 175 25.63 13.32 -0.46
C ASP A 175 25.06 13.95 -1.73
N GLU A 176 23.80 14.37 -1.65
CA GLU A 176 23.13 14.99 -2.79
C GLU A 176 22.37 16.24 -2.34
N GLY A 1 -16.32 24.35 -32.30
CA GLY A 1 -16.71 24.94 -31.00
C GLY A 1 -15.57 25.67 -30.34
N SER A 2 -15.87 26.78 -29.67
CA SER A 2 -14.85 27.59 -29.02
C SER A 2 -14.34 26.92 -27.75
N GLY A 3 -13.15 26.34 -27.84
CA GLY A 3 -12.55 25.66 -26.72
C GLY A 3 -11.59 24.60 -27.18
N PHE A 4 -11.43 23.55 -26.39
CA PHE A 4 -10.58 22.43 -26.77
C PHE A 4 -11.38 21.13 -26.78
N PRO A 5 -12.18 20.90 -27.82
CA PRO A 5 -12.98 19.69 -27.95
C PRO A 5 -12.10 18.48 -28.27
N THR A 6 -12.13 17.48 -27.41
CA THR A 6 -11.38 16.26 -27.63
C THR A 6 -11.82 15.57 -28.92
N SER A 7 -10.92 15.53 -29.88
CA SER A 7 -11.24 15.00 -31.19
C SER A 7 -10.73 13.57 -31.32
N GLU A 8 -11.25 12.70 -30.46
CA GLU A 8 -10.87 11.28 -30.42
C GLU A 8 -9.39 11.12 -30.14
N ASP A 9 -8.82 12.08 -29.41
CA ASP A 9 -7.41 12.04 -29.06
C ASP A 9 -7.25 11.87 -27.55
N PHE A 10 -6.31 11.03 -27.17
CA PHE A 10 -6.04 10.76 -25.76
C PHE A 10 -4.79 11.52 -25.32
N THR A 11 -4.83 12.08 -24.13
CA THR A 11 -3.67 12.77 -23.58
C THR A 11 -3.05 11.92 -22.46
N PRO A 12 -1.73 11.66 -22.56
CA PRO A 12 -1.01 10.85 -21.56
C PRO A 12 -1.04 11.46 -20.18
N LYS A 13 -1.24 10.62 -19.18
CA LYS A 13 -1.30 11.05 -17.79
C LYS A 13 0.09 11.44 -17.30
N GLU A 14 1.10 11.01 -18.03
CA GLU A 14 2.49 11.31 -17.70
C GLU A 14 2.75 12.80 -17.85
N GLY A 15 2.87 13.49 -16.73
CA GLY A 15 3.09 14.91 -16.75
C GLY A 15 1.80 15.68 -16.86
N SER A 16 0.69 15.00 -16.67
CA SER A 16 -0.62 15.62 -16.73
C SER A 16 -0.97 16.23 -15.38
N PRO A 17 -1.07 17.57 -15.31
CA PRO A 17 -1.40 18.29 -14.09
C PRO A 17 -2.81 17.98 -13.61
N TYR A 18 -2.91 17.09 -12.63
CA TYR A 18 -4.19 16.72 -12.06
C TYR A 18 -4.00 16.39 -10.58
N GLU A 19 -4.65 17.17 -9.74
CA GLU A 19 -4.55 17.00 -8.30
C GLU A 19 -5.78 16.25 -7.78
N ALA A 20 -5.60 15.56 -6.66
CA ALA A 20 -6.66 14.77 -6.06
C ALA A 20 -7.68 15.64 -5.35
N PRO A 21 -8.91 15.74 -5.88
CA PRO A 21 -9.98 16.50 -5.27
C PRO A 21 -10.73 15.66 -4.22
N VAL A 22 -11.90 16.11 -3.81
CA VAL A 22 -12.69 15.36 -2.85
C VAL A 22 -13.09 13.99 -3.43
N TYR A 23 -13.32 13.96 -4.73
CA TYR A 23 -13.58 12.71 -5.43
C TYR A 23 -12.48 12.45 -6.44
N ILE A 24 -11.70 11.41 -6.20
CA ILE A 24 -10.66 11.02 -7.13
C ILE A 24 -11.21 10.05 -8.19
N PRO A 25 -10.83 10.23 -9.46
CA PRO A 25 -11.31 9.39 -10.55
C PRO A 25 -10.47 8.12 -10.73
N GLU A 26 -9.60 7.86 -9.76
CA GLU A 26 -8.70 6.73 -9.81
C GLU A 26 -9.39 5.46 -9.35
N ASP A 27 -9.77 5.44 -8.08
CA ASP A 27 -10.43 4.29 -7.46
C ASP A 27 -9.48 3.11 -7.35
N ILE A 28 -8.87 3.00 -6.17
CA ILE A 28 -7.94 1.92 -5.88
C ILE A 28 -8.67 0.59 -5.79
N PRO A 29 -8.26 -0.40 -6.58
CA PRO A 29 -8.83 -1.74 -6.52
C PRO A 29 -8.38 -2.47 -5.26
N ILE A 30 -9.33 -2.79 -4.39
CA ILE A 30 -9.02 -3.42 -3.12
C ILE A 30 -9.82 -4.70 -2.97
N PRO A 31 -9.24 -5.71 -2.30
CA PRO A 31 -9.97 -6.91 -1.91
C PRO A 31 -11.19 -6.53 -1.07
N ALA A 32 -12.36 -6.98 -1.51
CA ALA A 32 -13.62 -6.59 -0.88
C ALA A 32 -13.73 -7.08 0.56
N ASP A 33 -12.79 -7.91 0.99
CA ASP A 33 -12.78 -8.47 2.35
C ASP A 33 -12.53 -7.38 3.39
N PHE A 34 -12.19 -6.18 2.93
CA PHE A 34 -11.89 -5.05 3.81
C PHE A 34 -12.60 -3.84 3.27
N GLU A 35 -12.87 -2.86 4.11
CA GLU A 35 -13.56 -1.67 3.65
C GLU A 35 -12.73 -0.41 3.89
N LEU A 36 -12.35 0.25 2.81
CA LEU A 36 -11.56 1.47 2.91
C LEU A 36 -12.49 2.65 3.08
N ARG A 37 -12.22 3.44 4.09
CA ARG A 37 -13.07 4.58 4.43
C ARG A 37 -12.23 5.66 5.09
N GLU A 38 -12.36 6.90 4.61
CA GLU A 38 -11.69 8.01 5.26
C GLU A 38 -12.32 8.26 6.63
N SER A 39 -11.55 8.00 7.67
CA SER A 39 -12.02 8.19 9.03
C SER A 39 -10.85 8.06 9.99
N SER A 40 -10.46 9.16 10.59
CA SER A 40 -9.29 9.20 11.45
C SER A 40 -9.67 8.90 12.89
N ILE A 41 -9.30 7.71 13.36
CA ILE A 41 -9.50 7.33 14.75
C ILE A 41 -8.41 7.98 15.61
N PRO A 42 -8.81 8.79 16.61
CA PRO A 42 -7.88 9.53 17.47
C PRO A 42 -6.80 8.63 18.08
N GLY A 43 -5.56 8.87 17.71
CA GLY A 43 -4.45 8.11 18.23
C GLY A 43 -3.86 7.15 17.22
N ALA A 44 -4.52 6.99 16.08
CA ALA A 44 -4.01 6.11 15.04
C ALA A 44 -4.13 6.76 13.66
N GLY A 45 -5.35 7.08 13.24
CA GLY A 45 -5.55 7.74 11.97
C GLY A 45 -6.48 6.97 11.06
N LEU A 46 -6.22 7.03 9.75
CA LEU A 46 -7.05 6.34 8.75
C LEU A 46 -6.66 4.87 8.68
N GLY A 47 -7.57 4.05 8.17
CA GLY A 47 -7.27 2.63 8.02
C GLY A 47 -8.26 1.95 7.11
N VAL A 48 -7.96 0.71 6.72
CA VAL A 48 -8.93 -0.08 5.96
C VAL A 48 -9.66 -1.02 6.92
N TRP A 49 -10.94 -0.78 7.07
CA TRP A 49 -11.72 -1.41 8.12
C TRP A 49 -12.14 -2.80 7.72
N ALA A 50 -11.44 -3.79 8.25
CA ALA A 50 -11.79 -5.18 8.03
C ALA A 50 -13.13 -5.47 8.66
N LYS A 51 -14.11 -5.79 7.84
CA LYS A 51 -15.46 -6.05 8.30
C LYS A 51 -15.66 -7.53 8.53
N ARG A 52 -14.53 -8.23 8.60
CA ARG A 52 -14.49 -9.65 8.86
C ARG A 52 -13.21 -9.96 9.61
N LYS A 53 -13.15 -11.10 10.28
CA LYS A 53 -12.02 -11.45 11.13
C LYS A 53 -10.77 -11.73 10.29
N MET A 54 -9.63 -11.62 10.94
CA MET A 54 -8.36 -12.05 10.35
C MET A 54 -7.61 -12.83 11.41
N GLU A 55 -6.89 -13.85 11.01
CA GLU A 55 -6.27 -14.77 11.96
C GLU A 55 -4.79 -15.00 11.65
N ALA A 56 -4.13 -15.71 12.55
CA ALA A 56 -2.69 -15.95 12.46
C ALA A 56 -2.26 -16.57 11.14
N GLY A 57 -1.36 -15.90 10.45
CA GLY A 57 -0.70 -16.49 9.30
C GLY A 57 -1.06 -15.83 7.98
N GLU A 58 -2.23 -15.22 7.91
CA GLU A 58 -2.71 -14.67 6.65
C GLU A 58 -1.97 -13.40 6.27
N ARG A 59 -2.06 -13.06 4.99
CA ARG A 59 -1.40 -11.89 4.45
C ARG A 59 -2.41 -11.00 3.75
N LEU A 60 -2.33 -9.71 4.02
CA LEU A 60 -3.16 -8.75 3.30
C LEU A 60 -2.43 -8.33 2.03
N GLY A 61 -3.15 -8.32 0.92
CA GLY A 61 -2.56 -7.90 -0.33
C GLY A 61 -3.05 -8.73 -1.50
N PRO A 62 -2.14 -9.21 -2.38
CA PRO A 62 -0.69 -9.00 -2.25
C PRO A 62 -0.28 -7.52 -2.36
N CYS A 63 0.59 -7.10 -1.44
CA CYS A 63 0.99 -5.71 -1.36
C CYS A 63 1.87 -5.30 -2.53
N VAL A 64 2.59 -6.27 -3.09
CA VAL A 64 3.50 -5.99 -4.19
C VAL A 64 4.20 -7.28 -4.61
N VAL A 65 4.57 -7.37 -5.87
CA VAL A 65 5.35 -8.47 -6.39
C VAL A 65 6.74 -7.96 -6.79
N VAL A 66 7.43 -8.70 -7.64
CA VAL A 66 8.71 -8.24 -8.16
C VAL A 66 8.56 -6.87 -8.81
N PRO A 67 9.24 -5.85 -8.26
CA PRO A 67 9.10 -4.46 -8.71
C PRO A 67 9.84 -4.16 -10.02
N ARG A 68 9.41 -4.84 -11.09
CA ARG A 68 9.96 -4.68 -12.44
C ARG A 68 11.38 -5.25 -12.51
N ALA A 69 12.26 -4.70 -11.68
CA ALA A 69 13.62 -5.16 -11.57
C ALA A 69 14.10 -4.96 -10.14
N ALA A 70 14.22 -3.68 -9.76
CA ALA A 70 14.58 -3.32 -8.40
C ALA A 70 14.24 -1.85 -8.15
N ALA A 71 12.98 -1.53 -8.36
CA ALA A 71 12.49 -0.17 -8.20
C ALA A 71 11.06 -0.18 -7.68
N LYS A 72 10.87 0.44 -6.53
CA LYS A 72 9.56 0.47 -5.86
C LYS A 72 8.49 1.08 -6.78
N GLU A 73 7.31 0.50 -6.72
CA GLU A 73 6.21 0.96 -7.57
C GLU A 73 5.07 1.52 -6.72
N THR A 74 4.88 0.96 -5.55
CA THR A 74 3.80 1.33 -4.66
C THR A 74 4.18 0.98 -3.22
N ASP A 75 4.80 -0.17 -3.12
CA ASP A 75 5.34 -0.71 -1.89
C ASP A 75 6.25 0.30 -1.19
N PHE A 76 6.42 0.09 0.10
CA PHE A 76 7.33 0.89 0.88
C PHE A 76 7.57 0.23 2.24
N GLY A 77 8.74 0.41 2.80
CA GLY A 77 8.99 -0.06 4.14
C GLY A 77 9.88 -1.28 4.19
N TRP A 78 11.08 -1.13 3.67
CA TRP A 78 12.09 -2.16 3.68
C TRP A 78 13.41 -1.50 4.00
N GLU A 79 14.51 -2.16 3.73
CA GLU A 79 15.82 -1.56 3.93
C GLU A 79 16.16 -0.70 2.72
N GLN A 80 15.96 -1.28 1.53
CA GLN A 80 16.14 -0.62 0.26
C GLN A 80 16.18 -1.65 -0.87
N ILE A 81 15.09 -1.77 -1.62
CA ILE A 81 15.08 -2.66 -2.76
C ILE A 81 15.50 -1.93 -4.04
N LEU A 82 15.87 -0.66 -3.87
CA LEU A 82 16.35 0.14 -4.97
C LEU A 82 17.80 -0.17 -5.24
N THR A 83 18.05 -1.35 -5.74
CA THR A 83 19.39 -1.81 -6.05
C THR A 83 19.51 -2.13 -7.53
N ASP A 84 18.73 -1.43 -8.33
CA ASP A 84 18.72 -1.62 -9.78
C ASP A 84 20.06 -1.24 -10.38
N VAL A 85 20.79 -2.24 -10.85
CA VAL A 85 22.08 -2.04 -11.47
C VAL A 85 21.89 -1.45 -12.86
N GLU A 86 22.71 -0.47 -13.18
CA GLU A 86 22.65 0.19 -14.48
C GLU A 86 23.21 -0.72 -15.57
N VAL A 87 22.45 -1.76 -15.88
CA VAL A 87 22.81 -2.66 -16.96
C VAL A 87 22.13 -2.21 -18.25
N SER A 88 21.08 -1.43 -18.10
CA SER A 88 20.35 -0.90 -19.24
C SER A 88 20.28 0.63 -19.17
N PRO A 89 21.22 1.32 -19.84
CA PRO A 89 21.24 2.78 -19.91
C PRO A 89 20.10 3.32 -20.78
N GLN A 90 18.96 3.56 -20.14
CA GLN A 90 17.75 3.99 -20.86
C GLN A 90 17.53 5.49 -20.71
N GLU A 91 18.20 6.10 -19.74
CA GLU A 91 18.00 7.52 -19.44
C GLU A 91 18.27 8.39 -20.66
N GLY A 92 17.33 9.27 -20.95
CA GLY A 92 17.42 10.09 -22.14
C GLY A 92 16.47 9.62 -23.22
N CYS A 93 15.90 8.44 -23.01
CA CYS A 93 14.93 7.87 -23.93
C CYS A 93 14.09 6.82 -23.23
N ILE A 94 13.72 7.10 -22.00
CA ILE A 94 12.96 6.16 -21.19
C ILE A 94 11.50 6.20 -21.58
N THR A 95 11.01 5.09 -22.09
CA THR A 95 9.63 4.99 -22.49
C THR A 95 8.77 4.65 -21.27
N LYS A 96 7.78 5.48 -21.01
CA LYS A 96 6.99 5.37 -19.79
C LYS A 96 5.52 5.17 -20.08
N ILE A 97 5.15 5.30 -21.36
CA ILE A 97 3.77 5.05 -21.75
C ILE A 97 3.65 3.72 -22.46
N SER A 98 2.62 2.97 -22.06
CA SER A 98 2.34 1.65 -22.59
C SER A 98 1.19 1.05 -21.80
N GLU A 99 0.09 1.80 -21.75
CA GLU A 99 -1.03 1.45 -20.88
C GLU A 99 -2.35 1.42 -21.63
N ASP A 100 -2.33 0.81 -22.80
CA ASP A 100 -3.55 0.64 -23.57
C ASP A 100 -4.25 -0.63 -23.12
N LEU A 101 -4.97 -0.53 -22.02
CA LEU A 101 -5.65 -1.68 -21.44
C LEU A 101 -7.17 -1.53 -21.53
N GLY A 102 -7.60 -0.76 -22.50
CA GLY A 102 -9.02 -0.56 -22.72
C GLY A 102 -9.48 -1.07 -24.07
N SER A 103 -9.40 -2.37 -24.26
CA SER A 103 -9.83 -2.99 -25.50
C SER A 103 -10.43 -4.37 -25.22
N GLU A 104 -9.56 -5.35 -24.98
CA GLU A 104 -10.01 -6.72 -24.76
C GLU A 104 -9.86 -7.12 -23.31
N LYS A 105 -8.63 -7.41 -22.91
CA LYS A 105 -8.33 -7.83 -21.56
C LYS A 105 -6.91 -7.44 -21.19
N PHE A 106 -6.66 -7.26 -19.90
CA PHE A 106 -5.35 -6.86 -19.42
C PHE A 106 -5.02 -7.51 -18.09
N CYS A 107 -3.74 -7.75 -17.86
CA CYS A 107 -3.27 -8.32 -16.61
C CYS A 107 -1.99 -7.60 -16.18
N VAL A 108 -1.95 -6.31 -16.47
CA VAL A 108 -0.76 -5.51 -16.19
C VAL A 108 -1.14 -4.20 -15.48
N ASP A 109 -0.41 -3.87 -14.43
CA ASP A 109 -0.64 -2.63 -13.72
C ASP A 109 0.26 -1.53 -14.27
N ALA A 110 -0.24 -0.82 -15.26
CA ALA A 110 0.48 0.30 -15.83
C ALA A 110 -0.05 1.62 -15.28
N ASN A 111 -1.37 1.75 -15.25
CA ASN A 111 -2.00 2.96 -14.74
C ASN A 111 -3.03 2.65 -13.65
N GLN A 112 -2.85 1.53 -12.96
CA GLN A 112 -3.79 1.11 -11.93
C GLN A 112 -3.28 1.52 -10.55
N ALA A 113 -2.03 1.19 -10.26
CA ALA A 113 -1.42 1.54 -8.98
C ALA A 113 -2.22 0.95 -7.82
N GLY A 114 -2.38 -0.37 -7.84
CA GLY A 114 -3.09 -1.04 -6.79
C GLY A 114 -2.15 -1.77 -5.85
N ALA A 115 -2.27 -3.10 -5.82
CA ALA A 115 -1.42 -3.97 -5.01
C ALA A 115 -1.52 -3.66 -3.51
N GLY A 116 -0.81 -2.63 -3.07
CA GLY A 116 -0.77 -2.31 -1.66
C GLY A 116 -0.97 -0.84 -1.39
N SER A 117 -1.51 -0.11 -2.36
CA SER A 117 -1.78 1.31 -2.18
C SER A 117 -2.85 1.52 -1.11
N TRP A 118 -3.69 0.52 -0.91
CA TRP A 118 -4.72 0.56 0.12
C TRP A 118 -4.14 0.14 1.47
N LEU A 119 -3.00 -0.52 1.43
CA LEU A 119 -2.36 -1.04 2.63
C LEU A 119 -1.60 0.06 3.38
N LYS A 120 -1.38 1.19 2.71
CA LYS A 120 -0.71 2.31 3.34
C LYS A 120 -1.56 2.87 4.49
N TYR A 121 -2.84 2.54 4.47
CA TYR A 121 -3.78 3.07 5.44
C TYR A 121 -3.57 2.44 6.81
N ILE A 122 -3.25 1.16 6.87
CA ILE A 122 -3.04 0.50 8.16
C ILE A 122 -1.72 0.92 8.77
N ARG A 123 -1.82 1.56 9.92
CA ARG A 123 -0.66 2.01 10.66
C ARG A 123 -0.68 1.45 12.08
N VAL A 124 0.23 1.91 12.92
CA VAL A 124 0.38 1.40 14.27
C VAL A 124 -0.85 1.71 15.14
N ALA A 125 -1.14 0.79 16.05
CA ALA A 125 -2.34 0.83 16.88
C ALA A 125 -2.42 2.09 17.73
N CYS A 126 -3.65 2.50 17.99
CA CYS A 126 -3.92 3.64 18.87
C CYS A 126 -3.38 3.38 20.27
N SER A 127 -3.61 2.17 20.79
CA SER A 127 -3.12 1.80 22.11
C SER A 127 -2.57 0.38 22.06
N CYS A 128 -1.81 0.02 23.09
CA CYS A 128 -1.15 -1.28 23.14
C CYS A 128 -2.12 -2.39 23.52
N ASP A 129 -3.39 -2.05 23.67
CA ASP A 129 -4.42 -3.04 23.91
C ASP A 129 -4.97 -3.54 22.57
N ASP A 130 -4.53 -2.88 21.50
CA ASP A 130 -5.00 -3.19 20.15
C ASP A 130 -3.92 -3.87 19.33
N GLN A 131 -2.89 -4.36 20.00
CA GLN A 131 -1.72 -4.90 19.29
C GLN A 131 -2.07 -6.17 18.52
N ASN A 132 -1.95 -6.06 17.21
CA ASN A 132 -2.15 -7.16 16.29
C ASN A 132 -1.56 -6.75 14.93
N LEU A 133 -0.43 -6.07 14.98
CA LEU A 133 0.13 -5.44 13.80
C LEU A 133 1.53 -5.95 13.50
N THR A 134 1.71 -6.56 12.33
CA THR A 134 3.04 -6.97 11.90
C THR A 134 3.17 -6.97 10.37
N MET A 135 4.13 -6.19 9.87
CA MET A 135 4.48 -6.21 8.45
C MET A 135 5.87 -6.82 8.29
N CYS A 136 6.00 -7.78 7.41
CA CYS A 136 7.26 -8.48 7.22
C CYS A 136 7.80 -8.22 5.81
N GLN A 137 9.10 -8.35 5.64
CA GLN A 137 9.74 -8.17 4.35
C GLN A 137 10.36 -9.48 3.90
N ILE A 138 9.81 -10.07 2.85
CA ILE A 138 10.30 -11.35 2.35
C ILE A 138 10.34 -11.35 0.82
N SER A 139 11.35 -11.99 0.26
CA SER A 139 11.47 -12.18 -1.18
C SER A 139 11.41 -10.85 -1.93
N GLU A 140 12.03 -9.83 -1.34
CA GLU A 140 12.11 -8.50 -1.95
C GLU A 140 10.73 -7.89 -2.17
N GLN A 141 9.76 -8.28 -1.35
CA GLN A 141 8.41 -7.73 -1.45
C GLN A 141 7.79 -7.60 -0.07
N ILE A 142 6.82 -6.70 0.05
CA ILE A 142 6.19 -6.40 1.33
C ILE A 142 5.10 -7.43 1.68
N TYR A 143 5.11 -7.88 2.92
CA TYR A 143 4.19 -8.90 3.39
C TYR A 143 3.44 -8.37 4.62
N TYR A 144 2.13 -8.33 4.57
CA TYR A 144 1.33 -7.91 5.72
C TYR A 144 0.81 -9.15 6.43
N LYS A 145 1.28 -9.37 7.64
CA LYS A 145 0.97 -10.60 8.35
C LYS A 145 0.07 -10.32 9.53
N VAL A 146 -1.04 -11.03 9.62
CA VAL A 146 -1.93 -10.87 10.74
C VAL A 146 -1.63 -11.91 11.80
N ILE A 147 -1.90 -11.52 13.03
CA ILE A 147 -1.39 -12.18 14.22
C ILE A 147 -2.42 -13.09 14.84
N LYS A 148 -3.58 -12.53 15.10
CA LYS A 148 -4.66 -13.27 15.71
C LYS A 148 -6.01 -12.67 15.33
N ASP A 149 -7.08 -13.26 15.84
CA ASP A 149 -8.45 -12.91 15.46
C ASP A 149 -8.73 -11.41 15.58
N ILE A 150 -8.90 -10.77 14.43
CA ILE A 150 -9.34 -9.38 14.40
C ILE A 150 -10.85 -9.31 14.57
N GLU A 151 -11.28 -8.40 15.42
CA GLU A 151 -12.70 -8.12 15.58
C GLU A 151 -13.16 -7.17 14.49
N PRO A 152 -14.13 -7.60 13.67
CA PRO A 152 -14.65 -6.80 12.55
C PRO A 152 -14.93 -5.36 12.94
N GLY A 153 -14.19 -4.43 12.35
CA GLY A 153 -14.36 -3.04 12.67
C GLY A 153 -13.08 -2.39 13.17
N GLU A 154 -12.05 -3.18 13.48
CA GLU A 154 -10.78 -2.62 13.89
C GLU A 154 -9.63 -3.09 13.00
N GLU A 155 -8.92 -2.12 12.48
CA GLU A 155 -7.83 -2.35 11.53
C GLU A 155 -6.47 -2.07 12.15
N LEU A 156 -5.76 -3.11 12.56
CA LEU A 156 -4.43 -2.93 13.12
C LEU A 156 -3.40 -3.74 12.34
N LEU A 157 -2.66 -3.08 11.44
CA LEU A 157 -1.55 -3.70 10.70
C LEU A 157 -0.43 -2.68 10.46
N VAL A 158 0.74 -2.89 11.07
CA VAL A 158 1.88 -1.99 10.89
C VAL A 158 3.18 -2.73 11.18
N HIS A 159 4.28 -2.18 10.72
CA HIS A 159 5.59 -2.56 11.23
C HIS A 159 6.38 -1.30 11.56
N VAL A 160 6.57 -1.04 12.85
CA VAL A 160 7.41 0.06 13.28
C VAL A 160 8.86 -0.24 12.94
N LYS A 161 9.46 0.65 12.16
CA LYS A 161 10.81 0.46 11.66
C LYS A 161 11.75 1.47 12.30
N GLU A 162 13.04 1.22 12.18
CA GLU A 162 14.06 2.03 12.86
C GLU A 162 14.31 3.36 12.14
N GLY A 163 13.22 4.08 11.85
CA GLY A 163 13.32 5.39 11.25
C GLY A 163 14.17 5.42 9.99
N VAL A 164 13.90 4.50 9.07
CA VAL A 164 14.68 4.41 7.85
C VAL A 164 14.24 5.49 6.87
N TYR A 165 13.09 5.29 6.26
CA TYR A 165 12.50 6.28 5.37
C TYR A 165 11.49 7.19 6.09
N PRO A 166 10.55 6.65 6.91
CA PRO A 166 9.52 7.47 7.56
C PRO A 166 10.12 8.59 8.42
N LEU A 167 11.12 8.25 9.22
CA LEU A 167 11.78 9.24 10.07
C LEU A 167 13.02 9.80 9.38
N GLY A 168 13.93 8.91 9.01
CA GLY A 168 15.16 9.33 8.35
C GLY A 168 16.29 9.53 9.34
N THR A 169 16.48 8.56 10.22
CA THR A 169 17.52 8.62 11.22
C THR A 169 18.69 7.71 10.87
N VAL A 170 18.60 7.09 9.70
CA VAL A 170 19.65 6.17 9.24
C VAL A 170 20.78 6.93 8.55
N PRO A 171 22.02 6.42 8.61
CA PRO A 171 23.18 7.08 8.01
C PRO A 171 22.98 7.49 6.54
N PRO A 172 22.54 6.57 5.63
CA PRO A 172 22.31 6.91 4.23
C PRO A 172 20.95 7.60 4.03
N GLY A 173 20.46 8.25 5.07
CA GLY A 173 19.21 8.95 4.99
C GLY A 173 19.39 10.44 5.08
N LEU A 174 19.91 11.03 4.01
CA LEU A 174 20.16 12.47 3.95
C LEU A 174 18.85 13.24 4.16
N ASP A 175 18.87 14.17 5.10
CA ASP A 175 17.67 14.94 5.44
C ASP A 175 17.87 16.41 5.13
N GLU A 176 18.97 16.72 4.45
CA GLU A 176 19.31 18.09 4.14
C GLU A 176 19.03 18.39 2.67
N GLY A 1 -15.25 -14.49 -15.66
CA GLY A 1 -16.12 -14.50 -16.87
C GLY A 1 -17.47 -13.87 -16.60
N SER A 2 -18.45 -14.22 -17.44
CA SER A 2 -19.81 -13.71 -17.30
C SER A 2 -19.87 -12.20 -17.51
N GLY A 3 -18.90 -11.68 -18.22
CA GLY A 3 -18.81 -10.25 -18.44
C GLY A 3 -17.45 -9.71 -18.09
N PHE A 4 -16.95 -8.82 -18.93
CA PHE A 4 -15.64 -8.21 -18.74
C PHE A 4 -15.49 -7.03 -19.69
N PRO A 5 -14.87 -5.94 -19.22
CA PRO A 5 -14.61 -4.76 -20.06
C PRO A 5 -13.65 -5.05 -21.21
N THR A 6 -14.13 -5.82 -22.18
CA THR A 6 -13.35 -6.16 -23.36
C THR A 6 -13.81 -5.28 -24.53
N SER A 7 -14.27 -4.09 -24.20
CA SER A 7 -14.81 -3.16 -25.17
C SER A 7 -13.72 -2.31 -25.79
N GLU A 8 -13.45 -2.55 -27.07
CA GLU A 8 -12.46 -1.76 -27.78
C GLU A 8 -13.15 -0.84 -28.77
N ASP A 9 -13.57 0.31 -28.28
CA ASP A 9 -14.14 1.35 -29.13
C ASP A 9 -13.41 2.67 -28.87
N PHE A 10 -12.92 3.26 -29.95
CA PHE A 10 -12.16 4.51 -29.90
C PHE A 10 -10.97 4.40 -28.95
N THR A 11 -9.91 3.77 -29.42
CA THR A 11 -8.68 3.70 -28.67
C THR A 11 -8.09 5.10 -28.50
N PRO A 12 -7.57 5.42 -27.30
CA PRO A 12 -6.94 6.70 -27.03
C PRO A 12 -5.72 6.92 -27.91
N LYS A 13 -5.91 7.69 -28.97
CA LYS A 13 -4.87 7.94 -29.95
C LYS A 13 -3.92 9.03 -29.46
N GLU A 14 -4.46 9.96 -28.68
CA GLU A 14 -3.68 11.03 -28.12
C GLU A 14 -3.79 11.03 -26.59
N GLY A 15 -2.72 11.44 -25.93
CA GLY A 15 -2.71 11.50 -24.48
C GLY A 15 -3.44 12.73 -23.97
N SER A 16 -4.74 12.77 -24.20
CA SER A 16 -5.58 13.91 -23.85
C SER A 16 -5.46 14.26 -22.37
N PRO A 17 -5.01 15.48 -22.06
CA PRO A 17 -4.87 15.96 -20.68
C PRO A 17 -6.21 16.13 -19.99
N TYR A 18 -6.61 15.12 -19.24
CA TYR A 18 -7.87 15.13 -18.52
C TYR A 18 -7.62 15.45 -17.06
N GLU A 19 -8.18 16.55 -16.59
CA GLU A 19 -8.03 16.95 -15.20
C GLU A 19 -8.98 16.19 -14.31
N ALA A 20 -8.48 15.12 -13.71
CA ALA A 20 -9.25 14.31 -12.78
C ALA A 20 -9.55 15.12 -11.52
N PRO A 21 -10.76 14.97 -10.98
CA PRO A 21 -11.16 15.65 -9.74
C PRO A 21 -10.51 15.04 -8.51
N VAL A 22 -11.12 15.26 -7.35
CA VAL A 22 -10.59 14.72 -6.10
C VAL A 22 -10.50 13.19 -6.15
N TYR A 23 -11.49 12.56 -6.79
CA TYR A 23 -11.49 11.12 -6.92
C TYR A 23 -10.73 10.71 -8.18
N ILE A 24 -9.70 9.91 -8.00
CA ILE A 24 -8.87 9.47 -9.11
C ILE A 24 -9.54 8.37 -9.94
N PRO A 25 -9.38 8.43 -11.26
CA PRO A 25 -9.99 7.47 -12.20
C PRO A 25 -9.19 6.19 -12.31
N GLU A 26 -8.10 6.12 -11.55
CA GLU A 26 -7.28 4.92 -11.48
C GLU A 26 -8.10 3.75 -11.00
N ASP A 27 -8.76 3.97 -9.87
CA ASP A 27 -9.65 2.97 -9.25
C ASP A 27 -8.85 1.85 -8.61
N ILE A 28 -8.60 2.00 -7.32
CA ILE A 28 -7.74 1.08 -6.59
C ILE A 28 -8.51 -0.18 -6.19
N PRO A 29 -8.02 -1.36 -6.60
CA PRO A 29 -8.65 -2.63 -6.24
C PRO A 29 -8.35 -3.01 -4.79
N ILE A 30 -9.39 -3.09 -3.97
CA ILE A 30 -9.24 -3.47 -2.59
C ILE A 30 -10.02 -4.75 -2.31
N PRO A 31 -9.41 -5.71 -1.59
CA PRO A 31 -10.05 -6.98 -1.26
C PRO A 31 -11.39 -6.78 -0.57
N ALA A 32 -12.32 -7.69 -0.82
CA ALA A 32 -13.71 -7.51 -0.44
C ALA A 32 -13.96 -7.70 1.06
N ASP A 33 -12.90 -7.86 1.85
CA ASP A 33 -13.08 -8.06 3.28
C ASP A 33 -12.45 -6.94 4.09
N PHE A 34 -11.96 -5.91 3.41
CA PHE A 34 -11.40 -4.75 4.11
C PHE A 34 -12.01 -3.50 3.50
N GLU A 35 -12.36 -2.54 4.34
CA GLU A 35 -13.05 -1.36 3.88
C GLU A 35 -12.12 -0.16 3.91
N LEU A 36 -11.84 0.43 2.76
CA LEU A 36 -11.03 1.62 2.71
C LEU A 36 -11.91 2.83 2.96
N ARG A 37 -11.51 3.64 3.92
CA ARG A 37 -12.32 4.75 4.36
C ARG A 37 -11.45 5.90 4.85
N GLU A 38 -11.56 7.05 4.20
CA GLU A 38 -10.88 8.23 4.68
C GLU A 38 -11.60 8.75 5.91
N SER A 39 -10.94 8.66 7.05
CA SER A 39 -11.53 9.00 8.32
C SER A 39 -10.44 9.39 9.29
N SER A 40 -10.79 10.14 10.33
CA SER A 40 -9.82 10.52 11.34
C SER A 40 -9.95 9.60 12.55
N ILE A 41 -9.03 8.66 12.67
CA ILE A 41 -9.02 7.75 13.80
C ILE A 41 -7.84 8.10 14.73
N PRO A 42 -8.15 8.61 15.93
CA PRO A 42 -7.13 9.04 16.91
C PRO A 42 -6.17 7.92 17.30
N GLY A 43 -4.88 8.18 17.14
CA GLY A 43 -3.88 7.21 17.50
C GLY A 43 -3.22 6.57 16.29
N ALA A 44 -3.83 6.78 15.13
CA ALA A 44 -3.32 6.22 13.89
C ALA A 44 -3.37 7.27 12.78
N GLY A 45 -4.56 7.80 12.57
CA GLY A 45 -4.77 8.75 11.51
C GLY A 45 -5.86 8.30 10.58
N LEU A 46 -5.44 7.66 9.52
CA LEU A 46 -6.34 7.00 8.59
C LEU A 46 -6.22 5.49 8.73
N GLY A 47 -7.21 4.73 8.27
CA GLY A 47 -7.12 3.29 8.35
C GLY A 47 -8.23 2.59 7.58
N VAL A 48 -8.05 1.29 7.34
CA VAL A 48 -9.09 0.47 6.73
C VAL A 48 -9.73 -0.43 7.76
N TRP A 49 -11.01 -0.71 7.60
CA TRP A 49 -11.75 -1.50 8.57
C TRP A 49 -12.08 -2.88 8.00
N ALA A 50 -11.55 -3.91 8.63
CA ALA A 50 -11.85 -5.29 8.21
C ALA A 50 -13.31 -5.61 8.49
N LYS A 51 -14.02 -6.12 7.48
CA LYS A 51 -15.44 -6.40 7.62
C LYS A 51 -15.68 -7.88 7.89
N ARG A 52 -14.63 -8.68 7.78
CA ARG A 52 -14.75 -10.12 7.92
C ARG A 52 -13.78 -10.67 8.97
N LYS A 53 -14.20 -11.74 9.61
CA LYS A 53 -13.38 -12.48 10.53
C LYS A 53 -12.15 -13.03 9.84
N MET A 54 -11.02 -12.93 10.52
CA MET A 54 -9.80 -13.54 10.06
C MET A 54 -9.22 -14.39 11.17
N GLU A 55 -8.47 -15.42 10.81
CA GLU A 55 -7.98 -16.38 11.78
C GLU A 55 -6.46 -16.31 11.87
N ALA A 56 -5.97 -16.31 13.11
CA ALA A 56 -4.55 -16.13 13.42
C ALA A 56 -3.63 -16.81 12.42
N GLY A 57 -2.90 -16.00 11.68
CA GLY A 57 -2.03 -16.54 10.64
C GLY A 57 -2.44 -16.04 9.28
N GLU A 58 -3.39 -15.12 9.25
CA GLU A 58 -3.89 -14.54 8.03
C GLU A 58 -2.88 -13.54 7.47
N ARG A 59 -3.07 -13.15 6.22
CA ARG A 59 -2.13 -12.26 5.54
C ARG A 59 -2.86 -11.32 4.58
N LEU A 60 -2.55 -10.04 4.66
CA LEU A 60 -3.11 -9.06 3.74
C LEU A 60 -2.11 -8.76 2.64
N GLY A 61 -2.58 -8.69 1.41
CA GLY A 61 -1.69 -8.37 0.31
C GLY A 61 -2.17 -8.96 -1.00
N PRO A 62 -1.32 -8.95 -2.05
CA PRO A 62 0.05 -8.44 -1.98
C PRO A 62 0.10 -6.91 -1.93
N CYS A 63 1.08 -6.39 -1.20
CA CYS A 63 1.23 -4.94 -1.04
C CYS A 63 1.80 -4.31 -2.31
N VAL A 64 2.42 -5.15 -3.15
CA VAL A 64 2.98 -4.69 -4.40
C VAL A 64 3.43 -5.87 -5.24
N VAL A 65 3.05 -5.84 -6.52
CA VAL A 65 3.48 -6.85 -7.47
C VAL A 65 4.24 -6.15 -8.60
N VAL A 66 5.44 -5.70 -8.29
CA VAL A 66 6.22 -4.92 -9.23
C VAL A 66 7.37 -5.74 -9.83
N PRO A 67 7.27 -6.08 -11.12
CA PRO A 67 8.33 -6.75 -11.85
C PRO A 67 9.33 -5.76 -12.43
N ARG A 68 9.82 -4.88 -11.57
CA ARG A 68 10.73 -3.83 -11.96
C ARG A 68 11.78 -3.61 -10.87
N ALA A 69 11.35 -2.93 -9.82
CA ALA A 69 12.19 -2.63 -8.67
C ALA A 69 11.34 -1.92 -7.61
N ALA A 70 11.82 -1.90 -6.38
CA ALA A 70 11.12 -1.21 -5.31
C ALA A 70 11.73 0.16 -5.10
N ALA A 71 10.92 1.20 -5.27
CA ALA A 71 11.40 2.58 -5.16
C ALA A 71 10.79 3.28 -3.96
N LYS A 72 11.64 3.86 -3.14
CA LYS A 72 11.19 4.57 -1.94
C LYS A 72 10.41 5.82 -2.28
N GLU A 73 9.32 6.01 -1.56
CA GLU A 73 8.48 7.18 -1.72
C GLU A 73 9.01 8.35 -0.88
N THR A 74 9.13 8.14 0.42
CA THR A 74 9.57 9.20 1.31
C THR A 74 10.43 8.67 2.46
N ASP A 75 9.83 7.85 3.31
CA ASP A 75 10.47 7.43 4.55
C ASP A 75 11.10 6.05 4.44
N PHE A 76 11.53 5.53 5.59
CA PHE A 76 12.16 4.22 5.68
C PHE A 76 11.79 3.54 6.99
N GLY A 77 11.67 2.23 6.97
CA GLY A 77 11.29 1.49 8.16
C GLY A 77 12.05 0.20 8.30
N TRP A 78 11.66 -0.79 7.52
CA TRP A 78 12.36 -2.07 7.49
C TRP A 78 13.63 -1.90 6.68
N GLU A 79 13.48 -1.11 5.63
CA GLU A 79 14.59 -0.66 4.83
C GLU A 79 14.11 0.58 4.09
N GLN A 80 14.76 0.94 3.00
CA GLN A 80 14.53 2.24 2.40
C GLN A 80 14.05 2.09 0.95
N ILE A 81 13.00 1.30 0.76
CA ILE A 81 12.38 1.16 -0.55
C ILE A 81 10.87 1.12 -0.45
N LEU A 82 10.32 1.96 0.43
CA LEU A 82 8.89 2.05 0.66
C LEU A 82 8.16 2.40 -0.64
N THR A 83 7.60 1.40 -1.28
CA THR A 83 7.02 1.57 -2.59
C THR A 83 5.50 1.55 -2.52
N ASP A 84 4.95 2.32 -1.60
CA ASP A 84 3.50 2.48 -1.47
C ASP A 84 2.97 3.35 -2.59
N VAL A 85 2.74 2.74 -3.74
CA VAL A 85 2.26 3.44 -4.93
C VAL A 85 1.08 4.38 -4.60
N GLU A 86 1.34 5.67 -4.71
CA GLU A 86 0.34 6.69 -4.36
C GLU A 86 -0.23 7.33 -5.62
N VAL A 87 0.55 8.18 -6.25
CA VAL A 87 0.11 8.88 -7.45
C VAL A 87 0.55 8.11 -8.70
N SER A 88 1.65 7.36 -8.56
CA SER A 88 2.16 6.55 -9.66
C SER A 88 2.49 7.40 -10.88
N PRO A 89 3.64 8.07 -10.88
CA PRO A 89 4.09 8.87 -12.01
C PRO A 89 4.84 8.02 -13.03
N GLN A 90 5.00 8.56 -14.24
CA GLN A 90 5.73 7.91 -15.31
C GLN A 90 5.10 6.56 -15.68
N GLU A 91 3.78 6.49 -15.58
CA GLU A 91 3.05 5.29 -15.97
C GLU A 91 2.47 5.46 -17.36
N GLY A 92 1.76 4.46 -17.84
CA GLY A 92 1.18 4.53 -19.16
C GLY A 92 2.13 4.01 -20.21
N CYS A 93 3.38 4.45 -20.13
CA CYS A 93 4.40 4.02 -21.06
C CYS A 93 5.19 2.85 -20.48
N ILE A 94 4.51 2.04 -19.70
CA ILE A 94 5.10 0.86 -19.10
C ILE A 94 4.54 -0.39 -19.76
N THR A 95 3.23 -0.38 -19.96
CA THR A 95 2.54 -1.47 -20.62
C THR A 95 2.73 -1.40 -22.14
N LYS A 96 3.99 -1.34 -22.56
CA LYS A 96 4.33 -1.29 -23.98
C LYS A 96 4.39 -2.70 -24.52
N ILE A 97 4.54 -3.62 -23.59
CA ILE A 97 4.54 -5.05 -23.86
C ILE A 97 3.15 -5.61 -23.61
N SER A 98 2.91 -6.83 -24.04
CA SER A 98 1.63 -7.46 -23.82
C SER A 98 1.78 -8.71 -22.97
N GLU A 99 1.22 -8.67 -21.76
CA GLU A 99 1.27 -9.81 -20.87
C GLU A 99 0.19 -10.82 -21.24
N ASP A 100 0.51 -11.68 -22.19
CA ASP A 100 -0.41 -12.74 -22.60
C ASP A 100 -0.61 -13.71 -21.45
N LEU A 101 -1.86 -13.87 -21.04
CA LEU A 101 -2.18 -14.77 -19.95
C LEU A 101 -2.92 -16.00 -20.46
N GLY A 102 -2.56 -16.45 -21.65
CA GLY A 102 -3.21 -17.61 -22.22
C GLY A 102 -2.77 -17.89 -23.64
N SER A 103 -3.48 -17.30 -24.59
CA SER A 103 -3.16 -17.48 -26.01
C SER A 103 -3.95 -16.48 -26.85
N GLU A 104 -5.17 -16.21 -26.43
CA GLU A 104 -6.03 -15.26 -27.12
C GLU A 104 -6.16 -13.98 -26.29
N LYS A 105 -7.07 -14.02 -25.33
CA LYS A 105 -7.30 -12.90 -24.45
C LYS A 105 -7.43 -13.40 -23.01
N PHE A 106 -7.68 -12.48 -22.10
CA PHE A 106 -7.81 -12.82 -20.70
C PHE A 106 -8.84 -11.93 -20.01
N CYS A 107 -9.87 -12.55 -19.47
CA CYS A 107 -10.88 -11.84 -18.71
C CYS A 107 -10.61 -12.00 -17.21
N VAL A 108 -9.35 -11.82 -16.83
CA VAL A 108 -8.94 -12.03 -15.46
C VAL A 108 -7.72 -11.17 -15.13
N ASP A 109 -7.62 -10.73 -13.89
CA ASP A 109 -6.48 -9.94 -13.44
C ASP A 109 -5.43 -10.86 -12.83
N ALA A 110 -4.16 -10.56 -13.10
CA ALA A 110 -3.07 -11.35 -12.55
C ALA A 110 -2.09 -10.46 -11.79
N ASN A 111 -1.26 -9.74 -12.52
CA ASN A 111 -0.26 -8.86 -11.91
C ASN A 111 -0.89 -7.54 -11.48
N GLN A 112 -2.15 -7.34 -11.87
CA GLN A 112 -2.90 -6.16 -11.47
C GLN A 112 -3.39 -6.30 -10.02
N ALA A 113 -3.44 -7.54 -9.56
CA ALA A 113 -3.90 -7.82 -8.21
C ALA A 113 -2.82 -7.51 -7.18
N GLY A 114 -2.84 -6.28 -6.70
CA GLY A 114 -1.89 -5.83 -5.70
C GLY A 114 -2.25 -4.47 -5.17
N ALA A 115 -1.47 -3.47 -5.60
CA ALA A 115 -1.70 -2.07 -5.23
C ALA A 115 -1.93 -1.89 -3.74
N GLY A 116 -0.85 -1.89 -2.98
CA GLY A 116 -0.94 -1.74 -1.54
C GLY A 116 -1.26 -0.33 -1.10
N SER A 117 -1.94 0.42 -1.95
CA SER A 117 -2.34 1.78 -1.66
C SER A 117 -3.36 1.79 -0.53
N TRP A 118 -4.06 0.68 -0.36
CA TRP A 118 -5.02 0.53 0.72
C TRP A 118 -4.31 0.06 1.99
N LEU A 119 -3.18 -0.62 1.82
CA LEU A 119 -2.44 -1.16 2.96
C LEU A 119 -1.67 -0.06 3.69
N LYS A 120 -1.33 1.00 2.97
CA LYS A 120 -0.65 2.15 3.57
C LYS A 120 -1.60 2.93 4.47
N TYR A 121 -2.86 2.48 4.52
CA TYR A 121 -3.85 3.10 5.39
C TYR A 121 -3.73 2.57 6.81
N ILE A 122 -3.45 1.29 6.97
CA ILE A 122 -3.28 0.73 8.30
C ILE A 122 -1.94 1.19 8.88
N ARG A 123 -2.00 2.03 9.90
CA ARG A 123 -0.80 2.61 10.48
C ARG A 123 -0.59 2.12 11.91
N VAL A 124 0.11 2.92 12.71
CA VAL A 124 0.52 2.53 14.05
C VAL A 124 -0.69 2.27 14.94
N ALA A 125 -0.52 1.34 15.88
CA ALA A 125 -1.56 0.91 16.80
C ALA A 125 -2.25 2.08 17.48
N CYS A 126 -3.55 2.16 17.29
CA CYS A 126 -4.37 3.18 17.96
C CYS A 126 -4.55 2.83 19.44
N SER A 127 -4.14 1.63 19.81
CA SER A 127 -4.19 1.17 21.17
C SER A 127 -3.03 0.21 21.44
N CYS A 128 -2.42 0.35 22.60
CA CYS A 128 -1.27 -0.46 22.96
C CYS A 128 -1.70 -1.78 23.60
N ASP A 129 -2.97 -1.85 23.97
CA ASP A 129 -3.52 -3.06 24.56
C ASP A 129 -4.07 -3.97 23.48
N ASP A 130 -4.13 -3.44 22.27
CA ASP A 130 -4.74 -4.14 21.14
C ASP A 130 -3.70 -4.58 20.11
N GLN A 131 -2.43 -4.65 20.53
CA GLN A 131 -1.33 -4.93 19.61
C GLN A 131 -1.57 -6.18 18.78
N ASN A 132 -1.69 -5.98 17.47
CA ASN A 132 -1.88 -7.06 16.54
C ASN A 132 -1.31 -6.63 15.17
N LEU A 133 -0.21 -5.90 15.22
CA LEU A 133 0.38 -5.32 14.01
C LEU A 133 1.78 -5.87 13.76
N THR A 134 1.98 -6.49 12.59
CA THR A 134 3.30 -6.96 12.20
C THR A 134 3.46 -6.94 10.68
N MET A 135 4.68 -6.68 10.22
CA MET A 135 4.99 -6.65 8.79
C MET A 135 5.86 -7.84 8.43
N CYS A 136 5.68 -8.37 7.23
CA CYS A 136 6.48 -9.47 6.75
C CYS A 136 7.00 -9.21 5.34
N GLN A 137 8.25 -9.60 5.10
CA GLN A 137 8.85 -9.45 3.79
C GLN A 137 9.17 -10.83 3.24
N ILE A 138 8.37 -11.29 2.29
CA ILE A 138 8.52 -12.62 1.71
C ILE A 138 8.24 -12.58 0.21
N SER A 139 8.96 -13.41 -0.54
CA SER A 139 8.79 -13.52 -1.98
C SER A 139 9.24 -12.24 -2.69
N GLU A 140 10.22 -11.58 -2.09
CA GLU A 140 10.82 -10.35 -2.62
C GLU A 140 9.80 -9.22 -2.73
N GLN A 141 8.73 -9.33 -1.95
CA GLN A 141 7.70 -8.30 -1.92
C GLN A 141 7.22 -8.10 -0.49
N ILE A 142 6.47 -7.03 -0.27
CA ILE A 142 6.01 -6.67 1.06
C ILE A 142 4.63 -7.27 1.34
N TYR A 143 4.46 -7.81 2.54
CA TYR A 143 3.20 -8.40 2.94
C TYR A 143 2.81 -7.98 4.35
N TYR A 144 1.51 -7.93 4.60
CA TYR A 144 0.99 -7.61 5.91
C TYR A 144 0.57 -8.89 6.61
N LYS A 145 1.25 -9.24 7.68
CA LYS A 145 0.98 -10.48 8.38
C LYS A 145 0.29 -10.19 9.71
N VAL A 146 -0.89 -10.78 9.87
CA VAL A 146 -1.68 -10.55 11.06
C VAL A 146 -1.40 -11.64 12.07
N ILE A 147 -1.58 -11.27 13.33
CA ILE A 147 -1.11 -12.06 14.45
C ILE A 147 -2.18 -13.01 14.96
N LYS A 148 -3.33 -12.46 15.28
CA LYS A 148 -4.42 -13.25 15.83
C LYS A 148 -5.75 -12.89 15.17
N ASP A 149 -6.76 -13.73 15.43
CA ASP A 149 -8.09 -13.58 14.86
C ASP A 149 -8.61 -12.15 14.92
N ILE A 150 -9.01 -11.62 13.77
CA ILE A 150 -9.53 -10.26 13.68
C ILE A 150 -11.04 -10.24 13.78
N GLU A 151 -11.55 -9.32 14.57
CA GLU A 151 -12.99 -9.10 14.67
C GLU A 151 -13.35 -7.81 13.94
N PRO A 152 -14.31 -7.89 12.99
CA PRO A 152 -14.74 -6.77 12.16
C PRO A 152 -14.87 -5.46 12.93
N GLY A 153 -14.01 -4.51 12.60
CA GLY A 153 -14.05 -3.21 13.25
C GLY A 153 -12.75 -2.87 13.96
N GLU A 154 -11.73 -3.70 13.80
CA GLU A 154 -10.43 -3.40 14.39
C GLU A 154 -9.37 -3.27 13.30
N GLU A 155 -8.70 -2.12 13.29
CA GLU A 155 -7.61 -1.88 12.36
C GLU A 155 -6.26 -1.86 13.08
N LEU A 156 -5.60 -3.01 13.17
CA LEU A 156 -4.24 -3.03 13.70
C LEU A 156 -3.31 -3.73 12.71
N LEU A 157 -2.64 -2.95 11.85
CA LEU A 157 -1.60 -3.47 10.96
C LEU A 157 -0.53 -2.38 10.72
N VAL A 158 0.70 -2.60 11.18
CA VAL A 158 1.76 -1.62 10.96
C VAL A 158 3.14 -2.27 11.04
N HIS A 159 4.12 -1.61 10.45
CA HIS A 159 5.51 -1.93 10.72
C HIS A 159 6.13 -0.84 11.59
N VAL A 160 6.44 -1.17 12.83
CA VAL A 160 7.16 -0.25 13.70
C VAL A 160 8.64 -0.57 13.70
N LYS A 161 9.45 0.45 13.62
CA LYS A 161 10.90 0.29 13.59
C LYS A 161 11.49 0.50 14.97
N GLU A 162 12.04 -0.56 15.52
CA GLU A 162 12.45 -0.58 16.92
C GLU A 162 13.96 -0.49 17.05
N GLY A 163 14.64 -0.16 15.96
CA GLY A 163 16.07 -0.03 16.00
C GLY A 163 16.63 0.55 14.73
N VAL A 164 16.09 1.68 14.30
CA VAL A 164 16.58 2.36 13.10
C VAL A 164 16.78 3.84 13.37
N TYR A 165 15.68 4.58 13.44
CA TYR A 165 15.74 6.02 13.69
C TYR A 165 15.45 6.33 15.17
N PRO A 166 14.29 5.92 15.73
CA PRO A 166 13.93 6.25 17.11
C PRO A 166 14.88 5.61 18.12
N LEU A 167 15.19 4.34 17.90
CA LEU A 167 16.13 3.62 18.75
C LEU A 167 17.44 3.42 18.01
N GLY A 168 18.21 4.47 17.93
CA GLY A 168 19.48 4.42 17.24
C GLY A 168 20.31 5.65 17.48
N THR A 169 21.54 5.63 17.01
CA THR A 169 22.45 6.76 17.19
C THR A 169 22.41 7.67 15.97
N VAL A 170 21.21 8.17 15.67
CA VAL A 170 21.01 9.03 14.53
C VAL A 170 21.31 10.49 14.88
N PRO A 171 21.84 11.27 13.92
CA PRO A 171 22.24 12.66 14.15
C PRO A 171 21.22 13.49 14.96
N PRO A 172 19.91 13.51 14.59
CA PRO A 172 18.91 14.33 15.29
C PRO A 172 18.52 13.76 16.66
N GLY A 173 19.24 12.74 17.10
CA GLY A 173 19.02 12.19 18.42
C GLY A 173 19.58 13.12 19.49
N LEU A 174 20.69 13.76 19.18
CA LEU A 174 21.29 14.73 20.05
C LEU A 174 22.12 15.72 19.22
N ASP A 175 21.82 17.00 19.37
CA ASP A 175 22.53 18.03 18.63
C ASP A 175 22.84 19.21 19.53
N GLU A 176 22.73 19.00 20.83
CA GLU A 176 23.00 20.04 21.82
C GLU A 176 24.51 20.18 22.04
N GLY A 1 -30.12 33.12 17.61
CA GLY A 1 -29.20 33.61 18.66
C GLY A 1 -29.14 32.68 19.85
N SER A 2 -30.09 32.84 20.76
CA SER A 2 -30.14 32.02 21.96
C SER A 2 -30.82 30.69 21.66
N GLY A 3 -30.68 29.73 22.56
CA GLY A 3 -31.30 28.44 22.37
C GLY A 3 -30.39 27.48 21.64
N PHE A 4 -29.46 26.85 22.38
CA PHE A 4 -28.50 25.92 21.81
C PHE A 4 -27.72 26.57 20.66
N PRO A 5 -26.75 27.43 21.00
CA PRO A 5 -25.98 28.18 20.00
C PRO A 5 -25.30 27.28 18.96
N THR A 6 -25.25 27.75 17.73
CA THR A 6 -24.60 27.01 16.65
C THR A 6 -23.36 27.75 16.18
N SER A 7 -22.27 27.03 16.00
CA SER A 7 -21.03 27.63 15.55
C SER A 7 -21.01 27.76 14.03
N GLU A 8 -20.56 28.92 13.56
CA GLU A 8 -20.43 29.17 12.14
C GLU A 8 -19.01 28.84 11.67
N ASP A 9 -18.34 28.02 12.47
CA ASP A 9 -16.93 27.72 12.26
C ASP A 9 -16.74 26.59 11.25
N PHE A 10 -17.18 26.84 10.03
CA PHE A 10 -16.98 25.91 8.93
C PHE A 10 -16.09 26.56 7.88
N THR A 11 -15.05 27.21 8.36
CA THR A 11 -14.15 27.95 7.49
C THR A 11 -12.71 27.47 7.65
N PRO A 12 -12.28 26.52 6.81
CA PRO A 12 -10.94 25.95 6.87
C PRO A 12 -9.86 26.99 6.57
N LYS A 13 -9.13 27.38 7.60
CA LYS A 13 -8.03 28.32 7.46
C LYS A 13 -6.72 27.58 7.32
N GLU A 14 -6.80 26.25 7.24
CA GLU A 14 -5.62 25.42 7.10
C GLU A 14 -5.50 24.87 5.68
N GLY A 15 -6.09 25.58 4.73
CA GLY A 15 -6.03 25.16 3.35
C GLY A 15 -7.39 25.22 2.67
N SER A 16 -7.45 24.81 1.42
CA SER A 16 -8.69 24.81 0.66
C SER A 16 -9.06 23.42 0.16
N PRO A 17 -9.79 22.65 0.98
CA PRO A 17 -10.24 21.30 0.61
C PRO A 17 -11.44 21.33 -0.33
N TYR A 18 -11.41 20.52 -1.37
CA TYR A 18 -12.52 20.42 -2.30
C TYR A 18 -13.52 19.40 -1.79
N GLU A 19 -14.79 19.61 -2.12
CA GLU A 19 -15.84 18.71 -1.68
C GLU A 19 -15.86 17.43 -2.50
N ALA A 20 -15.26 16.38 -1.95
CA ALA A 20 -15.24 15.08 -2.59
C ALA A 20 -16.53 14.34 -2.29
N PRO A 21 -17.21 13.82 -3.32
CA PRO A 21 -18.47 13.09 -3.17
C PRO A 21 -18.28 11.72 -2.54
N VAL A 22 -19.33 10.91 -2.58
CA VAL A 22 -19.27 9.56 -2.02
C VAL A 22 -18.18 8.73 -2.70
N TYR A 23 -18.03 8.92 -4.00
CA TYR A 23 -16.96 8.26 -4.74
C TYR A 23 -15.72 9.14 -4.75
N ILE A 24 -14.70 8.72 -4.03
CA ILE A 24 -13.44 9.45 -4.03
C ILE A 24 -12.64 9.16 -5.30
N PRO A 25 -11.97 10.20 -5.84
CA PRO A 25 -11.30 10.11 -7.15
C PRO A 25 -10.10 9.18 -7.16
N GLU A 26 -9.74 8.65 -6.00
CA GLU A 26 -8.62 7.73 -5.91
C GLU A 26 -9.04 6.35 -6.37
N ASP A 27 -9.94 5.74 -5.61
CA ASP A 27 -10.42 4.39 -5.86
C ASP A 27 -9.26 3.42 -5.95
N ILE A 28 -8.64 3.16 -4.82
CA ILE A 28 -7.54 2.22 -4.74
C ILE A 28 -8.11 0.83 -4.45
N PRO A 29 -7.86 -0.13 -5.35
CA PRO A 29 -8.41 -1.49 -5.22
C PRO A 29 -7.99 -2.15 -3.92
N ILE A 30 -8.97 -2.55 -3.13
CA ILE A 30 -8.72 -3.23 -1.87
C ILE A 30 -9.54 -4.51 -1.79
N PRO A 31 -8.97 -5.57 -1.21
CA PRO A 31 -9.68 -6.83 -0.95
C PRO A 31 -11.03 -6.64 -0.29
N ALA A 32 -12.00 -7.45 -0.69
CA ALA A 32 -13.38 -7.34 -0.22
C ALA A 32 -13.51 -7.53 1.28
N ASP A 33 -12.46 -8.09 1.88
CA ASP A 33 -12.42 -8.33 3.32
C ASP A 33 -12.35 -7.00 4.08
N PHE A 34 -11.86 -5.96 3.39
CA PHE A 34 -11.69 -4.65 3.99
C PHE A 34 -12.50 -3.63 3.23
N GLU A 35 -12.74 -2.48 3.86
CA GLU A 35 -13.53 -1.45 3.24
C GLU A 35 -12.94 -0.08 3.49
N LEU A 36 -12.80 0.70 2.44
CA LEU A 36 -12.16 2.01 2.55
C LEU A 36 -13.18 3.06 2.95
N ARG A 37 -12.86 3.79 4.00
CA ARG A 37 -13.77 4.76 4.58
C ARG A 37 -12.99 5.92 5.18
N GLU A 38 -13.50 7.12 5.02
CA GLU A 38 -12.85 8.30 5.59
C GLU A 38 -13.25 8.44 7.05
N SER A 39 -12.28 8.25 7.93
CA SER A 39 -12.49 8.36 9.36
C SER A 39 -11.16 8.66 10.04
N SER A 40 -10.90 9.94 10.27
CA SER A 40 -9.61 10.37 10.80
C SER A 40 -9.36 9.78 12.20
N ILE A 41 -8.48 8.80 12.26
CA ILE A 41 -8.03 8.25 13.52
C ILE A 41 -6.67 8.87 13.88
N PRO A 42 -6.61 9.61 15.00
CA PRO A 42 -5.40 10.32 15.42
C PRO A 42 -4.18 9.41 15.50
N GLY A 43 -3.15 9.76 14.75
CA GLY A 43 -1.93 8.99 14.76
C GLY A 43 -1.73 8.20 13.47
N ALA A 44 -2.80 8.07 12.69
CA ALA A 44 -2.72 7.36 11.42
C ALA A 44 -3.42 8.15 10.31
N GLY A 45 -4.70 8.40 10.49
CA GLY A 45 -5.46 9.12 9.49
C GLY A 45 -6.64 8.33 9.00
N LEU A 46 -6.61 7.99 7.72
CA LEU A 46 -7.64 7.19 7.09
C LEU A 46 -7.29 5.70 7.14
N GLY A 47 -8.30 4.84 7.02
CA GLY A 47 -8.05 3.42 7.10
C GLY A 47 -9.04 2.58 6.32
N VAL A 48 -8.77 1.28 6.23
CA VAL A 48 -9.67 0.34 5.58
C VAL A 48 -10.16 -0.69 6.61
N TRP A 49 -11.43 -0.61 6.94
CA TRP A 49 -11.99 -1.39 8.03
C TRP A 49 -12.33 -2.81 7.59
N ALA A 50 -11.82 -3.80 8.32
CA ALA A 50 -12.18 -5.19 8.07
C ALA A 50 -13.61 -5.42 8.53
N LYS A 51 -14.49 -5.72 7.58
CA LYS A 51 -15.89 -5.99 7.90
C LYS A 51 -16.08 -7.48 8.06
N ARG A 52 -15.00 -8.20 7.89
CA ARG A 52 -15.01 -9.64 7.94
C ARG A 52 -14.00 -10.10 8.98
N LYS A 53 -14.18 -11.31 9.49
CA LYS A 53 -13.32 -11.82 10.53
C LYS A 53 -12.15 -12.56 9.90
N MET A 54 -11.06 -12.64 10.63
CA MET A 54 -9.90 -13.39 10.19
C MET A 54 -9.38 -14.21 11.35
N GLU A 55 -8.80 -15.36 11.08
CA GLU A 55 -8.27 -16.21 12.14
C GLU A 55 -6.76 -16.31 12.04
N ALA A 56 -6.13 -16.43 13.21
CA ALA A 56 -4.67 -16.32 13.35
C ALA A 56 -3.90 -17.03 12.25
N GLY A 57 -3.09 -16.28 11.54
CA GLY A 57 -2.34 -16.81 10.43
C GLY A 57 -2.72 -16.14 9.12
N GLU A 58 -3.54 -15.10 9.24
CA GLU A 58 -4.00 -14.36 8.07
C GLU A 58 -2.94 -13.39 7.59
N ARG A 59 -3.01 -13.03 6.31
CA ARG A 59 -2.03 -12.17 5.69
C ARG A 59 -2.70 -11.27 4.65
N LEU A 60 -2.33 -10.00 4.65
CA LEU A 60 -2.87 -9.05 3.68
C LEU A 60 -1.85 -8.81 2.58
N GLY A 61 -2.35 -8.49 1.40
CA GLY A 61 -1.49 -8.21 0.27
C GLY A 61 -2.27 -8.08 -1.02
N PRO A 62 -1.58 -7.95 -2.16
CA PRO A 62 -0.13 -7.86 -2.21
C PRO A 62 0.38 -6.45 -1.93
N CYS A 63 1.48 -6.35 -1.19
CA CYS A 63 2.11 -5.07 -0.95
C CYS A 63 3.11 -4.76 -2.06
N VAL A 64 3.33 -5.74 -2.91
CA VAL A 64 4.18 -5.59 -4.08
C VAL A 64 3.38 -5.89 -5.34
N VAL A 65 3.48 -5.01 -6.32
CA VAL A 65 2.70 -5.14 -7.54
C VAL A 65 3.59 -4.93 -8.76
N VAL A 66 2.94 -4.72 -9.91
CA VAL A 66 3.63 -4.42 -11.16
C VAL A 66 4.63 -3.26 -11.01
N PRO A 67 5.69 -3.24 -11.85
CA PRO A 67 6.72 -2.20 -11.78
C PRO A 67 6.28 -0.89 -12.44
N ARG A 68 5.20 -0.33 -11.92
CA ARG A 68 4.67 0.94 -12.41
C ARG A 68 3.61 1.43 -11.43
N ALA A 69 3.23 2.70 -11.55
CA ALA A 69 2.18 3.28 -10.71
C ALA A 69 2.49 3.07 -9.22
N ALA A 70 1.44 2.89 -8.41
CA ALA A 70 1.57 2.64 -6.98
C ALA A 70 2.20 3.82 -6.25
N ALA A 71 3.54 3.87 -6.25
CA ALA A 71 4.30 4.88 -5.51
C ALA A 71 3.94 4.84 -4.02
N LYS A 72 4.74 4.08 -3.27
CA LYS A 72 4.47 3.90 -1.84
C LYS A 72 4.50 5.23 -1.10
N GLU A 73 3.46 5.43 -0.31
CA GLU A 73 3.26 6.67 0.40
C GLU A 73 3.81 6.57 1.82
N THR A 74 3.32 5.58 2.56
CA THR A 74 3.82 5.34 3.91
C THR A 74 4.80 4.16 3.90
N ASP A 75 4.24 2.94 3.96
CA ASP A 75 5.01 1.71 3.80
C ASP A 75 6.11 1.59 4.87
N PHE A 76 6.98 0.61 4.71
CA PHE A 76 8.13 0.46 5.57
C PHE A 76 9.31 1.23 4.98
N GLY A 77 9.28 1.31 3.66
CA GLY A 77 10.25 2.08 2.93
C GLY A 77 11.57 1.35 2.73
N TRP A 78 11.50 0.03 2.56
CA TRP A 78 12.72 -0.76 2.30
C TRP A 78 13.35 -0.28 1.00
N GLU A 79 12.50 -0.11 0.00
CA GLU A 79 12.86 0.39 -1.31
C GLU A 79 11.64 0.28 -2.20
N GLN A 80 11.79 0.52 -3.47
CA GLN A 80 10.66 0.47 -4.38
C GLN A 80 10.90 -0.55 -5.47
N ILE A 81 10.17 -1.67 -5.38
CA ILE A 81 10.22 -2.71 -6.40
C ILE A 81 9.83 -2.18 -7.78
N LEU A 82 9.12 -1.06 -7.79
CA LEU A 82 8.79 -0.38 -9.03
C LEU A 82 9.98 0.45 -9.49
N THR A 83 11.02 -0.24 -9.87
CA THR A 83 12.26 0.39 -10.33
C THR A 83 12.57 -0.11 -11.75
N ASP A 84 11.51 -0.45 -12.45
CA ASP A 84 11.62 -0.96 -13.81
C ASP A 84 10.49 -0.42 -14.66
N VAL A 85 10.72 0.73 -15.27
CA VAL A 85 9.71 1.39 -16.08
C VAL A 85 9.49 0.64 -17.38
N GLU A 86 8.23 0.58 -17.80
CA GLU A 86 7.89 -0.07 -19.05
C GLU A 86 8.31 0.78 -20.23
N VAL A 87 9.50 0.51 -20.73
CA VAL A 87 10.00 1.17 -21.92
C VAL A 87 9.08 0.89 -23.10
N SER A 88 8.61 -0.35 -23.17
CA SER A 88 7.69 -0.79 -24.22
C SER A 88 8.20 -0.36 -25.59
N PRO A 89 9.25 -1.05 -26.10
CA PRO A 89 9.84 -0.75 -27.40
C PRO A 89 8.92 -1.13 -28.55
N GLN A 90 8.02 -0.21 -28.90
CA GLN A 90 7.01 -0.47 -29.91
C GLN A 90 7.54 -0.18 -31.31
N GLU A 91 8.60 -0.89 -31.67
CA GLU A 91 9.14 -0.81 -33.02
C GLU A 91 8.19 -1.50 -33.98
N GLY A 92 7.61 -2.60 -33.51
CA GLY A 92 6.56 -3.27 -34.25
C GLY A 92 5.23 -3.10 -33.55
N CYS A 93 4.21 -3.77 -34.04
CA CYS A 93 2.88 -3.67 -33.45
C CYS A 93 2.74 -4.59 -32.24
N ILE A 94 3.57 -4.36 -31.23
CA ILE A 94 3.60 -5.21 -30.04
C ILE A 94 2.58 -4.72 -29.02
N THR A 95 1.34 -4.59 -29.46
CA THR A 95 0.27 -4.14 -28.58
C THR A 95 -0.84 -5.19 -28.53
N LYS A 96 -0.52 -6.38 -29.05
CA LYS A 96 -1.46 -7.49 -29.08
C LYS A 96 -1.43 -8.22 -27.74
N ILE A 97 -0.45 -7.87 -26.93
CA ILE A 97 -0.24 -8.50 -25.65
C ILE A 97 -1.15 -7.90 -24.57
N SER A 98 -1.14 -8.51 -23.40
CA SER A 98 -1.94 -8.04 -22.28
C SER A 98 -1.18 -8.24 -20.98
N GLU A 99 -0.06 -7.54 -20.84
CA GLU A 99 0.80 -7.59 -19.65
C GLU A 99 1.49 -8.94 -19.51
N ASP A 100 2.73 -8.92 -19.05
CA ASP A 100 3.48 -10.14 -18.80
C ASP A 100 3.21 -10.64 -17.39
N LEU A 101 1.98 -11.06 -17.18
CA LEU A 101 1.54 -11.53 -15.88
C LEU A 101 2.13 -12.91 -15.61
N GLY A 102 3.11 -12.93 -14.74
CA GLY A 102 3.85 -14.14 -14.47
C GLY A 102 5.30 -13.98 -14.82
N SER A 103 6.01 -13.24 -13.98
CA SER A 103 7.41 -12.93 -14.24
C SER A 103 8.17 -12.72 -12.93
N GLU A 104 7.74 -11.74 -12.15
CA GLU A 104 8.43 -11.41 -10.90
C GLU A 104 7.48 -11.48 -9.70
N LYS A 105 6.75 -10.39 -9.49
CA LYS A 105 5.84 -10.30 -8.35
C LYS A 105 4.45 -9.89 -8.81
N PHE A 106 4.15 -10.15 -10.08
CA PHE A 106 2.89 -9.74 -10.66
C PHE A 106 2.38 -10.80 -11.64
N CYS A 107 1.28 -11.45 -11.29
CA CYS A 107 0.68 -12.47 -12.14
C CYS A 107 -0.82 -12.55 -11.91
N VAL A 108 -1.22 -13.04 -10.75
CA VAL A 108 -2.64 -13.21 -10.44
C VAL A 108 -3.15 -12.02 -9.62
N ASP A 109 -4.15 -11.34 -10.18
CA ASP A 109 -4.73 -10.14 -9.57
C ASP A 109 -3.67 -9.14 -9.17
N ALA A 110 -2.76 -8.89 -10.09
CA ALA A 110 -1.63 -8.01 -9.84
C ALA A 110 -2.07 -6.56 -9.70
N ASN A 111 -3.02 -6.16 -10.53
CA ASN A 111 -3.57 -4.81 -10.48
C ASN A 111 -5.01 -4.87 -9.98
N GLN A 112 -5.38 -5.99 -9.38
CA GLN A 112 -6.77 -6.23 -9.04
C GLN A 112 -6.96 -6.47 -7.54
N ALA A 113 -6.04 -7.21 -6.92
CA ALA A 113 -6.15 -7.51 -5.50
C ALA A 113 -5.48 -6.45 -4.65
N GLY A 114 -5.32 -5.29 -5.23
CA GLY A 114 -4.67 -4.19 -4.54
C GLY A 114 -3.69 -3.45 -5.41
N ALA A 115 -3.28 -2.29 -4.96
CA ALA A 115 -2.28 -1.50 -5.69
C ALA A 115 -1.02 -1.33 -4.85
N GLY A 116 -0.84 -2.24 -3.91
CA GLY A 116 0.33 -2.22 -3.05
C GLY A 116 0.23 -1.19 -1.94
N SER A 117 0.07 0.08 -2.31
CA SER A 117 0.08 1.19 -1.35
C SER A 117 -1.20 1.18 -0.50
N TRP A 118 -2.20 0.43 -0.92
CA TRP A 118 -3.50 0.40 -0.23
C TRP A 118 -3.35 0.00 1.24
N LEU A 119 -2.27 -0.69 1.55
CA LEU A 119 -2.01 -1.18 2.90
C LEU A 119 -1.60 -0.06 3.84
N LYS A 120 -1.27 1.12 3.30
CA LYS A 120 -0.92 2.28 4.13
C LYS A 120 -2.13 2.73 4.94
N TYR A 121 -3.31 2.25 4.53
CA TYR A 121 -4.55 2.60 5.21
C TYR A 121 -4.67 1.92 6.56
N ILE A 122 -4.11 0.73 6.72
CA ILE A 122 -4.23 0.01 7.97
C ILE A 122 -3.51 0.75 9.08
N ARG A 123 -4.27 1.20 10.06
CA ARG A 123 -3.74 2.03 11.14
C ARG A 123 -2.94 1.21 12.15
N VAL A 124 -2.04 1.89 12.84
CA VAL A 124 -1.32 1.30 13.95
C VAL A 124 -2.17 1.39 15.21
N ALA A 125 -2.04 0.37 16.08
CA ALA A 125 -2.85 0.23 17.27
C ALA A 125 -2.98 1.54 18.05
N CYS A 126 -4.22 1.95 18.26
CA CYS A 126 -4.51 3.15 19.01
C CYS A 126 -4.43 2.84 20.51
N SER A 127 -4.32 1.56 20.81
CA SER A 127 -4.13 1.09 22.18
C SER A 127 -2.90 0.19 22.23
N CYS A 128 -2.10 0.35 23.27
CA CYS A 128 -0.84 -0.37 23.39
C CYS A 128 -1.07 -1.81 23.81
N ASP A 129 -2.26 -2.11 24.32
CA ASP A 129 -2.61 -3.46 24.72
C ASP A 129 -3.22 -4.22 23.55
N ASP A 130 -3.32 -3.55 22.41
CA ASP A 130 -4.02 -4.09 21.25
C ASP A 130 -3.05 -4.48 20.14
N GLN A 131 -1.79 -4.63 20.49
CA GLN A 131 -0.76 -4.93 19.49
C GLN A 131 -1.08 -6.24 18.76
N ASN A 132 -1.37 -6.13 17.48
CA ASN A 132 -1.62 -7.27 16.64
C ASN A 132 -1.11 -6.97 15.23
N LEU A 133 -0.08 -6.13 15.15
CA LEU A 133 0.38 -5.58 13.88
C LEU A 133 1.82 -6.00 13.60
N THR A 134 2.04 -6.68 12.49
CA THR A 134 3.39 -7.07 12.09
C THR A 134 3.53 -7.16 10.58
N MET A 135 4.60 -6.58 10.06
CA MET A 135 4.91 -6.70 8.64
C MET A 135 5.99 -7.75 8.46
N CYS A 136 5.81 -8.61 7.47
CA CYS A 136 6.75 -9.70 7.23
C CYS A 136 7.40 -9.59 5.86
N GLN A 137 8.71 -9.70 5.86
CA GLN A 137 9.47 -9.74 4.62
C GLN A 137 9.84 -11.17 4.32
N ILE A 138 9.14 -11.77 3.37
CA ILE A 138 9.34 -13.16 3.00
C ILE A 138 9.29 -13.32 1.50
N SER A 139 10.10 -14.22 0.96
CA SER A 139 10.15 -14.46 -0.49
C SER A 139 10.58 -13.19 -1.22
N GLU A 140 11.36 -12.36 -0.52
CA GLU A 140 11.84 -11.09 -1.03
C GLU A 140 10.69 -10.19 -1.47
N GLN A 141 9.58 -10.28 -0.75
CA GLN A 141 8.44 -9.40 -0.97
C GLN A 141 7.81 -9.04 0.37
N ILE A 142 7.08 -7.93 0.40
CA ILE A 142 6.50 -7.42 1.63
C ILE A 142 5.07 -7.91 1.81
N TYR A 143 4.78 -8.42 3.00
CA TYR A 143 3.43 -8.84 3.34
C TYR A 143 3.01 -8.30 4.70
N TYR A 144 1.70 -8.22 4.90
CA TYR A 144 1.15 -7.85 6.20
C TYR A 144 0.68 -9.11 6.91
N LYS A 145 1.34 -9.44 8.00
CA LYS A 145 1.06 -10.67 8.72
C LYS A 145 0.39 -10.37 10.04
N VAL A 146 -0.76 -10.98 10.26
CA VAL A 146 -1.50 -10.75 11.49
C VAL A 146 -1.20 -11.85 12.48
N ILE A 147 -1.31 -11.48 13.75
CA ILE A 147 -0.81 -12.30 14.85
C ILE A 147 -1.90 -13.20 15.38
N LYS A 148 -3.01 -12.60 15.72
CA LYS A 148 -4.19 -13.34 16.16
C LYS A 148 -5.43 -12.84 15.43
N ASP A 149 -6.53 -13.56 15.62
CA ASP A 149 -7.77 -13.34 14.86
C ASP A 149 -8.24 -11.88 14.92
N ILE A 150 -8.79 -11.41 13.82
CA ILE A 150 -9.32 -10.06 13.73
C ILE A 150 -10.83 -10.08 13.90
N GLU A 151 -11.34 -9.18 14.72
CA GLU A 151 -12.77 -9.00 14.86
C GLU A 151 -13.22 -7.86 13.96
N PRO A 152 -14.29 -8.07 13.17
CA PRO A 152 -14.80 -7.05 12.25
C PRO A 152 -15.03 -5.71 12.94
N GLY A 153 -14.29 -4.70 12.52
CA GLY A 153 -14.36 -3.40 13.16
C GLY A 153 -13.02 -2.92 13.67
N GLU A 154 -12.02 -3.79 13.73
CA GLU A 154 -10.68 -3.38 14.10
C GLU A 154 -9.64 -3.91 13.13
N GLU A 155 -8.94 -3.00 12.49
CA GLU A 155 -7.87 -3.33 11.56
C GLU A 155 -6.51 -2.89 12.09
N LEU A 156 -5.75 -3.77 12.71
CA LEU A 156 -4.44 -3.39 13.20
C LEU A 156 -3.35 -4.15 12.44
N LEU A 157 -2.75 -3.50 11.44
CA LEU A 157 -1.62 -4.03 10.69
C LEU A 157 -0.70 -2.89 10.27
N VAL A 158 0.49 -2.83 10.82
CA VAL A 158 1.42 -1.76 10.55
C VAL A 158 2.83 -2.23 10.83
N HIS A 159 3.82 -1.53 10.31
CA HIS A 159 5.16 -1.68 10.82
C HIS A 159 5.67 -0.31 11.24
N VAL A 160 5.72 -0.09 12.56
CA VAL A 160 6.32 1.11 13.12
C VAL A 160 7.25 0.71 14.26
N LYS A 161 8.53 0.59 13.94
CA LYS A 161 9.51 0.21 14.93
C LYS A 161 10.60 1.27 15.00
N GLU A 162 11.06 1.59 16.20
CA GLU A 162 12.06 2.63 16.37
C GLU A 162 13.46 2.03 16.47
N GLY A 163 13.54 0.72 16.35
CA GLY A 163 14.83 0.06 16.45
C GLY A 163 15.07 -0.95 15.34
N VAL A 164 14.56 -0.64 14.15
CA VAL A 164 14.74 -1.52 13.00
C VAL A 164 15.27 -0.73 11.81
N TYR A 165 14.38 0.00 11.14
CA TYR A 165 14.73 0.73 9.93
C TYR A 165 15.74 1.86 10.21
N PRO A 166 15.45 2.78 11.17
CA PRO A 166 16.34 3.91 11.48
C PRO A 166 17.78 3.48 11.75
N LEU A 167 17.92 2.34 12.42
CA LEU A 167 19.22 1.80 12.78
C LEU A 167 19.92 1.11 11.59
N GLY A 168 19.49 1.45 10.38
CA GLY A 168 20.14 0.91 9.20
C GLY A 168 19.47 -0.34 8.67
N THR A 169 18.21 -0.51 9.06
CA THR A 169 17.42 -1.67 8.66
C THR A 169 18.07 -2.95 9.17
N VAL A 170 18.06 -3.10 10.49
CA VAL A 170 18.65 -4.27 11.11
C VAL A 170 17.69 -5.45 11.05
N PRO A 171 18.22 -6.68 11.09
CA PRO A 171 17.39 -7.89 11.09
C PRO A 171 16.53 -7.98 12.35
N PRO A 172 15.28 -8.46 12.23
CA PRO A 172 14.35 -8.58 13.36
C PRO A 172 14.72 -9.71 14.33
N GLY A 173 16.02 -9.81 14.63
CA GLY A 173 16.50 -10.78 15.58
C GLY A 173 17.65 -10.22 16.38
N LEU A 174 17.77 -8.90 16.37
CA LEU A 174 18.85 -8.22 17.05
C LEU A 174 18.43 -7.81 18.46
N ASP A 175 19.25 -8.14 19.44
CA ASP A 175 18.94 -7.80 20.83
C ASP A 175 19.78 -6.62 21.29
N GLU A 176 20.83 -6.32 20.54
CA GLU A 176 21.71 -5.22 20.86
C GLU A 176 21.33 -3.98 20.03
N GLY A 1 -27.88 -8.02 -27.58
CA GLY A 1 -27.82 -8.92 -26.41
C GLY A 1 -28.67 -8.44 -25.27
N SER A 2 -28.90 -9.31 -24.30
CA SER A 2 -29.72 -8.99 -23.14
C SER A 2 -28.99 -8.04 -22.19
N GLY A 3 -27.66 -8.02 -22.29
CA GLY A 3 -26.86 -7.15 -21.45
C GLY A 3 -26.84 -5.73 -21.97
N PHE A 4 -28.03 -5.19 -22.24
CA PHE A 4 -28.15 -3.82 -22.73
C PHE A 4 -27.81 -2.79 -21.65
N PRO A 5 -28.30 -2.96 -20.39
CA PRO A 5 -27.95 -2.04 -19.30
C PRO A 5 -26.47 -2.13 -18.93
N THR A 6 -25.83 -3.19 -19.40
CA THR A 6 -24.41 -3.40 -19.16
C THR A 6 -23.58 -2.46 -20.04
N SER A 7 -23.50 -1.21 -19.62
CA SER A 7 -22.73 -0.20 -20.31
C SER A 7 -21.94 0.60 -19.30
N GLU A 8 -20.68 0.23 -19.12
CA GLU A 8 -19.83 0.88 -18.13
C GLU A 8 -19.15 2.11 -18.74
N ASP A 9 -19.82 2.71 -19.72
CA ASP A 9 -19.30 3.90 -20.37
C ASP A 9 -19.73 5.16 -19.62
N PHE A 10 -19.34 5.25 -18.36
CA PHE A 10 -19.64 6.40 -17.55
C PHE A 10 -18.51 7.42 -17.65
N THR A 11 -18.24 7.86 -18.88
CA THR A 11 -17.16 8.78 -19.15
C THR A 11 -17.70 10.09 -19.75
N PRO A 12 -18.16 11.01 -18.89
CA PRO A 12 -18.76 12.28 -19.33
C PRO A 12 -17.75 13.22 -19.98
N LYS A 13 -18.01 13.53 -21.25
CA LYS A 13 -17.19 14.47 -22.03
C LYS A 13 -15.70 14.14 -21.95
N GLU A 14 -15.32 13.01 -22.54
CA GLU A 14 -13.91 12.66 -22.67
C GLU A 14 -13.24 13.59 -23.67
N GLY A 15 -12.26 14.34 -23.19
CA GLY A 15 -11.63 15.34 -24.01
C GLY A 15 -11.80 16.72 -23.41
N SER A 16 -12.90 16.91 -22.69
CA SER A 16 -13.15 18.15 -22.00
C SER A 16 -12.54 18.10 -20.60
N PRO A 17 -11.69 19.06 -20.25
CA PRO A 17 -11.04 19.13 -18.93
C PRO A 17 -12.05 19.34 -17.82
N TYR A 18 -12.38 18.27 -17.12
CA TYR A 18 -13.31 18.34 -16.00
C TYR A 18 -12.55 18.57 -14.70
N GLU A 19 -12.95 19.59 -13.96
CA GLU A 19 -12.31 19.89 -12.68
C GLU A 19 -12.64 18.80 -11.66
N ALA A 20 -11.60 18.16 -11.14
CA ALA A 20 -11.77 17.10 -10.15
C ALA A 20 -12.44 17.62 -8.88
N PRO A 21 -13.62 17.07 -8.56
CA PRO A 21 -14.40 17.48 -7.40
C PRO A 21 -13.96 16.77 -6.12
N VAL A 22 -14.86 16.71 -5.15
CA VAL A 22 -14.58 15.99 -3.91
C VAL A 22 -14.25 14.53 -4.19
N TYR A 23 -14.99 13.93 -5.12
CA TYR A 23 -14.68 12.57 -5.55
C TYR A 23 -13.56 12.58 -6.57
N ILE A 24 -12.41 12.07 -6.17
CA ILE A 24 -11.30 11.93 -7.08
C ILE A 24 -11.48 10.71 -7.99
N PRO A 25 -11.07 10.83 -9.27
CA PRO A 25 -11.25 9.76 -10.25
C PRO A 25 -10.26 8.62 -10.11
N GLU A 26 -9.96 8.25 -8.87
CA GLU A 26 -9.05 7.16 -8.59
C GLU A 26 -9.77 5.82 -8.67
N ASP A 27 -10.66 5.59 -7.69
CA ASP A 27 -11.40 4.34 -7.57
C ASP A 27 -10.43 3.15 -7.58
N ILE A 28 -9.68 3.03 -6.51
CA ILE A 28 -8.64 2.01 -6.42
C ILE A 28 -9.25 0.67 -6.05
N PRO A 29 -9.07 -0.35 -6.91
CA PRO A 29 -9.59 -1.70 -6.64
C PRO A 29 -8.89 -2.35 -5.45
N ILE A 30 -9.65 -2.62 -4.41
CA ILE A 30 -9.10 -3.22 -3.21
C ILE A 30 -9.81 -4.53 -2.90
N PRO A 31 -9.11 -5.47 -2.24
CA PRO A 31 -9.69 -6.75 -1.80
C PRO A 31 -11.02 -6.56 -1.07
N ALA A 32 -11.98 -7.39 -1.43
CA ALA A 32 -13.35 -7.25 -0.94
C ALA A 32 -13.45 -7.51 0.55
N ASP A 33 -12.47 -8.19 1.12
CA ASP A 33 -12.51 -8.59 2.53
C ASP A 33 -12.38 -7.39 3.48
N PHE A 34 -12.09 -6.22 2.94
CA PHE A 34 -11.86 -5.04 3.74
C PHE A 34 -12.49 -3.83 3.06
N GLU A 35 -12.88 -2.84 3.84
CA GLU A 35 -13.51 -1.65 3.28
C GLU A 35 -12.63 -0.42 3.46
N LEU A 36 -12.35 0.27 2.37
CA LEU A 36 -11.63 1.52 2.45
C LEU A 36 -12.62 2.64 2.71
N ARG A 37 -12.35 3.41 3.73
CA ARG A 37 -13.27 4.44 4.16
C ARG A 37 -12.50 5.65 4.65
N GLU A 38 -13.07 6.82 4.44
CA GLU A 38 -12.49 8.03 5.00
C GLU A 38 -12.94 8.16 6.45
N SER A 39 -11.99 8.01 7.36
CA SER A 39 -12.28 8.06 8.78
C SER A 39 -10.98 8.24 9.56
N SER A 40 -11.04 9.04 10.61
CA SER A 40 -9.86 9.34 11.39
C SER A 40 -9.82 8.47 12.66
N ILE A 41 -8.92 7.50 12.67
CA ILE A 41 -8.72 6.67 13.85
C ILE A 41 -7.39 7.07 14.52
N PRO A 42 -7.47 7.51 15.80
CA PRO A 42 -6.29 8.00 16.55
C PRO A 42 -5.15 6.99 16.61
N GLY A 43 -3.98 7.41 16.15
CA GLY A 43 -2.82 6.55 16.18
C GLY A 43 -2.41 6.06 14.81
N ALA A 44 -3.38 5.98 13.91
CA ALA A 44 -3.11 5.56 12.54
C ALA A 44 -3.44 6.67 11.57
N GLY A 45 -4.68 7.12 11.60
CA GLY A 45 -5.15 8.13 10.69
C GLY A 45 -6.34 7.64 9.89
N LEU A 46 -6.19 7.63 8.59
CA LEU A 46 -7.21 7.04 7.72
C LEU A 46 -6.94 5.54 7.57
N GLY A 47 -7.95 4.72 7.82
CA GLY A 47 -7.74 3.28 7.86
C GLY A 47 -8.73 2.53 6.99
N VAL A 48 -8.35 1.32 6.59
CA VAL A 48 -9.27 0.44 5.88
C VAL A 48 -9.88 -0.55 6.87
N TRP A 49 -11.19 -0.43 7.07
CA TRP A 49 -11.86 -1.15 8.13
C TRP A 49 -12.16 -2.58 7.70
N ALA A 50 -11.54 -3.52 8.39
CA ALA A 50 -11.79 -4.91 8.14
C ALA A 50 -13.15 -5.31 8.70
N LYS A 51 -14.06 -5.68 7.80
CA LYS A 51 -15.39 -6.08 8.18
C LYS A 51 -15.43 -7.61 8.30
N ARG A 52 -14.24 -8.19 8.21
CA ARG A 52 -14.03 -9.60 8.46
C ARG A 52 -12.95 -9.73 9.52
N LYS A 53 -12.97 -10.83 10.26
CA LYS A 53 -11.99 -11.03 11.30
C LYS A 53 -10.75 -11.71 10.71
N MET A 54 -9.60 -11.11 10.92
CA MET A 54 -8.36 -11.66 10.41
C MET A 54 -7.71 -12.51 11.49
N GLU A 55 -7.16 -13.65 11.12
CA GLU A 55 -6.60 -14.56 12.11
C GLU A 55 -5.12 -14.81 11.86
N ALA A 56 -4.52 -15.57 12.78
CA ALA A 56 -3.07 -15.83 12.76
C ALA A 56 -2.59 -16.37 11.42
N GLY A 57 -1.59 -15.70 10.85
CA GLY A 57 -0.88 -16.25 9.72
C GLY A 57 -1.34 -15.73 8.38
N GLU A 58 -2.49 -15.08 8.33
CA GLU A 58 -3.02 -14.62 7.05
C GLU A 58 -2.31 -13.34 6.61
N ARG A 59 -2.38 -13.07 5.32
CA ARG A 59 -1.70 -11.95 4.73
C ARG A 59 -2.69 -11.00 4.08
N LEU A 60 -2.42 -9.71 4.17
CA LEU A 60 -3.21 -8.73 3.45
C LEU A 60 -2.44 -8.29 2.20
N GLY A 61 -3.18 -7.97 1.14
CA GLY A 61 -2.54 -7.46 -0.05
C GLY A 61 -2.70 -8.37 -1.24
N PRO A 62 -1.58 -8.71 -1.92
CA PRO A 62 -0.22 -8.26 -1.55
C PRO A 62 -0.05 -6.74 -1.67
N CYS A 63 0.94 -6.21 -0.96
CA CYS A 63 1.18 -4.77 -0.93
C CYS A 63 1.97 -4.32 -2.16
N VAL A 64 2.63 -5.28 -2.80
CA VAL A 64 3.42 -4.98 -4.00
C VAL A 64 3.28 -6.13 -4.98
N VAL A 65 3.44 -5.83 -6.26
CA VAL A 65 3.36 -6.84 -7.31
C VAL A 65 4.52 -6.66 -8.29
N VAL A 66 5.61 -6.12 -7.77
CA VAL A 66 6.79 -5.84 -8.57
C VAL A 66 7.88 -6.89 -8.36
N PRO A 67 8.14 -7.72 -9.37
CA PRO A 67 9.12 -8.80 -9.29
C PRO A 67 10.55 -8.30 -9.52
N ARG A 68 11.15 -7.74 -8.49
CA ARG A 68 12.54 -7.29 -8.56
C ARG A 68 13.37 -7.91 -7.44
N ALA A 69 13.31 -7.31 -6.25
CA ALA A 69 14.06 -7.80 -5.10
C ALA A 69 13.65 -7.04 -3.85
N ALA A 70 13.51 -5.73 -4.00
CA ALA A 70 13.04 -4.89 -2.92
C ALA A 70 11.94 -3.98 -3.42
N ALA A 71 11.06 -3.55 -2.53
CA ALA A 71 9.97 -2.68 -2.88
C ALA A 71 9.74 -1.66 -1.79
N LYS A 72 10.42 -0.54 -1.93
CA LYS A 72 10.36 0.52 -0.94
C LYS A 72 9.66 1.76 -1.49
N GLU A 73 9.07 2.53 -0.58
CA GLU A 73 8.45 3.79 -0.95
C GLU A 73 9.51 4.88 -0.95
N THR A 74 9.88 5.32 0.24
CA THR A 74 10.95 6.27 0.41
C THR A 74 12.11 5.60 1.13
N ASP A 75 11.92 5.34 2.44
CA ASP A 75 12.92 4.61 3.22
C ASP A 75 12.46 4.43 4.67
N PHE A 76 12.13 5.55 5.30
CA PHE A 76 11.86 5.59 6.73
C PHE A 76 10.44 5.22 7.09
N GLY A 77 9.71 4.70 6.13
CA GLY A 77 8.31 4.35 6.33
C GLY A 77 8.11 3.22 7.32
N TRP A 78 9.11 2.34 7.41
CA TRP A 78 9.04 1.21 8.31
C TRP A 78 10.43 0.82 8.78
N GLU A 79 11.32 0.65 7.83
CA GLU A 79 12.70 0.31 8.09
C GLU A 79 13.46 0.30 6.79
N GLN A 80 14.73 -0.01 6.87
CA GLN A 80 15.58 -0.05 5.70
C GLN A 80 15.87 -1.50 5.35
N ILE A 81 15.02 -2.06 4.51
CA ILE A 81 15.18 -3.45 4.10
C ILE A 81 16.42 -3.60 3.23
N LEU A 82 17.24 -4.58 3.57
CA LEU A 82 18.46 -4.86 2.84
C LEU A 82 18.81 -6.33 2.94
N THR A 83 17.85 -7.13 2.55
CA THR A 83 17.99 -8.58 2.60
C THR A 83 17.84 -9.14 1.20
N ASP A 84 18.08 -8.28 0.22
CA ASP A 84 17.98 -8.64 -1.19
C ASP A 84 19.28 -9.29 -1.66
N VAL A 85 19.60 -10.41 -1.04
CA VAL A 85 20.81 -11.14 -1.36
C VAL A 85 20.73 -11.77 -2.74
N GLU A 86 21.65 -11.42 -3.60
CA GLU A 86 21.69 -11.96 -4.94
C GLU A 86 22.53 -13.23 -4.97
N VAL A 87 21.93 -14.32 -4.52
CA VAL A 87 22.58 -15.63 -4.55
C VAL A 87 22.59 -16.14 -5.99
N SER A 88 21.66 -15.64 -6.78
CA SER A 88 21.59 -15.93 -8.19
C SER A 88 21.41 -14.63 -8.96
N PRO A 89 22.41 -14.27 -9.80
CA PRO A 89 22.38 -13.05 -10.61
C PRO A 89 21.00 -12.82 -11.25
N GLN A 90 20.30 -11.81 -10.76
CA GLN A 90 18.92 -11.58 -11.16
C GLN A 90 18.75 -10.22 -11.83
N GLU A 91 19.85 -9.53 -12.05
CA GLU A 91 19.80 -8.23 -12.70
C GLU A 91 19.58 -8.40 -14.20
N GLY A 92 18.43 -7.94 -14.67
CA GLY A 92 18.09 -8.06 -16.06
C GLY A 92 16.61 -8.26 -16.25
N CYS A 93 16.24 -8.97 -17.30
CA CYS A 93 14.84 -9.24 -17.58
C CYS A 93 14.37 -10.48 -16.82
N ILE A 94 13.81 -10.26 -15.64
CA ILE A 94 13.23 -11.34 -14.87
C ILE A 94 11.92 -11.76 -15.51
N THR A 95 11.18 -10.78 -15.99
CA THR A 95 9.94 -11.02 -16.71
C THR A 95 9.61 -9.82 -17.59
N LYS A 96 9.16 -10.07 -18.80
CA LYS A 96 8.77 -9.00 -19.71
C LYS A 96 7.28 -9.09 -20.02
N ILE A 97 6.68 -10.20 -19.62
CA ILE A 97 5.26 -10.41 -19.83
C ILE A 97 4.46 -9.81 -18.68
N SER A 98 3.17 -9.68 -18.89
CA SER A 98 2.29 -9.11 -17.89
C SER A 98 1.03 -9.96 -17.75
N GLU A 99 0.82 -10.49 -16.55
CA GLU A 99 -0.31 -11.36 -16.31
C GLU A 99 -1.59 -10.55 -16.16
N ASP A 100 -2.63 -10.97 -16.85
CA ASP A 100 -3.90 -10.27 -16.83
C ASP A 100 -5.01 -11.20 -16.38
N LEU A 101 -5.73 -10.79 -15.34
CA LEU A 101 -6.80 -11.60 -14.78
C LEU A 101 -8.11 -11.34 -15.50
N GLY A 102 -8.02 -11.10 -16.80
CA GLY A 102 -9.19 -10.91 -17.62
C GLY A 102 -8.95 -11.43 -19.01
N SER A 103 -8.86 -12.74 -19.14
CA SER A 103 -8.55 -13.36 -20.41
C SER A 103 -9.27 -14.70 -20.60
N GLU A 104 -8.91 -15.67 -19.76
CA GLU A 104 -9.48 -17.00 -19.87
C GLU A 104 -10.88 -17.06 -19.26
N LYS A 105 -10.96 -17.22 -17.94
CA LYS A 105 -12.24 -17.32 -17.27
C LYS A 105 -12.32 -16.33 -16.12
N PHE A 106 -11.25 -15.57 -15.91
CA PHE A 106 -11.22 -14.57 -14.85
C PHE A 106 -11.52 -13.19 -15.42
N CYS A 107 -12.16 -12.35 -14.63
CA CYS A 107 -12.46 -10.99 -15.04
C CYS A 107 -12.49 -10.07 -13.83
N VAL A 108 -11.66 -10.39 -12.84
CA VAL A 108 -11.58 -9.63 -11.60
C VAL A 108 -10.13 -9.32 -11.28
N ASP A 109 -9.87 -8.10 -10.82
CA ASP A 109 -8.50 -7.67 -10.52
C ASP A 109 -8.06 -8.20 -9.16
N ALA A 110 -8.16 -9.50 -8.99
CA ALA A 110 -7.85 -10.15 -7.72
C ALA A 110 -6.36 -10.07 -7.42
N ASN A 111 -5.54 -10.59 -8.33
CA ASN A 111 -4.10 -10.62 -8.13
C ASN A 111 -3.47 -9.32 -8.62
N GLN A 112 -4.29 -8.45 -9.16
CA GLN A 112 -3.80 -7.17 -9.70
C GLN A 112 -4.00 -6.06 -8.68
N ALA A 113 -4.84 -6.33 -7.68
CA ALA A 113 -5.03 -5.42 -6.57
C ALA A 113 -3.88 -5.51 -5.57
N GLY A 114 -2.69 -5.78 -6.10
CA GLY A 114 -1.51 -5.89 -5.27
C GLY A 114 -0.83 -4.55 -5.10
N ALA A 115 -1.57 -3.61 -4.56
CA ALA A 115 -1.08 -2.25 -4.37
C ALA A 115 -1.07 -1.88 -2.89
N GLY A 116 -0.11 -1.06 -2.51
CA GLY A 116 0.00 -0.65 -1.13
C GLY A 116 -0.82 0.59 -0.84
N SER A 117 -1.51 1.08 -1.86
CA SER A 117 -2.32 2.28 -1.75
C SER A 117 -3.36 2.15 -0.64
N TRP A 118 -3.98 0.99 -0.52
CA TRP A 118 -4.98 0.77 0.52
C TRP A 118 -4.33 0.29 1.82
N LEU A 119 -3.14 -0.27 1.72
CA LEU A 119 -2.47 -0.84 2.89
C LEU A 119 -1.68 0.22 3.65
N LYS A 120 -1.46 1.37 3.03
CA LYS A 120 -0.80 2.47 3.72
C LYS A 120 -1.78 3.14 4.69
N TYR A 121 -3.02 2.67 4.65
CA TYR A 121 -4.05 3.16 5.56
C TYR A 121 -3.88 2.55 6.94
N ILE A 122 -3.51 1.28 7.00
CA ILE A 122 -3.31 0.63 8.28
C ILE A 122 -1.93 0.96 8.83
N ARG A 123 -1.92 1.62 9.97
CA ARG A 123 -0.67 1.97 10.63
C ARG A 123 -0.71 1.58 12.11
N VAL A 124 0.18 2.16 12.89
CA VAL A 124 0.41 1.70 14.26
C VAL A 124 -0.83 1.84 15.13
N ALA A 125 -1.06 0.83 15.96
CA ALA A 125 -2.22 0.77 16.84
C ALA A 125 -2.09 1.78 17.97
N CYS A 126 -3.21 2.02 18.64
CA CYS A 126 -3.31 3.10 19.60
C CYS A 126 -3.01 2.64 21.02
N SER A 127 -3.10 1.34 21.28
CA SER A 127 -2.94 0.84 22.64
C SER A 127 -2.22 -0.52 22.69
N CYS A 128 -2.02 -1.06 23.89
CA CYS A 128 -1.27 -2.30 24.08
C CYS A 128 -2.06 -3.54 23.65
N ASP A 129 -3.27 -3.68 24.17
CA ASP A 129 -4.13 -4.82 23.81
C ASP A 129 -4.64 -4.65 22.39
N ASP A 130 -4.45 -3.43 21.89
CA ASP A 130 -4.82 -3.07 20.54
C ASP A 130 -3.74 -3.54 19.55
N GLN A 131 -2.68 -4.16 20.07
CA GLN A 131 -1.61 -4.67 19.24
C GLN A 131 -2.02 -5.93 18.50
N ASN A 132 -2.04 -5.83 17.19
CA ASN A 132 -2.29 -6.96 16.31
C ASN A 132 -1.66 -6.65 14.96
N LEU A 133 -0.50 -6.02 14.99
CA LEU A 133 0.13 -5.52 13.78
C LEU A 133 1.54 -6.07 13.62
N THR A 134 1.79 -6.69 12.47
CA THR A 134 3.13 -7.14 12.13
C THR A 134 3.34 -7.16 10.62
N MET A 135 4.46 -6.64 10.18
CA MET A 135 4.82 -6.64 8.77
C MET A 135 6.22 -7.23 8.61
N CYS A 136 6.38 -8.10 7.63
CA CYS A 136 7.67 -8.71 7.37
C CYS A 136 8.03 -8.58 5.89
N GLN A 137 9.29 -8.84 5.57
CA GLN A 137 9.75 -8.76 4.19
C GLN A 137 10.26 -10.13 3.75
N ILE A 138 9.47 -10.81 2.94
CA ILE A 138 9.79 -12.17 2.52
C ILE A 138 9.55 -12.34 1.03
N SER A 139 10.38 -13.16 0.38
CA SER A 139 10.20 -13.50 -1.03
C SER A 139 10.30 -12.27 -1.92
N GLU A 140 11.07 -11.29 -1.46
CA GLU A 140 11.32 -10.05 -2.21
C GLU A 140 10.06 -9.21 -2.35
N GLN A 141 9.10 -9.43 -1.46
CA GLN A 141 7.86 -8.66 -1.46
C GLN A 141 7.52 -8.21 -0.04
N ILE A 142 6.60 -7.26 0.06
CA ILE A 142 6.12 -6.78 1.35
C ILE A 142 4.96 -7.65 1.84
N TYR A 143 5.05 -8.10 3.08
CA TYR A 143 4.09 -9.05 3.63
C TYR A 143 3.39 -8.47 4.84
N TYR A 144 2.07 -8.43 4.81
CA TYR A 144 1.28 -8.01 5.96
C TYR A 144 0.75 -9.25 6.66
N LYS A 145 1.22 -9.50 7.88
CA LYS A 145 0.88 -10.72 8.59
C LYS A 145 -0.03 -10.40 9.77
N VAL A 146 -1.17 -11.04 9.83
CA VAL A 146 -2.05 -10.85 10.96
C VAL A 146 -1.77 -11.88 12.03
N ILE A 147 -2.03 -11.47 13.25
CA ILE A 147 -1.53 -12.12 14.45
C ILE A 147 -2.59 -13.00 15.08
N LYS A 148 -3.71 -12.39 15.37
CA LYS A 148 -4.82 -13.07 16.00
C LYS A 148 -6.13 -12.52 15.48
N ASP A 149 -7.23 -13.18 15.83
CA ASP A 149 -8.54 -12.83 15.27
C ASP A 149 -8.95 -11.41 15.65
N ILE A 150 -8.97 -10.55 14.64
CA ILE A 150 -9.45 -9.19 14.78
C ILE A 150 -10.95 -9.16 15.02
N GLU A 151 -11.41 -8.18 15.78
CA GLU A 151 -12.84 -7.95 15.90
C GLU A 151 -13.27 -6.99 14.81
N PRO A 152 -14.15 -7.43 13.89
CA PRO A 152 -14.61 -6.62 12.76
C PRO A 152 -15.00 -5.21 13.18
N GLY A 153 -14.28 -4.22 12.65
CA GLY A 153 -14.52 -2.84 13.04
C GLY A 153 -13.28 -2.17 13.61
N GLU A 154 -12.16 -2.90 13.63
CA GLU A 154 -10.88 -2.33 14.02
C GLU A 154 -9.75 -2.85 13.13
N GLU A 155 -9.00 -1.92 12.55
CA GLU A 155 -7.93 -2.26 11.63
C GLU A 155 -6.56 -1.99 12.25
N LEU A 156 -5.86 -3.06 12.64
CA LEU A 156 -4.50 -2.91 13.14
C LEU A 156 -3.54 -3.75 12.31
N LEU A 157 -2.84 -3.12 11.38
CA LEU A 157 -1.80 -3.78 10.57
C LEU A 157 -0.67 -2.79 10.26
N VAL A 158 0.52 -3.02 10.80
CA VAL A 158 1.64 -2.12 10.56
C VAL A 158 2.97 -2.86 10.76
N HIS A 159 4.02 -2.29 10.21
CA HIS A 159 5.36 -2.69 10.56
C HIS A 159 5.71 -1.98 11.85
N VAL A 160 5.85 -2.72 12.92
CA VAL A 160 6.16 -2.11 14.19
C VAL A 160 7.61 -1.66 14.23
N LYS A 161 7.81 -0.39 13.89
CA LYS A 161 9.12 0.22 13.86
C LYS A 161 9.49 0.76 15.22
N GLU A 162 10.75 0.64 15.59
CA GLU A 162 11.20 1.10 16.89
C GLU A 162 12.53 1.83 16.77
N GLY A 163 12.89 2.21 15.55
CA GLY A 163 14.11 2.95 15.35
C GLY A 163 14.70 2.76 13.97
N VAL A 164 14.29 3.62 13.05
CA VAL A 164 14.80 3.57 11.68
C VAL A 164 15.99 4.50 11.52
N TYR A 165 15.72 5.81 11.52
CA TYR A 165 16.77 6.80 11.36
C TYR A 165 17.57 6.99 12.66
N PRO A 166 16.92 7.33 13.79
CA PRO A 166 17.64 7.61 15.05
C PRO A 166 18.47 6.43 15.53
N LEU A 167 17.90 5.24 15.43
CA LEU A 167 18.58 4.02 15.88
C LEU A 167 19.31 3.35 14.71
N GLY A 168 19.51 4.10 13.64
CA GLY A 168 20.23 3.57 12.49
C GLY A 168 21.65 4.07 12.46
N THR A 169 22.48 3.46 11.64
CA THR A 169 23.88 3.84 11.51
C THR A 169 24.04 5.01 10.55
N VAL A 170 23.24 6.04 10.75
CA VAL A 170 23.23 7.20 9.87
C VAL A 170 24.12 8.31 10.42
N PRO A 171 24.96 8.90 9.57
CA PRO A 171 25.77 10.05 9.93
C PRO A 171 25.01 11.36 9.79
N PRO A 172 24.84 12.12 10.89
CA PRO A 172 24.15 13.42 10.85
C PRO A 172 24.96 14.46 10.09
N GLY A 173 26.21 14.13 9.84
CA GLY A 173 27.08 14.95 9.04
C GLY A 173 27.58 14.17 7.85
N LEU A 174 26.63 13.69 7.05
CA LEU A 174 26.93 12.78 5.95
C LEU A 174 27.83 13.44 4.91
N ASP A 175 28.99 12.85 4.71
CA ASP A 175 29.94 13.33 3.70
C ASP A 175 30.39 12.18 2.82
N GLU A 176 30.25 10.96 3.32
CA GLU A 176 30.69 9.78 2.60
C GLU A 176 29.57 9.22 1.74
N GLY A 1 -12.06 25.71 -34.10
CA GLY A 1 -12.74 26.55 -35.13
C GLY A 1 -13.83 25.80 -35.84
N SER A 2 -15.06 25.97 -35.38
CA SER A 2 -16.21 25.31 -35.99
C SER A 2 -16.69 26.09 -37.21
N GLY A 3 -16.36 27.37 -37.24
CA GLY A 3 -16.74 28.21 -38.36
C GLY A 3 -15.64 29.18 -38.75
N PHE A 4 -16.02 30.35 -39.23
CA PHE A 4 -15.07 31.37 -39.61
C PHE A 4 -14.45 32.04 -38.39
N PRO A 5 -13.14 32.35 -38.43
CA PRO A 5 -12.44 33.01 -37.33
C PRO A 5 -12.78 34.49 -37.23
N THR A 6 -14.02 34.78 -36.86
CA THR A 6 -14.47 36.15 -36.70
C THR A 6 -14.05 36.71 -35.35
N SER A 7 -12.74 36.78 -35.13
CA SER A 7 -12.17 37.18 -33.85
C SER A 7 -12.63 36.24 -32.75
N GLU A 8 -12.24 34.97 -32.89
CA GLU A 8 -12.70 33.91 -32.01
C GLU A 8 -11.75 33.76 -30.82
N ASP A 9 -10.87 34.73 -30.68
CA ASP A 9 -9.89 34.72 -29.59
C ASP A 9 -10.55 35.09 -28.27
N PHE A 10 -10.60 34.14 -27.35
CA PHE A 10 -11.23 34.35 -26.07
C PHE A 10 -10.21 34.15 -24.95
N THR A 11 -10.23 35.06 -23.97
CA THR A 11 -9.28 35.01 -22.87
C THR A 11 -9.64 33.89 -21.89
N PRO A 12 -8.74 32.89 -21.75
CA PRO A 12 -8.95 31.75 -20.86
C PRO A 12 -9.18 32.16 -19.41
N LYS A 13 -10.40 31.94 -18.94
CA LYS A 13 -10.75 32.20 -17.55
C LYS A 13 -11.36 30.95 -16.94
N GLU A 14 -10.77 29.81 -17.28
CA GLU A 14 -11.26 28.52 -16.82
C GLU A 14 -10.74 28.23 -15.42
N GLY A 15 -11.53 27.50 -14.66
CA GLY A 15 -11.11 27.11 -13.33
C GLY A 15 -12.19 26.32 -12.61
N SER A 16 -12.48 26.74 -11.38
CA SER A 16 -13.47 26.07 -10.55
C SER A 16 -13.11 24.60 -10.34
N PRO A 17 -12.07 24.33 -9.53
CA PRO A 17 -11.61 22.96 -9.25
C PRO A 17 -12.55 22.22 -8.32
N TYR A 18 -12.80 20.96 -8.61
CA TYR A 18 -13.68 20.16 -7.78
C TYR A 18 -12.92 19.55 -6.61
N GLU A 19 -12.93 20.24 -5.49
CA GLU A 19 -12.32 19.75 -4.28
C GLU A 19 -13.36 19.07 -3.40
N ALA A 20 -13.05 17.85 -2.96
CA ALA A 20 -13.98 17.07 -2.17
C ALA A 20 -13.98 17.52 -0.72
N PRO A 21 -15.18 17.81 -0.16
CA PRO A 21 -15.34 18.34 1.20
C PRO A 21 -14.49 17.64 2.26
N VAL A 22 -14.91 16.45 2.64
CA VAL A 22 -14.26 15.71 3.72
C VAL A 22 -13.60 14.43 3.23
N TYR A 23 -14.34 13.64 2.46
CA TYR A 23 -13.83 12.36 1.97
C TYR A 23 -13.04 12.57 0.68
N ILE A 24 -11.95 11.84 0.54
CA ILE A 24 -11.07 11.98 -0.61
C ILE A 24 -11.66 11.32 -1.85
N PRO A 25 -11.53 11.98 -3.01
CA PRO A 25 -12.10 11.49 -4.27
C PRO A 25 -11.18 10.49 -4.97
N GLU A 26 -10.13 10.08 -4.28
CA GLU A 26 -9.22 9.08 -4.81
C GLU A 26 -9.93 7.75 -4.92
N ASP A 27 -10.38 7.24 -3.78
CA ASP A 27 -11.13 5.99 -3.70
C ASP A 27 -10.32 4.84 -4.32
N ILE A 28 -9.35 4.38 -3.56
CA ILE A 28 -8.45 3.34 -4.01
C ILE A 28 -9.17 1.98 -4.00
N PRO A 29 -9.04 1.21 -5.10
CA PRO A 29 -9.63 -0.12 -5.19
C PRO A 29 -9.12 -1.06 -4.12
N ILE A 30 -10.02 -1.52 -3.26
CA ILE A 30 -9.66 -2.42 -2.18
C ILE A 30 -10.41 -3.74 -2.35
N PRO A 31 -9.78 -4.85 -1.93
CA PRO A 31 -10.47 -6.14 -1.88
C PRO A 31 -11.73 -6.05 -1.03
N ALA A 32 -12.82 -6.60 -1.55
CA ALA A 32 -14.13 -6.49 -0.91
C ALA A 32 -14.15 -7.05 0.52
N ASP A 33 -13.13 -7.84 0.85
CA ASP A 33 -13.00 -8.39 2.19
C ASP A 33 -12.74 -7.28 3.21
N PHE A 34 -12.17 -6.18 2.72
CA PHE A 34 -11.90 -5.02 3.56
C PHE A 34 -12.62 -3.80 2.99
N GLU A 35 -12.51 -2.67 3.66
CA GLU A 35 -13.17 -1.46 3.18
C GLU A 35 -12.45 -0.21 3.70
N LEU A 36 -12.18 0.71 2.79
CA LEU A 36 -11.55 1.97 3.18
C LEU A 36 -12.63 2.93 3.64
N ARG A 37 -12.41 3.54 4.78
CA ARG A 37 -13.42 4.37 5.40
C ARG A 37 -12.81 5.64 5.96
N GLU A 38 -13.55 6.73 5.85
CA GLU A 38 -13.17 7.96 6.51
C GLU A 38 -13.54 7.85 7.98
N SER A 39 -12.52 7.76 8.81
CA SER A 39 -12.71 7.62 10.25
C SER A 39 -11.40 7.81 10.98
N SER A 40 -11.15 9.03 11.43
CA SER A 40 -9.90 9.36 12.08
C SER A 40 -9.93 8.95 13.55
N ILE A 41 -9.25 7.87 13.86
CA ILE A 41 -9.13 7.40 15.23
C ILE A 41 -7.75 7.74 15.78
N PRO A 42 -7.70 8.55 16.85
CA PRO A 42 -6.44 9.01 17.47
C PRO A 42 -5.49 7.86 17.80
N GLY A 43 -4.27 7.96 17.29
CA GLY A 43 -3.29 6.93 17.50
C GLY A 43 -3.02 6.12 16.25
N ALA A 44 -4.03 6.00 15.39
CA ALA A 44 -3.87 5.30 14.13
C ALA A 44 -4.10 6.23 12.94
N GLY A 45 -5.33 6.67 12.78
CA GLY A 45 -5.68 7.52 11.66
C GLY A 45 -6.76 6.88 10.81
N LEU A 46 -6.69 7.10 9.50
CA LEU A 46 -7.64 6.49 8.58
C LEU A 46 -7.11 5.17 8.06
N GLY A 47 -7.83 4.10 8.35
CA GLY A 47 -7.42 2.79 7.89
C GLY A 47 -8.57 2.06 7.22
N VAL A 48 -8.31 0.85 6.76
CA VAL A 48 -9.37 0.02 6.22
C VAL A 48 -9.95 -0.84 7.33
N TRP A 49 -11.24 -1.13 7.24
CA TRP A 49 -11.89 -1.92 8.27
C TRP A 49 -12.39 -3.24 7.69
N ALA A 50 -11.87 -4.35 8.21
CA ALA A 50 -12.33 -5.66 7.80
C ALA A 50 -13.74 -5.90 8.30
N LYS A 51 -14.66 -6.14 7.38
CA LYS A 51 -16.05 -6.38 7.74
C LYS A 51 -16.28 -7.87 7.99
N ARG A 52 -15.18 -8.59 8.16
CA ARG A 52 -15.21 -10.00 8.48
C ARG A 52 -14.10 -10.30 9.47
N LYS A 53 -14.21 -11.39 10.20
CA LYS A 53 -13.20 -11.78 11.14
C LYS A 53 -12.07 -12.52 10.45
N MET A 54 -10.92 -12.55 11.08
CA MET A 54 -9.79 -13.30 10.57
C MET A 54 -9.17 -14.11 11.69
N GLU A 55 -8.56 -15.23 11.34
CA GLU A 55 -8.00 -16.14 12.33
C GLU A 55 -6.49 -16.21 12.20
N ALA A 56 -5.83 -16.21 13.35
CA ALA A 56 -4.38 -16.10 13.48
C ALA A 56 -3.60 -16.83 12.38
N GLY A 57 -2.78 -16.08 11.67
CA GLY A 57 -1.96 -16.68 10.62
C GLY A 57 -2.29 -16.12 9.25
N GLU A 58 -3.14 -15.12 9.23
CA GLU A 58 -3.59 -14.50 7.99
C GLU A 58 -2.59 -13.45 7.51
N ARG A 59 -2.65 -13.13 6.23
CA ARG A 59 -1.75 -12.16 5.65
C ARG A 59 -2.45 -11.37 4.54
N LEU A 60 -2.26 -10.06 4.53
CA LEU A 60 -2.84 -9.21 3.50
C LEU A 60 -1.85 -9.03 2.37
N GLY A 61 -2.34 -9.00 1.14
CA GLY A 61 -1.47 -8.82 -0.01
C GLY A 61 -2.26 -8.76 -1.30
N PRO A 62 -1.59 -8.42 -2.43
CA PRO A 62 -0.17 -8.10 -2.47
C PRO A 62 0.11 -6.68 -1.99
N CYS A 63 1.17 -6.52 -1.21
CA CYS A 63 1.49 -5.24 -0.60
C CYS A 63 2.35 -4.39 -1.53
N VAL A 64 3.19 -5.05 -2.32
CA VAL A 64 4.05 -4.35 -3.25
C VAL A 64 3.82 -4.88 -4.67
N VAL A 65 3.02 -4.16 -5.44
CA VAL A 65 2.68 -4.56 -6.79
C VAL A 65 3.40 -3.70 -7.82
N VAL A 66 4.52 -3.15 -7.41
CA VAL A 66 5.30 -2.28 -8.27
C VAL A 66 6.17 -3.11 -9.21
N PRO A 67 6.09 -2.84 -10.53
CA PRO A 67 6.86 -3.58 -11.54
C PRO A 67 8.36 -3.31 -11.45
N ARG A 68 9.15 -4.19 -12.06
CA ARG A 68 10.62 -4.13 -12.02
C ARG A 68 11.13 -4.37 -10.61
N ALA A 69 11.11 -3.33 -9.79
CA ALA A 69 11.61 -3.37 -8.43
C ALA A 69 11.40 -2.01 -7.78
N ALA A 70 11.60 -0.96 -8.57
CA ALA A 70 11.35 0.42 -8.13
C ALA A 70 12.24 0.82 -6.97
N ALA A 71 13.45 1.27 -7.28
CA ALA A 71 14.36 1.79 -6.28
C ALA A 71 13.95 3.19 -5.88
N LYS A 72 13.00 3.24 -4.96
CA LYS A 72 12.44 4.50 -4.50
C LYS A 72 13.41 5.22 -3.57
N GLU A 73 13.00 6.41 -3.16
CA GLU A 73 13.81 7.33 -2.36
C GLU A 73 14.50 6.61 -1.20
N THR A 74 13.72 6.22 -0.20
CA THR A 74 14.25 5.51 0.95
C THR A 74 13.23 4.52 1.50
N ASP A 75 12.54 4.92 2.57
CA ASP A 75 11.55 4.10 3.26
C ASP A 75 12.18 2.85 3.86
N PHE A 76 12.12 2.75 5.18
CA PHE A 76 12.74 1.64 5.89
C PHE A 76 11.77 0.47 5.98
N GLY A 77 12.32 -0.72 6.18
CA GLY A 77 11.51 -1.91 6.25
C GLY A 77 12.22 -3.12 5.70
N TRP A 78 12.82 -2.95 4.53
CA TRP A 78 13.58 -4.02 3.92
C TRP A 78 14.55 -3.45 2.90
N GLU A 79 14.07 -2.44 2.16
CA GLU A 79 14.89 -1.66 1.23
C GLU A 79 15.34 -2.53 0.05
N GLN A 80 16.33 -3.36 0.30
CA GLN A 80 16.91 -4.27 -0.69
C GLN A 80 17.09 -3.65 -2.09
N ILE A 81 16.06 -3.74 -2.92
CA ILE A 81 16.16 -3.38 -4.32
C ILE A 81 16.59 -1.93 -4.56
N LEU A 82 16.35 -1.05 -3.59
CA LEU A 82 16.72 0.35 -3.74
C LEU A 82 18.20 0.58 -3.40
N THR A 83 19.04 -0.10 -4.16
CA THR A 83 20.48 0.06 -4.10
C THR A 83 21.06 -0.09 -5.50
N ASP A 84 20.36 0.51 -6.47
CA ASP A 84 20.60 0.30 -7.90
C ASP A 84 20.07 -1.07 -8.31
N VAL A 85 18.94 -1.07 -8.99
CA VAL A 85 18.27 -2.31 -9.37
C VAL A 85 19.05 -3.06 -10.43
N GLU A 86 19.86 -3.99 -9.98
CA GLU A 86 20.61 -4.85 -10.87
C GLU A 86 20.22 -6.30 -10.63
N VAL A 87 19.41 -6.50 -9.60
CA VAL A 87 19.00 -7.83 -9.17
C VAL A 87 17.81 -8.35 -10.00
N SER A 88 17.30 -7.50 -10.88
CA SER A 88 16.16 -7.86 -11.70
C SER A 88 16.17 -7.09 -13.01
N PRO A 89 17.03 -7.48 -13.95
CA PRO A 89 17.09 -6.87 -15.28
C PRO A 89 16.06 -7.49 -16.22
N GLN A 90 14.99 -6.73 -16.50
CA GLN A 90 13.90 -7.19 -17.35
C GLN A 90 13.22 -8.42 -16.72
N GLU A 91 12.46 -8.19 -15.67
CA GLU A 91 11.80 -9.28 -14.95
C GLU A 91 10.50 -9.70 -15.63
N GLY A 92 10.04 -8.90 -16.58
CA GLY A 92 8.83 -9.22 -17.29
C GLY A 92 8.29 -8.02 -18.06
N CYS A 93 8.39 -6.85 -17.45
CA CYS A 93 7.94 -5.63 -18.10
C CYS A 93 9.13 -4.87 -18.67
N ILE A 94 8.92 -4.24 -19.82
CA ILE A 94 9.98 -3.52 -20.49
C ILE A 94 9.73 -2.02 -20.36
N THR A 95 9.50 -1.60 -19.13
CA THR A 95 9.26 -0.21 -18.84
C THR A 95 10.58 0.57 -18.88
N LYS A 96 10.86 1.17 -20.02
CA LYS A 96 12.12 1.86 -20.24
C LYS A 96 11.92 3.37 -20.19
N ILE A 97 10.68 3.78 -20.41
CA ILE A 97 10.34 5.18 -20.49
C ILE A 97 9.17 5.51 -19.57
N SER A 98 8.94 6.79 -19.37
CA SER A 98 7.89 7.24 -18.48
C SER A 98 6.90 8.15 -19.20
N GLU A 99 5.68 7.67 -19.36
CA GLU A 99 4.61 8.45 -19.95
C GLU A 99 3.91 9.26 -18.87
N ASP A 100 3.40 10.42 -19.24
CA ASP A 100 2.72 11.29 -18.30
C ASP A 100 1.23 11.00 -18.28
N LEU A 101 0.71 10.71 -17.09
CA LEU A 101 -0.71 10.39 -16.93
C LEU A 101 -1.47 11.61 -16.42
N GLY A 102 -0.83 12.76 -16.49
CA GLY A 102 -1.41 13.97 -15.97
C GLY A 102 -0.49 14.67 -15.01
N SER A 103 0.10 15.77 -15.44
CA SER A 103 1.04 16.52 -14.63
C SER A 103 0.30 17.40 -13.61
N GLU A 104 -0.90 17.83 -13.98
CA GLU A 104 -1.67 18.70 -13.14
C GLU A 104 -2.65 17.90 -12.30
N LYS A 105 -3.62 17.30 -12.96
CA LYS A 105 -4.58 16.44 -12.30
C LYS A 105 -4.60 15.07 -12.97
N PHE A 106 -4.88 14.03 -12.19
CA PHE A 106 -4.90 12.68 -12.71
C PHE A 106 -5.74 11.78 -11.81
N CYS A 107 -6.49 10.87 -12.42
CA CYS A 107 -7.30 9.91 -11.66
C CYS A 107 -7.04 8.50 -12.16
N VAL A 108 -6.07 8.36 -13.05
CA VAL A 108 -5.75 7.06 -13.63
C VAL A 108 -4.45 6.50 -13.05
N ASP A 109 -4.47 5.22 -12.71
CA ASP A 109 -3.31 4.56 -12.14
C ASP A 109 -2.52 3.82 -13.22
N ALA A 110 -1.24 4.12 -13.31
CA ALA A 110 -0.34 3.40 -14.18
C ALA A 110 0.78 2.76 -13.37
N ASN A 111 1.45 3.57 -12.57
CA ASN A 111 2.51 3.08 -11.69
C ASN A 111 2.39 3.70 -10.30
N GLN A 112 1.16 3.78 -9.80
CA GLN A 112 0.92 4.34 -8.48
C GLN A 112 0.86 3.23 -7.43
N ALA A 113 0.71 2.00 -7.93
CA ALA A 113 0.66 0.81 -7.10
C ALA A 113 -0.60 0.81 -6.22
N GLY A 114 -1.70 1.26 -6.81
CA GLY A 114 -2.96 1.39 -6.08
C GLY A 114 -3.46 0.08 -5.50
N ALA A 115 -3.16 -1.02 -6.17
CA ALA A 115 -3.64 -2.33 -5.75
C ALA A 115 -3.04 -2.75 -4.41
N GLY A 116 -2.00 -2.06 -3.97
CA GLY A 116 -1.42 -2.32 -2.67
C GLY A 116 -1.35 -1.07 -1.83
N SER A 117 -1.90 0.02 -2.35
CA SER A 117 -1.80 1.32 -1.71
C SER A 117 -2.78 1.41 -0.53
N TRP A 118 -3.78 0.55 -0.53
CA TRP A 118 -4.78 0.54 0.53
C TRP A 118 -4.17 0.04 1.84
N LEU A 119 -3.03 -0.63 1.74
CA LEU A 119 -2.38 -1.24 2.88
C LEU A 119 -1.59 -0.23 3.70
N LYS A 120 -1.27 0.92 3.11
CA LYS A 120 -0.52 1.94 3.84
C LYS A 120 -1.46 2.77 4.71
N TYR A 121 -2.76 2.51 4.59
CA TYR A 121 -3.75 3.19 5.40
C TYR A 121 -3.79 2.63 6.81
N ILE A 122 -3.59 1.31 6.93
CA ILE A 122 -3.49 0.70 8.25
C ILE A 122 -2.21 1.16 8.92
N ARG A 123 -2.31 1.64 10.15
CA ARG A 123 -1.17 2.22 10.83
C ARG A 123 -1.01 1.60 12.22
N VAL A 124 -0.28 2.29 13.09
CA VAL A 124 0.08 1.76 14.40
C VAL A 124 -1.16 1.52 15.25
N ALA A 125 -1.08 0.51 16.12
CA ALA A 125 -2.18 0.13 16.99
C ALA A 125 -2.70 1.31 17.79
N CYS A 126 -4.01 1.46 17.78
CA CYS A 126 -4.69 2.55 18.48
C CYS A 126 -4.33 2.60 19.97
N SER A 127 -3.93 1.46 20.52
CA SER A 127 -3.55 1.39 21.92
C SER A 127 -2.48 0.32 22.12
N CYS A 128 -2.05 0.12 23.36
CA CYS A 128 -1.05 -0.90 23.66
C CYS A 128 -1.69 -2.28 23.76
N ASP A 129 -2.99 -2.32 24.04
CA ASP A 129 -3.72 -3.58 24.13
C ASP A 129 -4.26 -4.00 22.78
N ASP A 130 -4.20 -3.11 21.81
CA ASP A 130 -4.64 -3.41 20.45
C ASP A 130 -3.49 -3.94 19.60
N GLN A 131 -2.41 -4.36 20.25
CA GLN A 131 -1.28 -4.91 19.50
C GLN A 131 -1.69 -6.18 18.78
N ASN A 132 -1.66 -6.09 17.46
CA ASN A 132 -1.98 -7.21 16.60
C ASN A 132 -1.52 -6.88 15.20
N LEU A 133 -0.33 -6.30 15.11
CA LEU A 133 0.18 -5.84 13.83
C LEU A 133 1.66 -6.07 13.69
N THR A 134 2.03 -6.70 12.59
CA THR A 134 3.42 -7.01 12.29
C THR A 134 3.65 -7.06 10.79
N MET A 135 4.79 -6.56 10.35
CA MET A 135 5.14 -6.60 8.95
C MET A 135 5.89 -7.88 8.62
N CYS A 136 5.58 -8.48 7.49
CA CYS A 136 6.26 -9.69 7.05
C CYS A 136 7.09 -9.42 5.81
N GLN A 137 8.32 -9.87 5.83
CA GLN A 137 9.21 -9.74 4.69
C GLN A 137 9.67 -11.12 4.27
N ILE A 138 9.12 -11.60 3.16
CA ILE A 138 9.41 -12.94 2.68
C ILE A 138 9.56 -12.95 1.18
N SER A 139 10.48 -13.77 0.68
CA SER A 139 10.71 -13.92 -0.75
C SER A 139 11.03 -12.58 -1.40
N GLU A 140 11.80 -11.75 -0.68
CA GLU A 140 12.26 -10.46 -1.18
C GLU A 140 11.12 -9.46 -1.33
N GLN A 141 9.91 -9.84 -0.91
CA GLN A 141 8.74 -8.99 -1.08
C GLN A 141 8.05 -8.73 0.27
N ILE A 142 7.24 -7.69 0.30
CA ILE A 142 6.57 -7.28 1.53
C ILE A 142 5.15 -7.83 1.61
N TYR A 143 4.79 -8.30 2.80
CA TYR A 143 3.44 -8.76 3.09
C TYR A 143 3.03 -8.34 4.49
N TYR A 144 1.72 -8.22 4.72
CA TYR A 144 1.22 -7.85 6.04
C TYR A 144 0.75 -9.08 6.77
N LYS A 145 1.43 -9.43 7.84
CA LYS A 145 1.10 -10.63 8.60
C LYS A 145 0.36 -10.26 9.87
N VAL A 146 -0.82 -10.82 10.02
CA VAL A 146 -1.61 -10.56 11.20
C VAL A 146 -1.37 -11.64 12.23
N ILE A 147 -1.54 -11.26 13.47
CA ILE A 147 -1.08 -12.06 14.60
C ILE A 147 -2.15 -13.02 15.07
N LYS A 148 -3.30 -12.45 15.41
CA LYS A 148 -4.41 -13.24 15.92
C LYS A 148 -5.76 -12.68 15.46
N ASP A 149 -6.83 -13.33 15.92
CA ASP A 149 -8.19 -13.05 15.46
C ASP A 149 -8.53 -11.56 15.40
N ILE A 150 -9.12 -11.16 14.28
CA ILE A 150 -9.61 -9.79 14.10
C ILE A 150 -11.12 -9.74 14.29
N GLU A 151 -11.57 -8.78 15.07
CA GLU A 151 -12.98 -8.52 15.21
C GLU A 151 -13.42 -7.52 14.15
N PRO A 152 -14.47 -7.87 13.37
CA PRO A 152 -14.96 -7.04 12.26
C PRO A 152 -15.14 -5.58 12.65
N GLY A 153 -14.38 -4.70 12.02
CA GLY A 153 -14.47 -3.29 12.31
C GLY A 153 -13.16 -2.69 12.76
N GLU A 154 -12.13 -3.50 12.93
CA GLU A 154 -10.83 -2.98 13.34
C GLU A 154 -9.67 -3.72 12.66
N GLU A 155 -8.88 -2.97 11.91
CA GLU A 155 -7.64 -3.49 11.34
C GLU A 155 -6.45 -2.83 12.00
N LEU A 156 -5.54 -3.63 12.53
CA LEU A 156 -4.29 -3.10 13.03
C LEU A 156 -3.15 -3.75 12.26
N LEU A 157 -2.58 -3.01 11.31
CA LEU A 157 -1.46 -3.52 10.51
C LEU A 157 -0.45 -2.40 10.20
N VAL A 158 0.76 -2.48 10.73
CA VAL A 158 1.79 -1.49 10.43
C VAL A 158 3.20 -2.08 10.60
N HIS A 159 4.17 -1.45 9.96
CA HIS A 159 5.58 -1.72 10.23
C HIS A 159 6.08 -0.72 11.26
N VAL A 160 6.39 -1.19 12.47
CA VAL A 160 6.85 -0.30 13.52
C VAL A 160 8.03 -0.91 14.29
N LYS A 161 9.25 -0.56 13.87
CA LYS A 161 10.49 -0.98 14.53
C LYS A 161 10.73 -2.48 14.45
N GLU A 162 11.93 -2.85 14.02
CA GLU A 162 12.35 -4.23 13.96
C GLU A 162 13.80 -4.29 14.39
N GLY A 163 14.29 -5.50 14.50
CA GLY A 163 15.63 -5.72 14.99
C GLY A 163 16.66 -5.72 13.89
N VAL A 164 16.55 -4.74 13.01
CA VAL A 164 17.45 -4.63 11.86
C VAL A 164 18.57 -3.64 12.14
N TYR A 165 18.24 -2.37 12.15
CA TYR A 165 19.24 -1.32 12.40
C TYR A 165 19.60 -1.23 13.89
N PRO A 166 18.61 -1.07 14.80
CA PRO A 166 18.89 -0.95 16.24
C PRO A 166 19.58 -2.19 16.81
N LEU A 167 19.08 -3.36 16.45
CA LEU A 167 19.62 -4.61 16.97
C LEU A 167 20.78 -5.09 16.11
N GLY A 168 20.49 -5.47 14.88
CA GLY A 168 21.54 -5.90 13.97
C GLY A 168 21.12 -7.10 13.16
N THR A 169 22.04 -8.07 13.05
CA THR A 169 21.80 -9.32 12.31
C THR A 169 21.35 -9.03 10.89
N VAL A 170 21.91 -7.97 10.32
CA VAL A 170 21.51 -7.52 9.00
C VAL A 170 21.98 -8.52 7.94
N PRO A 171 21.16 -8.75 6.90
CA PRO A 171 21.52 -9.63 5.80
C PRO A 171 22.41 -8.94 4.78
N PRO A 172 23.72 -9.29 4.77
CA PRO A 172 24.68 -8.66 3.88
C PRO A 172 24.71 -9.32 2.50
N GLY A 173 23.64 -9.10 1.75
CA GLY A 173 23.53 -9.70 0.43
C GLY A 173 22.92 -11.09 0.49
N LEU A 174 23.21 -11.80 1.57
CA LEU A 174 22.71 -13.14 1.76
C LEU A 174 21.94 -13.25 3.08
N ASP A 175 20.72 -13.75 3.02
CA ASP A 175 19.89 -13.93 4.20
C ASP A 175 19.52 -15.39 4.37
N GLU A 176 20.03 -16.22 3.46
CA GLU A 176 19.76 -17.65 3.50
C GLU A 176 20.54 -18.29 4.64
N GLY A 1 17.74 37.72 -5.22
CA GLY A 1 18.35 36.39 -4.93
C GLY A 1 17.30 35.38 -4.52
N SER A 2 17.65 34.10 -4.55
CA SER A 2 16.70 33.05 -4.21
C SER A 2 17.15 32.30 -2.95
N GLY A 3 17.85 33.01 -2.06
CA GLY A 3 18.30 32.41 -0.82
C GLY A 3 19.68 31.80 -0.96
N PHE A 4 19.82 30.89 -1.90
CA PHE A 4 21.10 30.24 -2.16
C PHE A 4 21.43 30.31 -3.65
N PRO A 5 22.71 30.56 -3.98
CA PRO A 5 23.16 30.68 -5.38
C PRO A 5 23.16 29.36 -6.12
N THR A 6 23.02 28.27 -5.37
CA THR A 6 22.97 26.94 -5.94
C THR A 6 21.57 26.64 -6.48
N SER A 7 21.50 26.31 -7.77
CA SER A 7 20.23 26.07 -8.43
C SER A 7 19.70 24.65 -8.14
N GLU A 8 19.49 24.36 -6.87
CA GLU A 8 18.92 23.09 -6.47
C GLU A 8 17.40 23.23 -6.40
N ASP A 9 16.80 23.65 -7.51
CA ASP A 9 15.37 23.88 -7.57
C ASP A 9 14.69 22.82 -8.41
N PHE A 10 14.85 21.56 -8.01
CA PHE A 10 14.17 20.49 -8.70
C PHE A 10 12.69 20.49 -8.32
N THR A 11 11.88 21.00 -9.22
CA THR A 11 10.46 21.15 -8.98
C THR A 11 9.67 20.74 -10.23
N PRO A 12 8.57 19.99 -10.06
CA PRO A 12 7.74 19.56 -11.17
C PRO A 12 6.97 20.70 -11.82
N LYS A 13 7.69 21.44 -12.64
CA LYS A 13 7.13 22.56 -13.38
C LYS A 13 6.96 22.17 -14.85
N GLU A 14 7.82 21.26 -15.30
CA GLU A 14 7.76 20.77 -16.66
C GLU A 14 6.87 19.54 -16.73
N GLY A 15 6.29 19.20 -15.60
CA GLY A 15 5.43 18.04 -15.52
C GLY A 15 4.22 18.32 -14.66
N SER A 16 3.04 18.14 -15.23
CA SER A 16 1.80 18.40 -14.53
C SER A 16 0.95 17.14 -14.43
N PRO A 17 0.94 16.48 -13.27
CA PRO A 17 0.12 15.28 -13.06
C PRO A 17 -1.36 15.60 -13.10
N TYR A 18 -2.12 14.78 -13.80
CA TYR A 18 -3.55 15.00 -13.97
C TYR A 18 -4.27 14.80 -12.65
N GLU A 19 -4.95 15.84 -12.20
CA GLU A 19 -5.70 15.78 -10.95
C GLU A 19 -7.19 15.83 -11.22
N ALA A 20 -7.91 14.85 -10.70
CA ALA A 20 -9.35 14.78 -10.83
C ALA A 20 -10.02 15.57 -9.72
N PRO A 21 -11.35 15.78 -9.78
CA PRO A 21 -12.10 16.47 -8.71
C PRO A 21 -12.13 15.65 -7.41
N VAL A 22 -13.16 15.88 -6.61
CA VAL A 22 -13.33 15.17 -5.35
C VAL A 22 -13.36 13.65 -5.58
N TYR A 23 -14.05 13.22 -6.63
CA TYR A 23 -14.13 11.82 -6.95
C TYR A 23 -13.11 11.45 -8.02
N ILE A 24 -12.12 10.66 -7.64
CA ILE A 24 -11.14 10.15 -8.58
C ILE A 24 -11.74 8.98 -9.36
N PRO A 25 -11.43 8.87 -10.66
CA PRO A 25 -11.98 7.82 -11.53
C PRO A 25 -11.23 6.49 -11.41
N GLU A 26 -10.61 6.28 -10.26
CA GLU A 26 -9.79 5.08 -10.06
C GLU A 26 -10.54 4.04 -9.25
N ASP A 27 -10.70 4.32 -7.96
CA ASP A 27 -11.26 3.36 -7.00
C ASP A 27 -10.34 2.16 -6.88
N ILE A 28 -9.46 2.20 -5.90
CA ILE A 28 -8.44 1.17 -5.72
C ILE A 28 -9.08 -0.16 -5.31
N PRO A 29 -8.83 -1.22 -6.09
CA PRO A 29 -9.32 -2.56 -5.79
C PRO A 29 -8.71 -3.13 -4.51
N ILE A 30 -9.57 -3.45 -3.56
CA ILE A 30 -9.15 -4.04 -2.30
C ILE A 30 -9.95 -5.32 -2.05
N PRO A 31 -9.38 -6.27 -1.29
CA PRO A 31 -10.09 -7.50 -0.93
C PRO A 31 -11.41 -7.21 -0.22
N ALA A 32 -12.43 -8.01 -0.52
CA ALA A 32 -13.79 -7.75 -0.07
C ALA A 32 -13.95 -7.85 1.45
N ASP A 33 -12.95 -8.39 2.12
CA ASP A 33 -13.02 -8.54 3.57
C ASP A 33 -12.63 -7.26 4.31
N PHE A 34 -11.94 -6.36 3.62
CA PHE A 34 -11.46 -5.14 4.26
C PHE A 34 -12.10 -3.93 3.61
N GLU A 35 -12.39 -2.92 4.41
CA GLU A 35 -13.04 -1.73 3.89
C GLU A 35 -12.13 -0.52 4.01
N LEU A 36 -11.77 0.07 2.88
CA LEU A 36 -10.96 1.26 2.89
C LEU A 36 -11.86 2.46 3.01
N ARG A 37 -11.60 3.27 4.01
CA ARG A 37 -12.49 4.37 4.34
C ARG A 37 -11.70 5.60 4.73
N GLU A 38 -11.99 6.72 4.11
CA GLU A 38 -11.40 7.98 4.51
C GLU A 38 -12.17 8.53 5.71
N SER A 39 -11.51 8.57 6.85
CA SER A 39 -12.11 9.03 8.08
C SER A 39 -11.03 9.26 9.11
N SER A 40 -11.34 10.01 10.16
CA SER A 40 -10.37 10.30 11.20
C SER A 40 -10.60 9.39 12.41
N ILE A 41 -9.73 8.40 12.57
CA ILE A 41 -9.76 7.54 13.74
C ILE A 41 -8.68 7.97 14.73
N PRO A 42 -9.09 8.41 15.93
CA PRO A 42 -8.17 8.95 16.94
C PRO A 42 -7.05 7.99 17.31
N GLY A 43 -5.82 8.44 17.15
CA GLY A 43 -4.68 7.62 17.51
C GLY A 43 -3.96 7.06 16.30
N ALA A 44 -4.64 7.06 15.16
CA ALA A 44 -4.06 6.51 13.95
C ALA A 44 -4.17 7.48 12.78
N GLY A 45 -5.39 7.90 12.50
CA GLY A 45 -5.65 8.77 11.38
C GLY A 45 -6.62 8.14 10.41
N LEU A 46 -6.11 7.64 9.32
CA LEU A 46 -6.89 6.87 8.37
C LEU A 46 -6.60 5.38 8.54
N GLY A 47 -7.49 4.53 8.04
CA GLY A 47 -7.26 3.10 8.12
C GLY A 47 -8.30 2.30 7.36
N VAL A 48 -8.07 1.00 7.22
CA VAL A 48 -9.06 0.11 6.63
C VAL A 48 -9.69 -0.74 7.72
N TRP A 49 -10.96 -1.08 7.56
CA TRP A 49 -11.70 -1.79 8.59
C TRP A 49 -12.32 -3.06 8.05
N ALA A 50 -11.79 -4.21 8.48
CA ALA A 50 -12.32 -5.50 8.10
C ALA A 50 -13.77 -5.66 8.52
N LYS A 51 -14.63 -6.00 7.56
CA LYS A 51 -16.04 -6.17 7.84
C LYS A 51 -16.34 -7.64 8.15
N ARG A 52 -15.31 -8.46 8.02
CA ARG A 52 -15.37 -9.86 8.45
C ARG A 52 -14.12 -10.15 9.25
N LYS A 53 -14.18 -11.14 10.14
CA LYS A 53 -13.07 -11.42 11.00
C LYS A 53 -12.05 -12.30 10.29
N MET A 54 -10.84 -12.26 10.79
CA MET A 54 -9.78 -13.09 10.27
C MET A 54 -9.30 -14.04 11.35
N GLU A 55 -8.76 -15.16 10.95
CA GLU A 55 -8.27 -16.15 11.91
C GLU A 55 -6.75 -16.17 11.92
N ALA A 56 -6.19 -16.22 13.13
CA ALA A 56 -4.75 -16.14 13.38
C ALA A 56 -3.92 -16.87 12.35
N GLY A 57 -3.11 -16.13 11.62
CA GLY A 57 -2.27 -16.71 10.58
C GLY A 57 -2.63 -16.15 9.22
N GLU A 58 -3.48 -15.16 9.21
CA GLU A 58 -3.96 -14.54 7.98
C GLU A 58 -2.88 -13.62 7.40
N ARG A 59 -3.07 -13.24 6.14
CA ARG A 59 -2.09 -12.42 5.45
C ARG A 59 -2.79 -11.39 4.56
N LEU A 60 -2.36 -10.15 4.65
CA LEU A 60 -2.91 -9.11 3.78
C LEU A 60 -1.95 -8.84 2.63
N GLY A 61 -2.50 -8.67 1.43
CA GLY A 61 -1.68 -8.40 0.28
C GLY A 61 -2.54 -8.13 -0.95
N PRO A 62 -1.92 -7.74 -2.07
CA PRO A 62 -0.47 -7.55 -2.17
C PRO A 62 -0.02 -6.17 -1.69
N CYS A 63 1.17 -6.12 -1.10
CA CYS A 63 1.77 -4.87 -0.67
C CYS A 63 2.68 -4.33 -1.76
N VAL A 64 3.39 -5.24 -2.40
CA VAL A 64 4.31 -4.89 -3.47
C VAL A 64 4.82 -6.16 -4.15
N VAL A 65 4.78 -6.16 -5.48
CA VAL A 65 5.30 -7.28 -6.26
C VAL A 65 6.81 -7.35 -6.07
N VAL A 66 7.37 -8.56 -6.17
CA VAL A 66 8.81 -8.79 -5.96
C VAL A 66 9.64 -7.71 -6.68
N PRO A 67 10.34 -6.88 -5.89
CA PRO A 67 11.12 -5.75 -6.41
C PRO A 67 12.07 -6.12 -7.55
N ARG A 68 11.60 -5.89 -8.77
CA ARG A 68 12.38 -6.15 -9.96
C ARG A 68 12.21 -4.98 -10.94
N ALA A 69 10.99 -4.82 -11.44
CA ALA A 69 10.66 -3.69 -12.27
C ALA A 69 10.46 -2.45 -11.41
N ALA A 70 9.81 -2.65 -10.26
CA ALA A 70 9.59 -1.60 -9.30
C ALA A 70 10.13 -2.03 -7.94
N ALA A 71 10.69 -1.09 -7.20
CA ALA A 71 11.28 -1.41 -5.90
C ALA A 71 11.27 -0.19 -4.99
N LYS A 72 10.41 -0.23 -3.98
CA LYS A 72 10.34 0.84 -3.00
C LYS A 72 11.58 0.86 -2.14
N GLU A 73 12.35 1.92 -2.30
CA GLU A 73 13.59 2.08 -1.59
C GLU A 73 13.51 3.33 -0.72
N THR A 74 12.92 4.38 -1.28
CA THR A 74 12.65 5.61 -0.54
C THR A 74 11.72 5.30 0.64
N ASP A 75 10.61 4.66 0.32
CA ASP A 75 9.70 4.17 1.35
C ASP A 75 10.29 2.93 2.00
N PHE A 76 10.37 2.93 3.31
CA PHE A 76 11.02 1.85 4.04
C PHE A 76 10.21 0.57 3.97
N GLY A 77 10.90 -0.56 3.88
CA GLY A 77 10.26 -1.85 3.84
C GLY A 77 11.17 -2.93 4.37
N TRP A 78 12.20 -3.23 3.60
CA TRP A 78 13.25 -4.13 4.05
C TRP A 78 14.60 -3.43 4.02
N GLU A 79 15.53 -3.94 3.21
CA GLU A 79 16.83 -3.32 3.09
C GLU A 79 17.33 -3.40 1.64
N GLN A 80 17.36 -4.61 1.09
CA GLN A 80 17.95 -4.84 -0.22
C GLN A 80 17.28 -6.02 -0.91
N ILE A 81 17.30 -6.02 -2.23
CA ILE A 81 16.90 -7.20 -3.00
C ILE A 81 18.02 -7.62 -3.94
N LEU A 82 18.97 -6.71 -4.17
CA LEU A 82 20.08 -6.98 -5.07
C LEU A 82 21.23 -7.67 -4.33
N THR A 83 20.90 -8.81 -3.77
CA THR A 83 21.85 -9.64 -3.03
C THR A 83 21.14 -10.89 -2.53
N ASP A 84 20.11 -11.31 -3.26
CA ASP A 84 19.29 -12.44 -2.88
C ASP A 84 20.08 -13.73 -2.96
N VAL A 85 20.29 -14.36 -1.81
CA VAL A 85 21.06 -15.59 -1.72
C VAL A 85 20.40 -16.70 -2.54
N GLU A 86 21.18 -17.37 -3.36
CA GLU A 86 20.67 -18.45 -4.19
C GLU A 86 20.57 -19.73 -3.38
N VAL A 87 19.37 -20.01 -2.89
CA VAL A 87 19.12 -21.23 -2.14
C VAL A 87 18.45 -22.27 -3.04
N SER A 88 17.82 -21.80 -4.10
CA SER A 88 17.12 -22.66 -5.03
C SER A 88 17.90 -22.73 -6.34
N PRO A 89 18.21 -23.96 -6.81
CA PRO A 89 18.90 -24.17 -8.09
C PRO A 89 17.97 -23.93 -9.27
N GLN A 90 17.78 -22.68 -9.61
CA GLN A 90 16.85 -22.30 -10.66
C GLN A 90 17.56 -22.12 -12.00
N GLU A 91 17.44 -23.13 -12.83
CA GLU A 91 18.04 -23.12 -14.16
C GLU A 91 17.00 -23.45 -15.22
N GLY A 92 17.38 -23.35 -16.48
CA GLY A 92 16.48 -23.65 -17.57
C GLY A 92 15.33 -22.66 -17.66
N CYS A 93 14.19 -23.02 -17.10
CA CYS A 93 13.02 -22.16 -17.11
C CYS A 93 13.13 -21.10 -16.02
N ILE A 94 14.06 -20.17 -16.19
CA ILE A 94 14.27 -19.11 -15.23
C ILE A 94 13.39 -17.91 -15.56
N THR A 95 12.31 -17.76 -14.79
CA THR A 95 11.40 -16.66 -15.01
C THR A 95 11.34 -15.77 -13.76
N LYS A 96 11.23 -14.47 -13.99
CA LYS A 96 11.10 -13.52 -12.90
C LYS A 96 9.81 -12.73 -13.04
N ILE A 97 9.11 -12.97 -14.14
CA ILE A 97 7.84 -12.30 -14.39
C ILE A 97 6.67 -13.25 -14.21
N SER A 98 5.47 -12.69 -14.19
CA SER A 98 4.24 -13.47 -14.07
C SER A 98 3.11 -12.69 -14.70
N GLU A 99 3.28 -12.35 -15.97
CA GLU A 99 2.39 -11.44 -16.65
C GLU A 99 1.21 -12.17 -17.26
N ASP A 100 0.62 -13.04 -16.46
CA ASP A 100 -0.55 -13.81 -16.87
C ASP A 100 -1.27 -14.32 -15.62
N LEU A 101 -2.59 -14.33 -15.69
CA LEU A 101 -3.39 -14.75 -14.56
C LEU A 101 -4.42 -15.77 -15.00
N GLY A 102 -4.92 -16.53 -14.04
CA GLY A 102 -5.95 -17.49 -14.32
C GLY A 102 -7.33 -16.89 -14.17
N SER A 103 -7.93 -16.53 -15.29
CA SER A 103 -9.23 -15.85 -15.31
C SER A 103 -10.37 -16.74 -14.82
N GLU A 104 -10.03 -17.86 -14.20
CA GLU A 104 -11.01 -18.74 -13.58
C GLU A 104 -11.71 -18.01 -12.45
N LYS A 105 -10.92 -17.63 -11.46
CA LYS A 105 -11.44 -16.93 -10.30
C LYS A 105 -10.85 -15.53 -10.20
N PHE A 106 -9.97 -15.19 -11.14
CA PHE A 106 -9.33 -13.88 -11.13
C PHE A 106 -10.00 -12.95 -12.12
N CYS A 107 -11.05 -12.27 -11.65
CA CYS A 107 -11.69 -11.22 -12.43
C CYS A 107 -10.90 -9.93 -12.26
N VAL A 108 -10.57 -9.62 -11.02
CA VAL A 108 -9.75 -8.46 -10.70
C VAL A 108 -8.31 -8.91 -10.43
N ASP A 109 -7.37 -8.28 -11.10
CA ASP A 109 -5.97 -8.65 -10.97
C ASP A 109 -5.30 -7.90 -9.82
N ALA A 110 -4.86 -8.66 -8.84
CA ALA A 110 -4.08 -8.12 -7.75
C ALA A 110 -2.63 -8.59 -7.87
N ASN A 111 -2.49 -9.76 -8.48
CA ASN A 111 -1.20 -10.42 -8.67
C ASN A 111 -0.19 -9.49 -9.33
N GLN A 112 -0.55 -9.00 -10.50
CA GLN A 112 0.34 -8.14 -11.27
C GLN A 112 0.19 -6.70 -10.82
N ALA A 113 -1.04 -6.21 -10.86
CA ALA A 113 -1.35 -4.87 -10.43
C ALA A 113 -1.45 -4.79 -8.92
N GLY A 114 -0.30 -4.90 -8.26
CA GLY A 114 -0.27 -4.81 -6.82
C GLY A 114 -0.63 -3.42 -6.35
N ALA A 115 -1.80 -3.29 -5.73
CA ALA A 115 -2.28 -2.01 -5.24
C ALA A 115 -1.30 -1.40 -4.24
N GLY A 116 -1.02 -2.15 -3.17
CA GLY A 116 0.00 -1.76 -2.21
C GLY A 116 -0.43 -0.62 -1.31
N SER A 117 -0.81 0.49 -1.91
CA SER A 117 -1.14 1.71 -1.18
C SER A 117 -2.35 1.51 -0.28
N TRP A 118 -3.12 0.45 -0.50
CA TRP A 118 -4.28 0.19 0.34
C TRP A 118 -3.84 -0.27 1.72
N LEU A 119 -2.62 -0.82 1.80
CA LEU A 119 -2.10 -1.36 3.04
C LEU A 119 -1.42 -0.31 3.90
N LYS A 120 -1.07 0.83 3.31
CA LYS A 120 -0.42 1.89 4.08
C LYS A 120 -1.45 2.62 4.95
N TYR A 121 -2.73 2.34 4.69
CA TYR A 121 -3.81 2.94 5.45
C TYR A 121 -3.84 2.40 6.88
N ILE A 122 -3.54 1.12 7.05
CA ILE A 122 -3.49 0.55 8.39
C ILE A 122 -2.30 1.11 9.14
N ARG A 123 -2.55 1.64 10.33
CA ARG A 123 -1.50 2.26 11.13
C ARG A 123 -1.28 1.48 12.41
N VAL A 124 -0.32 1.94 13.22
CA VAL A 124 0.02 1.26 14.46
C VAL A 124 -1.08 1.42 15.51
N ALA A 125 -1.31 0.34 16.27
CA ALA A 125 -2.40 0.27 17.23
C ALA A 125 -2.42 1.44 18.21
N CYS A 126 -3.62 1.87 18.53
CA CYS A 126 -3.83 3.01 19.42
C CYS A 126 -3.74 2.57 20.88
N SER A 127 -3.57 1.27 21.09
CA SER A 127 -3.42 0.73 22.42
C SER A 127 -2.41 -0.41 22.39
N CYS A 128 -1.57 -0.48 23.42
CA CYS A 128 -0.53 -1.50 23.50
C CYS A 128 -1.14 -2.85 23.84
N ASP A 129 -2.39 -2.84 24.26
CA ASP A 129 -3.12 -4.07 24.52
C ASP A 129 -3.81 -4.54 23.25
N ASP A 130 -3.70 -3.73 22.22
CA ASP A 130 -4.29 -4.05 20.91
C ASP A 130 -3.20 -4.33 19.89
N GLN A 131 -1.97 -4.56 20.36
CA GLN A 131 -0.87 -4.87 19.46
C GLN A 131 -1.19 -6.14 18.70
N ASN A 132 -1.33 -6.01 17.39
CA ASN A 132 -1.65 -7.13 16.53
C ASN A 132 -1.11 -6.84 15.13
N LEU A 133 0.01 -6.14 15.10
CA LEU A 133 0.58 -5.68 13.83
C LEU A 133 1.99 -6.21 13.67
N THR A 134 2.27 -6.81 12.52
CA THR A 134 3.61 -7.30 12.24
C THR A 134 3.88 -7.25 10.74
N MET A 135 5.08 -6.84 10.38
CA MET A 135 5.49 -6.78 8.99
C MET A 135 6.36 -7.96 8.64
N CYS A 136 6.02 -8.67 7.57
CA CYS A 136 6.73 -9.88 7.19
C CYS A 136 7.51 -9.67 5.91
N GLN A 137 8.70 -10.23 5.85
CA GLN A 137 9.56 -10.08 4.68
C GLN A 137 9.83 -11.46 4.07
N ILE A 138 9.16 -11.74 2.95
CA ILE A 138 9.26 -13.03 2.29
C ILE A 138 9.23 -12.84 0.78
N SER A 139 9.97 -13.67 0.04
CA SER A 139 10.03 -13.62 -1.42
C SER A 139 10.61 -12.30 -1.90
N GLU A 140 11.46 -11.72 -1.05
CA GLU A 140 12.13 -10.44 -1.31
C GLU A 140 11.13 -9.28 -1.42
N GLN A 141 9.88 -9.56 -1.04
CA GLN A 141 8.84 -8.55 -1.09
C GLN A 141 8.25 -8.34 0.31
N ILE A 142 7.47 -7.28 0.45
CA ILE A 142 6.86 -6.95 1.73
C ILE A 142 5.47 -7.56 1.83
N TYR A 143 5.14 -8.12 2.98
CA TYR A 143 3.82 -8.69 3.21
C TYR A 143 3.32 -8.36 4.60
N TYR A 144 2.00 -8.28 4.73
CA TYR A 144 1.37 -7.95 5.99
C TYR A 144 0.89 -9.21 6.67
N LYS A 145 1.50 -9.52 7.80
CA LYS A 145 1.17 -10.73 8.53
C LYS A 145 0.46 -10.39 9.82
N VAL A 146 -0.77 -10.87 9.94
CA VAL A 146 -1.57 -10.61 11.11
C VAL A 146 -1.35 -11.71 12.14
N ILE A 147 -1.55 -11.34 13.39
CA ILE A 147 -1.15 -12.15 14.52
C ILE A 147 -2.27 -13.07 14.96
N LYS A 148 -3.40 -12.47 15.30
CA LYS A 148 -4.53 -13.23 15.81
C LYS A 148 -5.85 -12.70 15.25
N ASP A 149 -6.93 -13.41 15.56
CA ASP A 149 -8.27 -13.11 15.06
C ASP A 149 -8.63 -11.63 15.21
N ILE A 150 -8.91 -10.99 14.09
CA ILE A 150 -9.35 -9.60 14.08
C ILE A 150 -10.85 -9.50 14.36
N GLU A 151 -11.22 -8.50 15.14
CA GLU A 151 -12.63 -8.19 15.34
C GLU A 151 -13.11 -7.24 14.23
N PRO A 152 -14.25 -7.56 13.59
CA PRO A 152 -14.79 -6.74 12.51
C PRO A 152 -14.99 -5.28 12.92
N GLY A 153 -14.28 -4.39 12.25
CA GLY A 153 -14.36 -2.99 12.59
C GLY A 153 -13.02 -2.40 12.97
N GLU A 154 -12.02 -3.26 13.18
CA GLU A 154 -10.68 -2.79 13.54
C GLU A 154 -9.60 -3.64 12.90
N GLU A 155 -8.75 -3.02 12.10
CA GLU A 155 -7.55 -3.67 11.62
C GLU A 155 -6.32 -3.03 12.22
N LEU A 156 -5.46 -3.85 12.80
CA LEU A 156 -4.20 -3.35 13.32
C LEU A 156 -3.07 -3.99 12.55
N LEU A 157 -2.52 -3.24 11.60
CA LEU A 157 -1.40 -3.68 10.77
C LEU A 157 -0.53 -2.47 10.46
N VAL A 158 0.76 -2.53 10.75
CA VAL A 158 1.63 -1.39 10.51
C VAL A 158 3.07 -1.82 10.28
N HIS A 159 3.82 -0.97 9.60
CA HIS A 159 5.27 -1.08 9.61
C HIS A 159 5.85 0.07 10.42
N VAL A 160 6.32 -0.24 11.60
CA VAL A 160 7.09 0.71 12.39
C VAL A 160 8.55 0.28 12.40
N LYS A 161 9.45 1.25 12.36
CA LYS A 161 10.86 0.94 12.32
C LYS A 161 11.56 1.35 13.61
N GLU A 162 12.27 0.39 14.20
CA GLU A 162 13.03 0.63 15.40
C GLU A 162 14.45 0.10 15.23
N GLY A 163 15.05 0.43 14.09
CA GLY A 163 16.39 -0.04 13.79
C GLY A 163 16.42 -1.52 13.47
N VAL A 164 15.54 -1.95 12.59
CA VAL A 164 15.48 -3.36 12.22
C VAL A 164 15.62 -3.56 10.72
N TYR A 165 14.53 -3.41 9.99
CA TYR A 165 14.52 -3.67 8.54
C TYR A 165 15.34 -2.63 7.75
N PRO A 166 14.96 -1.33 7.79
CA PRO A 166 15.59 -0.31 6.93
C PRO A 166 17.11 -0.23 7.08
N LEU A 167 17.57 -0.33 8.33
CA LEU A 167 18.99 -0.25 8.63
C LEU A 167 19.73 -1.52 8.20
N GLY A 168 18.97 -2.53 7.80
CA GLY A 168 19.55 -3.78 7.34
C GLY A 168 20.33 -4.49 8.42
N THR A 169 19.95 -4.27 9.66
CA THR A 169 20.66 -4.85 10.79
C THR A 169 19.81 -5.93 11.47
N VAL A 170 19.15 -6.73 10.65
CA VAL A 170 18.37 -7.85 11.16
C VAL A 170 19.29 -8.98 11.59
N PRO A 171 19.15 -9.45 12.83
CA PRO A 171 19.98 -10.53 13.37
C PRO A 171 19.63 -11.88 12.76
N PRO A 172 20.58 -12.50 12.04
CA PRO A 172 20.37 -13.81 11.41
C PRO A 172 20.47 -14.96 12.42
N GLY A 173 19.68 -14.86 13.48
CA GLY A 173 19.68 -15.87 14.52
C GLY A 173 19.21 -15.30 15.83
N LEU A 174 19.54 -15.97 16.93
CA LEU A 174 19.16 -15.50 18.25
C LEU A 174 20.30 -15.75 19.25
N ASP A 175 20.73 -14.68 19.91
CA ASP A 175 21.82 -14.77 20.88
C ASP A 175 21.37 -14.23 22.22
N GLU A 176 20.83 -13.02 22.21
CA GLU A 176 20.44 -12.36 23.44
C GLU A 176 19.05 -11.74 23.27
N GLY A 1 -7.64 22.11 -37.65
CA GLY A 1 -8.13 21.33 -38.82
C GLY A 1 -8.95 20.13 -38.41
N SER A 2 -8.70 19.01 -39.10
CA SER A 2 -9.42 17.76 -38.83
C SER A 2 -10.91 17.90 -39.15
N GLY A 3 -11.21 18.64 -40.21
CA GLY A 3 -12.60 18.85 -40.61
C GLY A 3 -13.14 17.72 -41.44
N PHE A 4 -13.05 16.51 -40.91
CA PHE A 4 -13.47 15.32 -41.63
C PHE A 4 -14.65 14.65 -40.92
N PRO A 5 -15.79 14.50 -41.60
CA PRO A 5 -16.99 13.90 -41.02
C PRO A 5 -16.77 12.46 -40.56
N THR A 6 -17.02 12.21 -39.29
CA THR A 6 -16.89 10.88 -38.73
C THR A 6 -18.05 10.59 -37.79
N SER A 7 -19.07 9.93 -38.33
CA SER A 7 -20.23 9.56 -37.54
C SER A 7 -19.82 8.61 -36.42
N GLU A 8 -19.85 9.11 -35.20
CA GLU A 8 -19.40 8.36 -34.03
C GLU A 8 -17.90 8.06 -34.16
N ASP A 9 -17.43 7.07 -33.39
CA ASP A 9 -16.02 6.66 -33.42
C ASP A 9 -15.14 7.75 -32.81
N PHE A 10 -15.73 8.52 -31.91
CA PHE A 10 -14.99 9.59 -31.23
C PHE A 10 -14.24 9.02 -30.04
N THR A 11 -13.22 8.24 -30.32
CA THR A 11 -12.34 7.72 -29.28
C THR A 11 -11.22 8.70 -29.01
N PRO A 12 -11.16 9.24 -27.77
CA PRO A 12 -10.17 10.27 -27.40
C PRO A 12 -8.74 9.80 -27.58
N LYS A 13 -8.11 10.27 -28.65
CA LYS A 13 -6.72 9.96 -28.92
C LYS A 13 -5.82 11.03 -28.31
N GLU A 14 -6.44 12.11 -27.87
CA GLU A 14 -5.73 13.22 -27.28
C GLU A 14 -6.03 13.30 -25.79
N GLY A 15 -5.04 13.76 -25.03
CA GLY A 15 -5.20 13.90 -23.60
C GLY A 15 -6.35 14.83 -23.24
N SER A 16 -7.40 14.26 -22.69
CA SER A 16 -8.57 15.02 -22.30
C SER A 16 -8.51 15.33 -20.81
N PRO A 17 -8.37 16.61 -20.44
CA PRO A 17 -8.29 17.04 -19.04
C PRO A 17 -9.55 16.70 -18.26
N TYR A 18 -9.49 15.62 -17.50
CA TYR A 18 -10.63 15.19 -16.72
C TYR A 18 -10.41 15.51 -15.25
N GLU A 19 -11.13 16.50 -14.75
CA GLU A 19 -11.05 16.89 -13.35
C GLU A 19 -11.71 15.83 -12.49
N ALA A 20 -11.13 15.58 -11.33
CA ALA A 20 -11.65 14.59 -10.41
C ALA A 20 -12.76 15.19 -9.55
N PRO A 21 -13.99 14.68 -9.69
CA PRO A 21 -15.10 15.07 -8.84
C PRO A 21 -15.08 14.32 -7.51
N VAL A 22 -16.24 14.11 -6.92
CA VAL A 22 -16.33 13.32 -5.70
C VAL A 22 -15.91 11.87 -5.99
N TYR A 23 -16.24 11.41 -7.20
CA TYR A 23 -15.76 10.11 -7.66
C TYR A 23 -14.41 10.28 -8.34
N ILE A 24 -13.36 9.84 -7.70
CA ILE A 24 -12.03 9.90 -8.27
C ILE A 24 -11.82 8.77 -9.27
N PRO A 25 -11.19 9.09 -10.43
CA PRO A 25 -10.99 8.11 -11.50
C PRO A 25 -9.82 7.16 -11.24
N GLU A 26 -9.23 7.28 -10.06
CA GLU A 26 -8.11 6.42 -9.67
C GLU A 26 -8.64 5.07 -9.21
N ASP A 27 -9.36 5.11 -8.08
CA ASP A 27 -9.98 3.93 -7.48
C ASP A 27 -8.94 2.89 -7.08
N ILE A 28 -8.59 2.89 -5.80
CA ILE A 28 -7.68 1.90 -5.26
C ILE A 28 -8.46 0.65 -4.88
N PRO A 29 -8.25 -0.46 -5.61
CA PRO A 29 -8.94 -1.72 -5.35
C PRO A 29 -8.52 -2.35 -4.03
N ILE A 30 -9.50 -2.81 -3.27
CA ILE A 30 -9.27 -3.41 -1.97
C ILE A 30 -9.97 -4.75 -1.88
N PRO A 31 -9.29 -5.77 -1.33
CA PRO A 31 -9.85 -7.13 -1.15
C PRO A 31 -11.23 -7.10 -0.50
N ALA A 32 -12.03 -8.12 -0.83
CA ALA A 32 -13.44 -8.15 -0.47
C ALA A 32 -13.71 -8.13 1.03
N ASP A 33 -12.67 -8.22 1.85
CA ASP A 33 -12.86 -8.23 3.30
C ASP A 33 -12.35 -6.96 3.95
N PHE A 34 -11.86 -6.04 3.14
CA PHE A 34 -11.39 -4.76 3.65
C PHE A 34 -12.00 -3.64 2.83
N GLU A 35 -12.43 -2.59 3.50
CA GLU A 35 -12.98 -1.45 2.80
C GLU A 35 -12.24 -0.19 3.19
N LEU A 36 -11.93 0.64 2.21
CA LEU A 36 -11.22 1.88 2.45
C LEU A 36 -12.21 2.95 2.82
N ARG A 37 -11.95 3.57 3.96
CA ARG A 37 -12.83 4.57 4.51
C ARG A 37 -12.02 5.67 5.16
N GLU A 38 -12.15 6.87 4.66
CA GLU A 38 -11.43 7.99 5.24
C GLU A 38 -12.17 8.47 6.48
N SER A 39 -11.57 8.24 7.62
CA SER A 39 -12.14 8.64 8.89
C SER A 39 -11.06 8.59 9.96
N SER A 40 -10.63 9.74 10.42
CA SER A 40 -9.53 9.81 11.37
C SER A 40 -9.96 9.29 12.74
N ILE A 41 -9.51 8.10 13.08
CA ILE A 41 -9.71 7.56 14.40
C ILE A 41 -8.51 7.90 15.28
N PRO A 42 -8.73 8.67 16.35
CA PRO A 42 -7.67 9.13 17.26
C PRO A 42 -6.80 7.98 17.75
N GLY A 43 -5.51 8.06 17.47
CA GLY A 43 -4.58 7.04 17.89
C GLY A 43 -4.08 6.21 16.73
N ALA A 44 -4.77 6.28 15.60
CA ALA A 44 -4.35 5.55 14.41
C ALA A 44 -4.42 6.42 13.16
N GLY A 45 -5.62 6.87 12.84
CA GLY A 45 -5.82 7.69 11.67
C GLY A 45 -6.80 7.06 10.71
N LEU A 46 -6.37 6.85 9.48
CA LEU A 46 -7.18 6.19 8.47
C LEU A 46 -6.74 4.74 8.31
N GLY A 47 -7.61 3.89 7.79
CA GLY A 47 -7.25 2.51 7.56
C GLY A 47 -8.26 1.81 6.69
N VAL A 48 -8.00 0.54 6.39
CA VAL A 48 -8.94 -0.28 5.65
C VAL A 48 -9.62 -1.27 6.59
N TRP A 49 -10.91 -1.10 6.76
CA TRP A 49 -11.66 -1.80 7.79
C TRP A 49 -12.03 -3.21 7.35
N ALA A 50 -11.69 -4.19 8.17
CA ALA A 50 -12.04 -5.57 7.91
C ALA A 50 -13.51 -5.82 8.18
N LYS A 51 -14.26 -6.16 7.15
CA LYS A 51 -15.69 -6.41 7.28
C LYS A 51 -15.95 -7.86 7.59
N ARG A 52 -14.87 -8.62 7.70
CA ARG A 52 -14.94 -10.01 8.10
C ARG A 52 -13.79 -10.33 9.04
N LYS A 53 -13.97 -11.36 9.85
CA LYS A 53 -12.96 -11.75 10.82
C LYS A 53 -11.87 -12.58 10.15
N MET A 54 -10.71 -12.63 10.78
CA MET A 54 -9.60 -13.39 10.26
C MET A 54 -9.03 -14.29 11.33
N GLU A 55 -8.44 -15.41 10.92
CA GLU A 55 -7.91 -16.38 11.85
C GLU A 55 -6.43 -16.59 11.60
N ALA A 56 -5.68 -16.71 12.71
CA ALA A 56 -4.22 -16.71 12.72
C ALA A 56 -3.61 -17.47 11.54
N GLY A 57 -2.75 -16.77 10.81
CA GLY A 57 -2.13 -17.33 9.63
C GLY A 57 -2.52 -16.56 8.39
N GLU A 58 -3.22 -15.45 8.60
CA GLU A 58 -3.70 -14.63 7.51
C GLU A 58 -2.64 -13.63 7.06
N ARG A 59 -2.82 -13.09 5.87
CA ARG A 59 -1.87 -12.14 5.30
C ARG A 59 -2.59 -11.12 4.45
N LEU A 60 -2.28 -9.84 4.63
CA LEU A 60 -2.82 -8.81 3.76
C LEU A 60 -1.82 -8.51 2.65
N GLY A 61 -2.29 -8.50 1.43
CA GLY A 61 -1.40 -8.25 0.31
C GLY A 61 -2.14 -8.15 -1.00
N PRO A 62 -1.47 -7.66 -2.05
CA PRO A 62 -0.11 -7.15 -1.95
C PRO A 62 -0.05 -5.68 -1.54
N CYS A 63 1.09 -5.26 -1.01
CA CYS A 63 1.31 -3.86 -0.69
C CYS A 63 2.20 -3.23 -1.75
N VAL A 64 3.34 -3.88 -1.99
CA VAL A 64 4.26 -3.43 -3.00
C VAL A 64 5.15 -4.59 -3.43
N VAL A 65 5.32 -4.76 -4.73
CA VAL A 65 6.11 -5.84 -5.27
C VAL A 65 7.04 -5.31 -6.36
N VAL A 66 8.05 -6.08 -6.72
CA VAL A 66 9.01 -5.66 -7.73
C VAL A 66 8.34 -5.52 -9.12
N PRO A 67 7.67 -6.56 -9.65
CA PRO A 67 7.01 -6.48 -10.96
C PRO A 67 5.73 -5.63 -10.94
N ARG A 68 5.58 -4.78 -11.95
CA ARG A 68 4.37 -3.94 -12.13
C ARG A 68 4.26 -2.81 -11.11
N ALA A 69 4.35 -3.16 -9.84
CA ALA A 69 4.30 -2.16 -8.78
C ALA A 69 5.59 -1.35 -8.75
N ALA A 70 5.54 -0.19 -8.12
CA ALA A 70 6.69 0.68 -8.08
C ALA A 70 7.21 0.83 -6.65
N ALA A 71 8.28 0.12 -6.34
CA ALA A 71 8.87 0.17 -5.02
C ALA A 71 9.75 1.40 -4.85
N LYS A 72 9.18 2.43 -4.25
CA LYS A 72 9.90 3.66 -4.01
C LYS A 72 10.51 3.67 -2.63
N GLU A 73 11.77 4.10 -2.56
CA GLU A 73 12.45 4.28 -1.28
C GLU A 73 11.96 5.56 -0.62
N THR A 74 11.48 6.48 -1.46
CA THR A 74 10.87 7.72 -1.01
C THR A 74 9.87 7.46 0.11
N ASP A 75 8.95 6.54 -0.14
CA ASP A 75 7.96 6.16 0.85
C ASP A 75 8.51 5.08 1.77
N PHE A 76 9.31 5.48 2.73
CA PHE A 76 9.89 4.54 3.66
C PHE A 76 8.98 4.35 4.87
N GLY A 77 8.30 3.23 4.88
CA GLY A 77 7.43 2.89 5.99
C GLY A 77 7.55 1.43 6.35
N TRP A 78 8.48 0.75 5.70
CA TRP A 78 8.67 -0.67 5.89
C TRP A 78 10.04 -0.96 6.52
N GLU A 79 10.93 -1.60 5.79
CA GLU A 79 12.26 -1.91 6.29
C GLU A 79 13.29 -1.75 5.19
N GLN A 80 13.02 -2.35 4.03
CA GLN A 80 13.93 -2.30 2.89
C GLN A 80 13.31 -2.98 1.67
N ILE A 81 13.23 -2.27 0.55
CA ILE A 81 12.74 -2.87 -0.69
C ILE A 81 13.80 -2.82 -1.79
N LEU A 82 15.05 -2.62 -1.38
CA LEU A 82 16.17 -2.57 -2.31
C LEU A 82 16.49 -3.96 -2.83
N THR A 83 15.84 -4.35 -3.91
CA THR A 83 15.98 -5.69 -4.44
C THR A 83 15.30 -5.79 -5.80
N ASP A 84 16.01 -5.34 -6.83
CA ASP A 84 15.52 -5.42 -8.19
C ASP A 84 15.73 -6.81 -8.76
N VAL A 85 15.01 -7.77 -8.20
CA VAL A 85 15.10 -9.17 -8.62
C VAL A 85 14.71 -9.32 -10.09
N GLU A 86 15.49 -10.11 -10.80
CA GLU A 86 15.24 -10.36 -12.23
C GLU A 86 13.94 -11.11 -12.41
N VAL A 87 13.00 -10.49 -13.11
CA VAL A 87 11.70 -11.09 -13.34
C VAL A 87 11.77 -12.12 -14.47
N SER A 88 12.91 -12.11 -15.16
CA SER A 88 13.14 -12.99 -16.30
C SER A 88 12.10 -12.78 -17.40
N PRO A 89 12.25 -11.70 -18.19
CA PRO A 89 11.34 -11.38 -19.29
C PRO A 89 11.38 -12.44 -20.38
N GLN A 90 10.22 -12.92 -20.78
CA GLN A 90 10.13 -13.96 -21.79
C GLN A 90 10.16 -13.37 -23.19
N GLU A 91 11.29 -12.76 -23.54
CA GLU A 91 11.48 -12.20 -24.86
C GLU A 91 12.30 -13.16 -25.72
N GLY A 92 12.02 -13.16 -27.02
CA GLY A 92 12.72 -14.02 -27.93
C GLY A 92 11.82 -15.11 -28.48
N CYS A 93 10.68 -14.69 -29.04
CA CYS A 93 9.70 -15.60 -29.62
C CYS A 93 9.17 -16.57 -28.57
N ILE A 94 8.86 -16.02 -27.41
CA ILE A 94 8.35 -16.81 -26.29
C ILE A 94 7.06 -16.19 -25.76
N THR A 95 5.95 -16.53 -26.41
CA THR A 95 4.66 -15.98 -26.02
C THR A 95 3.64 -17.09 -25.78
N LYS A 96 3.61 -17.58 -24.54
CA LYS A 96 2.66 -18.60 -24.15
C LYS A 96 1.53 -18.00 -23.32
N ILE A 97 1.75 -16.78 -22.87
CA ILE A 97 0.78 -16.07 -22.06
C ILE A 97 -0.42 -15.63 -22.89
N SER A 98 -1.54 -15.44 -22.22
CA SER A 98 -2.78 -15.06 -22.89
C SER A 98 -3.80 -14.54 -21.90
N GLU A 99 -3.39 -13.54 -21.12
CA GLU A 99 -4.28 -12.92 -20.16
C GLU A 99 -4.64 -11.51 -20.61
N ASP A 100 -5.91 -11.14 -20.44
CA ASP A 100 -6.37 -9.82 -20.82
C ASP A 100 -7.66 -9.48 -20.13
N LEU A 101 -7.71 -8.29 -19.53
CA LEU A 101 -8.89 -7.83 -18.81
C LEU A 101 -10.00 -7.48 -19.80
N GLY A 102 -10.86 -8.45 -20.06
CA GLY A 102 -11.95 -8.25 -21.00
C GLY A 102 -12.13 -9.44 -21.91
N SER A 103 -11.91 -10.63 -21.37
CA SER A 103 -12.07 -11.86 -22.14
C SER A 103 -13.17 -12.70 -21.52
N GLU A 104 -12.95 -13.14 -20.29
CA GLU A 104 -13.94 -13.88 -19.54
C GLU A 104 -14.64 -12.94 -18.58
N LYS A 105 -13.91 -12.55 -17.54
CA LYS A 105 -14.38 -11.56 -16.59
C LYS A 105 -13.18 -11.01 -15.84
N PHE A 106 -13.34 -9.86 -15.23
CA PHE A 106 -12.27 -9.28 -14.44
C PHE A 106 -12.86 -8.45 -13.30
N CYS A 107 -12.21 -8.48 -12.16
CA CYS A 107 -12.71 -7.79 -10.98
C CYS A 107 -11.60 -7.59 -9.97
N VAL A 108 -10.75 -8.61 -9.83
CA VAL A 108 -9.64 -8.54 -8.90
C VAL A 108 -8.43 -7.91 -9.57
N ASP A 109 -7.88 -6.89 -8.93
CA ASP A 109 -6.70 -6.21 -9.43
C ASP A 109 -5.51 -7.14 -9.43
N ALA A 110 -5.10 -7.58 -10.60
CA ALA A 110 -3.99 -8.51 -10.72
C ALA A 110 -2.75 -7.83 -11.30
N ASN A 111 -2.76 -7.61 -12.60
CA ASN A 111 -1.61 -7.09 -13.31
C ASN A 111 -1.65 -5.56 -13.41
N GLN A 112 -2.72 -4.96 -12.88
CA GLN A 112 -2.84 -3.51 -12.88
C GLN A 112 -1.98 -2.89 -11.79
N ALA A 113 -1.74 -3.69 -10.74
CA ALA A 113 -0.87 -3.30 -9.62
C ALA A 113 -1.42 -2.10 -8.87
N GLY A 114 -2.74 -2.00 -8.80
CA GLY A 114 -3.37 -0.93 -8.07
C GLY A 114 -3.68 -1.34 -6.65
N ALA A 115 -3.92 -2.63 -6.46
CA ALA A 115 -4.18 -3.17 -5.14
C ALA A 115 -2.87 -3.30 -4.37
N GLY A 116 -2.41 -2.17 -3.88
CA GLY A 116 -1.20 -2.11 -3.08
C GLY A 116 -1.16 -0.88 -2.21
N SER A 117 -1.60 0.23 -2.80
CA SER A 117 -1.67 1.50 -2.09
C SER A 117 -2.68 1.45 -0.93
N TRP A 118 -3.52 0.43 -0.92
CA TRP A 118 -4.54 0.29 0.11
C TRP A 118 -3.92 -0.08 1.46
N LEU A 119 -2.76 -0.70 1.42
CA LEU A 119 -2.13 -1.22 2.64
C LEU A 119 -1.28 -0.18 3.34
N LYS A 120 -0.95 0.92 2.67
CA LYS A 120 -0.12 1.96 3.28
C LYS A 120 -0.94 2.82 4.24
N TYR A 121 -2.24 2.53 4.33
CA TYR A 121 -3.13 3.32 5.16
C TYR A 121 -3.12 2.87 6.62
N ILE A 122 -3.04 1.57 6.85
CA ILE A 122 -3.09 1.04 8.21
C ILE A 122 -1.88 1.51 9.02
N ARG A 123 -2.15 2.07 10.19
CA ARG A 123 -1.09 2.63 11.03
C ARG A 123 -1.04 1.93 12.38
N VAL A 124 -0.35 2.53 13.33
CA VAL A 124 -0.15 1.93 14.65
C VAL A 124 -1.46 1.95 15.44
N ALA A 125 -1.68 0.90 16.22
CA ALA A 125 -2.88 0.76 17.02
C ALA A 125 -2.94 1.84 18.10
N CYS A 126 -4.15 2.31 18.36
CA CYS A 126 -4.40 3.36 19.34
C CYS A 126 -4.04 2.90 20.75
N SER A 127 -3.94 1.60 20.94
CA SER A 127 -3.62 1.04 22.23
C SER A 127 -2.43 0.10 22.13
N CYS A 128 -1.53 0.19 23.11
CA CYS A 128 -0.30 -0.58 23.12
C CYS A 128 -0.55 -2.02 23.55
N ASP A 129 -1.61 -2.23 24.32
CA ASP A 129 -1.95 -3.57 24.78
C ASP A 129 -2.86 -4.26 23.77
N ASP A 130 -3.22 -3.52 22.74
CA ASP A 130 -4.08 -4.02 21.67
C ASP A 130 -3.29 -4.25 20.41
N GLN A 131 -1.97 -4.29 20.53
CA GLN A 131 -1.09 -4.51 19.38
C GLN A 131 -1.42 -5.82 18.69
N ASN A 132 -1.79 -5.71 17.44
CA ASN A 132 -2.05 -6.86 16.61
C ASN A 132 -1.54 -6.54 15.21
N LEU A 133 -0.45 -5.81 15.18
CA LEU A 133 0.09 -5.28 13.93
C LEU A 133 1.51 -5.78 13.70
N THR A 134 1.74 -6.39 12.55
CA THR A 134 3.08 -6.80 12.15
C THR A 134 3.22 -6.79 10.63
N MET A 135 4.29 -6.20 10.14
CA MET A 135 4.59 -6.23 8.72
C MET A 135 5.65 -7.30 8.45
N CYS A 136 5.48 -8.02 7.35
CA CYS A 136 6.40 -9.09 6.98
C CYS A 136 6.95 -8.88 5.58
N GLN A 137 8.26 -8.98 5.45
CA GLN A 137 8.93 -8.88 4.18
C GLN A 137 9.37 -10.28 3.74
N ILE A 138 8.64 -10.83 2.78
CA ILE A 138 8.92 -12.18 2.28
C ILE A 138 8.78 -12.21 0.78
N SER A 139 9.61 -13.01 0.12
CA SER A 139 9.57 -13.17 -1.34
C SER A 139 9.92 -11.85 -2.03
N GLU A 140 10.76 -11.05 -1.35
CA GLU A 140 11.18 -9.74 -1.84
C GLU A 140 9.97 -8.82 -2.07
N GLN A 141 8.94 -8.96 -1.24
CA GLN A 141 7.76 -8.12 -1.32
C GLN A 141 7.19 -7.85 0.07
N ILE A 142 6.48 -6.74 0.21
CA ILE A 142 5.95 -6.32 1.50
C ILE A 142 4.52 -6.79 1.72
N TYR A 143 4.30 -7.44 2.86
CA TYR A 143 2.98 -7.88 3.26
C TYR A 143 2.68 -7.47 4.68
N TYR A 144 1.40 -7.35 5.02
CA TYR A 144 1.01 -7.11 6.40
C TYR A 144 0.48 -8.40 7.00
N LYS A 145 1.18 -8.91 7.98
CA LYS A 145 0.84 -10.18 8.58
C LYS A 145 0.09 -9.97 9.87
N VAL A 146 -1.14 -10.45 9.91
CA VAL A 146 -1.96 -10.30 11.09
C VAL A 146 -1.63 -11.39 12.08
N ILE A 147 -1.83 -11.08 13.35
CA ILE A 147 -1.33 -11.90 14.44
C ILE A 147 -2.37 -12.90 14.90
N LYS A 148 -3.54 -12.41 15.26
CA LYS A 148 -4.61 -13.27 15.74
C LYS A 148 -5.98 -12.79 15.27
N ASP A 149 -7.00 -13.54 15.68
CA ASP A 149 -8.39 -13.31 15.26
C ASP A 149 -8.80 -11.85 15.33
N ILE A 150 -9.22 -11.33 14.20
CA ILE A 150 -9.61 -9.92 14.08
C ILE A 150 -11.09 -9.75 14.32
N GLU A 151 -11.41 -8.79 15.18
CA GLU A 151 -12.80 -8.37 15.37
C GLU A 151 -13.21 -7.48 14.20
N PRO A 152 -14.25 -7.86 13.45
CA PRO A 152 -14.76 -7.05 12.35
C PRO A 152 -15.06 -5.62 12.81
N GLY A 153 -14.29 -4.67 12.29
CA GLY A 153 -14.47 -3.29 12.68
C GLY A 153 -13.22 -2.65 13.26
N GLU A 154 -12.13 -3.42 13.36
CA GLU A 154 -10.86 -2.87 13.80
C GLU A 154 -9.71 -3.30 12.89
N GLU A 155 -9.01 -2.33 12.35
CA GLU A 155 -7.86 -2.59 11.47
C GLU A 155 -6.55 -2.20 12.13
N LEU A 156 -5.86 -3.15 12.73
CA LEU A 156 -4.56 -2.87 13.30
C LEU A 156 -3.48 -3.61 12.51
N LEU A 157 -2.82 -2.91 11.58
CA LEU A 157 -1.73 -3.48 10.79
C LEU A 157 -0.66 -2.42 10.51
N VAL A 158 0.54 -2.60 11.04
CA VAL A 158 1.62 -1.64 10.84
C VAL A 158 2.97 -2.32 11.04
N HIS A 159 4.02 -1.70 10.51
CA HIS A 159 5.36 -2.13 10.81
C HIS A 159 5.87 -1.32 11.99
N VAL A 160 6.02 -1.96 13.12
CA VAL A 160 6.50 -1.28 14.31
C VAL A 160 7.99 -0.96 14.17
N LYS A 161 8.30 0.32 14.17
CA LYS A 161 9.64 0.78 13.85
C LYS A 161 10.64 0.52 14.96
N GLU A 162 11.75 -0.08 14.58
CA GLU A 162 12.87 -0.31 15.46
C GLU A 162 14.05 0.56 15.02
N GLY A 163 13.93 1.08 13.80
CA GLY A 163 14.93 1.96 13.26
C GLY A 163 15.95 1.22 12.40
N VAL A 164 15.59 0.92 11.16
CA VAL A 164 16.50 0.25 10.25
C VAL A 164 16.90 1.19 9.10
N TYR A 165 16.01 1.34 8.12
CA TYR A 165 16.29 2.16 6.95
C TYR A 165 16.43 3.64 7.31
N PRO A 166 15.44 4.25 8.01
CA PRO A 166 15.48 5.67 8.38
C PRO A 166 16.76 6.04 9.14
N LEU A 167 17.20 5.16 10.02
CA LEU A 167 18.38 5.42 10.83
C LEU A 167 19.67 5.05 10.09
N GLY A 168 19.51 4.47 8.90
CA GLY A 168 20.65 4.10 8.07
C GLY A 168 21.54 3.07 8.73
N THR A 169 20.95 2.03 9.28
CA THR A 169 21.70 1.04 10.02
C THR A 169 22.32 0.00 9.09
N VAL A 170 21.58 -0.33 8.04
CA VAL A 170 22.04 -1.33 7.08
C VAL A 170 23.25 -0.83 6.30
N PRO A 171 24.24 -1.71 6.06
CA PRO A 171 25.44 -1.35 5.31
C PRO A 171 25.19 -1.37 3.80
N PRO A 172 25.39 -0.23 3.13
CA PRO A 172 25.23 -0.12 1.68
C PRO A 172 26.43 -0.68 0.93
N GLY A 173 26.82 -1.89 1.29
CA GLY A 173 27.96 -2.54 0.70
C GLY A 173 28.18 -3.91 1.28
N LEU A 174 28.79 -4.80 0.52
CA LEU A 174 29.02 -6.16 0.98
C LEU A 174 30.50 -6.49 1.00
N ASP A 175 30.97 -6.93 2.15
CA ASP A 175 32.35 -7.34 2.32
C ASP A 175 32.40 -8.59 3.19
N GLU A 176 31.27 -9.23 3.32
CA GLU A 176 31.12 -10.40 4.17
C GLU A 176 31.34 -11.67 3.35
N GLY A 1 0.28 58.88 -17.86
CA GLY A 1 1.45 59.80 -17.78
C GLY A 1 2.63 59.17 -17.06
N SER A 2 2.38 58.60 -15.88
CA SER A 2 3.44 58.03 -15.07
C SER A 2 3.65 56.55 -15.37
N GLY A 3 3.25 56.13 -16.56
CA GLY A 3 3.41 54.74 -16.95
C GLY A 3 2.47 53.82 -16.19
N PHE A 4 2.82 52.55 -16.11
CA PHE A 4 2.04 51.58 -15.36
C PHE A 4 2.96 50.52 -14.78
N PRO A 5 3.38 50.69 -13.51
CA PRO A 5 4.23 49.71 -12.82
C PRO A 5 3.58 48.35 -12.75
N THR A 6 4.10 47.41 -13.53
CA THR A 6 3.54 46.07 -13.58
C THR A 6 4.47 45.08 -12.87
N SER A 7 4.37 45.04 -11.55
CA SER A 7 5.22 44.18 -10.75
C SER A 7 4.54 42.83 -10.53
N GLU A 8 5.33 41.79 -10.36
CA GLU A 8 4.81 40.45 -10.16
C GLU A 8 5.81 39.62 -9.36
N ASP A 9 5.30 38.74 -8.52
CA ASP A 9 6.13 37.85 -7.75
C ASP A 9 6.45 36.62 -8.59
N PHE A 10 7.70 36.52 -9.02
CA PHE A 10 8.13 35.46 -9.91
C PHE A 10 8.36 34.15 -9.15
N THR A 11 7.26 33.62 -8.60
CA THR A 11 7.30 32.36 -7.86
C THR A 11 7.81 31.23 -8.75
N PRO A 12 8.83 30.50 -8.28
CA PRO A 12 9.42 29.39 -9.03
C PRO A 12 8.48 28.22 -9.18
N LYS A 13 7.79 28.19 -10.30
CA LYS A 13 6.85 27.12 -10.61
C LYS A 13 7.37 26.30 -11.78
N GLU A 14 8.19 25.30 -11.49
CA GLU A 14 8.74 24.44 -12.53
C GLU A 14 8.11 23.08 -12.46
N GLY A 15 8.11 22.36 -13.59
CA GLY A 15 7.50 21.06 -13.64
C GLY A 15 6.06 21.13 -14.07
N SER A 16 5.30 20.10 -13.72
CA SER A 16 3.89 20.06 -14.03
C SER A 16 3.05 20.17 -12.77
N PRO A 17 2.56 21.39 -12.45
CA PRO A 17 1.77 21.62 -11.24
C PRO A 17 0.43 20.90 -11.27
N TYR A 18 0.32 19.85 -10.47
CA TYR A 18 -0.91 19.09 -10.37
C TYR A 18 -1.44 19.11 -8.95
N GLU A 19 -2.74 19.25 -8.79
CA GLU A 19 -3.35 19.27 -7.48
C GLU A 19 -4.50 18.27 -7.43
N ALA A 20 -4.68 17.66 -6.26
CA ALA A 20 -5.74 16.70 -6.05
C ALA A 20 -6.95 17.39 -5.43
N PRO A 21 -8.12 17.28 -6.07
CA PRO A 21 -9.36 17.88 -5.57
C PRO A 21 -9.94 17.09 -4.41
N VAL A 22 -11.20 17.36 -4.08
CA VAL A 22 -11.84 16.70 -2.95
C VAL A 22 -11.89 15.18 -3.16
N TYR A 23 -12.11 14.76 -4.39
CA TYR A 23 -12.09 13.35 -4.72
C TYR A 23 -10.82 13.01 -5.47
N ILE A 24 -10.10 12.01 -5.00
CA ILE A 24 -8.84 11.61 -5.61
C ILE A 24 -9.06 10.80 -6.88
N PRO A 25 -8.23 11.03 -7.90
CA PRO A 25 -8.32 10.31 -9.17
C PRO A 25 -7.58 8.98 -9.16
N GLU A 26 -7.47 8.39 -7.98
CA GLU A 26 -6.74 7.14 -7.82
C GLU A 26 -7.66 5.94 -7.96
N ASP A 27 -8.55 5.77 -6.98
CA ASP A 27 -9.44 4.60 -6.93
C ASP A 27 -8.64 3.33 -6.76
N ILE A 28 -8.04 3.19 -5.58
CA ILE A 28 -7.21 2.04 -5.27
C ILE A 28 -8.09 0.82 -4.96
N PRO A 29 -7.95 -0.26 -5.75
CA PRO A 29 -8.71 -1.49 -5.54
C PRO A 29 -8.34 -2.19 -4.24
N ILE A 30 -9.31 -2.36 -3.36
CA ILE A 30 -9.08 -3.06 -2.10
C ILE A 30 -9.87 -4.37 -2.09
N PRO A 31 -9.28 -5.44 -1.53
CA PRO A 31 -9.94 -6.74 -1.42
C PRO A 31 -11.29 -6.65 -0.71
N ALA A 32 -12.24 -7.47 -1.16
CA ALA A 32 -13.61 -7.43 -0.69
C ALA A 32 -13.73 -7.75 0.79
N ASP A 33 -12.65 -8.26 1.36
CA ASP A 33 -12.63 -8.67 2.76
C ASP A 33 -12.45 -7.47 3.69
N PHE A 34 -12.15 -6.31 3.10
CA PHE A 34 -11.82 -5.11 3.87
C PHE A 34 -12.50 -3.91 3.24
N GLU A 35 -12.84 -2.90 4.03
CA GLU A 35 -13.52 -1.74 3.49
C GLU A 35 -12.77 -0.46 3.86
N LEU A 36 -12.59 0.41 2.88
CA LEU A 36 -11.97 1.70 3.14
C LEU A 36 -13.03 2.71 3.50
N ARG A 37 -12.87 3.28 4.67
CA ARG A 37 -13.86 4.18 5.22
C ARG A 37 -13.16 5.24 6.05
N GLU A 38 -13.40 6.50 5.73
CA GLU A 38 -12.84 7.57 6.52
C GLU A 38 -13.60 7.67 7.83
N SER A 39 -12.93 7.31 8.90
CA SER A 39 -13.50 7.36 10.23
C SER A 39 -12.43 7.77 11.23
N SER A 40 -12.37 9.05 11.51
CA SER A 40 -11.32 9.60 12.36
C SER A 40 -11.43 9.05 13.78
N ILE A 41 -10.58 8.09 14.10
CA ILE A 41 -10.44 7.59 15.44
C ILE A 41 -9.09 8.05 15.99
N PRO A 42 -9.12 8.87 17.06
CA PRO A 42 -7.92 9.50 17.61
C PRO A 42 -6.87 8.48 18.05
N GLY A 43 -5.67 8.61 17.50
CA GLY A 43 -4.59 7.72 17.85
C GLY A 43 -4.25 6.75 16.73
N ALA A 44 -5.22 6.50 15.85
CA ALA A 44 -5.00 5.56 14.76
C ALA A 44 -5.05 6.26 13.41
N GLY A 45 -6.22 6.74 13.01
CA GLY A 45 -6.35 7.39 11.73
C GLY A 45 -7.36 6.69 10.82
N LEU A 46 -7.24 6.90 9.52
CA LEU A 46 -8.15 6.29 8.55
C LEU A 46 -7.49 5.09 7.88
N GLY A 47 -8.12 3.93 7.99
CA GLY A 47 -7.58 2.74 7.39
C GLY A 47 -8.63 1.94 6.64
N VAL A 48 -8.36 0.66 6.42
CA VAL A 48 -9.30 -0.22 5.76
C VAL A 48 -9.83 -1.26 6.75
N TRP A 49 -11.05 -1.06 7.18
CA TRP A 49 -11.63 -1.85 8.24
C TRP A 49 -12.19 -3.15 7.69
N ALA A 50 -11.71 -4.26 8.23
CA ALA A 50 -12.19 -5.57 7.83
C ALA A 50 -13.68 -5.71 8.14
N LYS A 51 -14.48 -5.91 7.08
CA LYS A 51 -15.92 -6.09 7.26
C LYS A 51 -16.23 -7.52 7.70
N ARG A 52 -15.19 -8.32 7.85
CA ARG A 52 -15.32 -9.69 8.30
C ARG A 52 -14.16 -10.01 9.23
N LYS A 53 -14.28 -11.07 10.00
CA LYS A 53 -13.22 -11.48 10.90
C LYS A 53 -12.12 -12.22 10.14
N MET A 54 -10.95 -12.26 10.75
CA MET A 54 -9.84 -13.06 10.25
C MET A 54 -9.29 -13.87 11.40
N GLU A 55 -8.68 -15.00 11.11
CA GLU A 55 -8.18 -15.88 12.15
C GLU A 55 -6.71 -16.20 11.91
N ALA A 56 -5.98 -16.36 13.01
CA ALA A 56 -4.50 -16.45 13.03
C ALA A 56 -3.92 -17.19 11.83
N GLY A 57 -3.08 -16.49 11.10
CA GLY A 57 -2.45 -17.06 9.92
C GLY A 57 -2.85 -16.33 8.66
N GLU A 58 -3.57 -15.23 8.86
CA GLU A 58 -4.03 -14.42 7.74
C GLU A 58 -2.96 -13.42 7.34
N ARG A 59 -3.04 -12.96 6.11
CA ARG A 59 -2.06 -12.00 5.58
C ARG A 59 -2.74 -11.06 4.61
N LEU A 60 -2.46 -9.76 4.75
CA LEU A 60 -2.96 -8.78 3.81
C LEU A 60 -1.86 -8.49 2.78
N GLY A 61 -2.21 -8.42 1.52
CA GLY A 61 -1.22 -8.16 0.50
C GLY A 61 -1.79 -8.20 -0.90
N PRO A 62 -1.02 -7.77 -1.90
CA PRO A 62 0.33 -7.23 -1.69
C PRO A 62 0.30 -5.79 -1.18
N CYS A 63 1.45 -5.31 -0.71
CA CYS A 63 1.56 -3.94 -0.22
C CYS A 63 2.40 -3.10 -1.19
N VAL A 64 2.89 -3.74 -2.24
CA VAL A 64 3.77 -3.05 -3.19
C VAL A 64 3.16 -3.02 -4.57
N VAL A 65 3.48 -1.97 -5.30
CA VAL A 65 3.08 -1.85 -6.70
C VAL A 65 4.22 -1.25 -7.51
N VAL A 66 4.99 -2.11 -8.15
CA VAL A 66 6.17 -1.66 -8.90
C VAL A 66 5.81 -0.99 -10.25
N PRO A 67 4.74 -1.40 -10.97
CA PRO A 67 4.36 -0.71 -12.21
C PRO A 67 3.81 0.69 -11.94
N ARG A 68 4.67 1.69 -12.16
CA ARG A 68 4.33 3.10 -11.92
C ARG A 68 4.22 3.40 -10.43
N ALA A 69 4.47 4.65 -10.06
CA ALA A 69 4.44 5.08 -8.66
C ALA A 69 5.52 4.39 -7.83
N ALA A 70 5.17 3.24 -7.24
CA ALA A 70 6.10 2.45 -6.43
C ALA A 70 6.76 3.29 -5.34
N ALA A 71 5.93 3.85 -4.47
CA ALA A 71 6.42 4.71 -3.41
C ALA A 71 5.99 4.21 -2.04
N LYS A 72 6.96 3.95 -1.19
CA LYS A 72 6.70 3.55 0.19
C LYS A 72 6.27 4.75 1.02
N GLU A 73 5.35 4.52 1.95
CA GLU A 73 4.81 5.61 2.75
C GLU A 73 4.77 5.27 4.23
N THR A 74 4.41 4.04 4.55
CA THR A 74 4.31 3.61 5.94
C THR A 74 5.68 3.22 6.50
N ASP A 75 6.21 2.10 6.01
CA ASP A 75 7.45 1.56 6.54
C ASP A 75 8.23 0.89 5.41
N PHE A 76 9.45 0.47 5.68
CA PHE A 76 10.30 -0.13 4.66
C PHE A 76 10.97 -1.40 5.19
N GLY A 77 10.81 -2.48 4.46
CA GLY A 77 11.46 -3.72 4.83
C GLY A 77 12.78 -3.89 4.11
N TRP A 78 12.98 -3.07 3.09
CA TRP A 78 14.20 -3.08 2.31
C TRP A 78 14.68 -1.67 1.99
N GLU A 79 14.42 -1.22 0.77
CA GLU A 79 14.83 0.10 0.34
C GLU A 79 13.82 0.68 -0.65
N GLN A 80 13.62 0.00 -1.78
CA GLN A 80 12.66 0.42 -2.79
C GLN A 80 12.41 -0.70 -3.78
N ILE A 81 11.28 -0.63 -4.49
CA ILE A 81 10.95 -1.64 -5.49
C ILE A 81 10.97 -1.05 -6.90
N LEU A 82 11.17 0.26 -7.01
CA LEU A 82 11.20 0.90 -8.32
C LEU A 82 12.55 0.73 -8.99
N THR A 83 12.97 -0.53 -9.04
CA THR A 83 14.24 -0.89 -9.63
C THR A 83 13.99 -1.90 -10.75
N ASP A 84 12.74 -1.95 -11.17
CA ASP A 84 12.32 -2.81 -12.26
C ASP A 84 11.68 -1.96 -13.34
N VAL A 85 12.19 -2.11 -14.56
CA VAL A 85 11.78 -1.26 -15.66
C VAL A 85 10.40 -1.65 -16.17
N GLU A 86 9.47 -0.72 -16.02
CA GLU A 86 8.10 -0.94 -16.48
C GLU A 86 8.06 -0.95 -18.01
N VAL A 87 7.13 -1.70 -18.58
CA VAL A 87 7.02 -1.83 -20.02
C VAL A 87 6.07 -0.78 -20.59
N SER A 88 6.22 0.45 -20.11
CA SER A 88 5.43 1.56 -20.62
C SER A 88 6.34 2.70 -21.08
N PRO A 89 7.02 2.52 -22.23
CA PRO A 89 7.90 3.55 -22.79
C PRO A 89 7.10 4.73 -23.33
N GLN A 90 7.40 5.93 -22.82
CA GLN A 90 6.70 7.15 -23.20
C GLN A 90 5.22 7.06 -22.87
N GLU A 91 4.87 7.32 -21.62
CA GLU A 91 3.48 7.28 -21.18
C GLU A 91 2.65 8.25 -21.99
N GLY A 92 1.59 7.73 -22.60
CA GLY A 92 0.75 8.53 -23.46
C GLY A 92 0.15 7.72 -24.58
N CYS A 93 -0.96 7.05 -24.28
CA CYS A 93 -1.63 6.17 -25.24
C CYS A 93 -0.69 5.06 -25.69
N ILE A 94 -0.46 4.11 -24.80
CA ILE A 94 0.39 2.97 -25.08
C ILE A 94 -0.46 1.72 -25.28
N THR A 95 -1.44 1.54 -24.39
CA THR A 95 -2.36 0.40 -24.43
C THR A 95 -1.62 -0.93 -24.60
N LYS A 96 -0.93 -1.33 -23.54
CA LYS A 96 -0.20 -2.58 -23.53
C LYS A 96 -1.04 -3.68 -22.89
N ILE A 97 -2.12 -3.26 -22.24
CA ILE A 97 -2.99 -4.19 -21.53
C ILE A 97 -4.05 -4.76 -22.45
N SER A 98 -4.71 -5.81 -21.98
CA SER A 98 -5.76 -6.47 -22.73
C SER A 98 -6.53 -7.35 -21.76
N GLU A 99 -7.86 -7.30 -21.84
CA GLU A 99 -8.73 -8.05 -20.96
C GLU A 99 -8.62 -7.54 -19.51
N ASP A 100 -9.22 -6.40 -19.25
CA ASP A 100 -9.25 -5.83 -17.91
C ASP A 100 -10.26 -6.56 -17.05
N LEU A 101 -9.98 -6.62 -15.76
CA LEU A 101 -10.81 -7.41 -14.86
C LEU A 101 -11.95 -6.59 -14.25
N GLY A 102 -13.05 -6.54 -14.97
CA GLY A 102 -14.26 -5.96 -14.43
C GLY A 102 -15.34 -7.01 -14.24
N SER A 103 -15.05 -7.95 -13.33
CA SER A 103 -15.94 -9.08 -13.05
C SER A 103 -15.97 -10.05 -14.24
N GLU A 104 -14.93 -9.98 -15.06
CA GLU A 104 -14.80 -10.88 -16.21
C GLU A 104 -13.86 -12.02 -15.87
N LYS A 105 -12.58 -11.72 -15.90
CA LYS A 105 -11.55 -12.71 -15.66
C LYS A 105 -10.39 -12.09 -14.89
N PHE A 106 -9.67 -12.91 -14.15
CA PHE A 106 -8.52 -12.42 -13.38
C PHE A 106 -7.24 -12.97 -13.98
N CYS A 107 -6.79 -12.35 -15.06
CA CYS A 107 -5.58 -12.77 -15.75
C CYS A 107 -4.35 -12.49 -14.90
N VAL A 108 -3.58 -13.54 -14.61
CA VAL A 108 -2.39 -13.43 -13.80
C VAL A 108 -1.24 -12.87 -14.63
N ASP A 109 -0.36 -12.10 -13.98
CA ASP A 109 0.76 -11.42 -14.65
C ASP A 109 0.25 -10.56 -15.79
N ALA A 110 -0.71 -9.72 -15.46
CA ALA A 110 -1.37 -8.87 -16.44
C ALA A 110 -2.05 -7.69 -15.76
N ASN A 111 -3.06 -7.99 -14.95
CA ASN A 111 -3.82 -6.96 -14.25
C ASN A 111 -3.95 -7.26 -12.76
N GLN A 112 -3.03 -8.06 -12.24
CA GLN A 112 -3.04 -8.42 -10.83
C GLN A 112 -2.30 -7.39 -9.99
N ALA A 113 -1.18 -6.92 -10.52
CA ALA A 113 -0.38 -5.90 -9.84
C ALA A 113 -1.12 -4.57 -9.83
N GLY A 114 -1.10 -3.90 -8.69
CA GLY A 114 -1.78 -2.63 -8.56
C GLY A 114 -2.46 -2.50 -7.22
N ALA A 115 -3.06 -3.58 -6.76
CA ALA A 115 -3.73 -3.61 -5.47
C ALA A 115 -2.73 -3.80 -4.35
N GLY A 116 -1.89 -2.79 -4.16
CA GLY A 116 -0.88 -2.84 -3.11
C GLY A 116 -0.86 -1.58 -2.27
N SER A 117 -1.16 -0.45 -2.90
CA SER A 117 -1.13 0.85 -2.24
C SER A 117 -2.15 0.96 -1.12
N TRP A 118 -3.10 0.02 -1.09
CA TRP A 118 -4.19 0.06 -0.12
C TRP A 118 -3.71 -0.22 1.31
N LEU A 119 -2.56 -0.87 1.42
CA LEU A 119 -2.07 -1.30 2.72
C LEU A 119 -1.39 -0.18 3.51
N LYS A 120 -1.05 0.92 2.86
CA LYS A 120 -0.48 2.06 3.58
C LYS A 120 -1.52 2.69 4.50
N TYR A 121 -2.78 2.26 4.33
CA TYR A 121 -3.88 2.84 5.06
C TYR A 121 -3.98 2.32 6.49
N ILE A 122 -3.50 1.08 6.73
CA ILE A 122 -3.65 0.48 8.04
C ILE A 122 -3.00 1.34 9.14
N ARG A 123 -3.66 1.44 10.28
CA ARG A 123 -3.20 2.32 11.34
C ARG A 123 -2.37 1.58 12.38
N VAL A 124 -1.41 2.30 12.94
CA VAL A 124 -0.68 1.83 14.12
C VAL A 124 -1.64 1.76 15.31
N ALA A 125 -1.41 0.82 16.22
CA ALA A 125 -2.30 0.60 17.35
C ALA A 125 -2.49 1.85 18.21
N CYS A 126 -3.73 2.27 18.35
CA CYS A 126 -4.09 3.39 19.21
C CYS A 126 -3.81 3.04 20.66
N SER A 127 -3.90 1.76 20.98
CA SER A 127 -3.66 1.28 22.33
C SER A 127 -2.62 0.17 22.32
N CYS A 128 -1.73 0.19 23.31
CA CYS A 128 -0.65 -0.77 23.41
C CYS A 128 -1.15 -2.11 23.93
N ASP A 129 -2.39 -2.16 24.36
CA ASP A 129 -3.00 -3.39 24.83
C ASP A 129 -3.63 -4.14 23.66
N ASP A 130 -3.58 -3.52 22.49
CA ASP A 130 -4.20 -4.08 21.30
C ASP A 130 -3.16 -4.50 20.26
N GLN A 131 -1.91 -4.66 20.69
CA GLN A 131 -0.82 -4.98 19.77
C GLN A 131 -1.14 -6.24 18.97
N ASN A 132 -1.29 -6.06 17.67
CA ASN A 132 -1.57 -7.16 16.77
C ASN A 132 -1.08 -6.76 15.36
N LEU A 133 0.00 -5.97 15.34
CA LEU A 133 0.48 -5.39 14.09
C LEU A 133 1.87 -5.92 13.75
N THR A 134 2.00 -6.57 12.59
CA THR A 134 3.30 -7.03 12.13
C THR A 134 3.37 -7.02 10.59
N MET A 135 4.50 -6.59 10.07
CA MET A 135 4.75 -6.60 8.63
C MET A 135 5.98 -7.45 8.33
N CYS A 136 5.86 -8.28 7.30
CA CYS A 136 6.96 -9.16 6.92
C CYS A 136 7.51 -8.78 5.55
N GLN A 137 8.82 -8.87 5.40
CA GLN A 137 9.46 -8.60 4.12
C GLN A 137 9.92 -9.92 3.51
N ILE A 138 9.17 -10.39 2.51
CA ILE A 138 9.46 -11.65 1.85
C ILE A 138 9.10 -11.57 0.37
N SER A 139 9.87 -12.24 -0.47
CA SER A 139 9.61 -12.30 -1.90
C SER A 139 9.82 -10.92 -2.53
N GLU A 140 10.79 -10.18 -1.98
CA GLU A 140 11.18 -8.85 -2.47
C GLU A 140 10.05 -7.83 -2.29
N GLN A 141 9.01 -8.22 -1.58
CA GLN A 141 7.84 -7.38 -1.41
C GLN A 141 7.41 -7.32 0.05
N ILE A 142 6.54 -6.38 0.35
CA ILE A 142 6.06 -6.18 1.71
C ILE A 142 4.71 -6.87 1.92
N TYR A 143 4.62 -7.69 2.95
CA TYR A 143 3.37 -8.33 3.32
C TYR A 143 2.93 -7.90 4.70
N TYR A 144 1.63 -7.82 4.90
CA TYR A 144 1.05 -7.50 6.19
C TYR A 144 0.58 -8.79 6.84
N LYS A 145 1.22 -9.18 7.93
CA LYS A 145 0.94 -10.45 8.55
C LYS A 145 0.28 -10.24 9.89
N VAL A 146 -0.89 -10.83 10.06
CA VAL A 146 -1.66 -10.65 11.27
C VAL A 146 -1.35 -11.77 12.26
N ILE A 147 -1.51 -11.44 13.51
CA ILE A 147 -1.01 -12.26 14.62
C ILE A 147 -2.08 -13.22 15.10
N LYS A 148 -3.22 -12.67 15.46
CA LYS A 148 -4.35 -13.45 15.91
C LYS A 148 -5.65 -12.91 15.31
N ASP A 149 -6.77 -13.54 15.66
CA ASP A 149 -8.05 -13.20 15.05
C ASP A 149 -8.41 -11.72 15.20
N ILE A 150 -8.88 -11.14 14.11
CA ILE A 150 -9.28 -9.74 14.08
C ILE A 150 -10.78 -9.61 14.30
N GLU A 151 -11.17 -8.64 15.10
CA GLU A 151 -12.57 -8.30 15.27
C GLU A 151 -13.01 -7.37 14.15
N PRO A 152 -14.10 -7.72 13.45
CA PRO A 152 -14.61 -6.94 12.32
C PRO A 152 -14.81 -5.46 12.68
N GLY A 153 -14.05 -4.60 12.03
CA GLY A 153 -14.17 -3.18 12.28
C GLY A 153 -12.88 -2.53 12.74
N GLU A 154 -11.90 -3.33 13.12
CA GLU A 154 -10.62 -2.77 13.55
C GLU A 154 -9.45 -3.40 12.79
N GLU A 155 -8.67 -2.56 12.14
CA GLU A 155 -7.49 -3.01 11.41
C GLU A 155 -6.21 -2.55 12.09
N LEU A 156 -5.44 -3.48 12.64
CA LEU A 156 -4.14 -3.13 13.18
C LEU A 156 -3.05 -3.96 12.48
N LEU A 157 -2.38 -3.37 11.50
CA LEU A 157 -1.25 -4.02 10.82
C LEU A 157 -0.24 -2.96 10.37
N VAL A 158 0.89 -2.91 11.07
CA VAL A 158 1.97 -1.99 10.79
C VAL A 158 3.27 -2.60 11.31
N HIS A 159 4.40 -2.18 10.79
CA HIS A 159 5.67 -2.62 11.34
C HIS A 159 6.09 -1.65 12.43
N VAL A 160 6.04 -2.12 13.67
CA VAL A 160 6.41 -1.29 14.81
C VAL A 160 7.49 -1.97 15.64
N LYS A 161 8.73 -1.64 15.33
CA LYS A 161 9.88 -2.18 16.04
C LYS A 161 10.93 -1.10 16.22
N GLU A 162 11.56 -1.08 17.39
CA GLU A 162 12.54 -0.06 17.72
C GLU A 162 13.94 -0.49 17.30
N GLY A 163 14.04 -1.66 16.71
CA GLY A 163 15.33 -2.16 16.29
C GLY A 163 15.26 -2.84 14.93
N VAL A 164 14.97 -2.07 13.90
CA VAL A 164 14.90 -2.60 12.55
C VAL A 164 16.15 -2.23 11.75
N TYR A 165 16.24 -0.96 11.39
CA TYR A 165 17.38 -0.47 10.63
C TYR A 165 18.58 -0.16 11.55
N PRO A 166 18.41 0.73 12.57
CA PRO A 166 19.52 1.11 13.46
C PRO A 166 20.10 -0.08 14.23
N LEU A 167 19.24 -0.93 14.74
CA LEU A 167 19.67 -2.12 15.49
C LEU A 167 19.64 -3.36 14.60
N GLY A 168 19.75 -3.16 13.30
CA GLY A 168 19.75 -4.26 12.37
C GLY A 168 21.13 -4.57 11.84
N THR A 169 21.28 -5.70 11.16
CA THR A 169 22.56 -6.11 10.61
C THR A 169 22.80 -5.46 9.25
N VAL A 170 21.81 -4.70 8.78
CA VAL A 170 21.92 -3.98 7.54
C VAL A 170 23.04 -2.93 7.62
N PRO A 171 23.95 -2.93 6.64
CA PRO A 171 25.08 -2.00 6.63
C PRO A 171 24.71 -0.60 6.18
N PRO A 172 24.76 0.39 7.08
CA PRO A 172 24.51 1.79 6.74
C PRO A 172 25.76 2.48 6.22
N GLY A 173 26.81 1.69 6.12
CA GLY A 173 28.09 2.18 5.67
C GLY A 173 29.17 1.15 5.96
N LEU A 174 30.37 1.37 5.42
CA LEU A 174 31.49 0.44 5.56
C LEU A 174 31.26 -0.83 4.74
N ASP A 175 32.30 -1.28 4.06
CA ASP A 175 32.23 -2.49 3.26
C ASP A 175 33.52 -3.29 3.40
N GLU A 176 34.65 -2.63 3.17
CA GLU A 176 35.95 -3.27 3.28
C GLU A 176 36.83 -2.52 4.28
#